data_2BUF
#
_entry.id   2BUF
#
_cell.length_a   71.860
_cell.length_b   98.780
_cell.length_c   162.900
_cell.angle_alpha   91.49
_cell.angle_beta   92.03
_cell.angle_gamma   107.56
#
_symmetry.space_group_name_H-M   'P 1'
#
loop_
_entity.id
_entity.type
_entity.pdbx_description
1 polymer 'ACETYLGLUTAMATE KINASE'
2 non-polymer N-ACETYL-L-GLUTAMATE
3 non-polymer "ADENOSINE-5'-DIPHOSPHATE"
4 non-polymer 'MAGNESIUM ION'
5 non-polymer 'CHLORIDE ION'
#
_entity_poly.entity_id   1
_entity_poly.type   'polypeptide(L)'
_entity_poly.pdbx_seq_one_letter_code
;TLSRDDAAQVAKVLSEALPYIRRFVGKTLVIKYGGNAMESEELKAGFARDVVLMKAVGINPVVVHGGGPQIGDLLKRLSI
ESHFIDGMRVTDAATMDVVEMVLGGQVNKDIVNLINRHGGSAIGLTGKDAELIRAKKLTVTRQTPEMTKPEIIDIGHVGE
VTGVNVGLLNMLVKGDFIPVIAPIGVGSNGESYNINADLVAGKVAEALKAEKLMLLTNIAGLMDKQGQVLTGLSTEQVNE
LIADGTIYGGMLPKIRCALEAVQGGVTSAHIIDGRVPNAVLLEIFTDSGVGTLISNRKRH
;
_entity_poly.pdbx_strand_id   A,B,C,D,E,F,G,H,I,J,K,L
#
# COMPACT_ATOMS: atom_id res chain seq x y z
N THR A 1 -9.52 -16.32 78.93
CA THR A 1 -9.78 -15.34 80.02
C THR A 1 -8.54 -14.77 80.70
N LEU A 2 -8.81 -13.73 81.46
CA LEU A 2 -7.84 -13.02 82.28
C LEU A 2 -8.80 -12.42 83.29
N SER A 3 -8.86 -13.03 84.47
CA SER A 3 -9.72 -12.58 85.56
C SER A 3 -9.55 -11.07 85.70
N ARG A 4 -10.60 -10.35 86.08
CA ARG A 4 -10.47 -8.89 86.23
C ARG A 4 -9.12 -8.45 86.83
N ASP A 5 -8.88 -8.78 88.09
CA ASP A 5 -7.62 -8.38 88.74
C ASP A 5 -6.39 -8.62 87.87
N ASP A 6 -6.51 -9.58 86.96
CA ASP A 6 -5.44 -9.97 86.04
C ASP A 6 -5.10 -8.85 85.05
N ALA A 7 -6.11 -8.33 84.37
CA ALA A 7 -5.92 -7.28 83.39
C ALA A 7 -5.44 -5.97 84.04
N ALA A 8 -5.89 -5.70 85.26
CA ALA A 8 -5.48 -4.49 85.97
C ALA A 8 -3.97 -4.55 86.17
N GLN A 9 -3.48 -5.77 86.40
CA GLN A 9 -2.05 -6.01 86.57
C GLN A 9 -1.40 -5.59 85.27
N VAL A 10 -1.77 -6.33 84.23
CA VAL A 10 -1.30 -6.10 82.86
C VAL A 10 -1.26 -4.60 82.53
N ALA A 11 -2.28 -3.88 82.99
CA ALA A 11 -2.43 -2.45 82.75
C ALA A 11 -1.39 -1.56 83.40
N LYS A 12 -1.38 -1.47 84.72
CA LYS A 12 -0.42 -0.60 85.35
C LYS A 12 1.02 -0.88 84.87
N VAL A 13 1.28 -2.07 84.32
CA VAL A 13 2.62 -2.38 83.81
C VAL A 13 2.85 -1.58 82.53
N LEU A 14 1.92 -1.70 81.59
CA LEU A 14 2.03 -0.94 80.35
C LEU A 14 2.01 0.53 80.78
N SER A 15 1.06 0.86 81.66
CA SER A 15 0.87 2.21 82.18
C SER A 15 2.10 2.73 82.91
N GLU A 16 3.06 1.86 83.14
CA GLU A 16 4.31 2.21 83.82
C GLU A 16 5.40 2.13 82.78
N ALA A 17 5.12 1.35 81.75
CA ALA A 17 6.07 1.13 80.67
C ALA A 17 5.97 2.16 79.56
N LEU A 18 4.95 3.02 79.60
CA LEU A 18 4.77 4.02 78.55
C LEU A 18 6.01 4.90 78.36
N PRO A 19 6.67 5.31 79.45
CA PRO A 19 7.86 6.14 79.29
C PRO A 19 8.93 5.49 78.40
N TYR A 20 9.23 4.23 78.70
CA TYR A 20 10.23 3.41 78.00
C TYR A 20 9.83 3.10 76.58
N ILE A 21 8.67 2.49 76.46
CA ILE A 21 8.10 2.14 75.19
C ILE A 21 8.25 3.36 74.30
N ARG A 22 7.96 4.51 74.89
CA ARG A 22 8.05 5.78 74.18
C ARG A 22 9.51 6.10 73.81
N ARG A 23 10.43 5.70 74.69
CA ARG A 23 11.86 5.94 74.49
C ARG A 23 12.44 5.28 73.24
N PHE A 24 11.92 4.11 72.89
CA PHE A 24 12.45 3.37 71.74
C PHE A 24 11.49 3.08 70.61
N VAL A 25 10.35 3.77 70.58
CA VAL A 25 9.40 3.52 69.51
C VAL A 25 9.96 3.87 68.14
N GLY A 26 9.81 2.95 67.18
CA GLY A 26 10.31 3.19 65.84
C GLY A 26 11.82 3.12 65.72
N LYS A 27 12.43 2.20 66.45
CA LYS A 27 13.88 2.03 66.38
C LYS A 27 14.27 0.59 66.16
N THR A 28 15.45 0.43 65.56
CA THR A 28 16.01 -0.87 65.24
C THR A 28 16.82 -1.39 66.41
N LEU A 29 16.54 -2.64 66.78
CA LEU A 29 17.24 -3.30 67.88
C LEU A 29 17.73 -4.65 67.42
N VAL A 30 19.00 -4.72 67.00
CA VAL A 30 19.61 -5.97 66.53
C VAL A 30 19.93 -6.90 67.71
N ILE A 31 19.10 -7.94 67.88
CA ILE A 31 19.27 -8.89 68.97
C ILE A 31 19.93 -10.22 68.62
N LYS A 32 21.19 -10.41 69.00
CA LYS A 32 21.87 -11.68 68.73
C LYS A 32 21.36 -12.71 69.72
N TYR A 33 20.60 -13.67 69.23
CA TYR A 33 20.06 -14.72 70.08
C TYR A 33 21.00 -15.90 69.93
N GLY A 34 21.13 -16.72 70.96
CA GLY A 34 22.00 -17.85 70.78
C GLY A 34 22.74 -18.50 71.92
N GLY A 35 22.74 -17.89 73.11
CA GLY A 35 23.46 -18.50 74.21
C GLY A 35 23.42 -20.02 74.28
N ASN A 36 24.58 -20.63 74.54
CA ASN A 36 24.72 -22.10 74.68
C ASN A 36 23.63 -22.52 75.68
N ALA A 37 23.03 -21.48 76.27
CA ALA A 37 21.98 -21.60 77.26
C ALA A 37 20.61 -20.98 76.87
N MET A 38 20.57 -19.75 76.37
CA MET A 38 19.27 -19.16 76.04
C MET A 38 18.47 -19.87 74.96
N GLU A 39 19.13 -20.72 74.19
CA GLU A 39 18.46 -21.49 73.15
C GLU A 39 17.99 -22.89 73.63
N SER A 40 18.05 -23.14 74.95
CA SER A 40 17.54 -24.41 75.47
C SER A 40 16.01 -24.22 75.59
N GLU A 41 15.25 -24.89 76.44
CA GLU A 41 13.80 -24.67 76.27
C GLU A 41 12.96 -23.50 76.77
N GLU A 42 12.96 -23.27 78.08
CA GLU A 42 12.12 -22.21 78.69
C GLU A 42 12.40 -20.77 78.29
N LEU A 43 13.65 -20.50 77.94
CA LEU A 43 14.05 -19.18 77.50
C LEU A 43 13.68 -19.00 76.02
N LYS A 44 13.34 -20.10 75.37
CA LYS A 44 12.94 -20.02 73.98
C LYS A 44 11.66 -19.23 73.91
N ALA A 45 10.67 -19.65 74.71
CA ALA A 45 9.36 -19.00 74.74
C ALA A 45 9.44 -17.57 75.21
N GLY A 46 10.30 -17.32 76.19
CA GLY A 46 10.43 -15.96 76.70
C GLY A 46 11.02 -15.01 75.70
N PHE A 47 11.94 -15.50 74.88
CA PHE A 47 12.59 -14.66 73.87
C PHE A 47 11.59 -14.26 72.79
N ALA A 48 10.69 -15.17 72.44
CA ALA A 48 9.69 -14.90 71.41
C ALA A 48 8.68 -13.85 71.87
N ARG A 49 8.20 -13.98 73.10
CA ARG A 49 7.24 -13.03 73.64
C ARG A 49 7.95 -11.69 73.67
N ASP A 50 9.19 -11.71 74.13
CA ASP A 50 9.97 -10.49 74.20
C ASP A 50 10.08 -9.76 72.89
N VAL A 51 10.39 -10.53 71.85
CA VAL A 51 10.56 -10.02 70.50
C VAL A 51 9.23 -9.55 69.90
N VAL A 52 8.20 -10.36 70.06
CA VAL A 52 6.91 -9.96 69.54
C VAL A 52 6.45 -8.64 70.20
N LEU A 53 6.45 -8.65 71.54
CA LEU A 53 5.96 -7.52 72.29
C LEU A 53 6.64 -6.25 71.97
N MET A 54 7.92 -6.37 71.69
CA MET A 54 8.68 -5.22 71.31
C MET A 54 7.98 -4.66 70.08
N LYS A 55 7.77 -5.53 69.09
CA LYS A 55 7.13 -5.17 67.83
C LYS A 55 5.76 -4.54 68.04
N ALA A 56 4.89 -5.19 68.80
CA ALA A 56 3.54 -4.71 69.09
C ALA A 56 3.53 -3.33 69.74
N VAL A 57 4.66 -3.00 70.35
CA VAL A 57 4.86 -1.74 71.02
C VAL A 57 5.57 -0.79 70.03
N GLY A 58 5.53 -1.20 68.77
CA GLY A 58 6.12 -0.40 67.72
C GLY A 58 7.61 -0.22 67.79
N ILE A 59 8.29 -1.32 68.06
CA ILE A 59 9.74 -1.30 68.14
C ILE A 59 10.24 -2.24 67.05
N ASN A 60 11.41 -1.95 66.49
CA ASN A 60 11.92 -2.80 65.41
C ASN A 60 13.11 -3.71 65.73
N PRO A 61 12.80 -4.97 66.12
CA PRO A 61 13.81 -5.99 66.47
C PRO A 61 14.30 -6.77 65.25
N VAL A 62 15.60 -6.95 65.14
CA VAL A 62 16.17 -7.73 64.04
C VAL A 62 17.06 -8.80 64.69
N VAL A 63 16.52 -10.02 64.82
CA VAL A 63 17.23 -11.14 65.44
C VAL A 63 18.31 -11.81 64.57
N VAL A 64 19.52 -11.95 65.12
CA VAL A 64 20.61 -12.63 64.41
C VAL A 64 21.06 -13.78 65.33
N HIS A 65 20.76 -15.00 64.91
CA HIS A 65 21.03 -16.18 65.72
C HIS A 65 22.26 -17.04 65.36
N GLY A 66 22.69 -17.86 66.31
CA GLY A 66 23.82 -18.75 66.08
C GLY A 66 23.30 -20.14 65.74
N GLY A 67 24.17 -21.15 65.71
CA GLY A 67 23.72 -22.50 65.40
C GLY A 67 23.86 -23.38 66.63
N GLY A 68 24.92 -24.20 66.66
CA GLY A 68 25.17 -25.03 67.82
C GLY A 68 24.78 -26.50 67.94
N PRO A 69 23.77 -26.79 68.78
CA PRO A 69 23.29 -28.16 69.01
C PRO A 69 22.90 -28.82 67.70
N GLN A 70 21.97 -28.15 67.02
CA GLN A 70 21.43 -28.61 65.76
C GLN A 70 22.53 -28.93 64.74
N ILE A 71 23.56 -28.08 64.65
CA ILE A 71 24.62 -28.35 63.68
C ILE A 71 25.51 -29.50 64.11
N GLY A 72 25.77 -29.57 65.42
CA GLY A 72 26.60 -30.65 65.95
C GLY A 72 26.01 -32.01 65.66
N ASP A 73 24.73 -32.14 66.00
CA ASP A 73 23.98 -33.35 65.77
C ASP A 73 24.15 -33.96 64.40
N LEU A 74 23.60 -33.24 63.42
CA LEU A 74 23.60 -33.69 62.05
C LEU A 74 24.98 -34.06 61.55
N LEU A 75 25.97 -33.39 62.10
CA LEU A 75 27.31 -33.65 61.71
C LEU A 75 27.69 -35.03 62.23
N LYS A 76 27.31 -35.30 63.48
CA LYS A 76 27.62 -36.60 64.07
C LYS A 76 26.92 -37.70 63.25
N ARG A 77 25.61 -37.58 63.07
CA ARG A 77 24.88 -38.55 62.28
C ARG A 77 25.52 -38.80 60.91
N LEU A 78 25.96 -37.76 60.22
CA LEU A 78 26.59 -37.98 58.91
C LEU A 78 28.03 -38.48 59.12
N SER A 79 28.36 -38.71 60.39
CA SER A 79 29.68 -39.18 60.78
C SER A 79 30.72 -38.26 60.15
N ILE A 80 30.58 -36.98 60.48
CA ILE A 80 31.47 -35.94 60.01
C ILE A 80 32.16 -35.32 61.20
N GLU A 81 33.48 -35.33 61.15
CA GLU A 81 34.30 -34.82 62.23
C GLU A 81 34.94 -33.46 61.98
N SER A 82 34.46 -32.47 62.74
CA SER A 82 34.97 -31.13 62.61
C SER A 82 35.48 -30.64 63.97
N HIS A 83 36.61 -29.93 63.92
CA HIS A 83 37.24 -29.35 65.10
C HIS A 83 37.17 -27.82 65.04
N PHE A 84 37.44 -27.22 66.19
CA PHE A 84 37.42 -25.77 66.37
C PHE A 84 38.74 -25.23 66.79
N ILE A 85 38.75 -23.92 66.98
CA ILE A 85 40.00 -23.32 67.35
C ILE A 85 39.90 -22.00 68.00
N ASP A 86 39.61 -21.07 67.15
CA ASP A 86 39.64 -19.75 67.67
C ASP A 86 38.30 -19.31 68.04
N GLY A 87 37.43 -20.30 68.25
CA GLY A 87 36.03 -20.09 68.59
C GLY A 87 35.31 -20.32 67.28
N MET A 88 36.08 -20.63 66.24
CA MET A 88 35.52 -20.84 64.91
C MET A 88 35.72 -22.23 64.37
N ARG A 89 34.68 -22.75 63.76
CA ARG A 89 34.75 -24.08 63.22
C ARG A 89 35.60 -24.16 61.98
N VAL A 90 36.59 -25.04 61.99
CA VAL A 90 37.38 -25.21 60.77
C VAL A 90 36.28 -25.75 59.88
N THR A 91 36.29 -25.39 58.60
CA THR A 91 35.18 -25.74 57.75
C THR A 91 35.52 -26.04 56.31
N ASP A 92 35.56 -27.32 55.95
CA ASP A 92 35.88 -27.72 54.59
C ASP A 92 34.58 -27.77 53.80
N ALA A 93 34.67 -28.04 52.51
CA ALA A 93 33.50 -28.07 51.64
C ALA A 93 32.35 -28.91 52.15
N ALA A 94 32.65 -30.14 52.58
CA ALA A 94 31.63 -31.05 53.07
C ALA A 94 30.85 -30.50 54.27
N THR A 95 31.56 -30.01 55.28
CA THR A 95 30.85 -29.50 56.43
C THR A 95 30.25 -28.10 56.22
N MET A 96 30.73 -27.38 55.20
CA MET A 96 30.19 -26.06 54.94
C MET A 96 28.76 -26.28 54.42
N ASP A 97 28.55 -27.41 53.75
CA ASP A 97 27.23 -27.73 53.20
C ASP A 97 26.25 -28.13 54.26
N VAL A 98 26.75 -28.81 55.27
CA VAL A 98 25.91 -29.26 56.34
C VAL A 98 25.58 -28.07 57.24
N VAL A 99 26.59 -27.24 57.51
CA VAL A 99 26.39 -26.05 58.35
C VAL A 99 25.34 -25.08 57.76
N GLU A 100 25.41 -24.92 56.46
CA GLU A 100 24.52 -24.01 55.77
C GLU A 100 23.07 -24.48 55.77
N MET A 101 22.89 -25.77 55.58
CA MET A 101 21.56 -26.37 55.53
C MET A 101 20.88 -26.41 56.89
N VAL A 102 21.65 -26.77 57.92
CA VAL A 102 21.10 -26.84 59.26
C VAL A 102 20.79 -25.44 59.77
N LEU A 103 21.74 -24.52 59.59
CA LEU A 103 21.53 -23.15 60.04
C LEU A 103 20.38 -22.51 59.32
N GLY A 104 20.40 -22.57 57.99
CA GLY A 104 19.37 -21.93 57.23
C GLY A 104 18.04 -22.63 57.12
N GLY A 105 18.03 -23.94 57.28
CA GLY A 105 16.79 -24.70 57.17
C GLY A 105 16.21 -25.25 58.47
N GLN A 106 17.06 -25.59 59.44
CA GLN A 106 16.55 -26.14 60.70
C GLN A 106 16.53 -25.06 61.77
N VAL A 107 17.68 -24.52 62.13
CA VAL A 107 17.69 -23.52 63.18
C VAL A 107 16.90 -22.24 62.86
N ASN A 108 17.31 -21.53 61.81
CA ASN A 108 16.67 -20.30 61.38
C ASN A 108 15.15 -20.37 61.36
N LYS A 109 14.62 -21.31 60.59
CA LYS A 109 13.16 -21.47 60.47
C LYS A 109 12.46 -21.75 61.80
N ASP A 110 13.09 -22.57 62.64
CA ASP A 110 12.53 -22.92 63.94
C ASP A 110 12.31 -21.72 64.81
N ILE A 111 13.35 -20.88 64.91
CA ILE A 111 13.29 -19.64 65.67
C ILE A 111 12.14 -18.79 65.11
N VAL A 112 11.95 -18.86 63.80
CA VAL A 112 10.91 -18.10 63.10
C VAL A 112 9.54 -18.67 63.38
N ASN A 113 9.44 -19.98 63.38
CA ASN A 113 8.16 -20.58 63.68
C ASN A 113 7.83 -20.11 65.08
N LEU A 114 8.78 -20.32 66.01
CA LEU A 114 8.67 -19.94 67.42
C LEU A 114 8.10 -18.55 67.61
N ILE A 115 8.83 -17.54 67.16
CA ILE A 115 8.35 -16.18 67.27
C ILE A 115 6.90 -16.16 66.81
N ASN A 116 6.63 -16.79 65.68
CA ASN A 116 5.27 -16.82 65.12
C ASN A 116 4.25 -17.51 66.01
N ARG A 117 4.66 -18.60 66.65
CA ARG A 117 3.77 -19.35 67.54
C ARG A 117 3.36 -18.47 68.72
N HIS A 118 3.94 -17.27 68.81
CA HIS A 118 3.65 -16.33 69.87
C HIS A 118 3.15 -15.01 69.26
N GLY A 119 2.42 -15.13 68.16
CA GLY A 119 1.85 -13.97 67.51
C GLY A 119 2.79 -13.04 66.78
N GLY A 120 3.88 -13.58 66.22
CA GLY A 120 4.80 -12.74 65.48
C GLY A 120 4.73 -13.11 64.00
N SER A 121 5.31 -12.27 63.15
CA SER A 121 5.36 -12.54 61.72
C SER A 121 6.85 -12.39 61.38
N ALA A 122 7.55 -13.53 61.46
CA ALA A 122 8.99 -13.57 61.19
C ALA A 122 9.35 -14.12 59.83
N ILE A 123 10.40 -13.54 59.25
CA ILE A 123 10.89 -13.93 57.93
C ILE A 123 12.33 -14.38 58.11
N GLY A 124 12.57 -15.68 57.95
CA GLY A 124 13.91 -16.21 58.12
C GLY A 124 14.83 -16.11 56.91
N LEU A 125 15.87 -15.31 57.04
CA LEU A 125 16.79 -15.13 55.92
C LEU A 125 18.18 -15.57 56.29
N THR A 126 19.03 -15.71 55.27
CA THR A 126 20.44 -16.05 55.45
C THR A 126 21.20 -15.15 54.48
N GLY A 127 22.51 -15.09 54.63
CA GLY A 127 23.31 -14.23 53.78
C GLY A 127 23.14 -14.35 52.28
N LYS A 128 22.48 -15.40 51.79
CA LYS A 128 22.33 -15.59 50.35
C LYS A 128 21.10 -14.92 49.82
N ASP A 129 20.11 -14.73 50.68
CA ASP A 129 18.85 -14.09 50.27
C ASP A 129 19.11 -12.66 49.82
N ALA A 130 19.02 -12.42 48.52
CA ALA A 130 19.26 -11.09 47.96
C ALA A 130 20.62 -10.60 48.46
N GLU A 131 21.57 -11.51 48.48
CA GLU A 131 22.91 -11.20 48.93
C GLU A 131 22.89 -10.32 50.18
N LEU A 132 21.98 -10.65 51.10
CA LEU A 132 21.83 -9.94 52.37
C LEU A 132 23.13 -9.76 53.18
N ILE A 133 24.03 -10.73 53.14
CA ILE A 133 25.28 -10.62 53.87
C ILE A 133 26.39 -10.96 52.89
N ARG A 134 27.03 -9.92 52.35
CA ARG A 134 28.13 -10.09 51.39
C ARG A 134 29.36 -10.35 52.25
N ALA A 135 30.30 -11.17 51.79
CA ALA A 135 31.48 -11.47 52.59
C ALA A 135 32.68 -11.99 51.83
N LYS A 136 33.79 -12.19 52.54
CA LYS A 136 35.02 -12.66 51.93
C LYS A 136 35.76 -13.64 52.83
N LYS A 137 36.80 -14.28 52.30
CA LYS A 137 37.57 -15.21 53.11
C LYS A 137 38.27 -14.44 54.23
N LEU A 138 37.88 -14.75 55.47
CA LEU A 138 38.46 -14.13 56.66
C LEU A 138 39.89 -14.61 56.85
N THR A 139 40.75 -13.74 57.38
CA THR A 139 42.14 -14.13 57.59
C THR A 139 42.49 -14.48 59.02
N VAL A 140 42.79 -15.76 59.18
CA VAL A 140 43.15 -16.30 60.47
C VAL A 140 44.66 -16.39 60.56
N THR A 141 45.22 -15.51 61.38
CA THR A 141 46.64 -15.52 61.60
C THR A 141 46.68 -16.26 62.91
N ARG A 142 47.84 -16.81 63.23
CA ARG A 142 47.96 -17.52 64.48
C ARG A 142 49.41 -17.57 64.86
N GLN A 143 49.87 -16.45 65.41
CA GLN A 143 51.21 -16.36 65.90
C GLN A 143 51.08 -17.24 67.13
N ILE A 152 49.84 -17.71 58.79
CA ILE A 152 48.46 -17.81 58.36
C ILE A 152 47.97 -19.24 58.25
N ILE A 153 47.04 -19.57 59.14
CA ILE A 153 46.42 -20.88 59.25
C ILE A 153 45.06 -20.88 58.56
N ASP A 154 44.83 -21.82 57.66
CA ASP A 154 43.56 -21.87 56.94
C ASP A 154 42.45 -22.51 57.79
N ILE A 155 41.40 -21.73 58.05
CA ILE A 155 40.30 -22.21 58.85
C ILE A 155 39.19 -22.76 57.95
N GLY A 156 39.41 -22.69 56.64
CA GLY A 156 38.41 -23.19 55.72
C GLY A 156 37.50 -22.14 55.11
N HIS A 157 36.20 -22.40 55.12
CA HIS A 157 35.25 -21.46 54.57
C HIS A 157 34.63 -20.61 55.66
N VAL A 158 35.45 -19.79 56.29
CA VAL A 158 34.98 -18.88 57.32
C VAL A 158 35.37 -17.51 56.82
N GLY A 159 34.43 -16.57 56.80
CA GLY A 159 34.74 -15.24 56.32
C GLY A 159 34.27 -14.11 57.21
N GLU A 160 34.35 -12.90 56.66
CA GLU A 160 33.92 -11.73 57.39
C GLU A 160 33.05 -10.88 56.48
N VAL A 161 31.95 -10.40 57.04
CA VAL A 161 31.02 -9.58 56.29
C VAL A 161 31.74 -8.44 55.59
N THR A 162 31.46 -8.25 54.31
CA THR A 162 32.03 -7.15 53.56
C THR A 162 30.90 -6.18 53.19
N GLY A 163 29.68 -6.44 53.66
CA GLY A 163 28.57 -5.57 53.34
C GLY A 163 27.20 -6.20 53.58
N VAL A 164 26.20 -5.36 53.87
CA VAL A 164 24.85 -5.78 54.18
C VAL A 164 23.76 -5.12 53.35
N ASN A 165 22.82 -5.90 52.83
CA ASN A 165 21.74 -5.37 52.04
C ASN A 165 20.72 -4.71 52.97
N VAL A 166 20.95 -3.44 53.27
CA VAL A 166 20.06 -2.66 54.13
C VAL A 166 18.75 -2.42 53.39
N GLY A 167 18.85 -2.43 52.06
CA GLY A 167 17.68 -2.23 51.24
C GLY A 167 16.62 -3.17 51.74
N LEU A 168 16.85 -4.46 51.51
CA LEU A 168 15.90 -5.48 51.90
C LEU A 168 15.58 -5.50 53.39
N LEU A 169 16.56 -5.20 54.23
CA LEU A 169 16.25 -5.24 55.64
C LEU A 169 15.23 -4.15 55.96
N ASN A 170 15.51 -2.93 55.52
CA ASN A 170 14.58 -1.82 55.75
C ASN A 170 13.18 -2.14 55.28
N MET A 171 13.05 -2.83 54.15
CA MET A 171 11.74 -3.17 53.64
C MET A 171 10.92 -4.04 54.57
N LEU A 172 11.51 -5.14 55.04
CA LEU A 172 10.83 -6.07 55.92
C LEU A 172 10.36 -5.36 57.17
N VAL A 173 11.25 -4.52 57.71
CA VAL A 173 10.92 -3.77 58.91
C VAL A 173 9.73 -2.84 58.61
N LYS A 174 9.75 -2.20 57.43
CA LYS A 174 8.69 -1.28 57.03
C LYS A 174 7.39 -2.05 56.80
N GLY A 175 7.49 -3.29 56.38
CA GLY A 175 6.28 -4.05 56.14
C GLY A 175 5.84 -4.63 57.45
N ASP A 176 6.57 -4.26 58.50
CA ASP A 176 6.32 -4.71 59.86
C ASP A 176 6.45 -6.24 60.02
N PHE A 177 7.65 -6.72 59.70
CA PHE A 177 8.03 -8.13 59.80
C PHE A 177 9.29 -8.16 60.69
N ILE A 178 9.59 -9.32 61.26
CA ILE A 178 10.79 -9.46 62.09
C ILE A 178 11.81 -10.34 61.39
N PRO A 179 12.88 -9.74 60.88
CA PRO A 179 13.94 -10.47 60.19
C PRO A 179 14.73 -11.41 61.11
N VAL A 180 14.80 -12.69 60.79
CA VAL A 180 15.58 -13.60 61.61
C VAL A 180 16.68 -14.08 60.64
N ILE A 181 17.88 -13.57 60.87
CA ILE A 181 19.04 -13.83 60.01
C ILE A 181 20.05 -14.88 60.47
N ALA A 182 20.26 -15.87 59.59
CA ALA A 182 21.23 -16.94 59.83
C ALA A 182 22.61 -16.43 59.40
N PRO A 183 23.64 -16.65 60.22
CA PRO A 183 24.98 -16.15 59.86
C PRO A 183 25.79 -16.79 58.72
N ILE A 184 25.15 -17.07 57.59
CA ILE A 184 25.89 -17.62 56.46
C ILE A 184 26.02 -16.46 55.49
N GLY A 185 27.15 -16.33 54.81
CA GLY A 185 27.32 -15.23 53.87
C GLY A 185 27.87 -15.61 52.49
N VAL A 186 27.59 -14.79 51.49
CA VAL A 186 28.08 -15.02 50.12
C VAL A 186 29.21 -14.11 49.68
N GLY A 187 30.10 -14.68 48.87
CA GLY A 187 31.22 -13.94 48.35
C GLY A 187 30.94 -13.60 46.89
N SER A 188 31.83 -12.84 46.27
CA SER A 188 31.68 -12.41 44.88
C SER A 188 31.29 -13.50 43.87
N ASN A 189 31.77 -14.73 44.08
CA ASN A 189 31.46 -15.85 43.18
C ASN A 189 30.31 -16.74 43.66
N GLY A 190 29.59 -16.30 44.68
CA GLY A 190 28.49 -17.09 45.18
C GLY A 190 28.93 -18.24 46.07
N GLU A 191 30.13 -18.16 46.64
CA GLU A 191 30.61 -19.23 47.51
C GLU A 191 30.09 -18.94 48.91
N SER A 192 29.76 -19.99 49.67
CA SER A 192 29.21 -19.78 51.00
C SER A 192 30.28 -19.51 52.02
N TYR A 193 29.90 -18.82 53.08
CA TYR A 193 30.84 -18.52 54.15
C TYR A 193 30.15 -18.67 55.46
N ASN A 194 30.81 -19.39 56.36
CA ASN A 194 30.30 -19.61 57.70
C ASN A 194 30.90 -18.47 58.51
N ILE A 195 30.07 -17.59 59.04
CA ILE A 195 30.58 -16.46 59.80
C ILE A 195 30.09 -16.49 61.24
N ASN A 196 30.91 -16.00 62.16
CA ASN A 196 30.51 -15.97 63.55
C ASN A 196 29.30 -15.04 63.79
N ALA A 197 28.24 -15.61 64.38
CA ALA A 197 26.98 -14.91 64.67
C ALA A 197 27.10 -13.60 65.44
N ASP A 198 28.20 -13.37 66.15
CA ASP A 198 28.33 -12.11 66.87
C ASP A 198 28.63 -10.98 65.89
N LEU A 199 29.68 -11.20 65.10
CA LEU A 199 30.16 -10.27 64.10
C LEU A 199 29.06 -9.88 63.15
N VAL A 200 28.21 -10.84 62.82
CA VAL A 200 27.13 -10.58 61.91
C VAL A 200 26.13 -9.60 62.54
N ALA A 201 25.63 -9.93 63.72
CA ALA A 201 24.70 -9.04 64.41
C ALA A 201 25.39 -7.68 64.50
N GLY A 202 26.69 -7.71 64.76
CA GLY A 202 27.45 -6.49 64.89
C GLY A 202 27.43 -5.67 63.61
N LYS A 203 27.72 -6.32 62.49
CA LYS A 203 27.75 -5.59 61.24
C LYS A 203 26.37 -5.25 60.72
N VAL A 204 25.41 -6.17 60.87
CA VAL A 204 24.08 -5.84 60.42
C VAL A 204 23.67 -4.59 61.18
N ALA A 205 24.02 -4.52 62.46
CA ALA A 205 23.67 -3.38 63.28
C ALA A 205 24.36 -2.11 62.85
N GLU A 206 25.61 -2.21 62.41
CA GLU A 206 26.31 -1.01 61.96
C GLU A 206 25.54 -0.49 60.72
N ALA A 207 25.31 -1.38 59.75
CA ALA A 207 24.62 -1.02 58.51
C ALA A 207 23.24 -0.37 58.65
N LEU A 208 22.54 -0.63 59.74
CA LEU A 208 21.22 -0.05 59.94
C LEU A 208 21.32 1.12 60.89
N LYS A 209 22.47 1.23 61.56
CA LYS A 209 22.70 2.31 62.52
C LYS A 209 21.71 2.14 63.68
N ALA A 210 21.41 0.88 64.00
CA ALA A 210 20.48 0.53 65.07
C ALA A 210 20.71 1.27 66.38
N GLU A 211 19.65 1.35 67.17
CA GLU A 211 19.71 2.02 68.47
C GLU A 211 20.64 1.22 69.34
N LYS A 212 20.31 -0.05 69.45
CA LYS A 212 21.05 -0.98 70.27
C LYS A 212 21.39 -2.27 69.55
N LEU A 213 22.47 -2.87 70.01
CA LEU A 213 22.97 -4.15 69.54
C LEU A 213 22.93 -4.92 70.85
N MET A 214 22.18 -6.02 70.90
CA MET A 214 22.08 -6.79 72.13
C MET A 214 22.63 -8.20 71.94
N LEU A 215 23.80 -8.46 72.52
CA LEU A 215 24.43 -9.77 72.39
C LEU A 215 24.10 -10.57 73.62
N LEU A 216 23.40 -11.69 73.47
CA LEU A 216 23.08 -12.54 74.61
C LEU A 216 24.22 -13.54 74.83
N THR A 217 24.62 -13.68 76.09
CA THR A 217 25.70 -14.58 76.48
C THR A 217 25.27 -15.41 77.69
N ASN A 218 26.20 -16.23 78.19
CA ASN A 218 25.94 -17.05 79.38
C ASN A 218 26.65 -16.45 80.60
N ILE A 219 27.11 -15.20 80.50
CA ILE A 219 27.77 -14.55 81.63
C ILE A 219 26.90 -13.44 82.22
N ALA A 220 27.20 -13.08 83.46
CA ALA A 220 26.48 -12.02 84.17
C ALA A 220 26.72 -10.72 83.41
N GLY A 221 27.83 -10.70 82.67
CA GLY A 221 28.23 -9.54 81.91
C GLY A 221 29.70 -9.44 82.15
N LEU A 222 30.27 -8.24 81.97
CA LEU A 222 31.68 -8.06 82.23
C LEU A 222 31.83 -7.64 83.69
N MET A 223 32.92 -8.07 84.31
CA MET A 223 33.20 -7.76 85.70
C MET A 223 34.67 -7.44 85.89
N ASP A 224 34.99 -6.80 87.02
CA ASP A 224 36.38 -6.45 87.32
C ASP A 224 36.95 -7.43 88.33
N LYS A 225 38.20 -7.17 88.74
CA LYS A 225 38.91 -8.01 89.70
C LYS A 225 38.05 -8.53 90.84
N GLN A 226 37.10 -7.71 91.28
CA GLN A 226 36.23 -8.05 92.40
C GLN A 226 34.89 -8.70 92.11
N GLY A 227 34.70 -9.11 90.86
CA GLY A 227 33.46 -9.76 90.48
C GLY A 227 32.27 -8.85 90.18
N GLN A 228 32.48 -7.55 90.32
CA GLN A 228 31.43 -6.59 90.07
C GLN A 228 31.14 -6.49 88.59
N VAL A 229 29.89 -6.19 88.27
CA VAL A 229 29.49 -5.99 86.89
C VAL A 229 29.94 -4.56 86.60
N LEU A 230 30.61 -4.39 85.47
CA LEU A 230 31.11 -3.10 85.02
C LEU A 230 30.09 -2.64 83.97
N THR A 231 29.18 -1.74 84.32
CA THR A 231 28.13 -1.37 83.37
C THR A 231 28.20 -0.15 82.47
N GLY A 232 28.21 1.04 83.06
CA GLY A 232 28.21 2.26 82.25
C GLY A 232 29.53 2.55 81.60
N LEU A 233 29.84 1.83 80.53
CA LEU A 233 31.11 1.94 79.84
C LEU A 233 31.12 2.60 78.44
N SER A 234 32.14 3.40 78.16
CA SER A 234 32.27 4.07 76.86
C SER A 234 33.44 3.53 76.03
N THR A 235 33.40 3.79 74.72
CA THR A 235 34.43 3.32 73.76
C THR A 235 35.87 3.35 74.24
N GLU A 236 36.31 4.49 74.75
CA GLU A 236 37.69 4.62 75.19
C GLU A 236 37.91 3.88 76.48
N GLN A 237 36.88 3.89 77.32
CA GLN A 237 36.96 3.21 78.59
C GLN A 237 37.23 1.74 78.31
N VAL A 238 36.42 1.14 77.44
CA VAL A 238 36.63 -0.26 77.09
C VAL A 238 38.03 -0.48 76.51
N ASN A 239 38.53 0.46 75.72
CA ASN A 239 39.86 0.31 75.12
C ASN A 239 40.94 0.30 76.18
N GLU A 240 40.84 1.24 77.09
CA GLU A 240 41.81 1.28 78.13
C GLU A 240 41.64 -0.01 78.96
N LEU A 241 40.38 -0.35 79.24
CA LEU A 241 40.04 -1.52 80.03
C LEU A 241 40.66 -2.82 79.55
N ILE A 242 41.07 -2.84 78.28
CA ILE A 242 41.68 -4.04 77.69
C ILE A 242 43.19 -3.94 77.72
N ALA A 243 43.71 -2.75 77.42
CA ALA A 243 45.16 -2.55 77.42
C ALA A 243 45.66 -3.06 78.77
N ASP A 244 45.04 -2.58 79.85
CA ASP A 244 45.40 -2.98 81.21
C ASP A 244 45.08 -4.45 81.43
N GLY A 245 44.08 -4.94 80.69
CA GLY A 245 43.70 -6.31 80.81
C GLY A 245 42.82 -6.84 81.89
N THR A 246 41.57 -6.42 81.89
CA THR A 246 40.60 -6.88 82.89
C THR A 246 39.65 -7.73 82.04
N ILE A 247 39.84 -7.66 80.72
CA ILE A 247 39.08 -8.32 79.67
C ILE A 247 39.89 -9.48 79.07
N TYR A 248 39.54 -10.70 79.46
CA TYR A 248 40.20 -11.95 79.04
C TYR A 248 39.74 -12.53 77.72
N GLY A 249 40.69 -13.18 77.03
CA GLY A 249 40.46 -13.83 75.76
C GLY A 249 39.04 -14.04 75.26
N GLY A 250 38.38 -15.11 75.71
CA GLY A 250 37.02 -15.40 75.27
C GLY A 250 36.09 -14.20 75.14
N MET A 251 36.14 -13.30 76.11
CA MET A 251 35.27 -12.10 76.12
C MET A 251 35.73 -11.02 75.15
N LEU A 252 37.00 -11.07 74.79
CA LEU A 252 37.56 -10.09 73.88
C LEU A 252 36.84 -9.97 72.54
N PRO A 253 36.77 -11.07 71.77
CA PRO A 253 36.09 -11.00 70.46
C PRO A 253 34.70 -10.36 70.55
N LYS A 254 33.96 -10.68 71.60
CA LYS A 254 32.62 -10.14 71.81
C LYS A 254 32.65 -8.64 72.06
N ILE A 255 33.67 -8.21 72.78
CA ILE A 255 33.81 -6.81 73.13
C ILE A 255 34.43 -6.03 71.98
N ARG A 256 35.27 -6.68 71.20
CA ARG A 256 35.91 -6.02 70.07
C ARG A 256 34.86 -5.85 68.98
N CYS A 257 33.82 -6.65 69.08
CA CYS A 257 32.72 -6.63 68.15
C CYS A 257 31.80 -5.48 68.57
N ALA A 258 31.45 -5.47 69.85
CA ALA A 258 30.58 -4.43 70.41
C ALA A 258 31.27 -3.08 70.23
N LEU A 259 32.58 -3.13 70.16
CA LEU A 259 33.37 -1.93 69.97
C LEU A 259 32.98 -1.32 68.66
N GLU A 260 33.31 -2.05 67.60
CA GLU A 260 33.07 -1.60 66.24
C GLU A 260 31.67 -1.15 65.95
N ALA A 261 30.73 -1.64 66.73
CA ALA A 261 29.33 -1.28 66.56
C ALA A 261 29.11 0.18 66.95
N VAL A 262 29.69 0.58 68.09
CA VAL A 262 29.58 1.94 68.58
C VAL A 262 30.42 2.83 67.67
N GLN A 263 31.55 2.28 67.24
CA GLN A 263 32.43 3.00 66.33
C GLN A 263 31.64 3.18 65.03
N GLY A 264 30.97 2.10 64.61
CA GLY A 264 30.21 2.13 63.37
C GLY A 264 28.85 2.81 63.33
N GLY A 265 28.35 3.32 64.44
CA GLY A 265 27.05 3.98 64.38
C GLY A 265 26.03 3.60 65.43
N VAL A 266 26.17 2.41 66.00
CA VAL A 266 25.23 1.97 67.02
C VAL A 266 25.54 2.84 68.24
N THR A 267 24.50 3.25 68.95
CA THR A 267 24.69 4.13 70.09
C THR A 267 24.74 3.49 71.49
N SER A 268 24.11 2.33 71.68
CA SER A 268 24.16 1.67 73.00
C SER A 268 24.28 0.16 72.82
N ALA A 269 25.46 -0.44 72.98
CA ALA A 269 25.55 -1.88 72.80
C ALA A 269 25.48 -2.62 74.13
N HIS A 270 24.54 -3.56 74.29
CA HIS A 270 24.38 -4.31 75.55
C HIS A 270 24.84 -5.75 75.53
N ILE A 271 25.78 -6.08 76.40
CA ILE A 271 26.25 -7.46 76.51
C ILE A 271 25.39 -8.04 77.62
N ILE A 272 24.56 -9.02 77.30
CA ILE A 272 23.64 -9.56 78.30
C ILE A 272 23.73 -11.01 78.77
N ASP A 273 23.14 -11.25 79.95
CA ASP A 273 23.07 -12.56 80.56
C ASP A 273 21.74 -13.12 80.04
N GLY A 274 21.84 -13.95 79.02
CA GLY A 274 20.65 -14.50 78.41
C GLY A 274 20.01 -15.61 79.18
N ARG A 275 20.63 -15.98 80.28
CA ARG A 275 20.10 -17.03 81.11
C ARG A 275 18.92 -16.55 81.90
N VAL A 276 18.82 -15.23 82.02
CA VAL A 276 17.76 -14.62 82.77
C VAL A 276 16.51 -14.48 81.97
N PRO A 277 15.41 -15.08 82.45
CA PRO A 277 14.13 -15.00 81.76
C PRO A 277 13.81 -13.57 81.38
N ASN A 278 13.23 -13.41 80.20
CA ASN A 278 12.83 -12.10 79.68
C ASN A 278 13.89 -10.99 79.95
N ALA A 279 15.13 -11.28 79.53
CA ALA A 279 16.27 -10.39 79.68
C ALA A 279 16.23 -9.20 78.74
N VAL A 280 15.87 -9.46 77.48
CA VAL A 280 15.79 -8.40 76.48
C VAL A 280 14.79 -7.36 77.02
N LEU A 281 13.64 -7.86 77.49
CA LEU A 281 12.56 -7.05 78.08
C LEU A 281 13.06 -6.28 79.27
N LEU A 282 13.89 -6.89 80.09
CA LEU A 282 14.33 -6.18 81.27
C LEU A 282 15.35 -5.13 80.94
N GLU A 283 16.09 -5.38 79.87
CA GLU A 283 17.12 -4.48 79.42
C GLU A 283 16.58 -3.26 78.70
N ILE A 284 15.29 -3.28 78.34
CA ILE A 284 14.61 -2.19 77.64
C ILE A 284 13.54 -1.56 78.53
N PHE A 285 12.51 -2.36 78.79
CA PHE A 285 11.35 -2.04 79.62
C PHE A 285 11.75 -1.54 80.98
N THR A 286 13.04 -1.44 81.20
CA THR A 286 13.57 -1.02 82.47
C THR A 286 14.99 -0.55 82.23
N ASP A 287 15.13 0.78 82.28
CA ASP A 287 16.43 1.43 82.09
C ASP A 287 17.24 1.17 83.30
N SER A 288 17.90 0.06 83.20
CA SER A 288 18.79 -0.41 84.21
C SER A 288 20.06 -0.55 83.43
N GLY A 289 20.02 -1.58 82.57
CA GLY A 289 21.14 -1.93 81.74
C GLY A 289 22.00 -2.87 82.57
N VAL A 290 21.36 -3.86 83.22
CA VAL A 290 22.04 -4.84 84.04
C VAL A 290 22.71 -5.77 83.09
N GLY A 291 24.03 -5.60 83.05
CA GLY A 291 24.87 -6.39 82.21
C GLY A 291 26.02 -5.44 81.98
N THR A 292 26.43 -5.37 80.72
CA THR A 292 27.56 -4.59 80.33
C THR A 292 27.06 -3.81 79.13
N LEU A 293 27.10 -2.49 79.27
CA LEU A 293 26.61 -1.66 78.22
C LEU A 293 27.59 -0.58 77.82
N ILE A 294 28.14 -0.74 76.61
CA ILE A 294 29.10 0.17 76.01
C ILE A 294 28.33 1.24 75.19
N SER A 295 28.88 2.44 75.13
CA SER A 295 28.27 3.57 74.36
C SER A 295 28.92 4.93 74.65
N ASN A 296 28.47 5.94 73.95
CA ASN A 296 28.97 7.31 74.13
C ASN A 296 27.73 8.14 74.46
N ARG A 297 26.71 7.51 75.06
CA ARG A 297 25.47 8.19 75.36
C ARG A 297 25.38 8.93 76.68
N LYS A 298 25.28 10.24 76.47
CA LYS A 298 25.16 11.32 77.44
C LYS A 298 24.08 11.03 78.45
N ARG A 299 24.49 11.14 79.71
CA ARG A 299 23.62 10.86 80.79
C ARG A 299 22.71 11.92 81.39
N HIS A 300 23.30 12.77 82.25
CA HIS A 300 22.48 13.70 83.07
C HIS A 300 21.52 13.15 84.16
N THR B 1 29.88 -9.94 27.69
CA THR B 1 30.83 -9.27 26.72
C THR B 1 30.42 -9.61 25.27
N LEU B 2 29.63 -8.74 24.65
CA LEU B 2 29.06 -8.97 23.31
C LEU B 2 29.64 -8.32 22.02
N SER B 3 29.42 -8.94 20.85
CA SER B 3 29.89 -8.41 19.55
C SER B 3 28.76 -8.11 18.54
N ARG B 4 29.00 -7.25 17.54
CA ARG B 4 27.94 -6.90 16.59
C ARG B 4 27.21 -8.02 15.87
N ASP B 5 27.76 -9.22 15.77
CA ASP B 5 26.95 -10.23 15.10
C ASP B 5 26.15 -10.99 16.14
N ASP B 6 26.47 -10.73 17.41
CA ASP B 6 25.77 -11.34 18.54
C ASP B 6 24.43 -10.64 18.72
N ALA B 7 24.53 -9.39 19.14
CA ALA B 7 23.38 -8.52 19.37
C ALA B 7 22.44 -8.62 18.18
N ALA B 8 23.00 -8.59 16.97
CA ALA B 8 22.20 -8.68 15.76
C ALA B 8 21.12 -9.74 15.94
N GLN B 9 21.46 -10.81 16.66
CA GLN B 9 20.50 -11.89 16.88
C GLN B 9 19.79 -11.88 18.21
N VAL B 10 20.37 -11.24 19.21
CA VAL B 10 19.68 -11.12 20.49
C VAL B 10 18.43 -10.32 20.10
N ALA B 11 18.67 -9.07 19.70
CA ALA B 11 17.62 -8.14 19.28
C ALA B 11 16.61 -8.72 18.28
N LYS B 12 17.09 -9.43 17.28
CA LYS B 12 16.18 -10.01 16.28
C LYS B 12 15.16 -10.90 16.98
N VAL B 13 15.62 -11.62 18.02
CA VAL B 13 14.70 -12.51 18.72
C VAL B 13 13.85 -11.82 19.81
N LEU B 14 14.47 -11.02 20.67
CA LEU B 14 13.66 -10.38 21.69
C LEU B 14 12.60 -9.59 20.95
N SER B 15 13.04 -8.90 19.90
CA SER B 15 12.14 -8.09 19.11
C SER B 15 11.00 -8.89 18.51
N GLU B 16 11.30 -10.07 17.95
CA GLU B 16 10.27 -10.91 17.35
C GLU B 16 9.45 -11.67 18.38
N ALA B 17 9.87 -11.54 19.64
CA ALA B 17 9.21 -12.22 20.75
C ALA B 17 8.37 -11.29 21.58
N LEU B 18 8.38 -10.01 21.26
CA LEU B 18 7.62 -9.02 22.01
C LEU B 18 6.16 -9.41 22.14
N PRO B 19 5.51 -9.78 21.02
CA PRO B 19 4.09 -10.16 21.10
C PRO B 19 3.83 -11.15 22.22
N TYR B 20 4.60 -12.25 22.24
CA TYR B 20 4.45 -13.29 23.26
C TYR B 20 4.72 -12.75 24.65
N ILE B 21 5.82 -12.02 24.80
CA ILE B 21 6.16 -11.44 26.09
C ILE B 21 5.04 -10.51 26.55
N ARG B 22 4.67 -9.60 25.65
CA ARG B 22 3.64 -8.60 25.88
C ARG B 22 2.39 -9.23 26.51
N ARG B 23 2.17 -10.53 26.28
CA ARG B 23 0.99 -11.19 26.83
C ARG B 23 1.12 -11.48 28.32
N PHE B 24 2.23 -11.03 28.91
CA PHE B 24 2.50 -11.24 30.34
C PHE B 24 3.21 -10.08 31.03
N VAL B 25 3.75 -9.11 30.29
CA VAL B 25 4.44 -8.00 30.96
C VAL B 25 3.52 -7.40 32.03
N GLY B 26 4.02 -7.32 33.26
CA GLY B 26 3.21 -6.77 34.34
C GLY B 26 2.26 -7.78 34.98
N LYS B 27 2.03 -8.92 34.33
CA LYS B 27 1.18 -9.95 34.92
C LYS B 27 2.15 -10.84 35.71
N THR B 28 1.64 -11.69 36.58
CA THR B 28 2.52 -12.53 37.38
C THR B 28 2.59 -13.97 36.90
N LEU B 29 3.75 -14.59 37.11
CA LEU B 29 3.99 -15.96 36.66
C LEU B 29 4.54 -16.88 37.75
N VAL B 30 3.86 -18.00 37.98
CA VAL B 30 4.31 -18.97 38.99
C VAL B 30 4.96 -20.19 38.35
N ILE B 31 6.27 -20.33 38.48
CA ILE B 31 6.99 -21.46 37.88
C ILE B 31 7.32 -22.57 38.88
N LYS B 32 6.89 -23.80 38.58
CA LYS B 32 7.15 -25.01 39.39
C LYS B 32 8.22 -25.81 38.63
N TYR B 33 9.33 -26.05 39.31
CA TYR B 33 10.55 -26.69 38.80
C TYR B 33 10.91 -27.84 39.73
N GLY B 34 11.95 -28.59 39.45
CA GLY B 34 12.30 -29.51 40.49
C GLY B 34 11.92 -30.89 40.27
N GLY B 35 11.81 -31.59 41.39
CA GLY B 35 11.53 -32.99 41.29
C GLY B 35 12.66 -33.54 40.44
N ASN B 36 12.26 -34.40 39.51
CA ASN B 36 13.14 -35.11 38.61
C ASN B 36 13.64 -34.34 37.38
N ALA B 37 13.27 -33.05 37.31
CA ALA B 37 13.66 -32.17 36.20
C ALA B 37 14.89 -31.38 36.61
N MET B 38 15.26 -31.53 37.87
CA MET B 38 16.37 -30.82 38.50
C MET B 38 17.77 -31.44 38.36
N GLU B 39 17.85 -32.72 38.05
CA GLU B 39 19.10 -33.48 37.99
C GLU B 39 20.49 -32.98 37.60
N SER B 40 20.63 -31.98 36.74
CA SER B 40 21.99 -31.55 36.40
C SER B 40 22.20 -30.05 36.65
N GLU B 41 23.37 -29.66 37.15
CA GLU B 41 23.66 -28.24 37.41
C GLU B 41 23.38 -27.33 36.23
N GLU B 42 23.96 -27.65 35.08
CA GLU B 42 23.75 -26.85 33.88
C GLU B 42 22.27 -26.53 33.66
N LEU B 43 21.38 -27.44 34.06
CA LEU B 43 19.95 -27.21 33.90
C LEU B 43 19.45 -26.33 35.05
N LYS B 44 19.95 -26.61 36.25
CA LYS B 44 19.61 -25.85 37.43
C LYS B 44 19.96 -24.38 37.20
N ALA B 45 21.19 -24.14 36.76
CA ALA B 45 21.69 -22.81 36.49
C ALA B 45 20.96 -22.22 35.28
N GLY B 46 20.65 -23.11 34.34
CA GLY B 46 19.94 -22.67 33.15
C GLY B 46 18.58 -22.10 33.51
N PHE B 47 17.87 -22.82 34.36
CA PHE B 47 16.54 -22.41 34.83
C PHE B 47 16.64 -21.05 35.52
N ALA B 48 17.68 -20.88 36.34
CA ALA B 48 17.87 -19.61 37.03
C ALA B 48 17.93 -18.45 36.03
N ARG B 49 18.73 -18.63 34.98
CA ARG B 49 18.90 -17.62 33.96
C ARG B 49 17.56 -17.31 33.29
N ASP B 50 16.80 -18.33 32.96
CA ASP B 50 15.52 -18.09 32.31
C ASP B 50 14.60 -17.29 33.23
N VAL B 51 14.60 -17.61 34.51
CA VAL B 51 13.71 -16.90 35.44
C VAL B 51 14.03 -15.43 35.53
N VAL B 52 15.32 -15.10 35.48
CA VAL B 52 15.80 -13.73 35.58
C VAL B 52 15.40 -12.93 34.35
N LEU B 53 15.77 -13.49 33.20
CA LEU B 53 15.49 -12.91 31.89
C LEU B 53 14.03 -12.51 31.83
N MET B 54 13.17 -13.32 32.44
CA MET B 54 11.75 -13.01 32.47
C MET B 54 11.53 -11.73 33.21
N LYS B 55 12.18 -11.65 34.37
CA LYS B 55 12.09 -10.49 35.22
C LYS B 55 12.65 -9.29 34.45
N ALA B 56 13.69 -9.56 33.68
CA ALA B 56 14.35 -8.52 32.90
C ALA B 56 13.44 -7.97 31.86
N VAL B 57 12.56 -8.85 31.40
CA VAL B 57 11.63 -8.56 30.33
C VAL B 57 10.22 -8.16 30.81
N GLY B 58 10.10 -7.77 32.07
CA GLY B 58 8.81 -7.34 32.57
C GLY B 58 7.85 -8.30 33.25
N ILE B 59 8.17 -9.58 33.28
CA ILE B 59 7.31 -10.54 33.97
C ILE B 59 7.72 -10.57 35.42
N ASN B 60 6.77 -10.89 36.30
CA ASN B 60 7.06 -11.00 37.70
C ASN B 60 6.90 -12.49 38.02
N PRO B 61 8.02 -13.23 38.03
CA PRO B 61 7.95 -14.67 38.32
C PRO B 61 7.98 -14.99 39.79
N VAL B 62 7.37 -16.11 40.14
CA VAL B 62 7.33 -16.58 41.50
C VAL B 62 7.64 -18.06 41.45
N VAL B 63 8.83 -18.44 41.93
CA VAL B 63 9.23 -19.84 41.90
C VAL B 63 8.82 -20.69 43.09
N VAL B 64 8.36 -21.90 42.79
CA VAL B 64 8.02 -22.89 43.78
C VAL B 64 8.85 -24.07 43.26
N HIS B 65 9.47 -24.81 44.15
CA HIS B 65 10.30 -25.92 43.71
C HIS B 65 10.10 -27.16 44.60
N GLY B 66 10.56 -28.29 44.09
CA GLY B 66 10.50 -29.51 44.86
C GLY B 66 11.93 -29.78 45.30
N GLY B 67 12.28 -31.01 45.64
CA GLY B 67 13.64 -31.26 46.05
C GLY B 67 14.29 -32.37 45.26
N GLY B 68 13.54 -33.46 45.10
CA GLY B 68 14.01 -34.59 44.34
C GLY B 68 15.25 -35.41 44.71
N PRO B 69 16.39 -35.16 44.02
CA PRO B 69 17.60 -35.93 44.32
C PRO B 69 18.17 -35.79 45.72
N GLN B 70 18.40 -34.55 46.13
CA GLN B 70 19.01 -34.27 47.44
C GLN B 70 18.24 -34.76 48.64
N ILE B 71 16.91 -34.69 48.60
CA ILE B 71 16.13 -35.16 49.74
C ILE B 71 16.39 -36.63 49.91
N GLY B 72 16.59 -37.32 48.78
CA GLY B 72 16.86 -38.74 48.82
C GLY B 72 18.29 -39.09 49.14
N ASP B 73 19.22 -38.23 48.77
CA ASP B 73 20.61 -38.53 49.07
C ASP B 73 20.76 -38.50 50.57
N LEU B 74 20.35 -37.38 51.15
CA LEU B 74 20.48 -37.22 52.58
C LEU B 74 19.79 -38.35 53.35
N LEU B 75 18.55 -38.66 52.96
CA LEU B 75 17.76 -39.72 53.59
C LEU B 75 18.53 -41.03 53.56
N LYS B 76 19.27 -41.24 52.47
CA LYS B 76 20.06 -42.44 52.30
C LYS B 76 21.12 -42.40 53.39
N ARG B 77 21.97 -41.38 53.32
CA ARG B 77 23.03 -41.18 54.29
C ARG B 77 22.56 -41.40 55.72
N LEU B 78 21.36 -40.91 56.02
CA LEU B 78 20.80 -41.05 57.36
C LEU B 78 20.19 -42.42 57.60
N SER B 79 20.12 -43.24 56.58
CA SER B 79 19.58 -44.57 56.75
C SER B 79 18.17 -44.68 57.23
N ILE B 80 17.40 -43.86 56.48
CA ILE B 80 15.96 -43.64 56.50
C ILE B 80 15.48 -44.07 55.05
N GLU B 81 14.45 -44.92 55.00
CA GLU B 81 13.87 -45.40 53.71
C GLU B 81 12.69 -44.53 53.36
N SER B 82 12.39 -44.40 52.07
CA SER B 82 11.25 -43.59 51.65
C SER B 82 10.30 -44.31 50.68
N HIS B 83 9.02 -44.03 50.85
CA HIS B 83 7.93 -44.61 50.07
C HIS B 83 6.90 -43.54 49.76
N PHE B 84 6.29 -43.62 48.58
CA PHE B 84 5.26 -42.65 48.23
C PHE B 84 3.98 -43.40 47.92
N ILE B 85 2.85 -42.74 48.18
CA ILE B 85 1.56 -43.32 47.88
C ILE B 85 0.81 -42.27 47.09
N ASP B 86 0.49 -42.59 45.83
CA ASP B 86 -0.24 -41.65 44.99
C ASP B 86 0.40 -40.27 44.82
N GLY B 87 1.72 -40.24 44.70
CA GLY B 87 2.41 -38.97 44.53
C GLY B 87 2.71 -38.18 45.81
N MET B 88 2.70 -38.84 46.96
CA MET B 88 2.97 -38.19 48.25
C MET B 88 3.94 -39.08 49.01
N ARG B 89 5.08 -38.56 49.47
CA ARG B 89 5.97 -39.45 50.20
C ARG B 89 5.44 -39.61 51.61
N VAL B 90 5.59 -40.82 52.14
CA VAL B 90 5.14 -41.17 53.47
C VAL B 90 6.14 -40.49 54.40
N THR B 91 5.67 -39.46 55.07
CA THR B 91 6.52 -38.68 55.95
C THR B 91 6.37 -38.85 57.45
N ASP B 92 7.20 -39.72 58.02
CA ASP B 92 7.19 -39.89 59.46
C ASP B 92 8.09 -38.78 60.00
N ALA B 93 8.16 -38.61 61.32
CA ALA B 93 8.95 -37.54 61.96
C ALA B 93 10.39 -37.30 61.55
N ALA B 94 11.17 -38.38 61.49
CA ALA B 94 12.57 -38.24 61.15
C ALA B 94 12.71 -37.75 59.73
N THR B 95 11.80 -38.21 58.89
CA THR B 95 11.82 -37.84 57.49
C THR B 95 11.42 -36.38 57.33
N MET B 96 10.36 -36.00 58.01
CA MET B 96 9.89 -34.64 57.93
C MET B 96 11.02 -33.67 58.30
N ASP B 97 11.91 -34.06 59.20
CA ASP B 97 13.01 -33.16 59.56
C ASP B 97 13.98 -32.99 58.39
N VAL B 98 14.37 -34.10 57.79
CA VAL B 98 15.28 -34.06 56.66
C VAL B 98 14.64 -33.28 55.52
N VAL B 99 13.40 -33.60 55.17
CA VAL B 99 12.73 -32.88 54.10
C VAL B 99 12.64 -31.38 54.39
N GLU B 100 12.36 -31.00 55.62
CA GLU B 100 12.22 -29.58 55.96
C GLU B 100 13.54 -28.83 55.89
N MET B 101 14.60 -29.56 56.20
CA MET B 101 15.94 -29.03 56.27
C MET B 101 16.57 -28.95 54.87
N VAL B 102 16.47 -30.03 54.13
CA VAL B 102 17.01 -30.09 52.79
C VAL B 102 16.27 -29.14 51.82
N LEU B 103 14.93 -29.16 51.84
CA LEU B 103 14.19 -28.29 50.93
C LEU B 103 14.32 -26.80 51.19
N GLY B 104 14.29 -26.40 52.46
CA GLY B 104 14.37 -25.00 52.81
C GLY B 104 15.75 -24.43 53.11
N GLY B 105 16.71 -25.28 53.44
CA GLY B 105 18.05 -24.81 53.76
C GLY B 105 19.11 -25.12 52.71
N GLN B 106 18.85 -26.10 51.86
CA GLN B 106 19.80 -26.48 50.84
C GLN B 106 19.28 -26.18 49.44
N VAL B 107 18.34 -26.98 48.98
CA VAL B 107 17.75 -26.76 47.68
C VAL B 107 17.25 -25.33 47.51
N ASN B 108 16.45 -24.87 48.46
CA ASN B 108 15.83 -23.58 48.33
C ASN B 108 16.80 -22.47 48.24
N LYS B 109 17.79 -22.50 49.10
CA LYS B 109 18.75 -21.43 49.08
C LYS B 109 19.69 -21.51 47.91
N ASP B 110 19.78 -22.67 47.30
CA ASP B 110 20.68 -22.89 46.20
C ASP B 110 20.10 -22.32 44.90
N ILE B 111 18.78 -22.36 44.76
CA ILE B 111 18.10 -21.79 43.59
C ILE B 111 18.16 -20.27 43.74
N VAL B 112 17.85 -19.78 44.94
CA VAL B 112 17.93 -18.37 45.26
C VAL B 112 19.30 -17.86 44.77
N ASN B 113 20.35 -18.62 45.01
CA ASN B 113 21.71 -18.22 44.64
C ASN B 113 22.01 -18.25 43.14
N LEU B 114 21.44 -19.20 42.41
CA LEU B 114 21.68 -19.30 40.98
C LEU B 114 21.04 -18.12 40.30
N ILE B 115 19.87 -17.75 40.80
CA ILE B 115 19.11 -16.64 40.27
C ILE B 115 19.87 -15.36 40.52
N ASN B 116 20.47 -15.24 41.69
CA ASN B 116 21.22 -14.04 42.06
C ASN B 116 22.54 -13.94 41.34
N ARG B 117 23.07 -15.08 40.91
CA ARG B 117 24.34 -15.04 40.20
C ARG B 117 24.03 -14.55 38.78
N HIS B 118 22.80 -14.77 38.33
CA HIS B 118 22.41 -14.36 36.99
C HIS B 118 21.77 -12.98 36.94
N GLY B 119 21.97 -12.23 38.00
CA GLY B 119 21.49 -10.86 38.01
C GLY B 119 20.21 -10.58 38.73
N GLY B 120 19.42 -11.62 38.96
CA GLY B 120 18.16 -11.44 39.65
C GLY B 120 18.33 -11.15 41.13
N SER B 121 17.22 -11.11 41.85
CA SER B 121 17.23 -10.83 43.28
C SER B 121 16.21 -11.73 43.97
N ALA B 122 16.66 -12.89 44.48
CA ALA B 122 15.73 -13.82 45.08
C ALA B 122 15.69 -13.86 46.62
N ILE B 123 14.53 -14.29 47.12
CA ILE B 123 14.29 -14.43 48.56
C ILE B 123 13.84 -15.88 48.73
N GLY B 124 14.61 -16.68 49.46
CA GLY B 124 14.24 -18.07 49.66
C GLY B 124 13.31 -18.13 50.84
N LEU B 125 12.11 -18.68 50.64
CA LEU B 125 11.11 -18.74 51.70
C LEU B 125 10.40 -20.09 51.78
N THR B 126 9.83 -20.38 52.95
CA THR B 126 9.09 -21.62 53.11
C THR B 126 7.79 -21.31 53.82
N GLY B 127 6.97 -22.34 54.03
CA GLY B 127 5.69 -22.14 54.69
C GLY B 127 5.74 -21.45 56.04
N LYS B 128 6.81 -21.67 56.81
CA LYS B 128 6.89 -21.06 58.14
C LYS B 128 7.09 -19.53 58.08
N ASP B 129 7.83 -19.03 57.10
CA ASP B 129 8.09 -17.58 57.01
C ASP B 129 6.81 -16.72 56.93
N ALA B 130 6.48 -16.06 58.03
CA ALA B 130 5.29 -15.22 58.11
C ALA B 130 4.10 -16.07 57.76
N GLU B 131 4.17 -17.34 58.14
CA GLU B 131 3.09 -18.30 57.88
C GLU B 131 2.69 -18.14 56.43
N LEU B 132 3.69 -18.15 55.56
CA LEU B 132 3.47 -18.02 54.13
C LEU B 132 2.46 -19.04 53.65
N ILE B 133 2.61 -20.27 54.15
CA ILE B 133 1.72 -21.37 53.75
C ILE B 133 1.09 -22.08 54.94
N ARG B 134 -0.13 -21.68 55.31
CA ARG B 134 -0.84 -22.30 56.42
C ARG B 134 -1.43 -23.62 55.87
N ALA B 135 -1.52 -24.66 56.69
CA ALA B 135 -2.04 -25.93 56.20
C ALA B 135 -2.55 -26.94 57.23
N LYS B 136 -3.77 -27.41 57.05
CA LYS B 136 -4.26 -28.42 57.97
C LYS B 136 -3.71 -29.75 57.46
N LYS B 137 -3.72 -30.79 58.28
CA LYS B 137 -3.23 -32.10 57.86
C LYS B 137 -4.17 -32.63 56.77
N LEU B 138 -3.59 -33.28 55.76
CA LEU B 138 -4.35 -33.84 54.65
C LEU B 138 -4.85 -35.24 54.97
N THR B 139 -6.18 -35.42 54.88
CA THR B 139 -6.82 -36.71 55.12
C THR B 139 -6.72 -37.43 53.78
N VAL B 140 -5.94 -38.50 53.72
CA VAL B 140 -5.80 -39.24 52.47
C VAL B 140 -6.80 -40.38 52.49
N THR B 141 -6.96 -41.09 51.37
CA THR B 141 -7.98 -42.15 51.28
C THR B 141 -7.69 -43.24 50.21
N ARG B 142 -8.31 -44.42 50.36
CA ARG B 142 -8.19 -45.57 49.43
C ARG B 142 -9.50 -46.42 49.31
N GLN B 143 -9.50 -47.48 48.49
CA GLN B 143 -10.70 -48.35 48.31
C GLN B 143 -10.51 -49.73 47.65
N GLU B 146 -12.12 -53.06 45.81
CA GLU B 146 -13.44 -52.46 45.81
C GLU B 146 -14.32 -53.22 46.84
N MET B 147 -13.86 -53.19 48.10
CA MET B 147 -14.56 -53.77 49.29
C MET B 147 -14.94 -52.42 49.87
N THR B 148 -16.06 -51.87 49.43
CA THR B 148 -16.21 -50.49 49.79
C THR B 148 -17.10 -49.61 50.65
N LYS B 149 -16.34 -48.62 51.10
CA LYS B 149 -16.60 -47.45 51.93
C LYS B 149 -15.14 -46.96 52.05
N PRO B 150 -14.91 -45.64 52.04
CA PRO B 150 -13.57 -45.02 52.15
C PRO B 150 -12.66 -45.54 53.29
N GLU B 151 -11.47 -46.03 52.95
CA GLU B 151 -10.52 -46.51 53.96
C GLU B 151 -9.57 -45.30 54.11
N ILE B 152 -9.40 -44.77 55.32
CA ILE B 152 -8.55 -43.58 55.45
C ILE B 152 -7.19 -44.01 55.78
N ILE B 153 -6.24 -43.51 54.99
CA ILE B 153 -4.85 -43.82 55.17
C ILE B 153 -4.15 -42.78 56.03
N ASP B 154 -2.98 -43.13 56.54
CA ASP B 154 -2.18 -42.19 57.30
C ASP B 154 -0.79 -42.34 56.70
N ILE B 155 -0.34 -41.26 56.04
CA ILE B 155 0.95 -41.28 55.38
C ILE B 155 1.96 -40.46 56.12
N GLY B 156 1.50 -39.88 57.22
CA GLY B 156 2.44 -39.11 58.00
C GLY B 156 2.13 -37.66 58.08
N HIS B 157 3.18 -36.88 58.27
CA HIS B 157 3.03 -35.44 58.37
C HIS B 157 2.81 -34.74 57.05
N VAL B 158 1.91 -35.27 56.22
CA VAL B 158 1.60 -34.68 54.93
C VAL B 158 0.40 -33.74 55.13
N GLY B 159 0.42 -32.57 54.48
CA GLY B 159 -0.68 -31.63 54.68
C GLY B 159 -1.39 -31.03 53.48
N GLU B 160 -2.26 -30.06 53.73
CA GLU B 160 -2.99 -29.43 52.65
C GLU B 160 -3.24 -27.93 52.88
N VAL B 161 -2.80 -27.14 51.91
CA VAL B 161 -2.91 -25.70 51.95
C VAL B 161 -4.29 -25.14 52.27
N THR B 162 -4.34 -24.33 53.34
CA THR B 162 -5.57 -23.72 53.82
C THR B 162 -5.52 -22.19 53.67
N GLY B 163 -4.34 -21.65 53.41
CA GLY B 163 -4.18 -20.22 53.25
C GLY B 163 -2.82 -19.91 52.66
N VAL B 164 -2.62 -18.67 52.21
CA VAL B 164 -1.36 -18.24 51.62
C VAL B 164 -1.17 -16.74 51.85
N ASN B 165 -0.05 -16.33 52.45
CA ASN B 165 0.18 -14.90 52.70
C ASN B 165 0.55 -14.24 51.37
N VAL B 166 -0.40 -13.51 50.78
CA VAL B 166 -0.12 -12.87 49.50
C VAL B 166 0.34 -11.49 49.81
N GLY B 167 0.14 -11.11 51.06
CA GLY B 167 0.57 -9.81 51.51
C GLY B 167 2.09 -9.77 51.36
N LEU B 168 2.73 -10.80 51.92
CA LEU B 168 4.17 -10.97 51.89
C LEU B 168 4.61 -11.12 50.42
N LEU B 169 4.00 -12.08 49.73
CA LEU B 169 4.33 -12.32 48.33
C LEU B 169 4.20 -11.04 47.51
N ASN B 170 3.10 -10.32 47.69
CA ASN B 170 2.90 -9.09 46.91
C ASN B 170 3.90 -8.00 47.26
N MET B 171 4.27 -7.94 48.54
CA MET B 171 5.23 -6.97 48.99
C MET B 171 6.57 -7.20 48.31
N LEU B 172 7.02 -8.47 48.34
CA LEU B 172 8.30 -8.86 47.75
C LEU B 172 8.35 -8.63 46.24
N VAL B 173 7.28 -9.04 45.54
CA VAL B 173 7.25 -8.85 44.09
C VAL B 173 7.37 -7.38 43.76
N LYS B 174 6.55 -6.56 44.41
CA LYS B 174 6.54 -5.11 44.20
C LYS B 174 7.87 -4.47 44.58
N GLY B 175 8.69 -5.21 45.31
CA GLY B 175 9.98 -4.69 45.69
C GLY B 175 10.99 -5.16 44.68
N ASP B 176 10.49 -5.83 43.64
CA ASP B 176 11.28 -6.38 42.55
C ASP B 176 12.09 -7.66 42.86
N PHE B 177 11.68 -8.40 43.88
CA PHE B 177 12.36 -9.62 44.28
C PHE B 177 11.69 -10.85 43.68
N ILE B 178 12.45 -11.93 43.52
CA ILE B 178 11.88 -13.13 42.98
C ILE B 178 11.70 -14.17 44.08
N PRO B 179 10.46 -14.30 44.57
CA PRO B 179 10.19 -15.28 45.62
C PRO B 179 10.48 -16.71 45.17
N VAL B 180 11.27 -17.44 45.93
CA VAL B 180 11.52 -18.86 45.63
C VAL B 180 10.92 -19.53 46.86
N ILE B 181 9.95 -20.43 46.66
CA ILE B 181 9.23 -21.07 47.77
C ILE B 181 9.30 -22.60 47.97
N ALA B 182 9.76 -23.07 49.13
CA ALA B 182 9.80 -24.52 49.40
C ALA B 182 8.41 -24.94 49.86
N PRO B 183 7.98 -26.16 49.53
CA PRO B 183 6.65 -26.67 49.91
C PRO B 183 6.47 -27.22 51.31
N ILE B 184 6.82 -26.42 52.32
CA ILE B 184 6.63 -26.85 53.68
C ILE B 184 5.67 -25.87 54.31
N GLY B 185 4.59 -26.38 54.92
CA GLY B 185 3.61 -25.52 55.52
C GLY B 185 3.50 -25.69 57.02
N VAL B 186 2.86 -24.70 57.65
CA VAL B 186 2.62 -24.66 59.09
C VAL B 186 1.15 -24.74 59.42
N GLY B 187 0.85 -25.42 60.51
CA GLY B 187 -0.51 -25.54 60.97
C GLY B 187 -0.78 -24.57 62.11
N SER B 188 -2.00 -24.66 62.66
CA SER B 188 -2.46 -23.82 63.76
C SER B 188 -1.58 -23.94 65.01
N ASN B 189 -0.98 -25.12 65.17
CA ASN B 189 -0.12 -25.42 66.29
C ASN B 189 1.36 -25.19 66.00
N GLY B 190 1.64 -24.64 64.82
CA GLY B 190 3.03 -24.41 64.46
C GLY B 190 3.74 -25.70 64.08
N GLU B 191 3.00 -26.77 63.83
CA GLU B 191 3.62 -28.03 63.42
C GLU B 191 3.96 -27.92 61.95
N SER B 192 4.81 -28.81 61.49
CA SER B 192 5.20 -28.80 60.09
C SER B 192 4.38 -29.80 59.30
N TYR B 193 4.31 -29.56 58.00
CA TYR B 193 3.59 -30.41 57.05
C TYR B 193 4.37 -30.39 55.73
N ASN B 194 4.61 -31.60 55.20
CA ASN B 194 5.32 -31.80 53.94
C ASN B 194 4.22 -31.85 52.90
N ILE B 195 4.28 -30.93 51.93
CA ILE B 195 3.26 -30.85 50.88
C ILE B 195 3.88 -31.08 49.50
N ASN B 196 3.11 -31.60 48.55
CA ASN B 196 3.65 -31.83 47.21
C ASN B 196 3.81 -30.45 46.58
N ALA B 197 5.03 -30.17 46.12
CA ALA B 197 5.35 -28.86 45.53
C ALA B 197 4.35 -28.42 44.47
N ASP B 198 3.79 -29.39 43.77
CA ASP B 198 2.81 -29.10 42.75
C ASP B 198 1.66 -28.35 43.41
N LEU B 199 1.01 -28.98 44.38
CA LEU B 199 -0.13 -28.42 45.10
C LEU B 199 0.12 -27.05 45.70
N VAL B 200 1.34 -26.81 46.16
CA VAL B 200 1.67 -25.50 46.71
C VAL B 200 1.73 -24.48 45.57
N ALA B 201 2.34 -24.88 44.46
CA ALA B 201 2.46 -24.03 43.28
C ALA B 201 1.05 -23.66 42.85
N GLY B 202 0.17 -24.65 42.84
CA GLY B 202 -1.19 -24.38 42.44
C GLY B 202 -1.82 -23.34 43.35
N LYS B 203 -1.87 -23.64 44.64
CA LYS B 203 -2.47 -22.73 45.61
C LYS B 203 -1.87 -21.33 45.67
N VAL B 204 -0.58 -21.20 45.38
CA VAL B 204 0.03 -19.86 45.41
C VAL B 204 -0.39 -19.07 44.16
N ALA B 205 -0.57 -19.77 43.05
CA ALA B 205 -0.99 -19.13 41.80
C ALA B 205 -2.41 -18.60 41.98
N GLU B 206 -3.33 -19.47 42.41
CA GLU B 206 -4.70 -19.05 42.66
C GLU B 206 -4.69 -17.81 43.56
N ALA B 207 -4.09 -17.95 44.74
CA ALA B 207 -4.00 -16.85 45.68
C ALA B 207 -3.57 -15.58 44.99
N LEU B 208 -2.51 -15.69 44.18
CA LEU B 208 -1.94 -14.56 43.45
C LEU B 208 -2.63 -14.17 42.13
N LYS B 209 -3.60 -14.96 41.69
CA LYS B 209 -4.32 -14.70 40.44
C LYS B 209 -3.32 -14.31 39.35
N ALA B 210 -2.42 -15.25 39.05
CA ALA B 210 -1.39 -15.05 38.05
C ALA B 210 -1.90 -15.31 36.64
N GLU B 211 -1.12 -14.90 35.67
CA GLU B 211 -1.50 -15.09 34.27
C GLU B 211 -1.42 -16.58 33.99
N LYS B 212 -0.25 -17.20 34.20
CA LYS B 212 -0.11 -18.64 33.98
C LYS B 212 0.80 -19.37 34.98
N LEU B 213 0.44 -20.62 35.25
CA LEU B 213 1.18 -21.52 36.16
C LEU B 213 1.89 -22.58 35.34
N MET B 214 3.22 -22.53 35.32
CA MET B 214 4.01 -23.51 34.59
C MET B 214 4.43 -24.65 35.52
N LEU B 215 4.15 -25.89 35.11
CA LEU B 215 4.55 -27.04 35.90
C LEU B 215 5.66 -27.73 35.07
N LEU B 216 6.93 -27.59 35.47
CA LEU B 216 8.04 -28.20 34.74
C LEU B 216 8.28 -29.56 35.33
N THR B 217 8.37 -30.58 34.48
CA THR B 217 8.57 -31.92 35.00
C THR B 217 9.64 -32.81 34.35
N ASN B 218 9.38 -34.10 34.49
CA ASN B 218 10.21 -35.22 34.05
C ASN B 218 9.87 -35.74 32.66
N ILE B 219 8.89 -35.16 32.01
CA ILE B 219 8.43 -35.79 30.81
C ILE B 219 7.70 -34.83 29.86
N ALA B 220 7.64 -35.18 28.57
CA ALA B 220 6.97 -34.34 27.57
C ALA B 220 5.74 -33.64 28.11
N GLY B 221 4.90 -34.39 28.80
CA GLY B 221 3.69 -33.83 29.35
C GLY B 221 2.92 -35.00 29.89
N LEU B 222 1.62 -34.84 30.09
CA LEU B 222 0.77 -35.91 30.61
C LEU B 222 0.34 -36.82 29.46
N MET B 223 0.59 -38.12 29.60
CA MET B 223 0.25 -39.09 28.54
C MET B 223 -0.89 -40.06 28.81
N ASP B 224 -1.32 -40.74 27.75
CA ASP B 224 -2.34 -41.78 27.83
C ASP B 224 -1.41 -42.96 28.01
N LYS B 225 -1.93 -44.16 28.27
CA LYS B 225 -1.03 -45.31 28.47
C LYS B 225 -0.25 -45.71 27.21
N GLN B 226 -0.63 -45.07 26.10
CA GLN B 226 -0.07 -45.33 24.79
C GLN B 226 1.13 -44.44 24.42
N GLY B 227 1.50 -43.52 25.32
CA GLY B 227 2.64 -42.64 25.08
C GLY B 227 2.39 -41.22 24.57
N GLN B 228 1.20 -40.96 24.06
CA GLN B 228 0.86 -39.65 23.50
C GLN B 228 0.48 -38.56 24.49
N VAL B 229 1.11 -37.39 24.36
CA VAL B 229 0.82 -36.24 25.22
C VAL B 229 -0.60 -35.76 24.91
N LEU B 230 -1.37 -35.50 25.97
CA LEU B 230 -2.75 -35.09 25.81
C LEU B 230 -3.02 -33.66 26.29
N THR B 231 -3.27 -32.74 25.35
CA THR B 231 -3.52 -31.34 25.70
C THR B 231 -5.02 -31.09 25.88
N GLY B 232 -5.34 -29.90 26.39
CA GLY B 232 -6.72 -29.47 26.58
C GLY B 232 -7.79 -30.21 27.39
N LEU B 233 -7.42 -31.09 28.30
CA LEU B 233 -8.41 -31.82 29.10
C LEU B 233 -9.30 -30.93 29.96
N SER B 234 -10.48 -31.45 30.30
CA SER B 234 -11.42 -30.78 31.19
C SER B 234 -11.60 -31.80 32.32
N THR B 235 -12.04 -31.34 33.49
CA THR B 235 -12.22 -32.22 34.64
C THR B 235 -12.77 -33.61 34.39
N GLU B 236 -13.82 -33.74 33.59
CA GLU B 236 -14.41 -35.05 33.33
C GLU B 236 -13.45 -36.05 32.68
N GLN B 237 -12.63 -35.58 31.75
CA GLN B 237 -11.69 -36.45 31.04
C GLN B 237 -10.61 -36.97 31.99
N VAL B 238 -10.08 -36.07 32.80
CA VAL B 238 -9.02 -36.40 33.77
C VAL B 238 -9.44 -37.52 34.73
N ASN B 239 -10.60 -37.38 35.35
CA ASN B 239 -11.11 -38.37 36.29
C ASN B 239 -11.25 -39.75 35.64
N GLU B 240 -11.83 -39.77 34.43
CA GLU B 240 -12.02 -41.02 33.67
C GLU B 240 -10.66 -41.69 33.51
N LEU B 241 -9.65 -40.86 33.26
CA LEU B 241 -8.26 -41.29 33.04
C LEU B 241 -7.54 -41.74 34.31
N ILE B 242 -7.86 -41.11 35.43
CA ILE B 242 -7.24 -41.47 36.70
C ILE B 242 -7.82 -42.83 37.09
N ALA B 243 -9.14 -42.98 36.96
CA ALA B 243 -9.83 -44.22 37.27
C ALA B 243 -9.33 -45.37 36.38
N ASP B 244 -8.96 -45.03 35.15
CA ASP B 244 -8.46 -45.94 34.12
C ASP B 244 -7.06 -46.52 34.44
N GLY B 245 -6.34 -45.85 35.34
CA GLY B 245 -5.00 -46.27 35.69
C GLY B 245 -4.02 -45.47 34.87
N THR B 246 -4.56 -44.53 34.08
CA THR B 246 -3.75 -43.68 33.21
C THR B 246 -2.88 -42.66 33.97
N ILE B 247 -3.51 -41.75 34.71
CA ILE B 247 -2.74 -40.78 35.48
C ILE B 247 -2.51 -41.43 36.84
N TYR B 248 -1.24 -41.58 37.22
CA TYR B 248 -0.88 -42.23 38.49
C TYR B 248 0.40 -41.61 39.09
N GLY B 249 0.79 -42.07 40.27
CA GLY B 249 1.99 -41.56 40.89
C GLY B 249 1.96 -40.05 40.99
N GLY B 250 3.13 -39.43 40.88
CA GLY B 250 3.23 -37.98 41.01
C GLY B 250 2.50 -37.12 40.00
N MET B 251 1.88 -37.75 39.02
CA MET B 251 1.13 -37.03 37.98
C MET B 251 -0.25 -36.66 38.49
N LEU B 252 -0.68 -37.34 39.55
CA LEU B 252 -2.00 -37.12 40.14
C LEU B 252 -2.06 -35.70 40.69
N PRO B 253 -1.15 -35.36 41.61
CA PRO B 253 -1.16 -34.01 42.17
C PRO B 253 -0.93 -32.96 41.09
N LYS B 254 -0.34 -33.37 39.98
CA LYS B 254 -0.05 -32.45 38.88
C LYS B 254 -1.26 -31.90 38.13
N ILE B 255 -2.13 -32.75 37.56
CA ILE B 255 -3.28 -32.18 36.88
C ILE B 255 -4.10 -31.51 37.95
N ARG B 256 -4.26 -32.21 39.07
CA ARG B 256 -5.03 -31.67 40.18
C ARG B 256 -4.69 -30.18 40.44
N CYS B 257 -3.43 -29.78 40.28
CA CYS B 257 -3.04 -28.37 40.47
C CYS B 257 -3.68 -27.53 39.40
N ALA B 258 -3.37 -27.93 38.17
CA ALA B 258 -3.79 -27.31 36.93
C ALA B 258 -5.28 -27.07 36.75
N LEU B 259 -6.09 -28.09 37.00
CA LEU B 259 -7.53 -27.93 36.84
C LEU B 259 -7.99 -26.87 37.83
N GLU B 260 -7.50 -27.00 39.05
CA GLU B 260 -7.85 -26.08 40.13
C GLU B 260 -7.26 -24.70 40.00
N ALA B 261 -5.99 -24.61 39.66
CA ALA B 261 -5.34 -23.30 39.50
C ALA B 261 -6.04 -22.49 38.41
N VAL B 262 -6.55 -23.17 37.40
CA VAL B 262 -7.27 -22.51 36.32
C VAL B 262 -8.65 -22.09 36.79
N GLN B 263 -9.38 -23.03 37.39
CA GLN B 263 -10.71 -22.71 37.87
C GLN B 263 -10.64 -21.85 39.14
N GLY B 264 -9.43 -21.51 39.55
CA GLY B 264 -9.23 -20.63 40.68
C GLY B 264 -8.76 -19.20 40.26
N GLY B 265 -8.74 -18.87 38.97
CA GLY B 265 -8.30 -17.53 38.55
C GLY B 265 -7.05 -17.46 37.68
N VAL B 266 -6.61 -18.60 37.15
CA VAL B 266 -5.41 -18.56 36.32
C VAL B 266 -5.62 -18.97 34.87
N THR B 267 -5.50 -17.96 34.02
CA THR B 267 -5.64 -18.08 32.59
C THR B 267 -5.20 -19.46 32.12
N SER B 268 -4.00 -19.89 32.50
CA SER B 268 -3.52 -21.22 32.09
C SER B 268 -2.66 -21.96 33.13
N ALA B 269 -2.42 -23.24 32.84
CA ALA B 269 -1.60 -24.14 33.66
C ALA B 269 -1.01 -25.12 32.63
N HIS B 270 0.31 -25.04 32.40
CA HIS B 270 0.98 -25.85 31.39
C HIS B 270 2.03 -26.87 31.92
N ILE B 271 1.73 -28.17 31.80
CA ILE B 271 2.68 -29.22 32.24
C ILE B 271 3.66 -29.45 31.08
N ILE B 272 4.96 -29.41 31.40
CA ILE B 272 6.02 -29.47 30.40
C ILE B 272 7.34 -30.15 30.87
N ASP B 273 8.17 -30.66 29.95
CA ASP B 273 9.44 -31.29 30.32
C ASP B 273 10.48 -30.20 30.62
N GLY B 274 10.83 -30.11 31.89
CA GLY B 274 11.76 -29.06 32.28
C GLY B 274 13.19 -29.42 32.11
N ARG B 275 13.40 -30.67 31.72
CA ARG B 275 14.74 -31.14 31.51
C ARG B 275 15.24 -30.54 30.23
N VAL B 276 14.28 -30.18 29.38
CA VAL B 276 14.54 -29.56 28.09
C VAL B 276 15.21 -28.19 28.24
N PRO B 277 16.43 -28.06 27.70
CA PRO B 277 17.18 -26.80 27.77
C PRO B 277 16.27 -25.60 27.44
N ASN B 278 16.31 -24.57 28.30
CA ASN B 278 15.51 -23.36 28.13
C ASN B 278 14.03 -23.65 28.00
N ALA B 279 13.51 -24.57 28.80
CA ALA B 279 12.11 -24.93 28.67
C ALA B 279 11.23 -23.74 28.95
N VAL B 280 11.63 -23.01 29.97
CA VAL B 280 10.92 -21.83 30.41
C VAL B 280 10.89 -20.72 29.35
N LEU B 281 12.06 -20.20 29.01
CA LEU B 281 12.21 -19.14 28.00
C LEU B 281 11.45 -19.50 26.73
N LEU B 282 11.48 -20.77 26.38
CA LEU B 282 10.83 -21.24 25.20
C LEU B 282 9.31 -21.16 25.33
N GLU B 283 8.83 -21.47 26.53
CA GLU B 283 7.40 -21.44 26.79
C GLU B 283 6.79 -20.05 26.64
N ILE B 284 7.60 -19.03 26.97
CA ILE B 284 7.20 -17.63 26.94
C ILE B 284 7.47 -16.81 25.68
N PHE B 285 8.63 -17.01 25.05
CA PHE B 285 8.94 -16.28 23.83
C PHE B 285 8.31 -16.94 22.62
N THR B 286 7.55 -18.01 22.84
CA THR B 286 6.93 -18.78 21.76
C THR B 286 5.57 -19.34 22.17
N ASP B 287 4.95 -20.07 21.26
CA ASP B 287 3.71 -20.74 21.58
C ASP B 287 3.81 -22.08 20.90
N SER B 288 4.70 -22.91 21.45
CA SER B 288 4.92 -24.26 20.94
C SER B 288 3.75 -25.09 21.43
N GLY B 289 3.18 -25.91 20.56
CA GLY B 289 2.05 -26.74 20.96
C GLY B 289 2.58 -27.96 21.67
N VAL B 290 3.57 -27.75 22.52
CA VAL B 290 4.23 -28.82 23.25
C VAL B 290 3.73 -28.96 24.69
N GLY B 291 3.56 -30.20 25.16
CA GLY B 291 3.12 -30.48 26.52
C GLY B 291 1.63 -30.38 26.73
N THR B 292 1.15 -30.72 27.93
CA THR B 292 -0.29 -30.68 28.24
C THR B 292 -0.68 -29.32 28.77
N LEU B 293 -1.51 -28.58 28.01
CA LEU B 293 -1.99 -27.26 28.41
C LEU B 293 -3.45 -27.35 28.86
N ILE B 294 -3.81 -26.60 29.90
CA ILE B 294 -5.17 -26.59 30.45
C ILE B 294 -5.60 -25.17 30.70
N SER B 295 -6.47 -24.67 29.83
CA SER B 295 -6.97 -23.32 29.94
C SER B 295 -8.48 -23.28 29.86
N ASN B 296 -8.99 -22.07 30.12
CA ASN B 296 -10.40 -21.75 30.11
C ASN B 296 -10.48 -20.33 29.50
N ARG B 297 -9.28 -19.75 29.26
CA ARG B 297 -9.05 -18.40 28.70
C ARG B 297 -9.98 -17.84 27.63
N LYS B 298 -10.94 -17.02 28.07
CA LYS B 298 -11.92 -16.38 27.18
C LYS B 298 -11.54 -14.94 26.82
N ARG B 299 -11.43 -14.66 25.60
N THR C 1 9.55 -18.29 13.95
CA THR C 1 9.65 -19.27 15.08
C THR C 1 10.81 -18.90 16.01
N LEU C 2 11.15 -19.84 16.90
CA LEU C 2 12.27 -19.72 17.81
C LEU C 2 12.66 -21.16 18.13
N SER C 3 13.66 -21.65 17.41
CA SER C 3 14.15 -23.02 17.58
C SER C 3 14.84 -23.22 18.92
N ARG C 4 15.14 -24.48 19.29
CA ARG C 4 15.85 -24.69 20.53
C ARG C 4 17.16 -24.00 20.18
N ASP C 5 17.70 -24.40 19.04
CA ASP C 5 18.94 -23.89 18.49
C ASP C 5 19.09 -22.37 18.68
N ASP C 6 18.05 -21.64 18.32
CA ASP C 6 18.07 -20.19 18.42
C ASP C 6 17.71 -19.55 19.76
N ALA C 7 17.29 -20.35 20.72
CA ALA C 7 16.99 -19.80 22.04
C ALA C 7 18.22 -20.07 22.89
N ALA C 8 18.98 -21.10 22.49
CA ALA C 8 20.20 -21.46 23.19
C ALA C 8 21.12 -20.25 23.12
N GLN C 9 20.97 -19.51 22.02
CA GLN C 9 21.73 -18.30 21.71
C GLN C 9 21.23 -17.15 22.60
N VAL C 10 19.94 -16.84 22.47
CA VAL C 10 19.30 -15.78 23.25
C VAL C 10 19.68 -15.82 24.71
N ALA C 11 19.59 -17.03 25.27
CA ALA C 11 19.89 -17.30 26.67
C ALA C 11 21.29 -16.80 27.03
N LYS C 12 22.29 -17.52 26.54
CA LYS C 12 23.68 -17.20 26.80
C LYS C 12 24.06 -15.75 26.50
N VAL C 13 23.29 -15.12 25.62
CA VAL C 13 23.62 -13.76 25.22
C VAL C 13 22.82 -12.61 25.85
N LEU C 14 21.55 -12.82 26.14
CA LEU C 14 20.76 -11.76 26.77
C LEU C 14 21.29 -11.66 28.18
N SER C 15 21.71 -12.82 28.69
CA SER C 15 22.28 -12.99 30.02
C SER C 15 23.52 -12.10 30.15
N GLU C 16 24.60 -12.50 29.50
CA GLU C 16 25.85 -11.74 29.52
C GLU C 16 25.60 -10.25 29.24
N ALA C 17 24.45 -9.97 28.63
CA ALA C 17 24.04 -8.61 28.27
C ALA C 17 23.03 -8.06 29.26
N LEU C 18 22.57 -8.90 30.18
CA LEU C 18 21.62 -8.44 31.16
C LEU C 18 22.26 -7.29 31.94
N PRO C 19 23.59 -7.35 32.18
CA PRO C 19 24.20 -6.24 32.90
C PRO C 19 24.00 -4.95 32.09
N TYR C 20 24.42 -4.96 30.82
CA TYR C 20 24.29 -3.81 29.93
C TYR C 20 22.88 -3.26 29.95
N ILE C 21 21.92 -4.10 29.57
CA ILE C 21 20.53 -3.70 29.57
C ILE C 21 20.22 -2.99 30.89
N ARG C 22 20.32 -3.77 31.97
CA ARG C 22 20.05 -3.27 33.31
C ARG C 22 20.65 -1.90 33.65
N ARG C 23 21.75 -1.52 32.99
CA ARG C 23 22.39 -0.26 33.29
C ARG C 23 21.62 0.97 32.82
N PHE C 24 20.51 0.75 32.13
CA PHE C 24 19.68 1.85 31.64
C PHE C 24 18.28 1.80 32.23
N VAL C 25 17.99 0.72 32.95
CA VAL C 25 16.70 0.59 33.62
C VAL C 25 16.75 1.75 34.57
N GLY C 26 15.85 2.70 34.40
CA GLY C 26 15.89 3.83 35.28
C GLY C 26 15.80 5.15 34.54
N LYS C 27 16.65 5.38 33.56
CA LYS C 27 16.53 6.65 32.89
C LYS C 27 16.03 6.63 31.47
N THR C 28 15.99 7.84 30.97
CA THR C 28 15.49 8.23 29.68
C THR C 28 16.55 8.23 28.56
N LEU C 29 16.19 7.69 27.40
CA LEU C 29 17.06 7.80 26.26
C LEU C 29 16.22 8.52 25.22
N VAL C 30 16.69 9.69 24.76
CA VAL C 30 15.97 10.45 23.74
C VAL C 30 16.44 9.99 22.36
N ILE C 31 15.53 9.50 21.55
CA ILE C 31 15.87 9.01 20.21
C ILE C 31 15.28 9.85 19.08
N LYS C 32 16.14 10.18 18.11
CA LYS C 32 15.71 10.93 16.96
C LYS C 32 15.63 9.97 15.82
N TYR C 33 14.40 9.67 15.43
CA TYR C 33 14.17 8.77 14.32
C TYR C 33 13.53 9.77 13.35
N GLY C 34 13.41 9.34 12.09
CA GLY C 34 12.83 10.27 11.18
C GLY C 34 14.07 10.51 10.32
N GLY C 35 13.83 10.47 9.00
CA GLY C 35 14.91 10.67 8.07
C GLY C 35 14.34 10.47 6.69
N ASN C 36 15.19 10.08 5.75
CA ASN C 36 14.79 9.89 4.34
C ASN C 36 14.57 8.43 4.01
N ALA C 37 15.61 7.63 4.27
CA ALA C 37 15.51 6.23 3.97
C ALA C 37 14.58 5.55 4.94
N MET C 38 14.81 5.87 6.21
CA MET C 38 14.07 5.31 7.30
C MET C 38 12.63 5.75 7.38
N GLU C 39 12.14 6.36 6.32
CA GLU C 39 10.75 6.72 6.29
C GLU C 39 9.96 5.56 5.70
N SER C 40 10.65 4.51 5.29
CA SER C 40 9.99 3.35 4.70
C SER C 40 9.09 2.72 5.74
N GLU C 41 7.97 2.14 5.32
CA GLU C 41 7.09 1.53 6.32
C GLU C 41 7.78 0.39 7.09
N GLU C 42 8.62 -0.41 6.43
CA GLU C 42 9.31 -1.50 7.10
C GLU C 42 10.18 -0.98 8.23
N LEU C 43 11.08 -0.04 7.93
CA LEU C 43 11.96 0.51 8.96
C LEU C 43 11.27 1.16 10.16
N LYS C 44 10.16 1.83 9.92
CA LYS C 44 9.43 2.46 11.01
C LYS C 44 8.80 1.41 11.95
N ALA C 45 8.16 0.38 11.39
CA ALA C 45 7.57 -0.65 12.23
C ALA C 45 8.65 -1.19 13.14
N GLY C 46 9.69 -1.78 12.58
CA GLY C 46 10.74 -2.33 13.41
C GLY C 46 11.12 -1.41 14.53
N PHE C 47 11.26 -0.12 14.23
CA PHE C 47 11.64 0.90 15.21
C PHE C 47 10.57 1.03 16.27
N ALA C 48 9.31 1.07 15.81
CA ALA C 48 8.18 1.20 16.72
C ALA C 48 8.28 0.06 17.72
N ARG C 49 8.47 -1.15 17.22
CA ARG C 49 8.57 -2.30 18.09
C ARG C 49 9.85 -2.29 18.92
N ASP C 50 10.93 -1.77 18.38
CA ASP C 50 12.17 -1.71 19.16
C ASP C 50 11.94 -0.87 20.40
N VAL C 51 11.24 0.23 20.19
CA VAL C 51 10.95 1.18 21.25
C VAL C 51 10.08 0.58 22.33
N VAL C 52 9.16 -0.31 21.93
CA VAL C 52 8.29 -0.96 22.88
C VAL C 52 9.11 -1.93 23.75
N LEU C 53 10.02 -2.66 23.11
CA LEU C 53 10.88 -3.58 23.82
C LEU C 53 11.64 -2.78 24.88
N MET C 54 12.33 -1.75 24.44
CA MET C 54 13.06 -0.91 25.37
C MET C 54 12.16 -0.58 26.56
N LYS C 55 10.91 -0.27 26.29
CA LYS C 55 9.98 0.07 27.36
C LYS C 55 9.80 -1.18 28.26
N ALA C 56 9.54 -2.33 27.65
CA ALA C 56 9.34 -3.58 28.40
C ALA C 56 10.50 -3.91 29.34
N VAL C 57 11.70 -3.68 28.83
CA VAL C 57 12.91 -3.95 29.53
C VAL C 57 13.28 -2.86 30.57
N GLY C 58 12.33 -1.97 30.87
CA GLY C 58 12.61 -0.96 31.88
C GLY C 58 13.30 0.34 31.48
N ILE C 59 13.35 0.61 30.17
CA ILE C 59 13.97 1.83 29.66
C ILE C 59 12.85 2.79 29.27
N ASN C 60 12.97 4.08 29.60
CA ASN C 60 11.95 5.06 29.23
C ASN C 60 12.39 5.85 27.99
N PRO C 61 11.90 5.45 26.80
CA PRO C 61 12.24 6.10 25.54
C PRO C 61 11.44 7.34 25.24
N VAL C 62 12.11 8.31 24.64
CA VAL C 62 11.46 9.56 24.28
C VAL C 62 11.83 9.81 22.83
N VAL C 63 10.86 9.71 21.94
CA VAL C 63 11.12 9.89 20.52
C VAL C 63 10.91 11.31 19.96
N VAL C 64 11.87 11.73 19.14
CA VAL C 64 11.81 13.00 18.42
C VAL C 64 11.95 12.54 16.97
N HIS C 65 10.99 12.87 16.12
CA HIS C 65 11.05 12.42 14.76
C HIS C 65 11.14 13.59 13.80
N GLY C 66 11.72 13.36 12.64
CA GLY C 66 11.79 14.42 11.67
C GLY C 66 11.20 13.89 10.38
N GLY C 67 11.91 14.23 9.32
CA GLY C 67 11.62 13.77 7.97
C GLY C 67 10.26 13.66 7.34
N GLY C 68 10.27 13.00 6.18
CA GLY C 68 9.07 12.79 5.41
C GLY C 68 9.06 13.48 4.05
N PRO C 69 8.74 12.74 2.98
CA PRO C 69 8.71 13.40 1.68
C PRO C 69 7.25 13.72 1.42
N GLN C 70 6.41 13.45 2.42
CA GLN C 70 5.00 13.75 2.29
C GLN C 70 4.71 15.20 2.66
N ILE C 71 5.78 15.93 2.95
CA ILE C 71 5.66 17.36 3.23
C ILE C 71 5.71 18.04 1.85
N GLY C 72 6.68 17.63 1.03
CA GLY C 72 6.82 18.18 -0.30
C GLY C 72 5.67 17.77 -1.19
N ASP C 73 5.20 16.56 -0.96
CA ASP C 73 4.11 16.07 -1.74
C ASP C 73 2.91 16.99 -1.55
N LEU C 74 2.61 17.31 -0.30
CA LEU C 74 1.45 18.16 -0.02
C LEU C 74 1.62 19.62 -0.49
N LEU C 75 2.85 20.16 -0.39
CA LEU C 75 3.09 21.53 -0.90
C LEU C 75 2.78 21.57 -2.40
N LYS C 76 3.27 20.58 -3.15
CA LYS C 76 3.00 20.53 -4.58
C LYS C 76 1.49 20.38 -4.83
N ARG C 77 0.86 19.37 -4.24
CA ARG C 77 -0.57 19.14 -4.46
C ARG C 77 -1.40 20.37 -4.16
N LEU C 78 -0.87 21.21 -3.28
CA LEU C 78 -1.57 22.42 -2.86
C LEU C 78 -1.12 23.63 -3.65
N SER C 79 -0.18 23.39 -4.56
CA SER C 79 0.36 24.44 -5.40
C SER C 79 0.83 25.62 -4.57
N ILE C 80 1.47 25.32 -3.45
CA ILE C 80 1.98 26.35 -2.55
C ILE C 80 3.21 26.86 -3.29
N GLU C 81 3.26 28.18 -3.51
CA GLU C 81 4.38 28.88 -4.18
C GLU C 81 5.73 28.56 -3.55
N SER C 82 6.65 28.02 -4.33
CA SER C 82 7.94 27.67 -3.77
C SER C 82 8.95 28.79 -4.02
N HIS C 83 9.77 29.09 -3.02
CA HIS C 83 10.77 30.13 -3.16
C HIS C 83 12.05 29.66 -2.50
N PHE C 84 13.18 29.88 -3.16
CA PHE C 84 14.44 29.48 -2.56
C PHE C 84 15.40 30.65 -2.45
N ILE C 85 16.32 30.53 -1.50
CA ILE C 85 17.36 31.54 -1.27
C ILE C 85 18.61 30.84 -0.78
N ASP C 86 19.67 30.90 -1.57
CA ASP C 86 20.93 30.25 -1.22
C ASP C 86 20.69 28.74 -1.16
N GLY C 87 19.79 28.26 -2.02
CA GLY C 87 19.50 26.84 -2.08
C GLY C 87 18.69 26.25 -0.94
N MET C 88 18.00 27.09 -0.18
CA MET C 88 17.20 26.61 0.92
C MET C 88 15.79 27.09 0.65
N ARG C 89 14.82 26.29 1.06
CA ARG C 89 13.43 26.68 0.86
C ARG C 89 13.05 27.71 1.91
N VAL C 90 12.52 28.82 1.44
CA VAL C 90 12.08 29.84 2.34
C VAL C 90 10.78 29.27 2.89
N THR C 91 10.74 29.11 4.21
CA THR C 91 9.58 28.60 4.89
C THR C 91 8.67 29.76 5.30
N ASP C 92 7.84 30.23 4.39
CA ASP C 92 6.92 31.32 4.71
C ASP C 92 5.71 30.79 5.48
N ALA C 93 4.72 31.64 5.70
CA ALA C 93 3.53 31.26 6.45
C ALA C 93 2.73 30.10 5.86
N ALA C 94 2.53 30.12 4.55
CA ALA C 94 1.77 29.08 3.89
C ALA C 94 2.52 27.75 3.94
N THR C 95 3.83 27.80 3.79
CA THR C 95 4.61 26.59 3.83
C THR C 95 4.63 26.08 5.27
N MET C 96 4.93 26.95 6.21
CA MET C 96 4.96 26.54 7.62
C MET C 96 3.63 25.92 8.09
N ASP C 97 2.51 26.42 7.61
CA ASP C 97 1.25 25.87 8.04
C ASP C 97 1.06 24.43 7.56
N VAL C 98 1.62 24.11 6.42
CA VAL C 98 1.52 22.77 5.86
C VAL C 98 2.56 21.89 6.57
N VAL C 99 3.75 22.43 6.78
CA VAL C 99 4.79 21.68 7.44
C VAL C 99 4.29 21.25 8.79
N GLU C 100 3.61 22.16 9.47
CA GLU C 100 3.09 21.88 10.80
C GLU C 100 1.97 20.84 10.77
N MET C 101 1.03 21.01 9.85
CA MET C 101 -0.08 20.09 9.73
C MET C 101 0.43 18.66 9.43
N VAL C 102 1.45 18.54 8.59
CA VAL C 102 1.97 17.25 8.18
C VAL C 102 2.81 16.56 9.27
N LEU C 103 3.81 17.27 9.77
CA LEU C 103 4.64 16.71 10.82
C LEU C 103 3.83 16.40 12.05
N GLY C 104 2.94 17.31 12.43
CA GLY C 104 2.14 17.11 13.62
C GLY C 104 0.85 16.32 13.46
N GLY C 105 0.19 16.41 12.32
CA GLY C 105 -1.05 15.70 12.17
C GLY C 105 -1.00 14.37 11.43
N GLN C 106 0.11 14.08 10.77
CA GLN C 106 0.26 12.83 10.03
C GLN C 106 1.50 12.00 10.40
N VAL C 107 2.70 12.53 10.21
CA VAL C 107 3.90 11.77 10.53
C VAL C 107 3.89 11.42 12.01
N ASN C 108 3.83 12.46 12.84
CA ASN C 108 3.84 12.32 14.29
C ASN C 108 2.91 11.20 14.71
N LYS C 109 1.64 11.31 14.35
CA LYS C 109 0.64 10.35 14.76
C LYS C 109 0.74 8.98 14.15
N ASP C 110 1.52 8.85 13.08
CA ASP C 110 1.64 7.55 12.43
C ASP C 110 2.63 6.77 13.27
N ILE C 111 3.69 7.41 13.69
CA ILE C 111 4.68 6.78 14.53
C ILE C 111 3.96 6.36 15.82
N VAL C 112 3.17 7.26 16.37
CA VAL C 112 2.41 7.01 17.59
C VAL C 112 1.52 5.78 17.42
N ASN C 113 0.93 5.62 16.24
CA ASN C 113 0.07 4.48 16.03
C ASN C 113 0.83 3.17 15.93
N LEU C 114 2.06 3.19 15.40
CA LEU C 114 2.85 1.99 15.25
C LEU C 114 3.31 1.53 16.61
N ILE C 115 3.76 2.50 17.41
CA ILE C 115 4.22 2.17 18.74
C ILE C 115 3.09 1.50 19.51
N ASN C 116 1.87 2.07 19.42
CA ASN C 116 0.72 1.49 20.10
C ASN C 116 0.36 0.14 19.49
N ARG C 117 0.66 -0.03 18.22
CA ARG C 117 0.32 -1.27 17.55
C ARG C 117 1.08 -2.47 18.13
N HIS C 118 2.28 -2.21 18.62
CA HIS C 118 3.14 -3.24 19.16
C HIS C 118 3.15 -3.25 20.67
N GLY C 119 2.20 -2.55 21.30
CA GLY C 119 2.13 -2.56 22.76
C GLY C 119 2.54 -1.37 23.60
N GLY C 120 3.08 -0.32 22.99
CA GLY C 120 3.48 0.83 23.78
C GLY C 120 2.29 1.76 23.95
N SER C 121 2.48 2.84 24.69
CA SER C 121 1.42 3.83 24.86
C SER C 121 2.03 5.17 24.47
N ALA C 122 1.92 5.51 23.19
CA ALA C 122 2.52 6.73 22.68
C ALA C 122 1.65 7.97 22.68
N ILE C 123 2.26 9.11 22.94
CA ILE C 123 1.54 10.38 22.95
C ILE C 123 2.20 11.29 21.92
N GLY C 124 1.43 11.72 20.93
CA GLY C 124 1.97 12.59 19.89
C GLY C 124 1.83 14.05 20.24
N LEU C 125 2.97 14.73 20.28
CA LEU C 125 3.03 16.15 20.63
C LEU C 125 3.92 16.98 19.70
N THR C 126 3.75 18.29 19.74
CA THR C 126 4.58 19.18 18.98
C THR C 126 4.90 20.29 19.97
N GLY C 127 5.72 21.25 19.59
CA GLY C 127 6.11 22.30 20.50
C GLY C 127 4.97 23.17 20.97
N LYS C 128 3.81 23.02 20.35
CA LYS C 128 2.64 23.81 20.73
C LYS C 128 1.98 23.29 22.00
N ASP C 129 2.03 21.98 22.19
CA ASP C 129 1.42 21.32 23.37
C ASP C 129 2.09 21.79 24.66
N ALA C 130 1.36 22.59 25.43
CA ALA C 130 1.83 23.13 26.70
C ALA C 130 3.14 23.88 26.48
N GLU C 131 3.39 24.32 25.26
CA GLU C 131 4.65 25.01 24.95
C GLU C 131 5.82 24.07 25.23
N LEU C 132 5.64 22.81 24.84
CA LEU C 132 6.64 21.79 25.00
C LEU C 132 7.99 22.33 24.54
N ILE C 133 8.03 22.88 23.33
CA ILE C 133 9.28 23.45 22.79
C ILE C 133 9.16 24.92 22.42
N ARG C 134 9.65 25.78 23.29
CA ARG C 134 9.63 27.21 23.03
C ARG C 134 10.77 27.50 22.05
N ALA C 135 10.56 28.50 21.21
CA ALA C 135 11.54 28.83 20.20
C ALA C 135 11.58 30.29 19.79
N LYS C 136 12.61 30.63 19.01
CA LYS C 136 12.75 31.98 18.50
C LYS C 136 13.32 31.91 17.10
N LYS C 137 12.98 32.87 16.26
CA LYS C 137 13.52 32.91 14.88
C LYS C 137 15.01 32.69 14.87
N LEU C 138 15.49 31.85 13.97
CA LEU C 138 16.93 31.58 13.83
C LEU C 138 17.50 32.53 12.77
N THR C 139 18.51 33.31 13.14
CA THR C 139 19.16 34.24 12.21
C THR C 139 20.12 33.53 11.26
N VAL C 140 19.84 33.62 9.96
CA VAL C 140 20.66 33.00 8.94
C VAL C 140 21.33 34.05 8.04
N THR C 141 22.59 33.80 7.65
CA THR C 141 23.30 34.71 6.78
C THR C 141 23.78 33.97 5.53
N ARG C 142 23.73 34.65 4.39
CA ARG C 142 24.13 34.06 3.11
C ARG C 142 25.60 33.65 3.13
N GLN C 143 25.96 32.60 2.38
CA GLN C 143 27.35 32.15 2.33
C GLN C 143 28.14 33.21 1.57
N THR C 144 29.27 33.63 2.11
CA THR C 144 30.08 34.66 1.47
C THR C 144 31.55 34.31 1.65
N PRO C 145 32.47 35.20 1.17
CA PRO C 145 33.89 34.87 1.36
C PRO C 145 34.23 35.35 2.77
N GLU C 146 35.37 34.97 3.31
CA GLU C 146 35.72 35.40 4.67
C GLU C 146 35.66 36.92 4.85
N MET C 147 36.36 37.61 3.96
CA MET C 147 36.50 39.05 4.02
C MET C 147 35.30 39.92 3.72
N THR C 148 34.19 39.32 3.35
CA THR C 148 33.00 40.07 3.00
C THR C 148 31.92 40.16 4.09
N LYS C 149 31.37 41.37 4.26
CA LYS C 149 30.30 41.68 5.22
C LYS C 149 29.13 40.72 4.95
N PRO C 150 28.83 39.82 5.93
CA PRO C 150 27.75 38.84 5.83
C PRO C 150 26.43 39.49 5.58
N GLU C 151 25.51 38.72 5.00
CA GLU C 151 24.20 39.25 4.72
C GLU C 151 23.16 38.36 5.38
N ILE C 152 22.26 38.99 6.13
CA ILE C 152 21.21 38.24 6.78
C ILE C 152 20.17 38.00 5.72
N ILE C 153 19.79 36.73 5.54
CA ILE C 153 18.74 36.38 4.59
C ILE C 153 17.60 35.81 5.37
N ASP C 154 16.39 36.23 5.08
CA ASP C 154 15.23 35.71 5.79
C ASP C 154 14.72 34.46 5.10
N ILE C 155 15.01 33.31 5.70
CA ILE C 155 14.54 32.04 5.14
C ILE C 155 13.21 31.61 5.71
N GLY C 156 12.57 32.49 6.48
CA GLY C 156 11.27 32.15 7.02
C GLY C 156 11.20 31.62 8.44
N HIS C 157 10.11 30.90 8.71
CA HIS C 157 9.85 30.32 10.02
C HIS C 157 10.78 29.17 10.38
N VAL C 158 12.06 29.46 10.57
CA VAL C 158 13.01 28.45 10.97
C VAL C 158 13.42 28.96 12.34
N GLY C 159 13.51 28.09 13.33
CA GLY C 159 13.84 28.61 14.64
C GLY C 159 14.91 27.88 15.39
N GLU C 160 15.04 28.25 16.66
CA GLU C 160 15.99 27.61 17.53
C GLU C 160 15.35 27.52 18.90
N VAL C 161 15.53 26.35 19.51
CA VAL C 161 14.95 26.04 20.79
C VAL C 161 15.47 26.92 21.90
N THR C 162 14.55 27.61 22.57
CA THR C 162 14.90 28.46 23.71
C THR C 162 14.52 27.80 25.04
N GLY C 163 13.72 26.72 24.97
CA GLY C 163 13.33 26.03 26.20
C GLY C 163 12.49 24.80 26.00
N VAL C 164 12.43 23.94 27.03
CA VAL C 164 11.62 22.72 26.99
C VAL C 164 10.74 22.52 28.24
N ASN C 165 9.52 22.05 28.05
CA ASN C 165 8.62 21.83 29.17
C ASN C 165 8.89 20.42 29.73
N VAL C 166 9.93 20.27 30.56
CA VAL C 166 10.23 18.97 31.17
C VAL C 166 9.16 18.45 32.11
N GLY C 167 8.37 19.35 32.69
CA GLY C 167 7.31 18.91 33.58
C GLY C 167 6.38 17.98 32.84
N LEU C 168 5.99 18.43 31.65
CA LEU C 168 5.11 17.65 30.81
C LEU C 168 5.74 16.32 30.46
N LEU C 169 6.99 16.34 30.03
CA LEU C 169 7.66 15.12 29.64
C LEU C 169 7.89 14.20 30.82
N ASN C 170 8.11 14.79 32.01
CA ASN C 170 8.36 14.00 33.21
C ASN C 170 7.06 13.37 33.61
N MET C 171 5.99 14.12 33.51
CA MET C 171 4.71 13.53 33.85
C MET C 171 4.47 12.31 32.94
N LEU C 172 4.42 12.53 31.63
CA LEU C 172 4.17 11.45 30.71
C LEU C 172 5.05 10.24 30.95
N VAL C 173 6.36 10.44 31.04
CA VAL C 173 7.26 9.32 31.26
C VAL C 173 6.87 8.54 32.52
N LYS C 174 6.66 9.26 33.61
CA LYS C 174 6.29 8.63 34.88
C LYS C 174 4.98 7.87 34.81
N GLY C 175 4.15 8.17 33.83
CA GLY C 175 2.89 7.48 33.70
C GLY C 175 2.96 6.33 32.72
N ASP C 176 4.21 5.99 32.31
CA ASP C 176 4.51 4.92 31.35
C ASP C 176 4.03 5.20 29.93
N PHE C 177 4.17 6.45 29.49
CA PHE C 177 3.82 6.85 28.15
C PHE C 177 5.13 7.16 27.42
N ILE C 178 5.13 6.93 26.12
CA ILE C 178 6.31 7.20 25.32
C ILE C 178 6.01 8.46 24.55
N PRO C 179 6.67 9.61 24.93
CA PRO C 179 6.39 10.84 24.20
C PRO C 179 6.96 10.73 22.78
N VAL C 180 6.20 11.20 21.81
CA VAL C 180 6.60 11.20 20.40
C VAL C 180 6.48 12.67 19.95
N ILE C 181 7.62 13.35 19.85
CA ILE C 181 7.68 14.80 19.57
C ILE C 181 7.98 15.23 18.16
N ALA C 182 7.16 16.13 17.62
CA ALA C 182 7.36 16.70 16.28
C ALA C 182 8.30 17.92 16.43
N PRO C 183 9.28 18.07 15.55
CA PRO C 183 10.21 19.20 15.65
C PRO C 183 9.66 20.58 15.25
N ILE C 184 8.64 21.04 15.98
CA ILE C 184 8.00 22.31 15.73
C ILE C 184 7.98 23.14 16.99
N GLY C 185 8.58 24.34 17.00
CA GLY C 185 8.61 25.16 18.21
C GLY C 185 7.60 26.28 18.15
N VAL C 186 7.35 26.92 19.29
CA VAL C 186 6.42 28.05 19.39
C VAL C 186 7.22 29.27 19.91
N GLY C 187 6.84 30.46 19.46
CA GLY C 187 7.56 31.64 19.91
C GLY C 187 6.66 32.42 20.84
N SER C 188 7.24 33.46 21.43
CA SER C 188 6.54 34.34 22.34
C SER C 188 5.16 34.75 21.80
N ASN C 189 5.03 34.91 20.50
CA ASN C 189 3.77 35.34 19.92
C ASN C 189 2.89 34.23 19.42
N GLY C 190 3.24 33.00 19.77
CA GLY C 190 2.45 31.86 19.35
C GLY C 190 2.64 31.48 17.90
N GLU C 191 3.65 32.05 17.25
CA GLU C 191 3.91 31.72 15.86
C GLU C 191 4.70 30.39 15.81
N SER C 192 4.56 29.62 14.74
CA SER C 192 5.28 28.37 14.69
C SER C 192 6.67 28.51 14.10
N TYR C 193 7.49 27.48 14.28
CA TYR C 193 8.86 27.42 13.77
C TYR C 193 9.22 25.98 13.44
N ASN C 194 10.00 25.79 12.37
CA ASN C 194 10.41 24.45 12.00
C ASN C 194 11.87 24.38 12.41
N ILE C 195 12.17 23.45 13.33
CA ILE C 195 13.53 23.26 13.84
C ILE C 195 14.09 21.93 13.41
N ASN C 196 15.39 21.89 13.21
CA ASN C 196 16.09 20.68 12.82
C ASN C 196 15.76 19.65 13.92
N ALA C 197 15.23 18.51 13.52
CA ALA C 197 14.89 17.47 14.48
C ALA C 197 16.09 17.01 15.36
N ASP C 198 17.30 17.06 14.82
CA ASP C 198 18.43 16.67 15.64
C ASP C 198 18.61 17.62 16.81
N LEU C 199 18.53 18.92 16.53
CA LEU C 199 18.77 19.92 17.57
C LEU C 199 17.70 19.87 18.61
N VAL C 200 16.45 19.62 18.19
CA VAL C 200 15.34 19.52 19.11
C VAL C 200 15.61 18.30 19.98
N ALA C 201 15.88 17.17 19.33
CA ALA C 201 16.16 15.95 20.06
C ALA C 201 17.22 16.21 21.09
N GLY C 202 18.25 16.98 20.71
CA GLY C 202 19.33 17.25 21.63
C GLY C 202 18.95 18.14 22.79
N LYS C 203 18.06 19.11 22.56
CA LYS C 203 17.65 20.02 23.63
C LYS C 203 16.77 19.27 24.63
N VAL C 204 15.99 18.34 24.10
CA VAL C 204 15.11 17.53 24.93
C VAL C 204 15.90 16.58 25.80
N ALA C 205 17.01 16.08 25.30
CA ALA C 205 17.81 15.18 26.10
C ALA C 205 18.48 15.98 27.21
N GLU C 206 18.98 17.18 26.90
CA GLU C 206 19.65 18.02 27.90
C GLU C 206 18.67 18.40 29.01
N ALA C 207 17.48 18.84 28.61
CA ALA C 207 16.43 19.23 29.54
C ALA C 207 16.12 18.11 30.51
N LEU C 208 16.13 16.87 30.03
CA LEU C 208 15.83 15.73 30.87
C LEU C 208 17.07 15.09 31.47
N LYS C 209 18.24 15.65 31.18
CA LYS C 209 19.50 15.07 31.64
C LYS C 209 19.45 13.59 31.24
N ALA C 210 19.08 13.30 30.00
CA ALA C 210 18.99 11.90 29.59
C ALA C 210 20.30 11.14 29.72
N GLU C 211 20.19 9.82 29.72
CA GLU C 211 21.33 8.90 29.81
C GLU C 211 22.01 8.91 28.46
N LYS C 212 21.20 8.72 27.42
CA LYS C 212 21.68 8.71 26.06
C LYS C 212 20.83 9.55 25.10
N LEU C 213 21.50 10.08 24.09
CA LEU C 213 20.85 10.84 23.03
C LEU C 213 21.26 10.03 21.80
N MET C 214 20.29 9.47 21.09
CA MET C 214 20.63 8.69 19.91
C MET C 214 20.12 9.39 18.68
N LEU C 215 21.06 9.70 17.81
CA LEU C 215 20.74 10.36 16.57
C LEU C 215 20.90 9.34 15.46
N LEU C 216 19.78 8.81 15.01
CA LEU C 216 19.84 7.84 13.94
C LEU C 216 20.02 8.65 12.68
N THR C 217 20.84 8.13 11.77
CA THR C 217 21.12 8.81 10.54
C THR C 217 21.11 7.77 9.44
N ASN C 218 21.49 8.13 8.22
CA ASN C 218 21.49 7.14 7.15
C ASN C 218 22.88 6.88 6.60
N ILE C 219 23.87 6.74 7.47
CA ILE C 219 25.21 6.53 6.98
C ILE C 219 26.06 5.57 7.82
N ALA C 220 25.49 4.99 8.86
CA ALA C 220 26.26 4.05 9.69
C ALA C 220 27.51 4.63 10.32
N GLY C 221 27.33 5.69 11.12
CA GLY C 221 28.44 6.33 11.81
C GLY C 221 29.08 7.51 11.13
N LEU C 222 29.80 8.34 11.89
CA LEU C 222 30.52 9.48 11.33
C LEU C 222 31.82 8.92 10.79
N MET C 223 31.93 8.88 9.46
CA MET C 223 33.10 8.35 8.79
C MET C 223 34.25 9.37 8.69
N ASP C 224 35.49 8.86 8.61
CA ASP C 224 36.65 9.74 8.43
C ASP C 224 36.73 9.74 6.90
N LYS C 225 37.39 10.72 6.29
CA LYS C 225 37.41 10.79 4.81
C LYS C 225 37.84 9.55 4.05
N GLN C 226 38.11 8.45 4.73
CA GLN C 226 38.53 7.27 3.99
C GLN C 226 37.49 6.14 4.06
N GLY C 227 36.41 6.39 4.80
CA GLY C 227 35.32 5.42 4.94
C GLY C 227 35.16 4.70 6.29
N GLN C 228 35.88 5.15 7.31
CA GLN C 228 35.84 4.50 8.61
C GLN C 228 35.07 5.22 9.71
N VAL C 229 34.18 4.48 10.34
CA VAL C 229 33.38 4.99 11.44
C VAL C 229 34.30 5.34 12.60
N LEU C 230 34.18 6.57 13.11
CA LEU C 230 35.00 7.02 14.22
C LEU C 230 34.20 7.00 15.52
N THR C 231 34.90 6.97 16.65
CA THR C 231 34.22 6.90 17.96
C THR C 231 34.93 7.64 19.09
N GLY C 232 34.27 7.67 20.24
CA GLY C 232 34.82 8.34 21.40
C GLY C 232 35.62 9.59 21.08
N LEU C 233 35.00 10.51 20.36
CA LEU C 233 35.68 11.74 19.99
C LEU C 233 35.55 12.79 21.08
N SER C 234 36.47 13.74 21.07
CA SER C 234 36.46 14.83 22.02
C SER C 234 36.30 16.08 21.17
N THR C 235 36.00 17.21 21.81
CA THR C 235 35.82 18.44 21.07
C THR C 235 37.02 18.84 20.18
N GLU C 236 38.24 18.56 20.61
CA GLU C 236 39.40 18.92 19.78
C GLU C 236 39.40 18.11 18.48
N GLN C 237 39.10 16.82 18.58
CA GLN C 237 39.09 15.94 17.41
C GLN C 237 37.99 16.28 16.42
N VAL C 238 36.88 16.80 16.94
CA VAL C 238 35.75 17.18 16.10
C VAL C 238 36.06 18.52 15.46
N ASN C 239 36.69 19.41 16.23
CA ASN C 239 37.02 20.72 15.73
C ASN C 239 38.01 20.70 14.58
N GLU C 240 38.87 19.69 14.57
CA GLU C 240 39.86 19.59 13.52
C GLU C 240 39.39 18.69 12.38
N LEU C 241 38.41 17.84 12.64
CA LEU C 241 37.86 16.99 11.60
C LEU C 241 37.01 17.89 10.71
N ILE C 242 36.43 18.93 11.32
CA ILE C 242 35.65 19.88 10.54
C ILE C 242 36.62 20.82 9.83
N ALA C 243 37.61 21.33 10.58
CA ALA C 243 38.59 22.26 10.02
C ALA C 243 39.20 21.77 8.72
N ASP C 244 39.44 20.47 8.62
CA ASP C 244 40.05 19.91 7.42
C ASP C 244 39.11 19.30 6.38
N GLY C 245 37.80 19.51 6.54
CA GLY C 245 36.85 19.00 5.57
C GLY C 245 36.09 17.69 5.74
N THR C 246 36.60 16.76 6.54
CA THR C 246 35.90 15.47 6.71
C THR C 246 34.48 15.56 7.30
N ILE C 247 34.24 16.48 8.22
CA ILE C 247 32.90 16.61 8.75
C ILE C 247 32.24 17.76 8.02
N TYR C 248 31.16 17.49 7.29
CA TYR C 248 30.48 18.54 6.53
C TYR C 248 29.00 18.29 6.30
N GLY C 249 28.37 19.20 5.58
CA GLY C 249 26.96 19.03 5.28
C GLY C 249 26.07 18.98 6.50
N GLY C 250 25.25 17.96 6.59
CA GLY C 250 24.35 17.86 7.72
C GLY C 250 24.96 17.10 8.88
N MET C 251 26.17 16.58 8.70
CA MET C 251 26.81 15.87 9.77
C MET C 251 27.36 16.89 10.72
N LEU C 252 27.32 18.15 10.30
CA LEU C 252 27.85 19.18 11.15
C LEU C 252 26.96 19.48 12.34
N PRO C 253 25.68 19.85 12.11
CA PRO C 253 24.80 20.14 13.25
C PRO C 253 24.64 18.95 14.19
N LYS C 254 24.80 17.75 13.65
CA LYS C 254 24.65 16.52 14.41
C LYS C 254 25.70 16.36 15.52
N ILE C 255 26.97 16.63 15.22
CA ILE C 255 28.00 16.50 16.24
C ILE C 255 27.95 17.72 17.14
N ARG C 256 27.62 18.85 16.55
CA ARG C 256 27.53 20.07 17.35
C ARG C 256 26.52 19.73 18.44
N CYS C 257 25.51 18.96 18.05
CA CYS C 257 24.43 18.48 18.94
C CYS C 257 25.03 17.61 20.03
N ALA C 258 25.51 16.44 19.60
CA ALA C 258 26.10 15.48 20.49
C ALA C 258 26.97 16.20 21.49
N LEU C 259 27.91 16.97 20.99
CA LEU C 259 28.81 17.73 21.83
C LEU C 259 28.03 18.58 22.81
N GLU C 260 27.16 19.44 22.30
CA GLU C 260 26.39 20.26 23.20
C GLU C 260 25.66 19.39 24.20
N ALA C 261 24.96 18.39 23.66
CA ALA C 261 24.17 17.47 24.44
C ALA C 261 24.93 16.93 25.64
N VAL C 262 26.12 16.44 25.37
CA VAL C 262 27.00 15.87 26.38
C VAL C 262 27.60 16.91 27.33
N GLN C 263 27.83 18.11 26.81
CA GLN C 263 28.37 19.19 27.62
C GLN C 263 27.24 19.70 28.52
N GLY C 264 26.00 19.35 28.15
CA GLY C 264 24.86 19.80 28.92
C GLY C 264 24.10 18.80 29.77
N GLY C 265 24.71 17.66 30.07
CA GLY C 265 24.03 16.69 30.92
C GLY C 265 23.74 15.31 30.38
N VAL C 266 23.75 15.12 29.07
CA VAL C 266 23.48 13.77 28.58
C VAL C 266 24.77 13.01 28.77
N THR C 267 24.67 11.78 29.26
CA THR C 267 25.87 11.01 29.53
C THR C 267 26.58 10.53 28.27
N SER C 268 25.82 10.16 27.26
CA SER C 268 26.43 9.72 26.02
C SER C 268 25.51 9.94 24.81
N ALA C 269 26.10 10.38 23.70
CA ALA C 269 25.33 10.61 22.49
C ALA C 269 25.84 9.60 21.47
N HIS C 270 24.94 8.85 20.83
CA HIS C 270 25.34 7.86 19.82
C HIS C 270 24.82 8.28 18.43
N ILE C 271 25.70 8.34 17.43
CA ILE C 271 25.27 8.68 16.07
C ILE C 271 25.33 7.40 15.27
N ILE C 272 24.17 6.81 15.01
CA ILE C 272 24.11 5.52 14.34
C ILE C 272 23.26 5.43 13.08
N ASP C 273 23.47 4.35 12.32
CA ASP C 273 22.74 4.07 11.07
C ASP C 273 21.35 3.58 11.46
N GLY C 274 20.37 4.43 11.23
CA GLY C 274 19.01 4.06 11.57
C GLY C 274 18.40 3.11 10.57
N ARG C 275 19.15 2.79 9.54
CA ARG C 275 18.63 1.91 8.53
C ARG C 275 18.83 0.46 8.91
N VAL C 276 19.80 0.22 9.79
CA VAL C 276 20.10 -1.11 10.27
C VAL C 276 18.94 -1.59 11.13
N PRO C 277 18.44 -2.80 10.87
CA PRO C 277 17.32 -3.36 11.66
C PRO C 277 17.72 -3.50 13.13
N ASN C 278 16.82 -3.12 14.04
CA ASN C 278 17.10 -3.20 15.47
C ASN C 278 18.24 -2.29 15.88
N ALA C 279 18.56 -1.36 14.99
CA ALA C 279 19.65 -0.40 15.21
C ALA C 279 19.73 0.13 16.63
N VAL C 280 18.62 0.61 17.17
CA VAL C 280 18.66 1.17 18.50
C VAL C 280 18.87 0.14 19.59
N LEU C 281 18.36 -1.08 19.39
CA LEU C 281 18.55 -2.09 20.40
C LEU C 281 20.06 -2.37 20.47
N LEU C 282 20.71 -2.43 19.31
CA LEU C 282 22.15 -2.71 19.24
C LEU C 282 23.05 -1.79 20.07
N GLU C 283 22.66 -0.55 20.29
CA GLU C 283 23.51 0.35 21.08
C GLU C 283 23.28 0.23 22.58
N ILE C 284 22.39 -0.67 23.00
CA ILE C 284 22.15 -0.84 24.44
C ILE C 284 22.49 -2.23 24.94
N PHE C 285 22.77 -3.15 24.00
CA PHE C 285 23.09 -4.51 24.35
C PHE C 285 24.58 -4.77 24.39
N THR C 286 25.34 -3.75 24.02
CA THR C 286 26.80 -3.83 24.01
C THR C 286 27.29 -2.41 24.25
N ASP C 287 28.36 -2.23 25.02
CA ASP C 287 28.87 -0.87 25.21
C ASP C 287 29.70 -0.67 23.97
N SER C 288 29.70 -1.74 23.16
CA SER C 288 30.38 -1.76 21.87
C SER C 288 29.43 -0.96 21.02
N GLY C 289 29.94 0.18 20.55
CA GLY C 289 29.09 1.02 19.76
C GLY C 289 29.37 0.87 18.29
N VAL C 290 28.36 0.43 17.57
CA VAL C 290 28.46 0.34 16.13
C VAL C 290 28.24 1.81 15.72
N GLY C 291 29.31 2.52 15.36
CA GLY C 291 29.10 3.90 14.98
C GLY C 291 29.77 4.83 15.94
N THR C 292 29.47 6.13 15.81
CA THR C 292 30.08 7.13 16.66
C THR C 292 29.47 7.27 18.05
N LEU C 293 30.33 7.31 19.05
CA LEU C 293 29.89 7.44 20.43
C LEU C 293 30.63 8.59 21.07
N ILE C 294 29.89 9.64 21.36
CA ILE C 294 30.50 10.78 21.99
C ILE C 294 30.17 10.72 23.46
N SER C 295 31.20 10.85 24.28
CA SER C 295 31.09 10.82 25.73
C SER C 295 32.19 11.71 26.27
N ASN C 296 31.86 12.87 26.83
CA ASN C 296 32.95 13.70 27.36
C ASN C 296 33.28 13.22 28.77
N ARG C 297 34.06 12.14 28.79
CA ARG C 297 34.57 11.41 29.96
C ARG C 297 33.64 10.22 30.34
N LYS C 298 34.06 8.98 30.01
CA LYS C 298 33.22 7.80 30.30
C LYS C 298 33.85 6.43 29.94
N ARG C 299 35.01 6.37 29.47
N THR D 1 1.03 43.28 33.92
CA THR D 1 0.49 44.67 33.86
C THR D 1 -0.84 44.77 34.63
N LEU D 2 -0.75 45.50 35.74
CA LEU D 2 -1.80 45.71 36.73
C LEU D 2 -2.61 47.01 36.72
N SER D 3 -3.81 46.94 37.30
CA SER D 3 -4.67 48.10 37.46
C SER D 3 -4.70 48.19 38.98
N ARG D 4 -5.63 48.94 39.54
CA ARG D 4 -5.70 49.05 40.99
C ARG D 4 -7.15 49.05 41.33
N ASP D 5 -7.78 50.15 40.92
CA ASP D 5 -9.19 50.36 41.12
C ASP D 5 -9.96 49.15 40.59
N ASP D 6 -9.45 48.51 39.53
CA ASP D 6 -10.16 47.34 39.06
C ASP D 6 -9.57 46.01 39.53
N ALA D 7 -8.81 46.08 40.63
CA ALA D 7 -8.26 44.89 41.26
C ALA D 7 -9.40 44.70 42.25
N ALA D 8 -9.93 45.84 42.67
CA ALA D 8 -11.04 45.90 43.59
C ALA D 8 -12.28 45.26 42.97
N GLN D 9 -12.40 45.38 41.66
CA GLN D 9 -13.53 44.83 40.91
C GLN D 9 -13.41 43.32 40.74
N VAL D 10 -12.22 42.85 40.38
CA VAL D 10 -11.99 41.43 40.25
C VAL D 10 -12.44 40.85 41.59
N ALA D 11 -11.97 41.46 42.67
CA ALA D 11 -12.34 41.03 44.00
C ALA D 11 -13.87 40.94 44.13
N LYS D 12 -14.57 42.05 43.97
CA LYS D 12 -16.03 42.04 44.09
C LYS D 12 -16.72 41.03 43.19
N VAL D 13 -16.19 40.84 41.99
CA VAL D 13 -16.78 39.93 41.01
C VAL D 13 -16.63 38.46 41.37
N LEU D 14 -15.41 38.06 41.72
CA LEU D 14 -15.13 36.68 42.09
C LEU D 14 -15.72 36.43 43.46
N SER D 15 -15.85 37.50 44.23
CA SER D 15 -16.41 37.41 45.55
C SER D 15 -17.81 36.84 45.43
N GLU D 16 -18.58 37.48 44.57
CA GLU D 16 -19.96 37.08 44.35
C GLU D 16 -20.10 35.84 43.47
N ALA D 17 -19.01 35.49 42.79
CA ALA D 17 -19.02 34.33 41.90
C ALA D 17 -18.81 33.04 42.69
N LEU D 18 -18.32 33.19 43.92
CA LEU D 18 -18.01 32.06 44.80
C LEU D 18 -19.11 31.03 45.03
N PRO D 19 -20.35 31.50 45.30
CA PRO D 19 -21.46 30.55 45.52
C PRO D 19 -21.58 29.56 44.37
N TYR D 20 -21.44 30.07 43.14
CA TYR D 20 -21.53 29.26 41.93
C TYR D 20 -20.25 28.49 41.60
N ILE D 21 -19.11 29.19 41.66
CA ILE D 21 -17.84 28.56 41.37
C ILE D 21 -17.74 27.33 42.24
N ARG D 22 -17.94 27.56 43.53
CA ARG D 22 -17.87 26.52 44.54
C ARG D 22 -18.58 25.23 44.10
N ARG D 23 -19.72 25.36 43.42
CA ARG D 23 -20.46 24.18 42.97
C ARG D 23 -19.56 23.20 42.22
N PHE D 24 -18.58 23.71 41.48
CA PHE D 24 -17.75 22.83 40.66
C PHE D 24 -16.27 22.68 40.96
N VAL D 25 -15.76 23.42 41.93
CA VAL D 25 -14.36 23.30 42.24
C VAL D 25 -14.01 21.82 42.40
N GLY D 26 -13.02 21.35 41.62
CA GLY D 26 -12.58 19.97 41.70
C GLY D 26 -13.33 18.99 40.81
N LYS D 27 -14.29 19.49 40.06
CA LYS D 27 -15.06 18.63 39.17
C LYS D 27 -14.69 18.88 37.68
N THR D 28 -14.85 17.89 36.81
CA THR D 28 -14.48 18.07 35.42
C THR D 28 -15.66 18.33 34.49
N LEU D 29 -15.51 19.36 33.63
CA LEU D 29 -16.56 19.71 32.65
C LEU D 29 -16.05 19.37 31.27
N VAL D 30 -16.82 18.59 30.52
CA VAL D 30 -16.44 18.24 29.18
C VAL D 30 -17.15 19.22 28.28
N ILE D 31 -16.36 20.11 27.69
CA ILE D 31 -16.85 21.19 26.83
C ILE D 31 -16.57 20.97 25.36
N LYS D 32 -17.63 20.91 24.57
CA LYS D 32 -17.53 20.73 23.13
C LYS D 32 -17.62 22.11 22.46
N TYR D 33 -16.48 22.51 21.89
CA TYR D 33 -16.32 23.80 21.23
C TYR D 33 -17.07 23.86 19.91
N GLY D 34 -18.02 24.80 19.85
CA GLY D 34 -18.85 24.94 18.66
C GLY D 34 -19.44 26.32 18.65
N GLY D 35 -20.31 26.61 17.68
CA GLY D 35 -20.89 27.94 17.56
C GLY D 35 -19.77 28.86 17.09
N ASN D 36 -18.61 28.23 16.90
CA ASN D 36 -17.39 28.87 16.41
C ASN D 36 -17.79 29.57 15.12
N ALA D 37 -18.68 28.87 14.43
CA ALA D 37 -19.35 29.20 13.17
C ALA D 37 -18.79 30.15 12.11
N MET D 38 -18.71 31.44 12.43
CA MET D 38 -18.20 32.43 11.47
C MET D 38 -16.69 32.63 11.56
N GLU D 39 -16.03 31.70 12.24
CA GLU D 39 -14.60 31.73 12.50
C GLU D 39 -14.10 33.12 12.92
N SER D 40 -14.81 33.70 13.89
CA SER D 40 -14.48 35.00 14.46
C SER D 40 -13.10 34.85 15.09
N GLU D 41 -12.77 35.67 16.07
CA GLU D 41 -11.48 35.57 16.74
C GLU D 41 -11.63 36.10 18.15
N GLU D 42 -12.50 37.09 18.28
CA GLU D 42 -12.81 37.68 19.57
C GLU D 42 -13.60 36.60 20.31
N LEU D 43 -14.08 35.62 19.54
CA LEU D 43 -14.91 34.55 20.06
C LEU D 43 -14.11 33.28 20.36
N LYS D 44 -13.03 33.08 19.63
CA LYS D 44 -12.20 31.92 19.80
C LYS D 44 -11.25 32.20 20.95
N ALA D 45 -10.92 33.47 21.09
CA ALA D 45 -10.05 33.91 22.16
C ALA D 45 -10.91 33.91 23.44
N GLY D 46 -12.11 34.44 23.32
CA GLY D 46 -13.00 34.46 24.46
C GLY D 46 -13.17 33.08 25.06
N PHE D 47 -13.36 32.07 24.22
CA PHE D 47 -13.54 30.70 24.71
C PHE D 47 -12.27 30.22 25.38
N ALA D 48 -11.15 30.30 24.66
CA ALA D 48 -9.87 29.87 25.20
C ALA D 48 -9.70 30.47 26.59
N ARG D 49 -9.95 31.74 26.70
CA ARG D 49 -9.78 32.41 27.97
C ARG D 49 -10.81 32.04 29.04
N ASP D 50 -12.01 31.60 28.64
CA ASP D 50 -13.02 31.21 29.65
C ASP D 50 -12.60 29.88 30.27
N VAL D 51 -12.07 29.02 29.43
CA VAL D 51 -11.57 27.71 29.81
C VAL D 51 -10.38 27.79 30.80
N VAL D 52 -9.50 28.78 30.60
CA VAL D 52 -8.33 28.97 31.46
C VAL D 52 -8.83 29.49 32.81
N LEU D 53 -9.82 30.37 32.74
CA LEU D 53 -10.43 30.95 33.92
C LEU D 53 -10.98 29.82 34.79
N MET D 54 -11.85 29.00 34.21
CA MET D 54 -12.40 27.84 34.92
C MET D 54 -11.30 27.04 35.62
N LYS D 55 -10.14 26.96 34.98
CA LYS D 55 -9.02 26.22 35.49
C LYS D 55 -8.38 26.95 36.66
N ALA D 56 -8.23 28.27 36.54
CA ALA D 56 -7.63 29.07 37.59
C ALA D 56 -8.47 28.90 38.83
N VAL D 57 -9.76 29.09 38.62
CA VAL D 57 -10.78 28.97 39.65
C VAL D 57 -10.96 27.56 40.23
N GLY D 58 -10.19 26.59 39.74
CA GLY D 58 -10.29 25.27 40.33
C GLY D 58 -11.12 24.23 39.66
N ILE D 59 -11.68 24.59 38.52
CA ILE D 59 -12.49 23.69 37.73
C ILE D 59 -11.58 22.90 36.78
N ASN D 60 -12.00 21.70 36.38
CA ASN D 60 -11.21 20.87 35.47
C ASN D 60 -11.82 20.69 34.08
N PRO D 61 -11.56 21.65 33.15
CA PRO D 61 -12.10 21.58 31.80
C PRO D 61 -11.43 20.59 30.86
N VAL D 62 -12.24 19.89 30.07
CA VAL D 62 -11.72 18.96 29.07
C VAL D 62 -12.41 19.44 27.81
N VAL D 63 -11.65 19.66 26.75
CA VAL D 63 -12.22 20.18 25.52
C VAL D 63 -12.29 19.17 24.39
N VAL D 64 -13.36 19.25 23.63
CA VAL D 64 -13.54 18.38 22.47
C VAL D 64 -14.01 19.34 21.38
N HIS D 65 -13.53 19.12 20.15
CA HIS D 65 -13.86 20.01 19.05
C HIS D 65 -14.12 19.32 17.72
N GLY D 66 -14.63 20.08 16.75
CA GLY D 66 -14.87 19.54 15.43
C GLY D 66 -13.98 20.29 14.45
N GLY D 67 -14.40 20.38 13.19
CA GLY D 67 -13.63 21.12 12.20
C GLY D 67 -14.13 20.91 10.79
N GLY D 68 -15.45 20.92 10.59
CA GLY D 68 -16.02 20.72 9.27
C GLY D 68 -15.47 21.67 8.22
N PRO D 69 -15.65 22.99 8.40
CA PRO D 69 -15.20 24.08 7.53
C PRO D 69 -13.76 23.90 7.09
N GLN D 70 -12.91 23.57 8.05
CA GLN D 70 -11.48 23.38 7.83
C GLN D 70 -11.19 22.18 6.96
N ILE D 71 -11.92 21.09 7.17
CA ILE D 71 -11.71 19.88 6.37
C ILE D 71 -12.15 20.20 4.95
N GLY D 72 -13.26 20.92 4.89
CA GLY D 72 -13.84 21.29 3.62
C GLY D 72 -12.94 22.16 2.76
N ASP D 73 -12.27 23.14 3.35
CA ASP D 73 -11.41 23.99 2.55
C ASP D 73 -10.28 23.16 1.97
N LEU D 74 -9.67 22.31 2.79
CA LEU D 74 -8.57 21.50 2.31
C LEU D 74 -8.99 20.52 1.23
N LEU D 75 -10.10 19.82 1.42
CA LEU D 75 -10.57 18.88 0.42
C LEU D 75 -10.80 19.65 -0.88
N LYS D 76 -11.36 20.85 -0.77
CA LYS D 76 -11.64 21.67 -1.93
C LYS D 76 -10.36 22.02 -2.69
N ARG D 77 -9.29 22.39 -1.99
CA ARG D 77 -8.03 22.74 -2.62
C ARG D 77 -7.31 21.55 -3.24
N LEU D 78 -7.62 20.35 -2.77
CA LEU D 78 -7.01 19.12 -3.26
C LEU D 78 -7.94 18.49 -4.28
N SER D 79 -9.02 19.20 -4.57
CA SER D 79 -9.99 18.74 -5.54
C SER D 79 -10.48 17.32 -5.23
N ILE D 80 -11.01 17.16 -4.03
CA ILE D 80 -11.58 15.88 -3.60
C ILE D 80 -13.03 16.25 -3.33
N GLU D 81 -13.97 15.61 -4.00
CA GLU D 81 -15.37 15.95 -3.77
C GLU D 81 -15.83 15.54 -2.38
N SER D 82 -16.74 16.32 -1.83
CA SER D 82 -17.22 16.09 -0.49
C SER D 82 -18.66 15.63 -0.49
N HIS D 83 -18.99 14.75 0.46
CA HIS D 83 -20.35 14.20 0.54
C HIS D 83 -20.84 13.98 1.97
N PHE D 84 -22.07 14.39 2.26
CA PHE D 84 -22.66 14.14 3.59
C PHE D 84 -23.90 13.28 3.41
N ILE D 85 -24.09 12.31 4.28
CA ILE D 85 -25.26 11.47 4.22
C ILE D 85 -25.82 11.31 5.61
N ASP D 86 -26.96 11.96 5.84
CA ASP D 86 -27.64 11.94 7.12
C ASP D 86 -26.75 12.56 8.20
N GLY D 87 -26.10 13.65 7.82
CA GLY D 87 -25.25 14.37 8.76
C GLY D 87 -23.81 13.93 8.93
N MET D 88 -23.54 12.63 8.80
CA MET D 88 -22.18 12.12 8.94
C MET D 88 -21.51 12.40 7.60
N ARG D 89 -20.19 12.52 7.59
CA ARG D 89 -19.52 12.76 6.32
C ARG D 89 -19.07 11.44 5.66
N VAL D 90 -19.40 11.25 4.40
CA VAL D 90 -18.95 10.06 3.69
C VAL D 90 -17.43 10.19 3.66
N THR D 91 -16.74 9.24 4.26
CA THR D 91 -15.31 9.32 4.34
C THR D 91 -14.54 8.16 3.72
N ASP D 92 -14.16 8.30 2.46
CA ASP D 92 -13.39 7.29 1.76
C ASP D 92 -11.96 7.35 2.28
N ALA D 93 -11.13 6.40 1.87
CA ALA D 93 -9.74 6.39 2.33
C ALA D 93 -8.98 7.70 2.17
N ALA D 94 -9.17 8.38 1.04
CA ALA D 94 -8.44 9.62 0.82
C ALA D 94 -8.99 10.75 1.66
N THR D 95 -10.31 10.75 1.84
CA THR D 95 -10.90 11.79 2.65
C THR D 95 -10.47 11.62 4.10
N MET D 96 -10.37 10.36 4.57
CA MET D 96 -9.96 10.08 5.95
C MET D 96 -8.58 10.64 6.27
N ASP D 97 -7.65 10.54 5.32
CA ASP D 97 -6.30 11.03 5.58
C ASP D 97 -6.28 12.54 5.73
N VAL D 98 -7.15 13.19 4.98
CA VAL D 98 -7.22 14.63 5.02
C VAL D 98 -7.93 15.08 6.26
N VAL D 99 -9.01 14.37 6.61
CA VAL D 99 -9.80 14.68 7.80
C VAL D 99 -8.90 14.57 9.03
N GLU D 100 -8.16 13.47 9.11
CA GLU D 100 -7.31 13.21 10.24
C GLU D 100 -6.16 14.23 10.37
N MET D 101 -5.56 14.57 9.24
CA MET D 101 -4.47 15.53 9.22
C MET D 101 -4.96 16.93 9.64
N VAL D 102 -6.08 17.39 9.08
CA VAL D 102 -6.60 18.70 9.45
C VAL D 102 -7.09 18.81 10.89
N LEU D 103 -7.93 17.86 11.33
CA LEU D 103 -8.43 17.92 12.70
C LEU D 103 -7.36 17.74 13.78
N GLY D 104 -6.45 16.81 13.57
CA GLY D 104 -5.44 16.60 14.58
C GLY D 104 -4.11 17.31 14.40
N GLY D 105 -3.88 17.91 13.24
CA GLY D 105 -2.60 18.56 13.06
C GLY D 105 -2.72 20.07 12.92
N GLN D 106 -3.95 20.53 12.68
CA GLN D 106 -4.17 21.93 12.51
C GLN D 106 -5.22 22.58 13.43
N VAL D 107 -6.47 22.08 13.40
CA VAL D 107 -7.54 22.63 14.23
C VAL D 107 -7.31 22.44 15.71
N ASN D 108 -6.90 21.23 16.01
CA ASN D 108 -6.64 20.78 17.36
C ASN D 108 -5.52 21.56 18.00
N LYS D 109 -4.37 21.61 17.34
CA LYS D 109 -3.20 22.29 17.88
C LYS D 109 -3.41 23.80 17.95
N ASP D 110 -4.27 24.31 17.08
CA ASP D 110 -4.52 25.71 17.07
C ASP D 110 -5.32 26.15 18.27
N ILE D 111 -6.26 25.33 18.73
CA ILE D 111 -7.05 25.64 19.92
C ILE D 111 -6.10 25.55 21.11
N VAL D 112 -5.19 24.59 21.05
CA VAL D 112 -4.21 24.41 22.10
C VAL D 112 -3.43 25.71 22.24
N ASN D 113 -2.88 26.17 21.12
CA ASN D 113 -2.10 27.40 21.10
C ASN D 113 -2.87 28.56 21.67
N LEU D 114 -4.15 28.63 21.35
CA LEU D 114 -4.99 29.69 21.84
C LEU D 114 -5.14 29.62 23.35
N ILE D 115 -5.41 28.43 23.86
CA ILE D 115 -5.57 28.26 25.30
C ILE D 115 -4.28 28.57 26.03
N ASN D 116 -3.15 28.26 25.40
CA ASN D 116 -1.85 28.55 26.00
C ASN D 116 -1.49 30.02 25.91
N ARG D 117 -2.03 30.68 24.90
CA ARG D 117 -1.76 32.08 24.69
C ARG D 117 -2.40 32.84 25.81
N HIS D 118 -3.43 32.25 26.40
CA HIS D 118 -4.13 32.91 27.48
C HIS D 118 -3.83 32.39 28.85
N GLY D 119 -2.71 31.68 28.96
CA GLY D 119 -2.29 31.19 30.25
C GLY D 119 -2.41 29.71 30.51
N GLY D 120 -3.28 29.02 29.77
CA GLY D 120 -3.45 27.60 30.02
C GLY D 120 -2.29 26.68 29.67
N SER D 121 -2.49 25.39 29.90
CA SER D 121 -1.53 24.37 29.55
C SER D 121 -2.41 23.34 28.87
N ALA D 122 -2.47 23.38 27.55
CA ALA D 122 -3.33 22.48 26.81
C ALA D 122 -2.50 21.43 26.13
N ILE D 123 -3.09 20.26 25.95
CA ILE D 123 -2.45 19.15 25.31
C ILE D 123 -3.39 18.79 24.18
N GLY D 124 -2.87 18.64 22.97
CA GLY D 124 -3.74 18.33 21.86
C GLY D 124 -3.64 16.87 21.57
N LEU D 125 -4.79 16.18 21.56
CA LEU D 125 -4.75 14.74 21.31
C LEU D 125 -5.83 14.27 20.37
N THR D 126 -5.65 13.10 19.80
CA THR D 126 -6.68 12.51 18.96
C THR D 126 -6.93 11.10 19.50
N GLY D 127 -7.88 10.39 18.94
CA GLY D 127 -8.10 9.06 19.45
C GLY D 127 -6.90 8.14 19.34
N LYS D 128 -5.93 8.48 18.48
CA LYS D 128 -4.78 7.59 18.33
C LYS D 128 -3.72 7.72 19.38
N ASP D 129 -3.80 8.76 20.20
CA ASP D 129 -2.81 8.94 21.23
C ASP D 129 -3.15 8.04 22.38
N ALA D 130 -2.32 7.02 22.58
CA ALA D 130 -2.50 6.05 23.65
C ALA D 130 -3.92 5.50 23.60
N GLU D 131 -4.41 5.32 22.38
CA GLU D 131 -5.74 4.81 22.12
C GLU D 131 -6.77 5.50 22.99
N LEU D 132 -6.62 6.81 23.04
CA LEU D 132 -7.50 7.67 23.79
C LEU D 132 -8.95 7.43 23.39
N ILE D 133 -9.21 7.20 22.11
CA ILE D 133 -10.58 6.99 21.65
C ILE D 133 -10.70 5.76 20.78
N ARG D 134 -11.20 4.67 21.36
CA ARG D 134 -11.34 3.40 20.66
C ARG D 134 -12.65 3.44 19.92
N ALA D 135 -12.65 2.92 18.70
CA ALA D 135 -13.85 2.95 17.87
C ALA D 135 -13.96 1.77 16.91
N LYS D 136 -15.14 1.64 16.31
CA LYS D 136 -15.38 0.57 15.35
C LYS D 136 -16.19 1.21 14.24
N LYS D 137 -16.44 0.49 13.16
CA LYS D 137 -17.21 1.06 12.08
C LYS D 137 -18.66 1.23 12.48
N LEU D 138 -19.24 2.34 12.04
CA LEU D 138 -20.62 2.66 12.30
C LEU D 138 -21.44 2.04 11.18
N THR D 139 -22.59 1.48 11.51
CA THR D 139 -23.45 0.89 10.49
C THR D 139 -24.58 1.85 10.18
N VAL D 140 -24.66 2.27 8.92
CA VAL D 140 -25.69 3.18 8.49
C VAL D 140 -26.59 2.49 7.47
N THR D 141 -27.86 2.86 7.45
CA THR D 141 -28.83 2.29 6.54
C THR D 141 -29.80 3.37 6.06
N ARG D 142 -30.75 2.95 5.24
CA ARG D 142 -31.78 3.84 4.76
C ARG D 142 -32.99 3.11 4.23
N GLN D 143 -34.09 3.85 4.22
CA GLN D 143 -35.34 3.36 3.74
C GLN D 143 -35.59 4.33 2.59
N THR D 144 -35.03 3.94 1.46
CA THR D 144 -35.09 4.68 0.21
C THR D 144 -36.48 5.21 -0.07
N LYS D 149 -37.54 -2.39 3.25
CA LYS D 149 -36.45 -3.02 3.98
C LYS D 149 -35.23 -2.13 3.92
N PRO D 150 -34.76 -1.64 5.09
CA PRO D 150 -33.58 -0.79 5.05
C PRO D 150 -32.45 -1.44 4.26
N GLU D 151 -31.56 -0.62 3.74
CA GLU D 151 -30.42 -1.13 3.00
C GLU D 151 -29.19 -0.60 3.71
N ILE D 152 -28.16 -1.44 3.82
CA ILE D 152 -26.93 -0.98 4.43
C ILE D 152 -26.26 -0.08 3.39
N ILE D 153 -25.79 1.06 3.86
CA ILE D 153 -25.16 2.04 3.01
C ILE D 153 -23.75 2.29 3.52
N ASP D 154 -22.74 1.96 2.71
CA ASP D 154 -21.37 2.21 3.16
C ASP D 154 -20.99 3.69 2.95
N ILE D 155 -20.73 4.37 4.06
CA ILE D 155 -20.37 5.76 3.99
C ILE D 155 -18.91 5.99 4.40
N GLY D 156 -18.12 4.92 4.36
CA GLY D 156 -16.72 5.03 4.67
C GLY D 156 -16.22 4.74 6.05
N HIS D 157 -15.14 5.44 6.40
CA HIS D 157 -14.50 5.31 7.67
C HIS D 157 -15.13 6.21 8.71
N VAL D 158 -16.37 5.91 9.08
CA VAL D 158 -17.07 6.69 10.10
C VAL D 158 -17.37 5.70 11.20
N GLY D 159 -16.81 5.89 12.38
CA GLY D 159 -17.08 4.94 13.44
C GLY D 159 -17.91 5.40 14.62
N GLU D 160 -17.98 4.51 15.62
CA GLU D 160 -18.69 4.80 16.86
C GLU D 160 -17.81 4.40 18.02
N VAL D 161 -17.78 5.25 19.04
CA VAL D 161 -16.92 5.02 20.19
C VAL D 161 -17.23 3.76 20.91
N THR D 162 -16.20 2.96 21.14
CA THR D 162 -16.32 1.72 21.84
C THR D 162 -15.59 1.80 23.18
N GLY D 163 -14.88 2.89 23.43
CA GLY D 163 -14.18 3.03 24.70
C GLY D 163 -13.20 4.18 24.79
N VAL D 164 -12.93 4.66 26.00
CA VAL D 164 -12.06 5.77 26.24
C VAL D 164 -10.96 5.53 27.26
N ASN D 165 -9.76 6.03 26.99
CA ASN D 165 -8.65 5.88 27.91
C ASN D 165 -8.67 6.94 29.01
N VAL D 166 -9.51 6.74 30.02
CA VAL D 166 -9.60 7.72 31.12
C VAL D 166 -8.26 7.80 31.84
N GLY D 167 -7.51 6.71 31.86
CA GLY D 167 -6.23 6.75 32.53
C GLY D 167 -5.43 7.99 32.14
N LEU D 168 -5.25 8.13 30.83
CA LEU D 168 -4.56 9.26 30.24
C LEU D 168 -5.19 10.59 30.61
N LEU D 169 -6.50 10.71 30.45
CA LEU D 169 -7.14 11.96 30.81
C LEU D 169 -6.94 12.31 32.31
N ASN D 170 -7.29 11.39 33.21
CA ASN D 170 -7.16 11.64 34.64
C ASN D 170 -5.75 12.11 34.94
N MET D 171 -4.79 11.44 34.32
CA MET D 171 -3.42 11.85 34.58
C MET D 171 -3.21 13.29 34.12
N LEU D 172 -3.65 13.58 32.89
CA LEU D 172 -3.49 14.93 32.36
C LEU D 172 -4.15 15.98 33.26
N VAL D 173 -5.42 15.80 33.54
CA VAL D 173 -6.15 16.71 34.41
C VAL D 173 -5.45 16.97 35.76
N LYS D 174 -5.01 15.90 36.42
CA LYS D 174 -4.33 15.98 37.72
C LYS D 174 -3.04 16.76 37.63
N GLY D 175 -2.46 16.82 36.43
CA GLY D 175 -1.19 17.53 36.24
C GLY D 175 -1.46 18.96 35.84
N ASP D 176 -2.71 19.36 35.96
CA ASP D 176 -3.10 20.70 35.62
C ASP D 176 -2.94 21.04 34.14
N PHE D 177 -3.21 20.06 33.27
CA PHE D 177 -3.13 20.25 31.85
C PHE D 177 -4.57 20.17 31.38
N ILE D 178 -4.92 20.92 30.35
CA ILE D 178 -6.26 20.91 29.81
C ILE D 178 -6.23 20.08 28.53
N PRO D 179 -6.94 18.94 28.53
CA PRO D 179 -6.96 18.09 27.34
C PRO D 179 -7.82 18.69 26.26
N VAL D 180 -7.32 18.68 25.01
CA VAL D 180 -8.08 19.18 23.85
C VAL D 180 -8.16 18.00 22.90
N ILE D 181 -9.36 17.48 22.71
CA ILE D 181 -9.50 16.30 21.91
C ILE D 181 -10.10 16.44 20.53
N ALA D 182 -9.40 15.90 19.54
CA ALA D 182 -9.90 15.89 18.18
C ALA D 182 -10.77 14.61 18.10
N PRO D 183 -11.89 14.65 17.38
CA PRO D 183 -12.73 13.46 17.31
C PRO D 183 -12.35 12.43 16.26
N ILE D 184 -11.21 11.76 16.44
CA ILE D 184 -10.82 10.71 15.52
C ILE D 184 -10.58 9.45 16.36
N GLY D 185 -11.23 8.32 16.03
CA GLY D 185 -11.02 7.13 16.83
C GLY D 185 -10.09 6.12 16.19
N VAL D 186 -9.61 5.13 16.94
CA VAL D 186 -8.78 4.08 16.37
C VAL D 186 -9.52 2.73 16.45
N GLY D 187 -9.30 1.87 15.45
CA GLY D 187 -9.95 0.59 15.42
C GLY D 187 -9.05 -0.51 15.97
N SER D 188 -9.53 -1.74 15.90
CA SER D 188 -8.78 -2.90 16.40
C SER D 188 -7.43 -3.06 15.68
N ASN D 189 -7.41 -2.91 14.36
CA ASN D 189 -6.18 -3.06 13.59
C ASN D 189 -5.48 -1.71 13.36
N GLY D 190 -5.87 -0.67 14.09
CA GLY D 190 -5.24 0.62 13.90
C GLY D 190 -5.82 1.49 12.78
N GLU D 191 -7.05 1.22 12.34
CA GLU D 191 -7.64 2.04 11.29
C GLU D 191 -8.08 3.29 11.99
N SER D 192 -8.32 4.34 11.20
CA SER D 192 -8.72 5.60 11.77
C SER D 192 -10.16 5.76 11.48
N TYR D 193 -10.91 6.35 12.39
CA TYR D 193 -12.31 6.60 12.13
C TYR D 193 -12.59 8.05 12.33
N ASN D 194 -13.62 8.53 11.65
CA ASN D 194 -14.06 9.91 11.73
C ASN D 194 -15.39 9.87 12.47
N ILE D 195 -15.44 10.45 13.67
CA ILE D 195 -16.64 10.45 14.50
C ILE D 195 -17.26 11.85 14.74
N ASN D 196 -18.58 11.91 14.97
CA ASN D 196 -19.23 13.17 15.25
C ASN D 196 -18.64 13.69 16.55
N ALA D 197 -18.24 14.95 16.56
CA ALA D 197 -17.62 15.52 17.74
C ALA D 197 -18.55 15.54 18.94
N ASP D 198 -19.84 15.70 18.71
CA ASP D 198 -20.79 15.70 19.82
C ASP D 198 -20.73 14.36 20.51
N LEU D 199 -20.77 13.29 19.71
CA LEU D 199 -20.74 11.97 20.24
C LEU D 199 -19.47 11.66 21.02
N VAL D 200 -18.31 12.07 20.49
CA VAL D 200 -17.07 11.82 21.21
C VAL D 200 -17.11 12.58 22.53
N ALA D 201 -17.52 13.83 22.49
CA ALA D 201 -17.58 14.61 23.71
C ALA D 201 -18.50 13.91 24.72
N GLY D 202 -19.57 13.29 24.22
CA GLY D 202 -20.49 12.60 25.09
C GLY D 202 -19.86 11.39 25.78
N LYS D 203 -19.21 10.55 24.99
CA LYS D 203 -18.56 9.37 25.52
C LYS D 203 -17.49 9.70 26.53
N VAL D 204 -16.81 10.82 26.34
CA VAL D 204 -15.73 11.22 27.25
C VAL D 204 -16.26 11.65 28.61
N ALA D 205 -17.31 12.45 28.58
CA ALA D 205 -17.89 12.90 29.82
C ALA D 205 -18.38 11.66 30.57
N GLU D 206 -19.02 10.73 29.85
CA GLU D 206 -19.53 9.49 30.45
C GLU D 206 -18.39 8.71 31.12
N ALA D 207 -17.36 8.41 30.35
CA ALA D 207 -16.21 7.70 30.88
C ALA D 207 -15.70 8.38 32.14
N LEU D 208 -15.61 9.70 32.11
CA LEU D 208 -15.10 10.47 33.24
C LEU D 208 -16.13 10.76 34.32
N LYS D 209 -17.37 10.31 34.11
CA LYS D 209 -18.44 10.60 35.07
C LYS D 209 -18.26 12.08 35.38
N ALA D 210 -18.39 12.91 34.34
CA ALA D 210 -18.21 14.37 34.47
C ALA D 210 -19.41 15.08 35.07
N GLU D 211 -19.14 16.17 35.78
CA GLU D 211 -20.18 16.95 36.41
C GLU D 211 -21.08 17.57 35.38
N LYS D 212 -20.49 18.03 34.29
CA LYS D 212 -21.26 18.65 33.21
C LYS D 212 -20.72 18.36 31.82
N LEU D 213 -21.60 18.31 30.85
CA LEU D 213 -21.25 18.12 29.45
C LEU D 213 -21.87 19.32 28.75
N MET D 214 -21.02 20.22 28.26
CA MET D 214 -21.50 21.41 27.58
C MET D 214 -21.39 21.34 26.07
N LEU D 215 -22.52 21.43 25.39
CA LEU D 215 -22.51 21.38 23.96
C LEU D 215 -22.81 22.79 23.46
N LEU D 216 -21.78 23.47 22.95
CA LEU D 216 -21.92 24.81 22.42
C LEU D 216 -22.38 24.63 21.00
N THR D 217 -23.54 25.18 20.72
CA THR D 217 -24.10 25.05 19.41
C THR D 217 -24.26 26.46 18.82
N ASN D 218 -24.95 26.54 17.71
CA ASN D 218 -25.15 27.80 17.03
C ASN D 218 -26.57 28.28 17.18
N ILE D 219 -27.26 27.94 18.26
CA ILE D 219 -28.59 28.42 18.22
C ILE D 219 -29.23 29.05 19.45
N ALA D 220 -29.19 28.45 20.63
CA ALA D 220 -29.82 29.12 21.78
C ALA D 220 -30.07 28.01 22.72
N GLY D 221 -30.49 26.91 22.11
CA GLY D 221 -30.79 25.71 22.85
C GLY D 221 -31.83 25.01 22.06
N LEU D 222 -32.33 23.93 22.63
CA LEU D 222 -33.35 23.15 21.99
C LEU D 222 -34.62 23.98 22.03
N MET D 223 -35.24 24.16 20.86
CA MET D 223 -36.44 24.97 20.78
C MET D 223 -37.72 24.33 20.29
N ASP D 224 -38.82 25.00 20.66
CA ASP D 224 -40.19 24.66 20.28
C ASP D 224 -40.27 24.76 18.79
N LYS D 225 -41.51 24.68 18.33
CA LYS D 225 -41.79 24.87 16.93
C LYS D 225 -41.98 26.39 16.85
N GLN D 226 -42.30 27.01 18.00
CA GLN D 226 -42.49 28.46 18.06
C GLN D 226 -41.22 29.21 18.46
N GLY D 227 -40.08 28.54 18.45
CA GLY D 227 -38.83 29.23 18.78
C GLY D 227 -38.43 29.43 20.24
N GLN D 228 -39.27 28.96 21.16
CA GLN D 228 -39.00 29.09 22.59
C GLN D 228 -37.92 28.09 22.99
N VAL D 229 -37.19 28.38 24.07
CA VAL D 229 -36.14 27.49 24.56
C VAL D 229 -36.60 26.49 25.63
N LEU D 230 -36.40 25.21 25.36
CA LEU D 230 -36.77 24.16 26.28
C LEU D 230 -35.62 23.86 27.20
N THR D 231 -35.92 23.68 28.48
CA THR D 231 -34.89 23.38 29.45
C THR D 231 -35.34 22.29 30.42
N GLY D 232 -34.36 21.75 31.13
CA GLY D 232 -34.60 20.68 32.08
C GLY D 232 -35.66 19.66 31.69
N LEU D 233 -35.48 18.97 30.57
CA LEU D 233 -36.44 17.97 30.08
C LEU D 233 -36.11 16.56 30.54
N SER D 234 -37.09 15.67 30.45
CA SER D 234 -36.91 14.27 30.84
C SER D 234 -36.61 13.47 29.58
N THR D 235 -36.23 12.21 29.77
CA THR D 235 -35.95 11.35 28.63
C THR D 235 -37.25 11.00 27.91
N GLU D 236 -38.37 11.21 28.60
CA GLU D 236 -39.71 10.91 28.09
C GLU D 236 -40.27 12.05 27.24
N GLN D 237 -39.78 13.25 27.52
CA GLN D 237 -40.24 14.45 26.83
C GLN D 237 -39.47 14.64 25.55
N VAL D 238 -38.17 14.34 25.60
CA VAL D 238 -37.36 14.45 24.43
C VAL D 238 -37.90 13.51 23.35
N ASN D 239 -38.47 12.38 23.78
CA ASN D 239 -39.00 11.44 22.80
C ASN D 239 -40.25 11.96 22.12
N GLU D 240 -41.15 12.56 22.88
CA GLU D 240 -42.35 13.07 22.24
C GLU D 240 -41.99 14.22 21.34
N LEU D 241 -40.94 14.95 21.72
CA LEU D 241 -40.46 16.10 20.95
C LEU D 241 -39.79 15.65 19.63
N ILE D 242 -39.03 14.57 19.65
CA ILE D 242 -38.48 14.13 18.38
C ILE D 242 -39.62 13.46 17.64
N ALA D 243 -40.55 12.87 18.39
CA ALA D 243 -41.67 12.18 17.79
C ALA D 243 -42.67 13.02 16.97
N ASP D 244 -42.66 14.34 17.13
CA ASP D 244 -43.61 15.15 16.37
C ASP D 244 -42.92 16.11 15.41
N GLY D 245 -41.61 15.98 15.30
CA GLY D 245 -40.85 16.81 14.39
C GLY D 245 -40.34 18.08 15.01
N THR D 246 -40.47 18.16 16.33
CA THR D 246 -39.99 19.32 17.02
C THR D 246 -38.45 19.30 16.95
N ILE D 247 -37.84 18.14 17.16
CA ILE D 247 -36.39 18.04 17.12
C ILE D 247 -35.94 17.27 15.88
N TYR D 248 -35.05 17.88 15.10
CA TYR D 248 -34.55 17.28 13.88
C TYR D 248 -33.20 17.82 13.45
N GLY D 249 -32.74 17.38 12.29
CA GLY D 249 -31.48 17.89 11.79
C GLY D 249 -30.38 17.56 12.74
N GLY D 250 -29.36 18.41 12.80
CA GLY D 250 -28.25 18.13 13.67
C GLY D 250 -28.56 18.14 15.14
N MET D 251 -29.74 18.66 15.49
CA MET D 251 -30.13 18.73 16.90
C MET D 251 -30.46 17.38 17.46
N LEU D 252 -30.85 16.45 16.59
CA LEU D 252 -31.20 15.11 17.03
C LEU D 252 -30.03 14.41 17.71
N PRO D 253 -28.94 14.16 16.95
CA PRO D 253 -27.77 13.50 17.52
C PRO D 253 -27.32 14.21 18.75
N LYS D 254 -27.48 15.52 18.74
CA LYS D 254 -27.03 16.32 19.84
C LYS D 254 -27.71 15.92 21.13
N ILE D 255 -29.05 15.93 21.15
CA ILE D 255 -29.82 15.56 22.35
C ILE D 255 -29.68 14.09 22.69
N ARG D 256 -29.71 13.24 21.68
CA ARG D 256 -29.58 11.84 21.93
C ARG D 256 -28.22 11.60 22.58
N CYS D 257 -27.25 12.41 22.22
CA CYS D 257 -25.96 12.24 22.83
C CYS D 257 -25.99 12.86 24.25
N ALA D 258 -26.92 13.76 24.48
CA ALA D 258 -27.04 14.39 25.79
C ALA D 258 -27.75 13.47 26.79
N LEU D 259 -28.86 12.85 26.39
CA LEU D 259 -29.57 11.93 27.28
C LEU D 259 -28.59 10.86 27.69
N GLU D 260 -28.05 10.18 26.68
CA GLU D 260 -27.07 9.13 26.90
C GLU D 260 -26.06 9.51 27.97
N ALA D 261 -25.51 10.70 27.88
CA ALA D 261 -24.51 11.14 28.84
C ALA D 261 -25.04 11.14 30.26
N VAL D 262 -26.31 11.53 30.39
CA VAL D 262 -26.98 11.61 31.68
C VAL D 262 -27.41 10.22 32.19
N GLN D 263 -27.82 9.37 31.25
CA GLN D 263 -28.23 8.00 31.53
C GLN D 263 -26.99 7.15 31.65
N GLY D 264 -25.83 7.80 31.61
CA GLY D 264 -24.55 7.10 31.69
C GLY D 264 -23.61 7.68 32.73
N GLY D 265 -24.14 8.54 33.58
CA GLY D 265 -23.31 9.06 34.64
C GLY D 265 -22.92 10.53 34.67
N VAL D 266 -23.26 11.28 33.62
CA VAL D 266 -22.92 12.70 33.65
C VAL D 266 -24.06 13.36 34.41
N THR D 267 -23.73 14.21 35.39
CA THR D 267 -24.75 14.89 36.17
C THR D 267 -25.74 15.65 35.32
N SER D 268 -25.31 16.72 34.65
CA SER D 268 -26.20 17.50 33.79
C SER D 268 -25.51 17.80 32.45
N ALA D 269 -26.32 17.94 31.40
CA ALA D 269 -25.79 18.21 30.09
C ALA D 269 -26.50 19.43 29.49
N HIS D 270 -25.76 20.45 29.03
CA HIS D 270 -26.48 21.56 28.37
C HIS D 270 -26.08 21.98 26.99
N ILE D 271 -27.11 22.26 26.20
CA ILE D 271 -26.98 22.73 24.85
C ILE D 271 -26.99 24.23 25.01
N ILE D 272 -25.92 24.84 24.52
CA ILE D 272 -25.67 26.26 24.69
C ILE D 272 -25.40 27.06 23.43
N ASP D 273 -25.76 28.34 23.44
CA ASP D 273 -25.49 29.19 22.28
C ASP D 273 -24.04 29.60 22.40
N GLY D 274 -23.19 28.99 21.59
CA GLY D 274 -21.77 29.29 21.62
C GLY D 274 -21.35 30.59 20.93
N ARG D 275 -22.30 31.23 20.26
CA ARG D 275 -22.03 32.46 19.55
C ARG D 275 -21.98 33.66 20.50
N VAL D 276 -22.58 33.50 21.68
CA VAL D 276 -22.61 34.55 22.70
C VAL D 276 -21.25 34.65 23.36
N PRO D 277 -20.62 35.82 23.31
CA PRO D 277 -19.31 35.86 23.98
C PRO D 277 -19.43 35.39 25.44
N ASN D 278 -18.40 34.70 25.92
CA ASN D 278 -18.33 34.16 27.27
C ASN D 278 -19.49 33.25 27.64
N ALA D 279 -20.00 32.54 26.64
CA ALA D 279 -21.11 31.62 26.84
C ALA D 279 -20.77 30.68 27.97
N VAL D 280 -19.53 30.17 27.96
CA VAL D 280 -19.08 29.23 28.97
C VAL D 280 -19.16 29.84 30.37
N LEU D 281 -18.37 30.90 30.54
CA LEU D 281 -18.26 31.63 31.80
C LEU D 281 -19.62 31.98 32.46
N LEU D 282 -20.67 32.11 31.68
CA LEU D 282 -21.98 32.45 32.21
C LEU D 282 -22.81 31.27 32.68
N GLU D 283 -22.58 30.08 32.11
CA GLU D 283 -23.37 28.91 32.54
C GLU D 283 -22.84 28.38 33.88
N ILE D 284 -21.81 29.04 34.38
CA ILE D 284 -21.09 28.67 35.60
C ILE D 284 -21.05 29.72 36.70
N PHE D 285 -20.50 30.86 36.27
CA PHE D 285 -20.24 32.06 37.06
C PHE D 285 -21.50 32.75 37.45
N THR D 286 -22.57 32.30 36.82
CA THR D 286 -23.88 32.79 37.10
C THR D 286 -24.73 31.54 37.06
N ASP D 287 -26.00 31.73 36.75
CA ASP D 287 -26.94 30.64 36.69
C ASP D 287 -28.10 31.22 35.92
N SER D 288 -28.10 31.01 34.60
CA SER D 288 -29.20 31.54 33.84
C SER D 288 -29.97 30.36 33.28
N GLY D 289 -31.21 30.60 32.89
CA GLY D 289 -32.02 29.54 32.31
C GLY D 289 -31.80 29.60 30.81
N VAL D 290 -30.64 30.13 30.44
CA VAL D 290 -30.27 30.28 29.04
C VAL D 290 -29.60 29.01 28.50
N GLY D 291 -30.34 28.28 27.67
CA GLY D 291 -29.83 27.05 27.11
C GLY D 291 -30.80 25.93 27.37
N THR D 292 -30.39 24.70 27.12
CA THR D 292 -31.28 23.57 27.35
C THR D 292 -30.65 22.56 28.28
N LEU D 293 -30.94 22.72 29.56
CA LEU D 293 -30.44 21.84 30.59
C LEU D 293 -31.13 20.48 30.49
N ILE D 294 -30.36 19.41 30.49
CA ILE D 294 -30.95 18.09 30.47
C ILE D 294 -30.32 17.37 31.64
N SER D 295 -31.17 17.00 32.58
CA SER D 295 -30.80 16.28 33.80
C SER D 295 -31.96 15.29 33.80
N ASN D 296 -31.80 14.03 34.19
CA ASN D 296 -33.02 13.20 34.13
C ASN D 296 -33.60 13.33 35.53
N ARG D 297 -33.26 12.35 36.39
CA ARG D 297 -33.67 12.52 37.75
C ARG D 297 -32.19 13.03 38.04
N LYS D 298 -32.05 14.10 38.83
CA LYS D 298 -30.72 14.65 39.04
C LYS D 298 -30.07 14.31 40.36
N ARG D 299 -29.00 13.66 40.37
N THR E 1 14.35 -3.21 89.78
CA THR E 1 13.35 -4.30 89.96
C THR E 1 12.11 -4.18 89.15
N LEU E 2 11.83 -5.29 88.43
CA LEU E 2 10.67 -5.58 87.59
C LEU E 2 10.74 -7.06 88.02
N SER E 3 11.70 -7.17 88.97
CA SER E 3 12.30 -8.26 89.72
C SER E 3 12.28 -9.54 89.00
N ARG E 4 12.48 -10.60 89.74
CA ARG E 4 12.58 -11.90 89.28
C ARG E 4 11.16 -12.54 88.96
N ASP E 5 10.62 -13.01 90.05
CA ASP E 5 9.33 -13.62 90.07
C ASP E 5 8.17 -12.80 89.57
N ASP E 6 8.34 -11.49 89.54
CA ASP E 6 7.24 -10.69 89.06
C ASP E 6 7.39 -10.32 87.59
N ALA E 7 8.44 -10.84 86.96
CA ALA E 7 8.69 -10.63 85.53
C ALA E 7 8.16 -11.85 84.77
N ALA E 8 8.37 -13.05 85.32
CA ALA E 8 7.88 -14.27 84.70
C ALA E 8 6.36 -14.10 84.54
N GLN E 9 5.75 -13.39 85.49
CA GLN E 9 4.31 -13.14 85.45
C GLN E 9 4.05 -12.10 84.35
N VAL E 10 4.69 -10.95 84.48
CA VAL E 10 4.55 -9.86 83.53
C VAL E 10 4.58 -10.40 82.10
N ALA E 11 5.43 -11.41 81.88
CA ALA E 11 5.61 -12.03 80.58
C ALA E 11 4.45 -12.90 80.12
N LYS E 12 4.09 -13.91 80.91
CA LYS E 12 3.02 -14.81 80.55
C LYS E 12 1.67 -14.13 80.45
N VAL E 13 1.52 -12.99 81.12
CA VAL E 13 0.24 -12.32 81.10
C VAL E 13 0.13 -11.19 80.07
N LEU E 14 1.27 -10.58 79.72
CA LEU E 14 1.30 -9.56 78.70
C LEU E 14 1.03 -10.34 77.42
N SER E 15 1.71 -11.48 77.31
CA SER E 15 1.57 -12.36 76.16
C SER E 15 0.12 -12.75 75.94
N GLU E 16 -0.48 -13.38 76.95
CA GLU E 16 -1.87 -13.82 76.85
C GLU E 16 -2.92 -12.73 76.67
N ALA E 17 -2.56 -11.46 76.86
CA ALA E 17 -3.53 -10.39 76.66
C ALA E 17 -3.31 -9.79 75.27
N LEU E 18 -2.26 -10.28 74.60
CA LEU E 18 -1.90 -9.82 73.27
C LEU E 18 -2.93 -10.15 72.19
N PRO E 19 -3.52 -11.36 72.23
CA PRO E 19 -4.51 -11.69 71.20
C PRO E 19 -5.71 -10.76 71.29
N TYR E 20 -6.11 -10.46 72.52
CA TYR E 20 -7.23 -9.57 72.75
C TYR E 20 -6.93 -8.16 72.26
N ILE E 21 -5.79 -7.58 72.65
CA ILE E 21 -5.48 -6.23 72.18
C ILE E 21 -5.45 -6.23 70.65
N ARG E 22 -5.35 -7.42 70.06
CA ARG E 22 -5.26 -7.54 68.61
C ARG E 22 -6.59 -7.40 67.83
N ARG E 23 -7.72 -7.80 68.40
CA ARG E 23 -8.99 -7.68 67.66
C ARG E 23 -9.32 -6.22 67.32
N PHE E 24 -8.53 -5.28 67.86
CA PHE E 24 -8.76 -3.85 67.63
C PHE E 24 -7.64 -3.04 66.94
N VAL E 25 -6.43 -3.60 66.90
CA VAL E 25 -5.26 -2.92 66.31
C VAL E 25 -5.42 -2.09 65.04
N GLY E 26 -6.10 -2.60 64.03
CA GLY E 26 -6.28 -1.80 62.83
C GLY E 26 -7.49 -0.92 63.01
N LYS E 27 -8.51 -1.53 63.64
CA LYS E 27 -9.80 -0.90 63.88
C LYS E 27 -9.83 0.32 64.83
N THR E 28 -10.90 1.08 64.68
CA THR E 28 -11.17 2.30 65.44
C THR E 28 -12.03 2.04 66.69
N LEU E 29 -11.71 2.76 67.77
CA LEU E 29 -12.42 2.65 69.05
C LEU E 29 -12.89 4.02 69.50
N VAL E 30 -14.21 4.23 69.55
CA VAL E 30 -14.73 5.51 70.02
C VAL E 30 -14.89 5.42 71.54
N ILE E 31 -14.24 6.32 72.26
CA ILE E 31 -14.28 6.36 73.72
C ILE E 31 -15.02 7.59 74.25
N LYS E 32 -16.21 7.36 74.84
CA LYS E 32 -17.01 8.40 75.42
C LYS E 32 -16.74 8.40 76.89
N TYR E 33 -16.15 9.51 77.36
CA TYR E 33 -15.86 9.50 78.73
C TYR E 33 -16.69 10.70 79.12
N GLY E 34 -16.17 11.36 80.14
CA GLY E 34 -16.87 12.53 80.51
C GLY E 34 -18.01 12.18 81.36
N GLY E 35 -19.00 13.08 81.24
CA GLY E 35 -20.15 12.80 82.13
C GLY E 35 -19.55 13.10 83.49
N ASN E 36 -20.04 12.33 84.46
CA ASN E 36 -19.72 12.47 85.85
C ASN E 36 -18.66 11.46 86.27
N ALA E 37 -18.07 10.80 85.27
CA ALA E 37 -17.00 9.85 85.48
C ALA E 37 -15.72 10.69 85.55
N MET E 38 -15.82 11.95 85.13
CA MET E 38 -14.78 12.98 85.04
C MET E 38 -14.35 13.66 86.32
N GLU E 39 -15.26 13.67 87.27
CA GLU E 39 -15.02 14.33 88.54
C GLU E 39 -13.61 14.64 89.07
N SER E 40 -12.61 13.74 89.07
CA SER E 40 -11.34 14.26 89.61
C SER E 40 -10.18 14.23 88.60
N GLU E 41 -9.31 15.26 88.64
CA GLU E 41 -8.14 15.44 87.77
C GLU E 41 -7.22 14.26 87.75
N GLU E 42 -6.88 13.87 88.96
CA GLU E 42 -5.99 12.76 89.16
C GLU E 42 -6.52 11.66 88.28
N LEU E 43 -7.77 11.26 88.52
CA LEU E 43 -8.43 10.19 87.78
C LEU E 43 -8.49 10.49 86.28
N LYS E 44 -9.07 11.65 85.98
CA LYS E 44 -9.22 12.17 84.62
C LYS E 44 -7.92 12.05 83.82
N ALA E 45 -6.80 12.37 84.46
CA ALA E 45 -5.50 12.32 83.82
C ALA E 45 -5.10 10.88 83.51
N GLY E 46 -5.42 9.98 84.43
CA GLY E 46 -5.12 8.57 84.27
C GLY E 46 -5.84 8.05 83.05
N PHE E 47 -7.00 8.62 82.76
CA PHE E 47 -7.77 8.24 81.58
C PHE E 47 -6.97 8.63 80.36
N ALA E 48 -6.54 9.89 80.34
CA ALA E 48 -5.73 10.41 79.25
C ALA E 48 -4.58 9.46 79.01
N ARG E 49 -3.82 9.19 80.07
CA ARG E 49 -2.70 8.27 79.94
C ARG E 49 -3.24 6.94 79.40
N ASP E 50 -4.31 6.40 79.99
CA ASP E 50 -4.87 5.14 79.50
C ASP E 50 -5.12 5.19 78.00
N VAL E 51 -5.30 6.39 77.49
CA VAL E 51 -5.57 6.57 76.07
C VAL E 51 -4.28 6.54 75.25
N VAL E 52 -3.25 7.23 75.73
CA VAL E 52 -1.97 7.26 75.02
C VAL E 52 -1.47 5.83 74.85
N LEU E 53 -1.82 5.01 75.83
CA LEU E 53 -1.42 3.61 75.85
C LEU E 53 -2.04 2.87 74.68
N MET E 54 -3.36 2.94 74.55
CA MET E 54 -4.03 2.27 73.47
C MET E 54 -3.42 2.74 72.16
N LYS E 55 -2.82 3.93 72.20
CA LYS E 55 -2.21 4.47 71.01
C LYS E 55 -0.77 4.03 70.78
N ALA E 56 -0.02 3.76 71.85
CA ALA E 56 1.35 3.28 71.63
C ALA E 56 1.21 1.84 71.14
N VAL E 57 0.14 1.20 71.58
CA VAL E 57 -0.15 -0.18 71.24
C VAL E 57 -0.84 -0.34 69.89
N GLY E 58 -0.88 0.74 69.12
CA GLY E 58 -1.48 0.65 67.80
C GLY E 58 -2.96 0.43 67.74
N ILE E 59 -3.70 1.14 68.59
CA ILE E 59 -5.17 1.10 68.63
C ILE E 59 -5.50 2.54 68.22
N ASN E 60 -6.64 2.77 67.57
CA ASN E 60 -6.98 4.12 67.16
C ASN E 60 -8.19 4.71 67.90
N PRO E 61 -7.91 5.50 68.94
CA PRO E 61 -8.97 6.16 69.73
C PRO E 61 -9.53 7.44 69.19
N VAL E 62 -10.82 7.61 69.46
CA VAL E 62 -11.54 8.83 69.10
C VAL E 62 -12.35 9.12 70.34
N VAL E 63 -11.90 10.13 71.08
CA VAL E 63 -12.53 10.57 72.32
C VAL E 63 -13.68 11.56 72.14
N VAL E 64 -14.82 11.22 72.73
CA VAL E 64 -15.99 12.07 72.73
C VAL E 64 -16.26 12.27 74.21
N HIS E 65 -16.33 13.52 74.63
CA HIS E 65 -16.51 13.83 76.03
C HIS E 65 -17.72 14.69 76.31
N GLY E 66 -18.09 14.75 77.59
CA GLY E 66 -19.22 15.55 77.97
C GLY E 66 -18.79 16.63 78.95
N GLY E 67 -19.73 16.96 79.81
CA GLY E 67 -19.47 17.95 80.82
C GLY E 67 -20.44 17.65 81.94
N GLY E 68 -20.09 18.11 83.12
CA GLY E 68 -20.92 17.95 84.29
C GLY E 68 -20.48 19.16 85.10
N PRO E 69 -19.34 19.03 85.80
CA PRO E 69 -18.73 20.04 86.64
C PRO E 69 -18.59 21.45 86.02
N GLN E 70 -17.79 21.58 84.96
CA GLN E 70 -17.55 22.88 84.34
C GLN E 70 -18.75 23.58 83.72
N ILE E 71 -19.73 22.80 83.31
CA ILE E 71 -20.93 23.35 82.69
C ILE E 71 -21.91 23.77 83.78
N GLY E 72 -21.70 23.20 84.95
CA GLY E 72 -22.56 23.50 86.08
C GLY E 72 -22.20 24.83 86.72
N ASP E 73 -20.95 24.98 87.12
CA ASP E 73 -20.49 26.20 87.79
C ASP E 73 -20.67 27.49 87.00
N LEU E 74 -20.35 27.45 85.70
CA LEU E 74 -20.46 28.65 84.88
C LEU E 74 -21.89 29.04 84.56
N LEU E 75 -22.78 28.06 84.53
CA LEU E 75 -24.19 28.31 84.26
C LEU E 75 -24.78 28.90 85.54
N LYS E 76 -24.12 28.55 86.64
CA LYS E 76 -24.49 29.00 87.98
C LYS E 76 -24.05 30.44 88.15
N ARG E 77 -22.77 30.70 87.93
CA ARG E 77 -22.21 32.03 88.06
C ARG E 77 -22.96 33.12 87.31
N LEU E 78 -23.40 32.78 86.11
CA LEU E 78 -24.09 33.73 85.27
C LEU E 78 -25.59 33.88 85.48
N SER E 79 -26.14 33.22 86.51
CA SER E 79 -27.58 33.31 86.84
C SER E 79 -28.57 32.55 85.95
N ILE E 80 -28.07 31.64 85.12
CA ILE E 80 -28.93 30.91 84.18
C ILE E 80 -29.95 29.87 84.70
N GLU E 81 -29.48 28.87 85.42
CA GLU E 81 -30.35 27.80 85.95
C GLU E 81 -30.71 26.78 84.89
N SER E 82 -29.93 25.69 84.85
CA SER E 82 -30.18 24.62 83.89
C SER E 82 -31.29 23.64 84.33
N HIS E 83 -32.01 23.14 83.33
CA HIS E 83 -33.11 22.22 83.53
C HIS E 83 -32.85 20.95 82.68
N PHE E 84 -33.43 19.80 83.04
CA PHE E 84 -33.20 18.51 82.33
C PHE E 84 -34.43 17.60 82.11
N ILE E 85 -34.48 16.91 80.96
CA ILE E 85 -35.54 15.93 80.65
C ILE E 85 -34.92 14.74 79.89
N ASP E 86 -35.24 13.53 80.34
CA ASP E 86 -34.73 12.29 79.75
C ASP E 86 -33.27 12.32 79.31
N GLY E 87 -32.38 12.63 80.26
CA GLY E 87 -30.96 12.68 79.98
C GLY E 87 -30.47 13.86 79.17
N MET E 88 -31.38 14.73 78.74
CA MET E 88 -30.96 15.86 77.94
C MET E 88 -31.40 17.19 78.50
N ARG E 89 -30.43 18.07 78.73
CA ARG E 89 -30.74 19.37 79.29
C ARG E 89 -31.36 20.29 78.25
N VAL E 90 -32.34 21.06 78.72
CA VAL E 90 -33.09 22.04 77.95
C VAL E 90 -32.21 23.27 77.78
N THR E 91 -31.65 23.42 76.59
CA THR E 91 -30.73 24.51 76.27
C THR E 91 -31.42 25.70 75.57
N ASP E 92 -31.46 26.90 76.16
CA ASP E 92 -32.01 28.08 75.45
C ASP E 92 -30.73 28.82 74.97
N ALA E 93 -30.82 29.99 74.31
CA ALA E 93 -29.68 30.81 73.80
C ALA E 93 -28.46 31.12 74.68
N ALA E 94 -28.68 31.84 75.77
CA ALA E 94 -27.55 32.15 76.61
C ALA E 94 -26.99 30.84 77.15
N THR E 95 -27.84 29.82 77.19
CA THR E 95 -27.46 28.49 77.69
C THR E 95 -26.65 27.75 76.65
N MET E 96 -27.04 27.91 75.38
CA MET E 96 -26.36 27.30 74.24
C MET E 96 -25.00 27.91 73.98
N ASP E 97 -24.94 29.24 74.09
CA ASP E 97 -23.70 29.97 73.88
C ASP E 97 -22.72 29.58 74.96
N VAL E 98 -23.22 29.29 76.16
CA VAL E 98 -22.37 28.91 77.29
C VAL E 98 -21.92 27.46 77.15
N VAL E 99 -22.85 26.58 76.79
CA VAL E 99 -22.49 25.17 76.59
C VAL E 99 -21.44 25.08 75.47
N GLU E 100 -21.72 25.71 74.34
CA GLU E 100 -20.83 25.71 73.19
C GLU E 100 -19.45 26.23 73.59
N MET E 101 -19.45 27.23 74.45
CA MET E 101 -18.23 27.88 74.92
C MET E 101 -17.44 27.09 75.94
N VAL E 102 -18.15 26.47 76.87
CA VAL E 102 -17.51 25.67 77.91
C VAL E 102 -17.03 24.35 77.36
N LEU E 103 -17.96 23.59 76.80
CA LEU E 103 -17.63 22.30 76.25
C LEU E 103 -16.54 22.39 75.19
N GLY E 104 -16.57 23.47 74.43
CA GLY E 104 -15.63 23.64 73.36
C GLY E 104 -14.29 24.29 73.60
N GLY E 105 -14.25 25.34 74.41
CA GLY E 105 -12.98 26.02 74.66
C GLY E 105 -12.34 25.74 76.01
N GLN E 106 -13.06 25.05 76.88
CA GLN E 106 -12.55 24.72 78.21
C GLN E 106 -12.38 23.21 78.42
N VAL E 107 -13.48 22.50 78.64
CA VAL E 107 -13.43 21.07 78.87
C VAL E 107 -12.56 20.36 77.84
N ASN E 108 -13.02 20.40 76.59
CA ASN E 108 -12.37 19.79 75.43
C ASN E 108 -10.88 20.09 75.24
N LYS E 109 -10.48 21.35 75.24
CA LYS E 109 -9.08 21.66 75.03
C LYS E 109 -8.20 21.26 76.19
N ASP E 110 -8.81 21.04 77.35
CA ASP E 110 -8.06 20.67 78.54
C ASP E 110 -7.76 19.18 78.55
N ILE E 111 -8.70 18.37 78.08
CA ILE E 111 -8.47 16.94 77.98
C ILE E 111 -7.33 16.79 76.97
N VAL E 112 -7.43 17.52 75.87
CA VAL E 112 -6.40 17.49 74.86
C VAL E 112 -5.06 17.83 75.49
N ASN E 113 -5.07 18.73 76.46
CA ASN E 113 -3.82 19.12 77.08
C ASN E 113 -3.28 17.98 77.94
N LEU E 114 -4.19 17.10 78.37
CA LEU E 114 -3.81 15.97 79.19
C LEU E 114 -3.17 14.90 78.32
N ILE E 115 -3.89 14.49 77.29
CA ILE E 115 -3.37 13.47 76.39
C ILE E 115 -2.01 13.89 75.82
N ASN E 116 -1.77 15.19 75.72
CA ASN E 116 -0.50 15.65 75.20
C ASN E 116 0.61 15.61 76.23
N ARG E 117 0.26 15.79 77.50
CA ARG E 117 1.27 15.75 78.54
C ARG E 117 1.75 14.31 78.69
N HIS E 118 0.92 13.35 78.30
CA HIS E 118 1.35 11.97 78.41
C HIS E 118 1.87 11.37 77.11
N GLY E 119 2.26 12.23 76.17
CA GLY E 119 2.85 11.72 74.93
C GLY E 119 2.15 11.79 73.60
N GLY E 120 0.89 11.39 73.58
CA GLY E 120 0.14 11.41 72.33
C GLY E 120 -0.12 12.82 71.84
N SER E 121 -0.75 12.94 70.68
CA SER E 121 -1.06 14.25 70.12
C SER E 121 -2.54 14.33 69.82
N ALA E 122 -3.24 15.22 70.52
CA ALA E 122 -4.67 15.36 70.32
C ALA E 122 -5.14 16.72 69.79
N ILE E 123 -6.19 16.67 68.97
CA ILE E 123 -6.77 17.85 68.37
C ILE E 123 -8.18 18.02 68.94
N GLY E 124 -8.40 19.16 69.58
CA GLY E 124 -9.72 19.42 70.15
C GLY E 124 -10.62 19.93 69.06
N LEU E 125 -11.75 19.24 68.84
CA LEU E 125 -12.68 19.62 67.79
C LEU E 125 -14.13 19.63 68.25
N THR E 126 -14.96 20.33 67.49
CA THR E 126 -16.39 20.42 67.77
C THR E 126 -17.10 20.19 66.46
N GLY E 127 -18.40 19.99 66.54
CA GLY E 127 -19.16 19.77 65.33
C GLY E 127 -18.99 20.87 64.30
N LYS E 128 -18.45 22.01 64.70
CA LYS E 128 -18.27 23.12 63.78
C LYS E 128 -16.98 23.13 62.95
N ASP E 129 -15.95 22.41 63.40
CA ASP E 129 -14.73 22.38 62.62
C ASP E 129 -15.04 21.50 61.40
N ALA E 130 -15.02 22.13 60.24
CA ALA E 130 -15.33 21.45 58.99
C ALA E 130 -16.69 20.75 59.07
N GLU E 131 -17.64 21.35 59.76
CA GLU E 131 -18.98 20.79 59.89
C GLU E 131 -18.87 19.30 60.28
N LEU E 132 -17.99 19.02 61.23
CA LEU E 132 -17.78 17.67 61.73
C LEU E 132 -19.06 16.93 62.16
N ILE E 133 -19.93 17.61 62.89
CA ILE E 133 -21.15 16.95 63.32
C ILE E 133 -22.27 17.77 62.75
N ARG E 134 -22.97 17.22 61.77
CA ARG E 134 -24.09 17.93 61.16
C ARG E 134 -25.35 17.62 61.93
N ALA E 135 -26.22 18.61 62.09
CA ALA E 135 -27.40 18.38 62.89
C ALA E 135 -28.67 19.19 62.57
N LYS E 136 -29.81 18.57 62.90
CA LYS E 136 -31.12 19.21 62.78
C LYS E 136 -31.60 19.22 64.22
N LYS E 137 -32.71 19.88 64.52
CA LYS E 137 -33.20 19.89 65.92
C LYS E 137 -33.85 18.55 66.19
N LEU E 138 -33.78 18.08 67.43
CA LEU E 138 -34.38 16.79 67.78
C LEU E 138 -35.90 16.93 67.79
N THR E 139 -36.58 15.89 67.34
CA THR E 139 -38.03 15.83 67.28
C THR E 139 -38.50 15.16 68.60
N VAL E 140 -38.76 15.93 69.66
CA VAL E 140 -39.22 15.24 70.87
C VAL E 140 -40.41 15.84 71.60
N THR E 141 -40.71 15.32 72.77
CA THR E 141 -41.96 15.64 73.47
C THR E 141 -42.16 16.30 74.86
N ILE E 152 -45.57 18.97 72.08
CA ILE E 152 -44.21 19.44 71.82
C ILE E 152 -43.48 19.83 73.09
N ILE E 153 -42.17 19.61 73.07
CA ILE E 153 -41.34 19.99 74.19
C ILE E 153 -40.36 20.97 73.60
N ASP E 154 -40.45 22.25 73.97
CA ASP E 154 -39.48 23.19 73.42
C ASP E 154 -38.25 22.92 74.25
N ILE E 155 -37.61 21.79 73.95
CA ILE E 155 -36.40 21.38 74.62
C ILE E 155 -35.36 22.42 74.23
N GLY E 156 -35.71 23.23 73.24
CA GLY E 156 -34.83 24.28 72.79
C GLY E 156 -33.80 23.78 71.79
N HIS E 157 -32.62 24.36 71.86
CA HIS E 157 -31.53 24.03 70.95
C HIS E 157 -30.83 22.70 71.09
N VAL E 158 -31.61 21.64 71.24
CA VAL E 158 -31.06 20.30 71.33
C VAL E 158 -31.39 19.69 69.97
N GLY E 159 -30.42 19.01 69.36
CA GLY E 159 -30.69 18.42 68.07
C GLY E 159 -30.12 17.04 67.87
N GLU E 160 -30.25 16.50 66.66
CA GLU E 160 -29.70 15.18 66.37
C GLU E 160 -28.54 15.25 65.38
N VAL E 161 -27.92 14.09 65.20
CA VAL E 161 -26.79 13.96 64.29
C VAL E 161 -27.31 13.57 62.90
N THR E 162 -27.11 14.50 61.99
CA THR E 162 -27.50 14.38 60.60
C THR E 162 -26.41 13.59 59.88
N GLY E 163 -25.16 13.91 60.20
CA GLY E 163 -24.03 13.23 59.58
C GLY E 163 -22.72 13.65 60.21
N VAL E 164 -21.68 12.84 60.01
CA VAL E 164 -20.35 13.09 60.56
C VAL E 164 -19.28 13.27 59.45
N ASN E 165 -18.38 14.26 59.61
CA ASN E 165 -17.30 14.45 58.65
C ASN E 165 -16.34 13.34 59.05
N VAL E 166 -16.39 12.24 58.32
CA VAL E 166 -15.56 11.09 58.67
C VAL E 166 -14.23 11.25 57.99
N GLY E 167 -14.25 12.08 56.96
CA GLY E 167 -13.03 12.30 56.24
C GLY E 167 -12.05 13.04 57.13
N LEU E 168 -12.56 14.02 57.87
CA LEU E 168 -11.69 14.81 58.73
C LEU E 168 -11.09 13.87 59.77
N LEU E 169 -11.93 12.98 60.28
CA LEU E 169 -11.51 12.03 61.30
C LEU E 169 -10.48 11.05 60.80
N ASN E 170 -10.74 10.45 59.63
CA ASN E 170 -9.83 9.46 59.05
C ASN E 170 -8.48 10.05 58.69
N MET E 171 -8.45 11.35 58.40
CA MET E 171 -7.19 11.99 58.06
C MET E 171 -6.33 12.15 59.29
N LEU E 172 -6.95 12.63 60.35
CA LEU E 172 -6.28 12.86 61.63
C LEU E 172 -5.73 11.57 62.21
N VAL E 173 -6.62 10.58 62.31
CA VAL E 173 -6.29 9.27 62.85
C VAL E 173 -5.06 8.65 62.19
N LYS E 174 -5.03 8.73 60.87
CA LYS E 174 -3.96 8.12 60.13
C LYS E 174 -2.72 8.99 59.94
N GLY E 175 -2.80 10.18 60.53
CA GLY E 175 -1.69 11.12 60.54
C GLY E 175 -1.10 11.05 61.96
N ASP E 176 -1.67 10.13 62.73
CA ASP E 176 -1.29 9.87 64.13
C ASP E 176 -1.77 10.86 65.17
N PHE E 177 -3.01 11.32 65.08
CA PHE E 177 -3.53 12.25 66.08
C PHE E 177 -4.73 11.66 66.77
N ILE E 178 -5.06 12.19 67.94
CA ILE E 178 -6.23 11.72 68.66
C ILE E 178 -7.31 12.78 68.65
N PRO E 179 -8.39 12.53 67.92
CA PRO E 179 -9.45 13.53 67.89
C PRO E 179 -10.20 13.57 69.24
N VAL E 180 -10.27 14.74 69.86
CA VAL E 180 -11.04 14.89 71.09
C VAL E 180 -12.23 15.73 70.64
N ILE E 181 -13.40 15.09 70.65
CA ILE E 181 -14.64 15.69 70.17
C ILE E 181 -15.68 16.16 71.19
N ALA E 182 -15.92 17.47 71.24
CA ALA E 182 -16.93 18.09 72.12
C ALA E 182 -18.30 17.78 71.47
N PRO E 183 -19.34 17.49 72.25
CA PRO E 183 -20.62 17.18 71.59
C PRO E 183 -21.48 18.36 71.06
N ILE E 184 -20.91 19.20 70.19
CA ILE E 184 -21.67 20.31 69.62
C ILE E 184 -21.96 20.10 68.13
N GLY E 185 -23.21 20.29 67.74
CA GLY E 185 -23.56 20.08 66.35
C GLY E 185 -23.94 21.35 65.62
N VAL E 186 -23.87 21.31 64.29
CA VAL E 186 -24.21 22.46 63.45
C VAL E 186 -25.16 21.99 62.34
N GLY E 187 -26.11 22.86 62.00
CA GLY E 187 -27.07 22.56 60.96
C GLY E 187 -26.91 23.44 59.72
N SER E 188 -27.72 23.15 58.70
CA SER E 188 -27.71 23.87 57.42
C SER E 188 -27.34 25.36 57.47
N ASN E 189 -28.02 26.11 58.32
CA ASN E 189 -27.75 27.54 58.43
C ASN E 189 -26.54 27.91 59.29
N GLY E 190 -25.94 26.91 59.95
CA GLY E 190 -24.79 27.19 60.79
C GLY E 190 -25.13 27.51 62.23
N GLU E 191 -26.27 26.98 62.69
CA GLU E 191 -26.71 27.20 64.06
C GLU E 191 -26.22 26.06 64.93
N SER E 192 -25.81 26.38 66.16
CA SER E 192 -25.35 25.36 67.07
C SER E 192 -26.55 24.61 67.60
N TYR E 193 -26.29 23.40 68.07
CA TYR E 193 -27.30 22.58 68.68
C TYR E 193 -26.47 21.87 69.70
N ASN E 194 -27.05 21.70 70.88
CA ASN E 194 -26.37 21.01 71.94
C ASN E 194 -26.90 19.60 71.75
N ILE E 195 -26.01 18.63 71.84
CA ILE E 195 -26.38 17.23 71.69
C ILE E 195 -25.71 16.48 72.81
N ASN E 196 -26.37 15.43 73.28
CA ASN E 196 -25.83 14.61 74.36
C ASN E 196 -24.53 13.97 73.87
N ALA E 197 -23.48 14.02 74.69
CA ALA E 197 -22.22 13.42 74.29
C ALA E 197 -22.40 11.94 73.95
N ASP E 198 -23.42 11.31 74.50
CA ASP E 198 -23.67 9.91 74.23
C ASP E 198 -24.08 9.62 72.81
N LEU E 199 -25.12 10.31 72.36
CA LEU E 199 -25.63 10.14 71.01
C LEU E 199 -24.56 10.49 69.99
N VAL E 200 -23.81 11.57 70.24
CA VAL E 200 -22.74 11.95 69.34
C VAL E 200 -21.80 10.77 69.19
N ALA E 201 -21.28 10.28 70.30
CA ALA E 201 -20.37 9.13 70.30
C ALA E 201 -20.96 7.95 69.51
N GLY E 202 -22.25 7.69 69.70
CA GLY E 202 -22.90 6.60 68.99
C GLY E 202 -22.95 6.83 67.49
N LYS E 203 -23.13 8.09 67.08
CA LYS E 203 -23.17 8.40 65.66
C LYS E 203 -21.75 8.45 65.14
N VAL E 204 -20.82 9.05 65.89
CA VAL E 204 -19.46 9.10 65.40
C VAL E 204 -18.89 7.69 65.28
N ALA E 205 -19.47 6.74 65.99
CA ALA E 205 -18.99 5.37 65.88
C ALA E 205 -19.64 4.71 64.68
N GLU E 206 -20.96 4.91 64.51
CA GLU E 206 -21.63 4.32 63.36
C GLU E 206 -20.94 4.85 62.10
N ALA E 207 -20.81 6.16 62.00
CA ALA E 207 -20.17 6.79 60.84
C ALA E 207 -18.74 6.33 60.56
N LEU E 208 -18.03 5.81 61.56
CA LEU E 208 -16.66 5.34 61.33
C LEU E 208 -16.61 3.84 61.30
N LYS E 209 -17.75 3.20 61.57
CA LYS E 209 -17.78 1.75 61.59
C LYS E 209 -16.66 1.27 62.50
N ALA E 210 -16.59 1.80 63.72
CA ALA E 210 -15.54 1.40 64.64
C ALA E 210 -15.77 0.01 65.21
N GLU E 211 -14.70 -0.57 65.71
CA GLU E 211 -14.78 -1.90 66.29
C GLU E 211 -15.73 -1.85 67.49
N LYS E 212 -15.48 -0.96 68.45
CA LYS E 212 -16.39 -0.87 69.59
C LYS E 212 -16.55 0.53 70.20
N LEU E 213 -17.74 0.75 70.74
CA LEU E 213 -18.10 2.01 71.38
C LEU E 213 -18.04 1.77 72.87
N MET E 214 -17.23 2.60 73.54
CA MET E 214 -17.01 2.54 74.97
C MET E 214 -17.73 3.70 75.67
N LEU E 215 -18.75 3.37 76.46
CA LEU E 215 -19.51 4.37 77.18
C LEU E 215 -19.08 4.36 78.66
N LEU E 216 -18.20 5.28 79.05
CA LEU E 216 -17.73 5.36 80.43
C LEU E 216 -18.77 6.16 81.17
N THR E 217 -19.27 5.56 82.23
CA THR E 217 -20.30 6.21 82.96
C THR E 217 -19.95 6.31 84.43
N ASN E 218 -20.97 6.62 85.24
CA ASN E 218 -20.83 6.83 86.67
C ASN E 218 -21.10 5.61 87.46
N ILE E 219 -21.76 4.70 86.80
CA ILE E 219 -22.20 3.59 87.53
C ILE E 219 -21.73 2.41 86.74
N ALA E 220 -21.56 1.26 87.37
CA ALA E 220 -21.08 0.16 86.57
C ALA E 220 -22.17 -0.64 85.88
N GLY E 221 -22.49 -0.29 84.64
CA GLY E 221 -23.50 -0.98 83.87
C GLY E 221 -24.95 -0.67 84.18
N LEU E 222 -25.77 -0.61 83.13
CA LEU E 222 -27.22 -0.35 83.24
C LEU E 222 -27.79 -1.43 84.17
N MET E 223 -28.41 -1.01 85.26
CA MET E 223 -28.98 -1.94 86.23
C MET E 223 -30.49 -1.97 86.21
N ASP E 224 -31.05 -2.98 86.87
CA ASP E 224 -32.51 -3.07 86.95
C ASP E 224 -32.90 -2.56 88.34
N LYS E 225 -34.19 -2.37 88.55
CA LYS E 225 -34.67 -1.84 89.81
C LYS E 225 -34.10 -2.50 91.07
N GLN E 226 -33.43 -3.64 90.92
CA GLN E 226 -32.84 -4.33 92.05
C GLN E 226 -31.32 -4.15 92.20
N GLY E 227 -30.74 -3.27 91.36
CA GLY E 227 -29.32 -2.98 91.43
C GLY E 227 -28.48 -4.03 90.72
N GLN E 228 -29.18 -4.88 89.99
CA GLN E 228 -28.62 -5.98 89.23
C GLN E 228 -28.17 -5.51 87.84
N VAL E 229 -26.87 -5.66 87.54
CA VAL E 229 -26.36 -5.26 86.23
C VAL E 229 -26.83 -6.23 85.16
N LEU E 230 -27.03 -5.72 83.95
CA LEU E 230 -27.48 -6.58 82.85
C LEU E 230 -26.52 -6.48 81.65
N THR E 231 -26.48 -7.50 80.81
CA THR E 231 -25.64 -7.50 79.63
C THR E 231 -26.48 -8.14 78.52
N GLY E 232 -25.97 -8.10 77.29
CA GLY E 232 -26.65 -8.68 76.15
C GLY E 232 -28.14 -8.38 75.94
N LEU E 233 -28.55 -7.16 76.26
CA LEU E 233 -29.95 -6.78 76.08
C LEU E 233 -30.30 -6.46 74.62
N SER E 234 -31.48 -6.90 74.20
CA SER E 234 -31.98 -6.69 72.85
C SER E 234 -33.05 -5.62 72.91
N THR E 235 -33.31 -4.95 71.79
CA THR E 235 -34.29 -3.87 71.75
C THR E 235 -35.68 -4.14 72.34
N GLU E 236 -36.23 -5.34 72.12
CA GLU E 236 -37.57 -5.62 72.65
C GLU E 236 -37.61 -5.46 74.16
N GLN E 237 -36.69 -6.14 74.86
CA GLN E 237 -36.66 -6.07 76.32
C GLN E 237 -36.23 -4.71 76.87
N VAL E 238 -35.30 -4.06 76.20
CA VAL E 238 -34.84 -2.75 76.66
C VAL E 238 -35.99 -1.74 76.63
N ASN E 239 -36.91 -1.89 75.70
CA ASN E 239 -38.01 -0.95 75.61
C ASN E 239 -39.06 -1.18 76.68
N GLU E 240 -39.02 -2.37 77.28
CA GLU E 240 -39.93 -2.68 78.36
C GLU E 240 -39.35 -1.97 79.58
N LEU E 241 -38.02 -1.96 79.64
CA LEU E 241 -37.27 -1.32 80.71
C LEU E 241 -37.31 0.22 80.76
N ILE E 242 -37.87 0.86 79.73
CA ILE E 242 -37.97 2.33 79.70
C ILE E 242 -39.36 2.78 80.12
N ALA E 243 -40.36 2.02 79.67
CA ALA E 243 -41.78 2.30 79.94
C ALA E 243 -42.09 2.02 81.40
N ASP E 244 -41.29 1.11 81.94
CA ASP E 244 -41.31 0.58 83.30
C ASP E 244 -40.92 1.53 84.41
N GLY E 245 -39.81 2.23 84.18
CA GLY E 245 -39.28 3.14 85.15
C GLY E 245 -37.84 2.72 85.40
N THR E 246 -37.57 1.45 85.13
CA THR E 246 -36.24 0.84 85.32
C THR E 246 -35.11 1.64 84.72
N ILE E 247 -35.30 2.15 83.50
CA ILE E 247 -34.27 2.95 82.85
C ILE E 247 -34.73 4.39 82.82
N TYR E 248 -33.87 5.28 83.30
CA TYR E 248 -34.24 6.68 83.34
C TYR E 248 -33.05 7.62 83.24
N GLY E 249 -33.35 8.91 83.22
CA GLY E 249 -32.33 9.93 83.16
C GLY E 249 -31.21 9.66 82.18
N GLY E 250 -30.00 10.05 82.57
CA GLY E 250 -28.84 9.85 81.71
C GLY E 250 -28.71 8.54 80.99
N MET E 251 -29.25 7.47 81.57
CA MET E 251 -29.16 6.14 80.98
C MET E 251 -30.12 5.96 79.82
N LEU E 252 -31.00 6.91 79.60
CA LEU E 252 -31.92 6.79 78.49
C LEU E 252 -31.17 6.90 77.15
N PRO E 253 -30.34 7.95 76.99
CA PRO E 253 -29.61 8.08 75.72
C PRO E 253 -28.44 7.11 75.67
N LYS E 254 -27.96 6.70 76.85
CA LYS E 254 -26.84 5.78 76.91
C LYS E 254 -27.12 4.49 76.18
N ILE E 255 -28.19 3.78 76.52
CA ILE E 255 -28.51 2.53 75.82
C ILE E 255 -28.88 2.75 74.38
N ARG E 256 -29.85 3.63 74.16
CA ARG E 256 -30.30 3.88 72.81
C ARG E 256 -29.14 4.18 71.87
N CYS E 257 -28.14 4.93 72.34
CA CYS E 257 -27.00 5.22 71.50
C CYS E 257 -26.23 3.92 71.31
N ALA E 258 -26.38 3.00 72.25
CA ALA E 258 -25.69 1.71 72.19
C ALA E 258 -26.38 0.74 71.26
N LEU E 259 -27.72 0.68 71.33
CA LEU E 259 -28.48 -0.21 70.47
C LEU E 259 -28.36 0.24 69.02
N GLU E 260 -28.35 1.55 68.80
CA GLU E 260 -28.23 2.08 67.44
C GLU E 260 -26.87 1.76 66.88
N ALA E 261 -25.82 2.15 67.58
CA ALA E 261 -24.47 1.89 67.10
C ALA E 261 -24.27 0.45 66.60
N VAL E 262 -24.95 -0.50 67.23
CA VAL E 262 -24.84 -1.91 66.85
C VAL E 262 -25.77 -2.18 65.68
N GLN E 263 -26.99 -1.68 65.79
CA GLN E 263 -27.99 -1.81 64.75
C GLN E 263 -27.34 -1.30 63.46
N GLY E 264 -26.58 -0.22 63.57
CA GLY E 264 -25.95 0.36 62.40
C GLY E 264 -24.44 0.37 62.18
N GLY E 265 -23.76 -0.76 62.37
CA GLY E 265 -22.33 -0.78 62.10
C GLY E 265 -21.27 -1.19 63.10
N VAL E 266 -21.36 -0.66 64.32
CA VAL E 266 -20.35 -0.98 65.32
C VAL E 266 -20.49 -2.37 65.91
N THR E 267 -19.42 -3.15 65.77
CA THR E 267 -19.37 -4.52 66.27
C THR E 267 -20.11 -4.65 67.59
N SER E 268 -19.64 -3.85 68.56
CA SER E 268 -20.15 -3.85 69.92
C SER E 268 -20.20 -2.44 70.55
N ALA E 269 -20.74 -2.37 71.76
CA ALA E 269 -20.86 -1.11 72.50
C ALA E 269 -20.91 -1.50 73.98
N HIS E 270 -19.99 -0.96 74.78
CA HIS E 270 -19.92 -1.31 76.19
C HIS E 270 -20.00 -0.21 77.26
N ILE E 271 -21.03 -0.31 78.13
CA ILE E 271 -21.26 0.64 79.23
C ILE E 271 -20.54 0.14 80.50
N ILE E 272 -19.51 0.85 80.92
CA ILE E 272 -18.73 0.42 82.08
C ILE E 272 -18.56 1.53 83.14
N ASP E 273 -17.88 1.21 84.24
CA ASP E 273 -17.68 2.21 85.28
C ASP E 273 -16.41 3.03 85.02
N GLY E 274 -16.57 4.25 84.54
CA GLY E 274 -15.44 5.10 84.26
C GLY E 274 -14.69 5.59 85.49
N ARG E 275 -15.27 5.36 86.66
CA ARG E 275 -14.64 5.79 87.92
C ARG E 275 -13.51 4.86 88.31
N VAL E 276 -13.57 3.63 87.81
CA VAL E 276 -12.57 2.59 88.07
C VAL E 276 -11.26 2.95 87.35
N PRO E 277 -10.14 3.09 88.08
CA PRO E 277 -8.90 3.43 87.37
C PRO E 277 -8.62 2.42 86.24
N ASN E 278 -7.92 2.84 85.19
CA ASN E 278 -7.60 1.95 84.06
C ASN E 278 -8.82 1.31 83.38
N ALA E 279 -10.02 1.72 83.79
CA ALA E 279 -11.28 1.20 83.26
C ALA E 279 -11.27 0.72 81.81
N VAL E 280 -11.00 1.64 80.88
CA VAL E 280 -10.97 1.33 79.44
C VAL E 280 -10.06 0.15 79.12
N LEU E 281 -8.82 0.22 79.59
CA LEU E 281 -7.84 -0.83 79.36
C LEU E 281 -8.45 -2.20 79.68
N LEU E 282 -9.06 -2.30 80.85
CA LEU E 282 -9.67 -3.53 81.28
C LEU E 282 -10.64 -4.15 80.26
N GLU E 283 -11.38 -3.34 79.52
CA GLU E 283 -12.32 -3.90 78.54
C GLU E 283 -11.65 -4.40 77.28
N ILE E 284 -10.41 -3.95 77.10
CA ILE E 284 -9.62 -4.33 75.96
C ILE E 284 -8.78 -5.54 76.32
N PHE E 285 -7.92 -5.37 77.33
CA PHE E 285 -7.04 -6.44 77.81
C PHE E 285 -7.72 -7.61 78.46
N THR E 286 -9.00 -7.78 78.15
CA THR E 286 -9.75 -8.85 78.75
C THR E 286 -11.05 -8.95 77.96
N ASP E 287 -12.00 -9.74 78.47
CA ASP E 287 -13.34 -9.87 77.89
C ASP E 287 -14.17 -9.90 79.18
N SER E 288 -13.73 -9.06 80.13
CA SER E 288 -14.28 -8.95 81.49
C SER E 288 -15.66 -9.54 81.76
N GLY E 289 -16.65 -9.21 80.95
CA GLY E 289 -17.98 -9.76 81.20
C GLY E 289 -18.77 -8.91 82.17
N VAL E 290 -18.15 -7.82 82.62
CA VAL E 290 -18.78 -6.88 83.55
C VAL E 290 -19.39 -5.75 82.70
N GLY E 291 -20.26 -4.96 83.31
CA GLY E 291 -20.87 -3.86 82.60
C GLY E 291 -22.05 -4.31 81.79
N THR E 292 -22.42 -3.49 80.82
CA THR E 292 -23.54 -3.83 79.97
C THR E 292 -23.05 -3.77 78.54
N LEU E 293 -22.79 -4.95 78.00
CA LEU E 293 -22.30 -5.11 76.64
C LEU E 293 -23.42 -5.42 75.66
N ILE E 294 -23.38 -4.75 74.52
CA ILE E 294 -24.37 -4.96 73.49
C ILE E 294 -23.65 -5.46 72.25
N SER E 295 -24.04 -6.66 71.82
CA SER E 295 -23.47 -7.30 70.64
C SER E 295 -24.63 -7.44 69.66
N ASN E 296 -24.52 -8.41 68.75
CA ASN E 296 -25.55 -8.63 67.74
C ASN E 296 -25.94 -10.12 67.45
N ARG E 297 -26.03 -10.96 68.50
CA ARG E 297 -26.57 -12.35 68.45
C ARG E 297 -26.05 -13.76 68.05
N LYS E 298 -25.24 -13.95 67.13
N THR F 1 -24.17 38.15 39.59
CA THR F 1 -24.74 38.87 38.41
C THR F 1 -23.64 39.60 37.63
N LEU F 2 -23.12 38.93 36.61
CA LEU F 2 -22.06 39.48 35.77
C LEU F 2 -22.69 39.81 34.42
N SER F 3 -24.03 39.81 34.39
CA SER F 3 -24.80 40.15 33.19
C SER F 3 -24.16 39.71 31.89
N ARG F 4 -24.22 40.62 30.92
CA ARG F 4 -23.65 40.45 29.58
C ARG F 4 -22.25 41.06 29.56
N ASP F 5 -22.15 42.31 29.10
CA ASP F 5 -20.88 43.05 29.02
C ASP F 5 -19.89 42.81 30.15
N ASP F 6 -20.36 42.89 31.39
CA ASP F 6 -19.48 42.67 32.53
C ASP F 6 -18.76 41.34 32.35
N ALA F 7 -19.47 40.36 31.79
CA ALA F 7 -18.85 39.06 31.54
C ALA F 7 -17.62 39.41 30.71
N ALA F 8 -17.86 40.11 29.61
CA ALA F 8 -16.83 40.56 28.69
C ALA F 8 -15.69 41.27 29.42
N GLN F 9 -16.04 42.01 30.47
CA GLN F 9 -15.04 42.72 31.26
C GLN F 9 -14.28 41.78 32.16
N VAL F 10 -15.00 41.09 33.05
CA VAL F 10 -14.36 40.19 33.98
C VAL F 10 -13.43 39.20 33.30
N ALA F 11 -13.79 38.78 32.10
CA ALA F 11 -12.95 37.84 31.37
C ALA F 11 -11.60 38.50 31.11
N LYS F 12 -11.63 39.79 30.77
CA LYS F 12 -10.41 40.55 30.47
C LYS F 12 -9.59 40.85 31.72
N VAL F 13 -10.26 41.24 32.79
CA VAL F 13 -9.55 41.56 34.02
C VAL F 13 -9.24 40.34 34.87
N LEU F 14 -9.83 39.21 34.52
CA LEU F 14 -9.53 38.01 35.28
C LEU F 14 -8.21 37.48 34.74
N SER F 15 -8.07 37.55 33.42
CA SER F 15 -6.86 37.11 32.75
C SER F 15 -5.69 37.93 33.26
N GLU F 16 -5.79 39.26 33.15
CA GLU F 16 -4.74 40.11 33.64
C GLU F 16 -4.34 39.54 35.01
N ALA F 17 -5.33 39.51 35.91
CA ALA F 17 -5.17 39.02 37.29
C ALA F 17 -4.63 37.61 37.49
N LEU F 18 -4.73 36.75 36.49
CA LEU F 18 -4.24 35.37 36.61
C LEU F 18 -2.77 35.26 36.95
N PRO F 19 -1.89 35.90 36.15
CA PRO F 19 -0.46 35.85 36.44
C PRO F 19 -0.12 36.28 37.86
N TYR F 20 -0.80 37.31 38.36
CA TYR F 20 -0.54 37.74 39.73
C TYR F 20 -0.94 36.56 40.62
N ILE F 21 -2.12 35.99 40.39
CA ILE F 21 -2.54 34.83 41.16
C ILE F 21 -1.49 33.73 41.05
N ARG F 22 -1.10 33.36 39.83
CA ARG F 22 -0.11 32.30 39.66
C ARG F 22 1.08 32.41 40.65
N ARG F 23 1.58 33.63 40.86
CA ARG F 23 2.71 33.85 41.78
C ARG F 23 2.54 32.91 42.97
N PHE F 24 1.39 33.09 43.61
CA PHE F 24 1.01 32.40 44.83
C PHE F 24 0.31 31.05 44.77
N VAL F 25 0.17 30.48 43.58
CA VAL F 25 -0.44 29.17 43.50
C VAL F 25 0.50 28.22 44.19
N GLY F 26 -0.03 27.42 45.11
CA GLY F 26 0.80 26.45 45.83
C GLY F 26 1.39 27.01 47.10
N LYS F 27 1.45 28.34 47.17
CA LYS F 27 2.03 29.03 48.30
C LYS F 27 1.12 29.16 49.52
N THR F 28 1.75 29.33 50.69
CA THR F 28 1.03 29.50 51.94
C THR F 28 1.04 30.97 52.30
N LEU F 29 -0.06 31.45 52.87
CA LEU F 29 -0.15 32.84 53.30
C LEU F 29 -0.75 32.86 54.71
N VAL F 30 0.07 33.17 55.71
CA VAL F 30 -0.41 33.24 57.08
C VAL F 30 -1.06 34.61 57.22
N ILE F 31 -2.32 34.65 57.64
CA ILE F 31 -3.03 35.92 57.78
C ILE F 31 -3.53 36.23 59.19
N LYS F 32 -3.18 37.41 59.68
CA LYS F 32 -3.62 37.86 61.00
C LYS F 32 -4.84 38.73 60.81
N TYR F 33 -5.96 38.30 61.36
CA TYR F 33 -7.22 39.02 61.20
C TYR F 33 -7.87 39.81 62.35
N GLY F 34 -8.07 39.17 63.50
CA GLY F 34 -8.73 39.79 64.66
C GLY F 34 -8.44 41.18 65.24
N GLY F 35 -9.47 42.04 65.29
CA GLY F 35 -9.28 43.38 65.83
C GLY F 35 -10.50 44.14 66.39
N ASN F 36 -10.47 45.47 66.25
CA ASN F 36 -11.54 46.36 66.72
C ASN F 36 -12.62 46.60 65.64
N ALA F 37 -12.46 47.68 64.87
CA ALA F 37 -13.40 48.05 63.80
C ALA F 37 -13.78 46.85 62.92
N MET F 38 -12.81 45.97 62.72
CA MET F 38 -13.03 44.76 61.93
C MET F 38 -14.20 43.94 62.49
N GLU F 39 -14.44 44.09 63.79
CA GLU F 39 -15.50 43.34 64.48
C GLU F 39 -16.93 43.66 64.03
N SER F 40 -17.09 44.20 62.83
CA SER F 40 -18.41 44.48 62.31
C SER F 40 -18.81 43.11 61.82
N GLU F 41 -20.09 42.86 61.68
CA GLU F 41 -20.49 41.54 61.18
C GLU F 41 -20.30 41.52 59.68
N GLU F 42 -20.98 42.43 59.00
CA GLU F 42 -20.94 42.53 57.56
C GLU F 42 -19.56 42.29 57.00
N LEU F 43 -18.61 42.90 57.68
CA LEU F 43 -17.21 42.85 57.31
C LEU F 43 -16.48 41.56 57.63
N LYS F 44 -16.96 40.82 58.63
CA LYS F 44 -16.31 39.58 59.02
C LYS F 44 -16.54 38.53 57.94
N ALA F 45 -17.76 38.46 57.44
CA ALA F 45 -18.12 37.52 56.38
C ALA F 45 -17.28 37.75 55.12
N GLY F 46 -16.87 39.00 54.88
CA GLY F 46 -16.08 39.31 53.70
C GLY F 46 -14.70 38.66 53.78
N PHE F 47 -14.18 38.54 55.00
CA PHE F 47 -12.88 37.93 55.21
C PHE F 47 -12.99 36.43 55.00
N ALA F 48 -14.07 35.85 55.52
CA ALA F 48 -14.28 34.42 55.36
C ALA F 48 -14.36 34.07 53.87
N ARG F 49 -15.12 34.87 53.13
CA ARG F 49 -15.27 34.67 51.69
C ARG F 49 -13.90 34.83 51.02
N ASP F 50 -13.22 35.95 51.26
CA ASP F 50 -11.91 36.17 50.67
C ASP F 50 -10.96 34.99 50.88
N VAL F 51 -11.01 34.38 52.07
CA VAL F 51 -10.13 33.26 52.35
C VAL F 51 -10.55 32.00 51.59
N VAL F 52 -11.84 31.77 51.44
CA VAL F 52 -12.30 30.61 50.71
C VAL F 52 -11.85 30.81 49.25
N LEU F 53 -12.04 32.03 48.76
CA LEU F 53 -11.65 32.37 47.41
C LEU F 53 -10.17 32.12 47.17
N MET F 54 -9.33 32.48 48.13
CA MET F 54 -7.90 32.26 48.00
C MET F 54 -7.66 30.77 47.86
N LYS F 55 -8.43 30.00 48.62
CA LYS F 55 -8.30 28.55 48.59
C LYS F 55 -8.66 27.99 47.21
N ALA F 56 -9.81 28.42 46.68
CA ALA F 56 -10.27 27.96 45.37
C ALA F 56 -9.20 28.20 44.29
N VAL F 57 -8.72 29.43 44.28
CA VAL F 57 -7.72 29.90 43.36
C VAL F 57 -6.35 29.21 43.45
N GLY F 58 -6.17 28.28 44.39
CA GLY F 58 -4.90 27.57 44.48
C GLY F 58 -3.98 27.89 45.63
N ILE F 59 -4.22 29.01 46.30
CA ILE F 59 -3.41 29.46 47.43
C ILE F 59 -3.88 28.82 48.73
N ASN F 60 -2.93 28.53 49.61
CA ASN F 60 -3.28 27.93 50.90
C ASN F 60 -3.22 28.98 51.99
N PRO F 61 -4.38 29.35 52.56
CA PRO F 61 -4.41 30.35 53.62
C PRO F 61 -4.37 29.72 55.03
N VAL F 62 -3.67 30.39 55.94
CA VAL F 62 -3.60 29.93 57.33
C VAL F 62 -4.04 31.14 58.14
N VAL F 63 -5.12 30.99 58.91
CA VAL F 63 -5.66 32.09 59.67
C VAL F 63 -5.37 32.13 61.16
N VAL F 64 -4.82 33.28 61.59
CA VAL F 64 -4.51 33.55 62.98
C VAL F 64 -5.37 34.76 63.39
N HIS F 65 -6.25 34.58 64.37
CA HIS F 65 -7.14 35.64 64.80
C HIS F 65 -6.87 36.11 66.22
N GLY F 66 -7.19 37.36 66.52
CA GLY F 66 -7.00 37.85 67.88
C GLY F 66 -8.36 38.28 68.43
N GLY F 67 -8.54 39.59 68.57
CA GLY F 67 -9.78 40.21 69.03
C GLY F 67 -10.55 39.76 70.26
N GLY F 68 -10.66 40.67 71.22
CA GLY F 68 -11.36 40.37 72.46
C GLY F 68 -12.52 41.27 72.88
N PRO F 69 -13.36 41.75 71.96
CA PRO F 69 -14.43 42.57 72.55
C PRO F 69 -15.32 41.56 73.30
N GLN F 70 -15.32 40.34 72.77
CA GLN F 70 -16.09 39.20 73.27
C GLN F 70 -15.67 38.70 74.66
N ILE F 71 -14.42 39.00 75.04
CA ILE F 71 -13.89 38.60 76.34
C ILE F 71 -14.32 39.60 77.39
N GLY F 72 -13.94 40.85 77.17
CA GLY F 72 -14.31 41.91 78.10
C GLY F 72 -15.75 41.74 78.50
N ASP F 73 -16.59 41.30 77.56
CA ASP F 73 -18.00 41.11 77.87
C ASP F 73 -18.28 39.93 78.80
N LEU F 74 -17.55 38.83 78.65
CA LEU F 74 -17.79 37.72 79.56
C LEU F 74 -17.25 38.12 80.92
N LEU F 75 -15.96 38.48 80.97
CA LEU F 75 -15.32 38.93 82.21
C LEU F 75 -16.38 39.73 82.95
N LYS F 76 -16.85 40.79 82.30
CA LYS F 76 -17.87 41.66 82.83
C LYS F 76 -19.08 40.91 83.40
N ARG F 77 -19.75 40.09 82.60
CA ARG F 77 -20.92 39.36 83.09
C ARG F 77 -20.58 38.58 84.35
N LEU F 78 -19.29 38.35 84.57
CA LEU F 78 -18.79 37.62 85.72
C LEU F 78 -18.08 38.59 86.68
N SER F 79 -18.28 39.88 86.41
CA SER F 79 -17.73 40.97 87.19
C SER F 79 -16.25 40.85 87.51
N ILE F 80 -15.49 40.35 86.57
CA ILE F 80 -14.08 40.31 86.80
C ILE F 80 -13.64 41.14 85.65
N GLU F 81 -12.92 42.19 85.96
CA GLU F 81 -12.41 43.02 84.92
C GLU F 81 -11.18 43.58 85.53
N SER F 82 -10.22 43.86 84.67
CA SER F 82 -8.97 44.37 85.14
C SER F 82 -8.40 45.34 84.14
N HIS F 83 -7.19 45.77 84.43
CA HIS F 83 -6.47 46.70 83.59
C HIS F 83 -5.19 46.02 83.10
N PHE F 84 -4.69 46.47 81.95
CA PHE F 84 -3.48 45.90 81.34
C PHE F 84 -2.47 46.95 80.79
N ILE F 85 -2.93 47.73 79.82
CA ILE F 85 -2.20 48.84 79.15
C ILE F 85 -0.66 48.91 78.94
N ASP F 86 -0.14 48.19 77.96
CA ASP F 86 1.34 48.20 77.61
C ASP F 86 1.67 47.16 76.49
N GLY F 87 0.72 47.04 75.57
CA GLY F 87 0.86 46.09 74.48
C GLY F 87 0.09 44.85 74.91
N MET F 88 0.63 44.16 75.89
CA MET F 88 0.02 42.94 76.41
C MET F 88 -1.00 43.17 77.52
N ARG F 89 -1.80 42.12 77.76
CA ARG F 89 -2.87 42.10 78.76
C ARG F 89 -2.46 41.33 80.03
N VAL F 90 -2.18 42.05 81.12
CA VAL F 90 -1.78 41.40 82.38
C VAL F 90 -2.89 40.48 82.91
N THR F 91 -2.65 39.19 82.69
CA THR F 91 -3.55 38.08 82.98
C THR F 91 -3.39 37.34 84.32
N ASP F 92 -4.35 37.45 85.23
CA ASP F 92 -4.24 36.67 86.46
C ASP F 92 -4.85 35.33 86.08
N ALA F 93 -4.61 34.28 86.85
CA ALA F 93 -5.14 32.95 86.55
C ALA F 93 -6.61 32.95 86.15
N ALA F 94 -7.37 33.91 86.67
CA ALA F 94 -8.79 34.00 86.34
C ALA F 94 -9.06 34.53 84.94
N THR F 95 -8.54 35.73 84.64
CA THR F 95 -8.77 36.30 83.32
C THR F 95 -8.28 35.30 82.27
N MET F 96 -7.21 34.57 82.59
CA MET F 96 -6.68 33.60 81.66
C MET F 96 -7.69 32.52 81.31
N ASP F 97 -8.33 31.96 82.32
CA ASP F 97 -9.35 30.93 82.08
C ASP F 97 -10.37 31.47 81.10
N VAL F 98 -10.77 32.72 81.31
CA VAL F 98 -11.76 33.34 80.43
C VAL F 98 -11.14 33.65 79.06
N VAL F 99 -9.96 34.28 79.03
CA VAL F 99 -9.31 34.57 77.74
C VAL F 99 -9.32 33.31 76.89
N GLU F 100 -8.74 32.24 77.43
CA GLU F 100 -8.64 30.96 76.74
C GLU F 100 -9.96 30.30 76.37
N MET F 101 -11.01 30.56 77.13
CA MET F 101 -12.31 29.97 76.83
C MET F 101 -13.10 30.69 75.74
N VAL F 102 -13.02 32.02 75.71
CA VAL F 102 -13.74 32.77 74.69
C VAL F 102 -12.92 32.82 73.41
N LEU F 103 -11.60 32.99 73.54
CA LEU F 103 -10.76 33.02 72.35
C LEU F 103 -10.88 31.72 71.57
N GLY F 104 -10.58 30.60 72.22
CA GLY F 104 -10.63 29.32 71.54
C GLY F 104 -11.95 28.56 71.52
N GLY F 105 -12.95 29.02 72.28
CA GLY F 105 -14.21 28.31 72.30
C GLY F 105 -15.37 29.07 71.68
N GLN F 106 -15.16 30.36 71.41
CA GLN F 106 -16.20 31.20 70.83
C GLN F 106 -15.66 31.93 69.58
N VAL F 107 -14.82 32.94 69.80
CA VAL F 107 -14.23 33.71 68.69
C VAL F 107 -13.73 32.78 67.59
N ASN F 108 -12.74 31.97 67.97
CA ASN F 108 -12.11 31.00 67.07
C ASN F 108 -13.17 30.15 66.36
N LYS F 109 -13.99 29.42 67.10
CA LYS F 109 -15.00 28.59 66.45
C LYS F 109 -15.97 29.35 65.54
N ASP F 110 -16.04 30.66 65.65
CA ASP F 110 -16.97 31.37 64.77
C ASP F 110 -16.32 31.73 63.46
N ILE F 111 -15.05 32.13 63.52
CA ILE F 111 -14.36 32.44 62.30
C ILE F 111 -14.31 31.15 61.50
N VAL F 112 -14.34 30.03 62.22
CA VAL F 112 -14.34 28.73 61.56
C VAL F 112 -15.69 28.55 60.91
N ASN F 113 -16.74 28.76 61.68
CA ASN F 113 -18.08 28.60 61.17
C ASN F 113 -18.40 29.39 59.88
N LEU F 114 -17.86 30.60 59.77
CA LEU F 114 -18.11 31.46 58.60
C LEU F 114 -17.45 30.89 57.36
N ILE F 115 -16.14 30.73 57.45
CA ILE F 115 -15.38 30.18 56.35
C ILE F 115 -16.12 28.92 55.90
N ASN F 116 -16.53 28.09 56.84
CA ASN F 116 -17.26 26.89 56.49
C ASN F 116 -18.52 27.19 55.69
N ARG F 117 -19.37 28.09 56.20
CA ARG F 117 -20.61 28.46 55.52
C ARG F 117 -20.39 28.87 54.08
N HIS F 118 -19.21 29.41 53.79
CA HIS F 118 -18.85 29.88 52.45
C HIS F 118 -18.12 28.90 51.54
N GLY F 119 -18.09 27.62 51.88
CA GLY F 119 -17.42 26.64 51.04
C GLY F 119 -16.04 26.21 51.50
N GLY F 120 -15.67 26.57 52.72
CA GLY F 120 -14.36 26.19 53.22
C GLY F 120 -14.42 25.01 54.20
N SER F 121 -13.25 24.57 54.67
CA SER F 121 -13.15 23.48 55.63
C SER F 121 -12.12 24.05 56.60
N ALA F 122 -12.61 24.65 57.67
CA ALA F 122 -11.75 25.29 58.63
C ALA F 122 -11.64 24.45 59.86
N ILE F 123 -10.50 24.55 60.50
CA ILE F 123 -10.27 23.81 61.71
C ILE F 123 -9.84 24.79 62.79
N GLY F 124 -10.66 24.88 63.84
CA GLY F 124 -10.35 25.78 64.93
C GLY F 124 -9.29 25.22 65.85
N LEU F 125 -8.13 25.87 65.87
CA LEU F 125 -7.03 25.41 66.70
C LEU F 125 -6.42 26.47 67.61
N THR F 126 -6.12 26.08 68.84
CA THR F 126 -5.48 26.96 69.80
C THR F 126 -4.09 26.32 69.97
N GLY F 127 -3.26 26.87 70.84
CA GLY F 127 -1.94 26.30 71.03
C GLY F 127 -1.92 24.94 71.74
N LYS F 128 -2.98 24.65 72.51
CA LYS F 128 -3.05 23.39 73.24
C LYS F 128 -3.21 22.18 72.34
N ASP F 129 -3.73 22.39 71.13
CA ASP F 129 -3.94 21.30 70.18
C ASP F 129 -2.62 20.77 69.61
N ALA F 130 -2.27 19.58 70.07
CA ALA F 130 -1.05 18.88 69.69
C ALA F 130 0.12 19.80 69.94
N GLU F 131 0.00 20.60 70.98
CA GLU F 131 1.05 21.52 71.34
C GLU F 131 1.45 22.32 70.11
N LEU F 132 0.44 22.79 69.41
CA LEU F 132 0.59 23.59 68.20
C LEU F 132 1.48 24.82 68.41
N ILE F 133 1.29 25.51 69.54
CA ILE F 133 2.02 26.74 69.86
C ILE F 133 2.67 26.62 71.24
N ARG F 134 3.92 26.16 71.27
CA ARG F 134 4.61 25.99 72.55
C ARG F 134 5.07 27.33 73.09
N ALA F 135 4.94 27.51 74.41
CA ALA F 135 5.27 28.79 75.02
C ALA F 135 5.90 28.78 76.43
N LYS F 136 6.17 29.98 76.93
CA LYS F 136 6.77 30.19 78.26
C LYS F 136 6.33 31.54 78.82
N LYS F 137 6.87 31.91 79.99
CA LYS F 137 6.52 33.19 80.60
C LYS F 137 7.02 34.33 79.71
N LEU F 138 7.21 35.48 80.32
CA LEU F 138 7.63 36.66 79.58
C LEU F 138 8.49 37.51 80.49
N THR F 139 9.21 38.46 79.91
CA THR F 139 10.03 39.33 80.73
C THR F 139 9.77 40.78 80.35
N VAL F 140 8.74 41.36 80.98
CA VAL F 140 8.41 42.75 80.70
C VAL F 140 9.09 43.63 81.74
N THR F 141 9.83 44.59 81.20
CA THR F 141 10.63 45.53 81.96
C THR F 141 10.05 46.95 81.87
N ARG F 142 10.04 47.66 83.01
CA ARG F 142 9.50 49.03 83.09
C ARG F 142 10.47 50.12 82.60
N GLN F 143 10.00 50.89 81.61
CA GLN F 143 10.73 51.96 80.92
C GLN F 143 10.63 53.38 81.48
N PRO F 150 15.74 48.68 85.45
CA PRO F 150 14.72 47.79 84.89
C PRO F 150 14.06 46.93 85.95
N GLU F 151 12.87 47.29 86.37
CA GLU F 151 12.16 46.46 87.33
C GLU F 151 11.26 45.65 86.44
N ILE F 152 11.02 44.39 86.80
CA ILE F 152 10.16 43.59 85.96
C ILE F 152 8.70 43.80 86.36
N ILE F 153 7.85 43.95 85.35
CA ILE F 153 6.42 44.11 85.55
C ILE F 153 5.86 42.71 85.37
N ASP F 154 5.04 42.26 86.32
CA ASP F 154 4.49 40.92 86.23
C ASP F 154 3.52 40.66 85.11
N ILE F 155 4.02 40.10 84.03
CA ILE F 155 3.14 39.75 82.94
C ILE F 155 3.44 38.32 82.52
N GLY F 156 2.99 37.42 83.39
CA GLY F 156 3.11 36.01 83.15
C GLY F 156 1.75 35.70 82.57
N HIS F 157 1.38 34.42 82.47
CA HIS F 157 0.09 34.09 81.88
C HIS F 157 0.01 34.89 80.57
N VAL F 158 1.19 35.16 80.02
CA VAL F 158 1.38 35.91 78.77
C VAL F 158 2.75 35.45 78.28
N GLY F 159 2.85 34.96 77.05
CA GLY F 159 4.14 34.46 76.63
C GLY F 159 4.88 34.89 75.39
N GLU F 160 5.97 34.16 75.16
CA GLU F 160 6.84 34.34 74.01
C GLU F 160 6.71 32.98 73.34
N VAL F 161 6.44 32.96 72.04
CA VAL F 161 6.31 31.70 71.35
C VAL F 161 7.68 31.03 71.24
N THR F 162 7.75 29.78 71.67
CA THR F 162 8.98 29.02 71.63
C THR F 162 8.88 27.78 70.73
N GLY F 163 7.82 27.71 69.93
CA GLY F 163 7.67 26.56 69.05
C GLY F 163 6.33 26.45 68.37
N VAL F 164 6.33 25.79 67.21
CA VAL F 164 5.15 25.58 66.40
C VAL F 164 5.18 24.22 65.71
N ASN F 165 4.16 23.42 65.95
CA ASN F 165 4.03 22.11 65.34
C ASN F 165 3.76 22.40 63.86
N VAL F 166 4.76 22.26 63.00
CA VAL F 166 4.44 22.57 61.63
C VAL F 166 3.87 21.28 61.06
N GLY F 167 4.26 20.19 61.71
CA GLY F 167 3.79 18.88 61.30
C GLY F 167 2.31 18.93 61.10
N LEU F 168 1.60 19.39 62.13
CA LEU F 168 0.13 19.50 62.14
C LEU F 168 -0.42 20.42 61.07
N LEU F 169 0.15 21.62 60.96
CA LEU F 169 -0.30 22.58 59.99
C LEU F 169 -0.15 22.03 58.57
N ASN F 170 0.93 21.30 58.35
CA ASN F 170 1.16 20.73 57.03
C ASN F 170 0.12 19.70 56.71
N MET F 171 -0.20 18.88 57.71
CA MET F 171 -1.20 17.85 57.50
C MET F 171 -2.52 18.50 57.12
N LEU F 172 -2.91 19.52 57.88
CA LEU F 172 -4.16 20.23 57.62
C LEU F 172 -4.20 20.90 56.25
N VAL F 173 -3.13 21.59 55.88
CA VAL F 173 -3.09 22.26 54.59
C VAL F 173 -3.23 21.27 53.44
N LYS F 174 -2.34 20.29 53.43
CA LYS F 174 -2.30 19.25 52.39
C LYS F 174 -3.66 18.60 52.20
N GLY F 175 -4.45 18.56 53.27
CA GLY F 175 -5.77 17.96 53.20
C GLY F 175 -6.82 18.97 52.80
N ASP F 176 -6.35 20.12 52.35
CA ASP F 176 -7.23 21.20 51.93
C ASP F 176 -8.12 21.84 52.98
N PHE F 177 -7.58 21.94 54.19
CA PHE F 177 -8.27 22.59 55.30
C PHE F 177 -7.66 23.97 55.53
N ILE F 178 -8.41 24.86 56.16
CA ILE F 178 -7.89 26.18 56.45
C ILE F 178 -7.72 26.27 57.96
N PRO F 179 -6.47 26.20 58.43
CA PRO F 179 -6.23 26.27 59.87
C PRO F 179 -6.66 27.65 60.40
N VAL F 180 -7.39 27.67 61.51
CA VAL F 180 -7.79 28.93 62.12
C VAL F 180 -7.31 28.83 63.56
N ILE F 181 -6.21 29.53 63.84
CA ILE F 181 -5.59 29.50 65.14
C ILE F 181 -5.71 30.65 66.11
N ALA F 182 -6.31 30.36 67.27
CA ALA F 182 -6.48 31.31 68.38
C ALA F 182 -5.09 31.41 69.02
N PRO F 183 -4.66 32.63 69.37
CA PRO F 183 -3.33 32.82 69.97
C PRO F 183 -3.17 32.51 71.47
N ILE F 184 -3.16 31.22 71.80
CA ILE F 184 -2.97 30.78 73.18
C ILE F 184 -1.77 29.86 73.20
N GLY F 185 -0.79 30.18 74.04
CA GLY F 185 0.40 29.34 74.11
C GLY F 185 0.30 28.31 75.23
N VAL F 186 1.04 27.21 75.10
CA VAL F 186 1.03 26.17 76.12
C VAL F 186 2.45 25.94 76.61
N GLY F 187 2.61 25.80 77.92
CA GLY F 187 3.92 25.60 78.53
C GLY F 187 4.51 24.20 78.53
N SER F 188 5.80 24.10 78.87
CA SER F 188 6.49 22.82 78.92
C SER F 188 5.86 22.00 80.03
N ASN F 189 4.98 22.64 80.78
CA ASN F 189 4.27 22.01 81.87
C ASN F 189 2.79 21.92 81.52
N GLY F 190 2.31 22.85 80.68
CA GLY F 190 0.91 22.81 80.29
C GLY F 190 0.04 24.00 80.68
N GLU F 191 0.64 25.06 81.18
CA GLU F 191 -0.14 26.24 81.56
C GLU F 191 -0.41 26.99 80.28
N SER F 192 -1.47 27.78 80.24
CA SER F 192 -1.76 28.57 79.05
C SER F 192 -1.16 29.93 79.34
N TYR F 193 -0.72 30.60 78.30
CA TYR F 193 -0.19 31.95 78.39
C TYR F 193 -0.98 32.64 77.31
N ASN F 194 -1.27 33.91 77.49
CA ASN F 194 -2.04 34.60 76.47
C ASN F 194 -1.10 35.49 75.66
N ILE F 195 -1.04 35.23 74.35
CA ILE F 195 -0.16 35.98 73.45
C ILE F 195 -0.87 36.91 72.44
N ASN F 196 -0.04 37.74 71.80
CA ASN F 196 -0.45 38.73 70.83
C ASN F 196 -0.50 38.17 69.41
N ALA F 197 -1.70 38.15 68.82
CA ALA F 197 -1.95 37.63 67.48
C ALA F 197 -0.83 37.89 66.46
N ASP F 198 -0.49 39.14 66.23
CA ASP F 198 0.56 39.45 65.25
C ASP F 198 1.77 38.55 65.48
N LEU F 199 2.16 38.39 66.73
CA LEU F 199 3.32 37.59 67.07
C LEU F 199 3.14 36.11 66.77
N VAL F 200 1.95 35.61 67.03
CA VAL F 200 1.69 34.20 66.74
C VAL F 200 1.77 34.03 65.24
N ALA F 201 0.96 34.81 64.52
CA ALA F 201 0.90 34.80 63.06
C ALA F 201 2.28 34.81 62.41
N GLY F 202 3.13 35.73 62.85
CA GLY F 202 4.47 35.81 62.29
C GLY F 202 5.32 34.59 62.63
N LYS F 203 5.15 34.07 63.84
CA LYS F 203 5.93 32.90 64.23
C LYS F 203 5.36 31.65 63.54
N VAL F 204 4.08 31.70 63.15
CA VAL F 204 3.49 30.58 62.43
C VAL F 204 3.99 30.69 60.99
N ALA F 205 4.19 31.91 60.53
CA ALA F 205 4.69 32.17 59.18
C ALA F 205 6.11 31.67 59.03
N GLU F 206 6.98 32.08 59.95
CA GLU F 206 8.38 31.66 59.94
C GLU F 206 8.51 30.13 59.87
N ALA F 207 7.74 29.46 60.70
CA ALA F 207 7.76 28.00 60.78
C ALA F 207 7.40 27.32 59.48
N LEU F 208 6.41 27.86 58.77
CA LEU F 208 5.98 27.27 57.50
C LEU F 208 6.75 27.89 56.34
N LYS F 209 7.63 28.84 56.65
CA LYS F 209 8.39 29.51 55.60
C LYS F 209 7.40 29.90 54.49
N ALA F 210 6.38 30.65 54.91
CA ALA F 210 5.32 31.12 54.04
C ALA F 210 5.75 32.15 53.02
N GLU F 211 4.87 32.39 52.05
CA GLU F 211 5.16 33.37 51.03
C GLU F 211 4.88 34.74 51.62
N LYS F 212 3.77 34.84 52.36
CA LYS F 212 3.41 36.11 52.96
C LYS F 212 2.79 36.04 54.32
N LEU F 213 3.07 37.09 55.07
CA LEU F 213 2.51 37.29 56.38
C LEU F 213 1.65 38.50 56.10
N MET F 214 0.34 38.38 56.32
CA MET F 214 -0.52 39.52 56.09
C MET F 214 -1.07 39.96 57.42
N LEU F 215 -0.80 41.22 57.75
CA LEU F 215 -1.22 41.81 59.01
C LEU F 215 -2.31 42.83 58.84
N LEU F 216 -3.52 42.43 59.20
CA LEU F 216 -4.66 43.30 59.08
C LEU F 216 -4.76 44.28 60.25
N THR F 217 -4.58 45.53 59.91
CA THR F 217 -4.63 46.58 60.90
C THR F 217 -5.86 47.40 60.59
N ASN F 218 -5.97 48.47 61.34
CA ASN F 218 -7.05 49.40 61.19
C ASN F 218 -6.48 50.70 60.60
N ILE F 219 -5.36 50.66 59.88
CA ILE F 219 -4.77 51.90 59.34
C ILE F 219 -4.19 51.52 57.99
N ALA F 220 -4.30 52.35 56.96
CA ALA F 220 -3.78 51.97 55.64
C ALA F 220 -2.39 51.31 55.43
N GLY F 221 -1.63 51.12 56.50
CA GLY F 221 -0.28 50.55 56.43
C GLY F 221 0.66 51.41 57.27
N LEU F 222 1.97 51.33 57.02
CA LEU F 222 2.95 52.14 57.76
C LEU F 222 3.07 53.51 57.10
N MET F 223 2.51 54.53 57.75
CA MET F 223 2.59 55.88 57.20
C MET F 223 3.86 56.56 57.67
N ASP F 224 4.22 57.67 57.05
CA ASP F 224 5.42 58.40 57.45
C ASP F 224 5.07 59.71 58.16
N LYS F 225 5.96 60.69 58.07
CA LYS F 225 5.75 62.00 58.68
C LYS F 225 4.48 62.67 58.14
N GLN F 226 4.50 62.95 56.83
CA GLN F 226 3.39 63.60 56.12
C GLN F 226 2.14 62.75 55.96
N GLY F 227 2.10 61.59 56.62
CA GLY F 227 0.95 60.72 56.52
C GLY F 227 0.81 59.98 55.20
N GLN F 228 1.93 59.78 54.51
CA GLN F 228 1.94 59.08 53.23
C GLN F 228 2.33 57.61 53.40
N VAL F 229 1.61 56.74 52.69
CA VAL F 229 1.85 55.30 52.74
C VAL F 229 3.27 54.94 52.32
N LEU F 230 3.93 54.11 53.14
CA LEU F 230 5.29 53.65 52.87
C LEU F 230 5.25 52.21 52.37
N THR F 231 6.35 51.72 51.81
CA THR F 231 6.35 50.35 51.30
C THR F 231 7.56 49.94 50.47
N GLY F 232 7.52 48.68 50.03
CA GLY F 232 8.54 48.07 49.20
C GLY F 232 9.98 48.26 49.64
N LEU F 233 10.14 48.66 50.89
CA LEU F 233 11.44 48.92 51.48
C LEU F 233 12.01 47.69 52.13
N SER F 234 13.21 47.83 52.70
CA SER F 234 13.84 46.68 53.32
C SER F 234 13.93 46.71 54.85
N THR F 235 14.47 45.62 55.37
CA THR F 235 14.71 45.39 56.78
C THR F 235 15.59 46.47 57.40
N GLU F 236 16.85 46.51 56.98
CA GLU F 236 17.79 47.49 57.51
C GLU F 236 17.13 48.85 57.41
N GLN F 237 16.39 49.03 56.32
CA GLN F 237 15.67 50.27 56.04
C GLN F 237 14.62 50.52 57.12
N VAL F 238 13.83 49.52 57.47
CA VAL F 238 12.79 49.68 58.50
C VAL F 238 13.37 49.84 59.91
N ASN F 239 14.52 49.21 60.16
CA ASN F 239 15.15 49.35 61.45
C ASN F 239 15.52 50.83 61.57
N GLU F 240 15.72 51.44 60.40
CA GLU F 240 16.06 52.86 60.32
C GLU F 240 14.98 53.73 60.93
N LEU F 241 13.84 53.77 60.26
CA LEU F 241 12.73 54.62 60.67
C LEU F 241 12.17 54.39 62.04
N ILE F 242 12.56 53.28 62.66
CA ILE F 242 12.13 53.03 64.02
C ILE F 242 12.87 54.11 64.81
N ALA F 243 14.15 54.32 64.47
CA ALA F 243 15.03 55.31 65.12
C ALA F 243 14.50 56.73 64.89
N ASP F 244 14.01 56.93 63.66
CA ASP F 244 13.39 58.19 63.27
C ASP F 244 12.34 58.35 64.36
N GLY F 245 11.99 57.20 64.93
CA GLY F 245 11.01 57.11 65.99
C GLY F 245 9.62 57.31 65.43
N THR F 246 9.52 57.21 64.10
CA THR F 246 8.29 57.39 63.35
C THR F 246 7.12 56.52 63.79
N ILE F 247 7.44 55.29 64.18
CA ILE F 247 6.44 54.31 64.60
C ILE F 247 6.13 54.39 66.10
N TYR F 248 4.91 54.06 66.48
CA TYR F 248 4.54 54.07 67.89
C TYR F 248 3.28 53.27 68.18
N GLY F 249 2.92 53.16 69.45
CA GLY F 249 1.75 52.38 69.81
C GLY F 249 1.89 50.92 69.43
N GLY F 250 0.76 50.27 69.15
CA GLY F 250 0.76 48.88 68.78
C GLY F 250 1.17 48.61 67.33
N MET F 251 1.91 49.56 66.77
CA MET F 251 2.40 49.47 65.40
C MET F 251 3.85 49.03 65.53
N LEU F 252 4.50 49.52 66.57
CA LEU F 252 5.90 49.21 66.85
C LEU F 252 6.16 47.71 66.73
N PRO F 253 5.48 46.89 67.55
CA PRO F 253 5.68 45.44 67.49
C PRO F 253 5.14 44.77 66.22
N LYS F 254 4.08 45.36 65.64
CA LYS F 254 3.50 44.84 64.41
C LYS F 254 4.65 44.85 63.40
N ILE F 255 5.40 45.94 63.36
CA ILE F 255 6.54 46.01 62.45
C ILE F 255 7.66 45.09 62.87
N ARG F 256 7.84 44.88 64.17
CA ARG F 256 8.91 43.99 64.63
C ARG F 256 8.47 42.55 64.34
N CYS F 257 7.16 42.37 64.19
CA CYS F 257 6.60 41.06 63.89
C CYS F 257 7.03 40.67 62.49
N ALA F 258 6.86 41.60 61.57
CA ALA F 258 7.22 41.40 60.18
C ALA F 258 8.71 41.24 59.99
N LEU F 259 9.47 42.28 60.32
CA LEU F 259 10.93 42.25 60.17
C LEU F 259 11.44 40.86 60.45
N GLU F 260 11.20 40.41 61.67
CA GLU F 260 11.61 39.09 62.07
C GLU F 260 11.11 38.10 61.04
N ALA F 261 9.79 38.06 60.87
CA ALA F 261 9.18 37.16 59.90
C ALA F 261 10.04 37.11 58.65
N VAL F 262 10.32 38.27 58.06
CA VAL F 262 11.15 38.34 56.86
C VAL F 262 12.49 37.68 57.11
N GLN F 263 13.26 38.21 58.07
CA GLN F 263 14.56 37.65 58.38
C GLN F 263 14.43 36.18 58.78
N GLY F 264 13.21 35.80 59.18
CA GLY F 264 12.90 34.44 59.58
C GLY F 264 12.48 33.51 58.45
N GLY F 265 12.86 33.83 57.21
CA GLY F 265 12.53 32.98 56.07
C GLY F 265 11.36 33.38 55.17
N VAL F 266 10.33 33.96 55.79
CA VAL F 266 9.10 34.44 55.15
C VAL F 266 9.45 35.40 54.05
N THR F 267 8.96 35.13 52.86
CA THR F 267 9.25 35.97 51.73
C THR F 267 8.78 37.41 51.84
N SER F 268 7.56 37.66 52.30
CA SER F 268 7.12 39.05 52.41
C SER F 268 6.01 39.31 53.41
N ALA F 269 6.06 40.47 54.03
CA ALA F 269 5.07 40.84 55.03
C ALA F 269 4.29 42.07 54.60
N HIS F 270 2.98 42.01 54.79
CA HIS F 270 2.11 43.10 54.42
C HIS F 270 1.31 43.65 55.60
N ILE F 271 1.48 44.94 55.89
CA ILE F 271 0.68 45.58 56.95
C ILE F 271 -0.34 46.36 56.12
N ILE F 272 -1.60 45.93 56.24
CA ILE F 272 -2.70 46.44 55.44
C ILE F 272 -3.96 46.81 56.23
N ASP F 273 -4.74 47.75 55.70
CA ASP F 273 -5.97 48.17 56.36
C ASP F 273 -7.03 47.11 56.12
N GLY F 274 -7.40 46.41 57.19
CA GLY F 274 -8.40 45.35 57.07
C GLY F 274 -9.82 45.82 57.15
N ARG F 275 -10.05 47.09 56.83
CA ARG F 275 -11.40 47.63 56.86
C ARG F 275 -11.85 47.56 55.43
N VAL F 276 -10.93 47.90 54.54
CA VAL F 276 -11.19 47.85 53.11
C VAL F 276 -11.74 46.44 52.83
N PRO F 277 -12.87 46.35 52.12
CA PRO F 277 -13.43 45.03 51.82
C PRO F 277 -12.55 44.31 50.78
N ASN F 278 -12.46 42.98 50.87
CA ASN F 278 -11.61 42.22 49.95
C ASN F 278 -10.18 42.75 49.99
N ALA F 279 -9.88 43.49 51.05
CA ALA F 279 -8.56 44.08 51.20
C ALA F 279 -7.42 43.09 51.04
N VAL F 280 -7.57 41.89 51.58
CA VAL F 280 -6.51 40.90 51.48
C VAL F 280 -6.29 40.47 50.03
N LEU F 281 -7.38 40.38 49.27
CA LEU F 281 -7.29 39.98 47.87
C LEU F 281 -6.58 41.05 47.06
N LEU F 282 -6.77 42.31 47.42
CA LEU F 282 -6.12 43.42 46.72
C LEU F 282 -4.61 43.20 46.78
N GLU F 283 -4.18 42.53 47.84
CA GLU F 283 -2.78 42.28 48.05
C GLU F 283 -2.20 41.18 47.15
N ILE F 284 -2.98 40.14 46.84
CA ILE F 284 -2.46 39.08 45.97
C ILE F 284 -2.68 39.36 44.49
N PHE F 285 -3.70 40.16 44.14
CA PHE F 285 -4.02 40.50 42.75
C PHE F 285 -3.16 41.58 42.11
N THR F 286 -2.65 42.50 42.90
CA THR F 286 -1.84 43.56 42.34
C THR F 286 -0.40 43.38 42.73
N ASP F 287 0.41 43.11 41.71
CA ASP F 287 1.85 42.91 41.84
C ASP F 287 2.52 43.70 42.94
N SER F 288 2.19 44.99 42.94
CA SER F 288 2.75 45.91 43.90
C SER F 288 2.69 45.64 45.40
N GLY F 289 1.44 45.73 45.86
CA GLY F 289 1.09 45.57 47.25
C GLY F 289 0.30 46.86 47.36
N VAL F 290 -0.90 46.79 47.93
CA VAL F 290 -1.74 47.98 48.04
C VAL F 290 -1.54 48.78 49.33
N GLY F 291 -0.69 48.28 50.23
CA GLY F 291 -0.45 48.98 51.49
C GLY F 291 1.03 49.19 51.79
N THR F 292 1.53 48.60 52.87
CA THR F 292 2.95 48.70 53.21
C THR F 292 3.52 47.30 53.12
N LEU F 293 4.54 47.15 52.29
CA LEU F 293 5.16 45.86 52.04
C LEU F 293 6.60 45.70 52.47
N ILE F 294 6.84 44.83 53.46
CA ILE F 294 8.19 44.59 53.89
C ILE F 294 8.65 43.26 53.36
N SER F 295 9.81 43.31 52.73
CA SER F 295 10.45 42.13 52.18
C SER F 295 11.86 42.64 52.05
N ASN F 296 12.78 41.74 51.73
CA ASN F 296 14.16 42.16 51.54
C ASN F 296 14.92 41.27 50.57
N ARG F 297 14.22 40.48 49.76
CA ARG F 297 14.95 39.64 48.82
C ARG F 297 15.21 40.37 47.49
N LYS F 298 14.42 40.19 46.53
N THR G 1 0.91 25.51 -27.24
CA THR G 1 1.68 26.06 -26.08
C THR G 1 0.71 26.60 -25.04
N LEU G 2 -0.34 25.85 -24.75
CA LEU G 2 -1.32 26.28 -23.77
C LEU G 2 -1.07 25.64 -22.40
N SER G 3 -1.59 26.33 -21.38
CA SER G 3 -1.47 25.95 -19.98
C SER G 3 -1.76 24.51 -19.62
N ARG G 4 -1.19 24.08 -18.48
CA ARG G 4 -1.41 22.73 -17.96
C ARG G 4 -2.83 22.79 -17.41
N ASP G 5 -3.23 24.00 -17.02
CA ASP G 5 -4.54 24.27 -16.48
C ASP G 5 -5.62 24.09 -17.57
N ASP G 6 -5.25 24.45 -18.80
CA ASP G 6 -6.18 24.32 -19.91
C ASP G 6 -6.18 22.92 -20.48
N ALA G 7 -5.03 22.25 -20.36
CA ALA G 7 -4.89 20.88 -20.84
C ALA G 7 -5.89 19.95 -20.18
N ALA G 8 -6.05 20.12 -18.86
CA ALA G 8 -6.99 19.30 -18.11
C ALA G 8 -8.43 19.43 -18.62
N GLN G 9 -8.71 20.45 -19.43
CA GLN G 9 -10.05 20.66 -19.98
C GLN G 9 -10.18 19.87 -21.29
N VAL G 10 -9.11 19.88 -22.09
CA VAL G 10 -9.09 19.16 -23.35
C VAL G 10 -9.24 17.67 -22.99
N ALA G 11 -8.50 17.26 -21.97
CA ALA G 11 -8.53 15.88 -21.48
C ALA G 11 -9.89 15.56 -20.85
N LYS G 12 -10.43 16.51 -20.10
CA LYS G 12 -11.73 16.32 -19.44
C LYS G 12 -12.91 16.25 -20.42
N VAL G 13 -12.75 16.95 -21.53
CA VAL G 13 -13.78 17.05 -22.55
C VAL G 13 -13.68 15.97 -23.62
N LEU G 14 -12.46 15.68 -24.06
CA LEU G 14 -12.25 14.61 -25.04
C LEU G 14 -12.68 13.33 -24.32
N SER G 15 -12.45 13.30 -23.00
CA SER G 15 -12.79 12.15 -22.16
C SER G 15 -14.29 11.95 -21.96
N GLU G 16 -15.04 13.03 -21.79
CA GLU G 16 -16.49 12.90 -21.64
C GLU G 16 -17.09 12.64 -23.02
N ALA G 17 -16.29 12.93 -24.05
CA ALA G 17 -16.71 12.79 -25.44
C ALA G 17 -16.43 11.45 -26.11
N LEU G 18 -15.76 10.54 -25.40
CA LEU G 18 -15.40 9.22 -25.94
C LEU G 18 -16.52 8.32 -26.44
N PRO G 19 -17.66 8.30 -25.73
CA PRO G 19 -18.77 7.46 -26.16
C PRO G 19 -19.22 7.87 -27.54
N TYR G 20 -19.25 9.18 -27.74
CA TYR G 20 -19.71 9.82 -28.97
C TYR G 20 -18.81 9.67 -30.20
N ILE G 21 -17.51 9.81 -30.01
CA ILE G 21 -16.55 9.67 -31.10
C ILE G 21 -16.56 8.21 -31.55
N ARG G 22 -16.39 7.33 -30.57
CA ARG G 22 -16.36 5.88 -30.74
C ARG G 22 -17.25 5.27 -31.87
N ARG G 23 -18.42 5.86 -32.09
CA ARG G 23 -19.34 5.37 -33.12
C ARG G 23 -18.80 5.57 -34.51
N PHE G 24 -17.83 6.48 -34.66
CA PHE G 24 -17.28 6.79 -35.96
C PHE G 24 -15.79 6.52 -36.18
N VAL G 25 -15.04 6.23 -35.12
CA VAL G 25 -13.61 5.98 -35.33
C VAL G 25 -13.52 4.93 -36.43
N GLY G 26 -12.61 5.18 -37.37
CA GLY G 26 -12.44 4.26 -38.47
C GLY G 26 -13.42 4.54 -39.59
N LYS G 27 -14.72 4.58 -39.27
CA LYS G 27 -15.74 4.82 -40.28
C LYS G 27 -15.51 6.13 -41.05
N THR G 28 -16.03 6.21 -42.26
CA THR G 28 -15.88 7.41 -43.09
C THR G 28 -17.09 8.33 -43.01
N LEU G 29 -16.88 9.63 -43.27
CA LEU G 29 -17.94 10.66 -43.21
C LEU G 29 -17.94 11.67 -44.38
N VAL G 30 -19.10 11.91 -44.98
CA VAL G 30 -19.18 12.86 -46.07
C VAL G 30 -19.93 14.12 -45.68
N ILE G 31 -19.19 15.21 -45.54
CA ILE G 31 -19.78 16.49 -45.18
C ILE G 31 -19.91 17.37 -46.40
N LYS G 32 -21.02 18.07 -46.46
CA LYS G 32 -21.26 19.00 -47.55
C LYS G 32 -21.19 20.41 -46.97
N TYR G 33 -20.10 21.10 -47.31
CA TYR G 33 -19.86 22.48 -46.89
C TYR G 33 -20.22 23.33 -48.04
N GLY G 34 -21.46 23.76 -48.04
CA GLY G 34 -21.90 24.61 -49.10
C GLY G 34 -22.92 25.45 -48.37
N GLY G 35 -22.81 26.75 -48.56
CA GLY G 35 -23.77 27.64 -47.94
C GLY G 35 -23.48 29.00 -48.51
N ASN G 36 -24.54 29.68 -48.90
CA ASN G 36 -24.44 31.01 -49.51
C ASN G 36 -24.11 32.03 -48.42
N ALA G 37 -24.69 31.81 -47.22
CA ALA G 37 -24.49 32.67 -46.05
C ALA G 37 -23.34 31.99 -45.36
N MET G 38 -23.12 30.74 -45.82
CA MET G 38 -22.11 29.82 -45.38
C MET G 38 -20.73 30.12 -45.97
N GLU G 39 -20.53 31.33 -46.44
CA GLU G 39 -19.22 31.63 -46.92
C GLU G 39 -18.65 32.94 -46.41
N SER G 40 -18.99 33.15 -45.14
CA SER G 40 -18.54 34.27 -44.33
C SER G 40 -17.18 33.72 -43.81
N GLU G 41 -16.43 34.48 -43.00
CA GLU G 41 -15.09 33.99 -42.56
C GLU G 41 -14.90 33.22 -41.27
N GLU G 42 -15.18 33.84 -40.13
CA GLU G 42 -15.00 33.11 -38.87
C GLU G 42 -15.61 31.73 -38.98
N LEU G 43 -16.71 31.65 -39.73
CA LEU G 43 -17.45 30.40 -39.92
C LEU G 43 -16.70 29.40 -40.80
N LYS G 44 -16.20 29.88 -41.95
CA LYS G 44 -15.46 29.04 -42.88
C LYS G 44 -14.26 28.42 -42.16
N ALA G 45 -13.60 29.23 -41.35
CA ALA G 45 -12.45 28.78 -40.59
C ALA G 45 -12.87 27.87 -39.43
N GLY G 46 -14.16 27.85 -39.13
CA GLY G 46 -14.66 27.01 -38.05
C GLY G 46 -14.83 25.60 -38.58
N PHE G 47 -15.44 25.53 -39.76
CA PHE G 47 -15.67 24.28 -40.45
C PHE G 47 -14.33 23.59 -40.64
N ALA G 48 -13.46 24.24 -41.42
CA ALA G 48 -12.13 23.71 -41.69
C ALA G 48 -11.49 23.13 -40.43
N ARG G 49 -11.54 23.87 -39.33
CA ARG G 49 -10.92 23.36 -38.11
C ARG G 49 -11.69 22.19 -37.51
N ASP G 50 -13.01 22.11 -37.76
CA ASP G 50 -13.77 21.00 -37.23
C ASP G 50 -13.36 19.76 -37.99
N VAL G 51 -13.31 19.89 -39.32
CA VAL G 51 -12.90 18.78 -40.17
C VAL G 51 -11.53 18.22 -39.72
N VAL G 52 -10.55 19.08 -39.48
CA VAL G 52 -9.26 18.59 -39.03
C VAL G 52 -9.40 17.80 -37.74
N LEU G 53 -10.26 18.28 -36.85
CA LEU G 53 -10.45 17.59 -35.58
C LEU G 53 -11.02 16.21 -35.83
N MET G 54 -12.14 16.12 -36.56
CA MET G 54 -12.70 14.82 -36.86
C MET G 54 -11.59 13.86 -37.27
N LYS G 55 -10.95 14.18 -38.40
CA LYS G 55 -9.86 13.38 -38.92
C LYS G 55 -8.88 12.96 -37.84
N ALA G 56 -8.43 13.91 -37.03
CA ALA G 56 -7.46 13.64 -35.97
C ALA G 56 -8.02 12.92 -34.75
N VAL G 57 -9.26 12.44 -34.86
CA VAL G 57 -9.87 11.73 -33.75
C VAL G 57 -10.18 10.31 -34.20
N GLY G 58 -9.97 10.05 -35.48
CA GLY G 58 -10.23 8.73 -36.02
C GLY G 58 -11.31 8.69 -37.08
N ILE G 59 -12.00 9.79 -37.29
CA ILE G 59 -13.03 9.79 -38.31
C ILE G 59 -12.37 10.25 -39.60
N ASN G 60 -12.85 9.74 -40.72
CA ASN G 60 -12.28 10.12 -42.01
C ASN G 60 -13.31 10.86 -42.83
N PRO G 61 -13.21 12.20 -42.84
CA PRO G 61 -14.11 13.09 -43.57
C PRO G 61 -13.75 13.30 -45.03
N VAL G 62 -14.79 13.51 -45.83
CA VAL G 62 -14.67 13.74 -47.25
C VAL G 62 -15.61 14.90 -47.52
N VAL G 63 -15.04 16.01 -47.97
CA VAL G 63 -15.84 17.19 -48.23
C VAL G 63 -16.27 17.36 -49.68
N VAL G 64 -17.50 17.79 -49.86
CA VAL G 64 -18.06 18.08 -51.18
C VAL G 64 -18.51 19.52 -50.94
N HIS G 65 -18.52 20.35 -51.96
CA HIS G 65 -18.87 21.74 -51.75
C HIS G 65 -19.43 22.35 -53.00
N GLY G 66 -20.20 23.42 -52.83
CA GLY G 66 -20.76 24.13 -53.96
C GLY G 66 -20.08 25.49 -54.00
N GLY G 67 -20.57 26.39 -54.85
CA GLY G 67 -19.96 27.71 -54.92
C GLY G 67 -20.64 28.68 -55.87
N GLY G 68 -21.77 29.24 -55.44
CA GLY G 68 -22.50 30.19 -56.28
C GLY G 68 -22.05 31.65 -56.24
N PRO G 69 -22.08 32.29 -55.05
CA PRO G 69 -21.68 33.68 -54.79
C PRO G 69 -20.47 34.16 -55.57
N GLN G 70 -19.53 33.25 -55.75
CA GLN G 70 -18.30 33.57 -56.45
C GLN G 70 -18.42 33.53 -57.96
N ILE G 71 -19.38 32.76 -58.48
CA ILE G 71 -19.56 32.72 -59.93
C ILE G 71 -20.36 33.98 -60.29
N GLY G 72 -21.35 34.29 -59.46
CA GLY G 72 -22.16 35.48 -59.70
C GLY G 72 -21.23 36.67 -59.80
N ASP G 73 -20.12 36.58 -59.09
CA ASP G 73 -19.14 37.66 -59.11
C ASP G 73 -18.35 37.68 -60.43
N LEU G 74 -17.71 36.56 -60.78
CA LEU G 74 -16.92 36.58 -62.00
C LEU G 74 -17.73 36.88 -63.23
N LEU G 75 -18.95 36.37 -63.29
CA LEU G 75 -19.81 36.61 -64.44
C LEU G 75 -20.16 38.10 -64.57
N LYS G 76 -20.58 38.73 -63.47
CA LYS G 76 -20.93 40.15 -63.48
C LYS G 76 -19.84 41.02 -64.08
N ARG G 77 -18.59 40.75 -63.69
CA ARG G 77 -17.45 41.50 -64.21
C ARG G 77 -17.02 41.01 -65.60
N LEU G 78 -17.32 39.75 -65.92
CA LEU G 78 -16.98 39.16 -67.23
C LEU G 78 -17.95 39.68 -68.27
N SER G 79 -19.04 40.29 -67.80
CA SER G 79 -20.08 40.84 -68.64
C SER G 79 -21.15 39.82 -68.95
N ILE G 80 -20.77 38.54 -68.88
CA ILE G 80 -21.68 37.48 -69.20
C ILE G 80 -22.82 37.33 -68.23
N GLU G 81 -23.75 38.28 -68.28
CA GLU G 81 -24.93 38.26 -67.43
C GLU G 81 -25.50 36.86 -67.58
N SER G 82 -26.07 36.36 -66.48
CA SER G 82 -26.59 35.01 -66.43
C SER G 82 -28.08 34.79 -66.23
N HIS G 83 -28.48 34.93 -64.97
CA HIS G 83 -29.83 34.75 -64.44
C HIS G 83 -30.55 33.40 -64.68
N PHE G 84 -30.17 32.54 -63.75
CA PHE G 84 -30.65 31.19 -63.46
C PHE G 84 -31.96 30.87 -64.15
N ILE G 85 -31.95 30.04 -65.19
CA ILE G 85 -33.23 29.81 -65.80
C ILE G 85 -34.23 29.06 -64.93
N ASP G 86 -34.79 27.91 -65.27
CA ASP G 86 -35.84 27.49 -64.36
C ASP G 86 -35.75 26.45 -63.24
N GLY G 87 -34.59 26.39 -62.60
CA GLY G 87 -34.39 25.46 -61.51
C GLY G 87 -32.92 25.47 -61.15
N MET G 88 -32.12 24.92 -62.05
CA MET G 88 -30.69 24.85 -61.86
C MET G 88 -30.05 26.16 -62.32
N ARG G 89 -29.47 26.16 -63.51
CA ARG G 89 -28.86 27.36 -64.04
C ARG G 89 -28.42 27.16 -65.48
N VAL G 90 -28.99 27.96 -66.38
CA VAL G 90 -28.64 27.87 -67.79
C VAL G 90 -27.13 27.86 -67.85
N THR G 91 -26.58 26.94 -68.61
CA THR G 91 -25.14 26.81 -68.68
C THR G 91 -24.68 26.44 -70.06
N ASP G 92 -24.31 27.46 -70.81
CA ASP G 92 -23.81 27.31 -72.17
C ASP G 92 -22.32 27.04 -72.07
N ALA G 93 -21.66 26.86 -73.21
CA ALA G 93 -20.22 26.59 -73.26
C ALA G 93 -19.35 27.62 -72.54
N ALA G 94 -19.55 28.90 -72.85
CA ALA G 94 -18.78 29.97 -72.21
C ALA G 94 -19.03 29.96 -70.71
N THR G 95 -20.28 29.78 -70.32
CA THR G 95 -20.60 29.76 -68.92
C THR G 95 -20.06 28.49 -68.25
N MET G 96 -20.01 27.36 -68.94
CA MET G 96 -19.49 26.17 -68.27
C MET G 96 -18.03 26.43 -67.92
N ASP G 97 -17.25 26.96 -68.86
CA ASP G 97 -15.85 27.26 -68.64
C ASP G 97 -15.56 28.09 -67.38
N VAL G 98 -16.38 29.11 -67.19
CA VAL G 98 -16.24 29.99 -66.05
C VAL G 98 -16.47 29.21 -64.78
N VAL G 99 -17.61 28.52 -64.73
CA VAL G 99 -17.98 27.73 -63.57
C VAL G 99 -16.93 26.65 -63.24
N GLU G 100 -16.48 25.92 -64.25
CA GLU G 100 -15.47 24.88 -64.04
C GLU G 100 -14.18 25.49 -63.47
N MET G 101 -13.86 26.72 -63.86
CA MET G 101 -12.65 27.37 -63.37
C MET G 101 -12.87 28.09 -62.02
N VAL G 102 -14.05 28.66 -61.81
CA VAL G 102 -14.32 29.32 -60.55
C VAL G 102 -14.47 28.30 -59.43
N LEU G 103 -15.04 27.14 -59.75
CA LEU G 103 -15.24 26.08 -58.76
C LEU G 103 -14.01 25.19 -58.68
N GLY G 104 -13.39 24.95 -59.83
CA GLY G 104 -12.22 24.11 -59.86
C GLY G 104 -10.99 24.75 -59.26
N GLY G 105 -10.58 25.91 -59.80
CA GLY G 105 -9.39 26.60 -59.35
C GLY G 105 -9.47 27.64 -58.24
N GLN G 106 -10.65 28.08 -57.85
CA GLN G 106 -10.71 29.06 -56.77
C GLN G 106 -11.37 28.48 -55.53
N VAL G 107 -12.70 28.41 -55.53
CA VAL G 107 -13.44 27.88 -54.38
C VAL G 107 -12.92 26.54 -53.87
N ASN G 108 -12.63 25.64 -54.78
CA ASN G 108 -12.13 24.33 -54.39
C ASN G 108 -10.84 24.50 -53.63
N LYS G 109 -9.82 25.01 -54.30
CA LYS G 109 -8.50 25.21 -53.69
C LYS G 109 -8.47 26.17 -52.50
N ASP G 110 -9.54 26.88 -52.25
CA ASP G 110 -9.47 27.76 -51.11
C ASP G 110 -9.96 27.02 -49.88
N ILE G 111 -10.88 26.07 -50.05
CA ILE G 111 -11.35 25.29 -48.91
C ILE G 111 -10.20 24.38 -48.50
N VAL G 112 -9.49 23.88 -49.51
CA VAL G 112 -8.34 23.02 -49.28
C VAL G 112 -7.32 23.74 -48.43
N ASN G 113 -7.09 25.01 -48.75
CA ASN G 113 -6.10 25.84 -48.09
C ASN G 113 -6.44 26.16 -46.65
N LEU G 114 -7.72 26.21 -46.33
CA LEU G 114 -8.12 26.51 -44.97
C LEU G 114 -7.83 25.30 -44.12
N ILE G 115 -8.39 24.16 -44.54
CA ILE G 115 -8.17 22.92 -43.85
C ILE G 115 -6.68 22.75 -43.65
N ASN G 116 -5.91 22.98 -44.68
CA ASN G 116 -4.47 22.86 -44.53
C ASN G 116 -3.95 23.77 -43.43
N ARG G 117 -4.29 25.05 -43.48
CA ARG G 117 -3.82 26.00 -42.48
C ARG G 117 -4.29 25.64 -41.08
N HIS G 118 -5.41 24.92 -41.01
CA HIS G 118 -5.91 24.53 -39.71
C HIS G 118 -5.39 23.21 -39.18
N GLY G 119 -4.41 22.67 -39.89
CA GLY G 119 -3.78 21.46 -39.40
C GLY G 119 -3.90 20.20 -40.20
N GLY G 120 -4.78 20.26 -41.18
CA GLY G 120 -5.02 19.08 -42.00
C GLY G 120 -4.25 19.02 -43.31
N SER G 121 -4.56 18.01 -44.11
CA SER G 121 -3.95 17.80 -45.43
C SER G 121 -5.07 17.50 -46.40
N ALA G 122 -5.39 18.46 -47.26
CA ALA G 122 -6.49 18.32 -48.19
C ALA G 122 -6.06 18.33 -49.62
N ILE G 123 -6.77 17.56 -50.45
CA ILE G 123 -6.50 17.52 -51.86
C ILE G 123 -7.81 18.02 -52.44
N GLY G 124 -7.75 19.00 -53.34
CA GLY G 124 -8.97 19.51 -53.92
C GLY G 124 -9.12 18.97 -55.32
N LEU G 125 -10.04 18.02 -55.50
CA LEU G 125 -10.26 17.40 -56.81
C LEU G 125 -11.59 17.79 -57.41
N THR G 126 -11.70 17.65 -58.73
CA THR G 126 -12.96 17.92 -59.44
C THR G 126 -13.28 16.59 -60.14
N GLY G 127 -14.47 16.49 -60.72
CA GLY G 127 -14.85 15.27 -61.41
C GLY G 127 -13.89 14.78 -62.48
N LYS G 128 -13.14 15.69 -63.11
CA LYS G 128 -12.20 15.31 -64.16
C LYS G 128 -11.02 14.51 -63.62
N ASP G 129 -10.66 14.79 -62.38
CA ASP G 129 -9.51 14.14 -61.75
C ASP G 129 -9.67 12.62 -61.62
N ALA G 130 -9.03 11.89 -62.53
CA ALA G 130 -9.09 10.43 -62.59
C ALA G 130 -10.51 9.93 -62.81
N GLU G 131 -11.33 10.78 -63.45
CA GLU G 131 -12.72 10.45 -63.73
C GLU G 131 -13.44 10.08 -62.42
N LEU G 132 -13.17 10.94 -61.43
CA LEU G 132 -13.73 10.83 -60.09
C LEU G 132 -15.27 10.88 -60.06
N ILE G 133 -15.86 11.73 -60.90
CA ILE G 133 -17.31 11.83 -60.94
C ILE G 133 -17.73 11.79 -62.39
N ARG G 134 -18.19 10.63 -62.82
CA ARG G 134 -18.67 10.44 -64.19
C ARG G 134 -20.09 10.97 -64.24
N ALA G 135 -20.46 11.51 -65.40
CA ALA G 135 -21.79 12.09 -65.59
C ALA G 135 -22.20 12.10 -67.05
N LYS G 136 -23.43 12.53 -67.30
CA LYS G 136 -24.00 12.61 -68.64
C LYS G 136 -25.06 13.70 -68.56
N LYS G 137 -25.30 14.39 -69.68
CA LYS G 137 -26.28 15.47 -69.66
C LYS G 137 -27.58 15.07 -69.00
N LEU G 138 -28.20 16.01 -68.30
CA LEU G 138 -29.45 15.71 -67.67
C LEU G 138 -30.50 15.95 -68.74
N THR G 139 -31.55 15.14 -68.72
CA THR G 139 -32.62 15.29 -69.69
C THR G 139 -33.64 16.19 -69.01
N VAL G 140 -33.89 17.30 -69.70
CA VAL G 140 -34.75 18.41 -69.30
C VAL G 140 -36.06 18.42 -70.12
N THR G 141 -37.00 19.28 -69.75
CA THR G 141 -38.28 19.34 -70.46
C THR G 141 -39.26 20.40 -70.05
N ARG G 142 -40.32 20.51 -70.84
CA ARG G 142 -41.51 21.25 -70.48
C ARG G 142 -42.10 22.32 -71.26
N GLN G 143 -43.35 22.58 -70.88
CA GLN G 143 -44.26 23.53 -71.50
C GLN G 143 -43.87 24.95 -71.78
N THR G 144 -44.83 25.57 -72.47
CA THR G 144 -44.90 26.96 -72.91
C THR G 144 -46.37 26.86 -73.30
N PRO G 145 -47.18 27.87 -72.95
CA PRO G 145 -48.61 27.81 -73.30
C PRO G 145 -49.00 27.46 -74.75
N GLU G 146 -48.02 27.22 -75.63
CA GLU G 146 -48.29 26.87 -77.03
C GLU G 146 -47.96 25.43 -77.42
N MET G 147 -46.96 24.85 -76.76
CA MET G 147 -46.60 23.48 -77.10
C MET G 147 -47.51 22.43 -76.51
N THR G 148 -48.05 21.70 -77.48
CA THR G 148 -48.98 20.59 -77.36
C THR G 148 -48.52 19.46 -76.43
N LYS G 149 -47.23 19.14 -76.50
CA LYS G 149 -46.66 18.07 -75.67
C LYS G 149 -45.26 18.47 -75.23
N PRO G 150 -44.84 18.01 -74.03
CA PRO G 150 -43.50 18.34 -73.55
C PRO G 150 -42.49 18.18 -74.69
N GLU G 151 -41.40 18.93 -74.64
CA GLU G 151 -40.39 18.90 -75.69
C GLU G 151 -38.98 18.96 -75.11
N ILE G 152 -38.07 18.11 -75.62
CA ILE G 152 -36.69 18.10 -75.11
C ILE G 152 -36.10 19.50 -75.12
N ILE G 153 -35.37 19.82 -74.04
CA ILE G 153 -34.74 21.12 -73.83
C ILE G 153 -33.23 21.03 -73.64
N ASP G 154 -32.49 21.89 -74.33
CA ASP G 154 -31.04 21.90 -74.20
C ASP G 154 -30.61 22.97 -73.22
N ILE G 155 -30.42 22.56 -71.96
CA ILE G 155 -29.97 23.48 -70.92
C ILE G 155 -28.45 23.50 -71.03
N GLY G 156 -27.96 22.96 -72.15
CA GLY G 156 -26.53 22.97 -72.39
C GLY G 156 -25.79 21.83 -71.73
N HIS G 157 -24.88 22.19 -70.84
CA HIS G 157 -24.08 21.21 -70.14
C HIS G 157 -24.35 21.17 -68.63
N VAL G 158 -25.45 20.52 -68.24
CA VAL G 158 -25.82 20.39 -66.83
C VAL G 158 -26.28 18.94 -66.63
N GLY G 159 -25.64 18.21 -65.72
CA GLY G 159 -26.04 16.81 -65.57
C GLY G 159 -26.28 16.10 -64.25
N GLU G 160 -26.11 14.78 -64.32
CA GLU G 160 -26.29 13.89 -63.20
C GLU G 160 -25.18 12.83 -63.20
N VAL G 161 -24.86 12.36 -61.99
CA VAL G 161 -23.80 11.39 -61.76
C VAL G 161 -24.14 9.93 -62.09
N THR G 162 -23.23 9.27 -62.78
CA THR G 162 -23.42 7.87 -63.14
C THR G 162 -22.48 7.00 -62.32
N GLY G 163 -21.31 7.53 -61.95
CA GLY G 163 -20.38 6.73 -61.16
C GLY G 163 -19.28 7.55 -60.50
N VAL G 164 -18.73 7.01 -59.42
CA VAL G 164 -17.68 7.67 -58.65
C VAL G 164 -16.44 6.76 -58.59
N ASN G 165 -15.25 7.32 -58.76
CA ASN G 165 -14.03 6.53 -58.67
C ASN G 165 -13.84 6.46 -57.16
N VAL G 166 -14.16 5.30 -56.58
CA VAL G 166 -14.09 5.14 -55.13
C VAL G 166 -12.75 4.66 -54.62
N GLY G 167 -11.94 4.18 -55.55
CA GLY G 167 -10.65 3.69 -55.18
C GLY G 167 -9.72 4.87 -54.97
N LEU G 168 -9.96 5.95 -55.70
CA LEU G 168 -9.16 7.16 -55.59
C LEU G 168 -9.42 7.76 -54.21
N LEU G 169 -10.69 7.84 -53.84
CA LEU G 169 -11.04 8.37 -52.54
C LEU G 169 -10.53 7.42 -51.47
N ASN G 170 -10.81 6.12 -51.61
CA ASN G 170 -10.37 5.13 -50.65
C ASN G 170 -8.89 5.27 -50.40
N MET G 171 -8.14 5.35 -51.48
CA MET G 171 -6.70 5.48 -51.37
C MET G 171 -6.33 6.78 -50.65
N LEU G 172 -6.99 7.88 -50.97
CA LEU G 172 -6.70 9.16 -50.32
C LEU G 172 -7.01 9.18 -48.82
N VAL G 173 -8.12 8.55 -48.42
CA VAL G 173 -8.49 8.47 -47.01
C VAL G 173 -7.37 7.72 -46.31
N LYS G 174 -7.14 6.51 -46.80
CA LYS G 174 -6.12 5.64 -46.26
C LYS G 174 -4.77 6.30 -46.09
N GLY G 175 -4.58 7.47 -46.71
CA GLY G 175 -3.31 8.18 -46.63
C GLY G 175 -3.36 9.39 -45.72
N ASP G 176 -4.52 9.55 -45.06
CA ASP G 176 -4.75 10.65 -44.13
C ASP G 176 -4.76 12.01 -44.82
N PHE G 177 -5.51 12.06 -45.91
CA PHE G 177 -5.70 13.27 -46.68
C PHE G 177 -7.22 13.45 -46.61
N ILE G 178 -7.68 14.69 -46.67
CA ILE G 178 -9.10 14.96 -46.64
C ILE G 178 -9.54 15.41 -48.04
N PRO G 179 -10.17 14.50 -48.80
CA PRO G 179 -10.63 14.85 -50.14
C PRO G 179 -11.61 16.01 -50.15
N VAL G 180 -11.33 17.03 -50.94
CA VAL G 180 -12.26 18.14 -51.04
C VAL G 180 -12.76 18.11 -52.47
N ILE G 181 -14.03 17.78 -52.64
CA ILE G 181 -14.61 17.65 -53.97
C ILE G 181 -15.49 18.78 -54.45
N ALA G 182 -15.27 19.19 -55.69
CA ALA G 182 -16.07 20.22 -56.31
C ALA G 182 -17.07 19.46 -57.18
N PRO G 183 -18.33 19.93 -57.26
CA PRO G 183 -19.31 19.22 -58.07
C PRO G 183 -19.31 19.55 -59.55
N ILE G 184 -18.37 18.92 -60.26
CA ILE G 184 -18.25 19.06 -61.70
C ILE G 184 -17.89 17.67 -62.16
N GLY G 185 -18.80 17.05 -62.89
CA GLY G 185 -18.57 15.71 -63.39
C GLY G 185 -18.15 15.73 -64.83
N VAL G 186 -17.65 14.60 -65.28
CA VAL G 186 -17.19 14.43 -66.65
C VAL G 186 -17.92 13.28 -67.30
N GLY G 187 -18.08 13.36 -68.61
CA GLY G 187 -18.74 12.30 -69.33
C GLY G 187 -17.74 11.61 -70.22
N SER G 188 -18.16 10.46 -70.73
CA SER G 188 -17.34 9.63 -71.61
C SER G 188 -16.69 10.44 -72.72
N ASN G 189 -17.36 11.53 -73.12
CA ASN G 189 -16.88 12.39 -74.18
C ASN G 189 -15.96 13.47 -73.61
N GLY G 190 -15.49 13.24 -72.39
CA GLY G 190 -14.62 14.20 -71.76
C GLY G 190 -15.24 15.59 -71.80
N GLU G 191 -16.41 15.75 -71.20
CA GLU G 191 -17.08 17.05 -71.18
C GLU G 191 -17.44 17.36 -69.75
N SER G 192 -17.47 18.65 -69.41
CA SER G 192 -17.81 19.02 -68.04
C SER G 192 -19.33 19.11 -67.92
N TYR G 193 -19.82 19.11 -66.69
CA TYR G 193 -21.25 19.23 -66.40
C TYR G 193 -21.40 19.78 -65.00
N ASN G 194 -22.24 20.80 -64.83
CA ASN G 194 -22.46 21.39 -63.51
C ASN G 194 -23.45 20.47 -62.74
N ILE G 195 -23.39 20.45 -61.39
CA ILE G 195 -24.27 19.57 -60.60
C ILE G 195 -24.55 19.94 -59.13
N ASN G 196 -25.80 19.78 -58.70
CA ASN G 196 -26.16 20.06 -57.30
C ASN G 196 -25.22 19.31 -56.35
N ALA G 197 -24.36 20.06 -55.67
CA ALA G 197 -23.41 19.49 -54.74
C ALA G 197 -24.05 18.55 -53.71
N ASP G 198 -25.35 18.71 -53.46
CA ASP G 198 -26.02 17.84 -52.51
C ASP G 198 -26.02 16.43 -53.10
N LEU G 199 -26.49 16.30 -54.34
CA LEU G 199 -26.50 14.99 -54.99
C LEU G 199 -25.10 14.43 -55.02
N VAL G 200 -24.19 15.19 -55.63
CA VAL G 200 -22.81 14.76 -55.72
C VAL G 200 -22.37 14.26 -54.36
N ALA G 201 -22.56 15.09 -53.34
CA ALA G 201 -22.15 14.70 -51.99
C ALA G 201 -22.78 13.40 -51.50
N GLY G 202 -23.99 13.11 -51.99
CA GLY G 202 -24.67 11.89 -51.58
C GLY G 202 -24.15 10.71 -52.36
N LYS G 203 -24.02 10.90 -53.67
CA LYS G 203 -23.50 9.86 -54.54
C LYS G 203 -22.18 9.36 -53.95
N VAL G 204 -21.25 10.28 -53.74
CA VAL G 204 -19.96 9.96 -53.16
C VAL G 204 -20.05 9.11 -51.89
N ALA G 205 -21.07 9.34 -51.05
CA ALA G 205 -21.23 8.60 -49.78
C ALA G 205 -21.74 7.22 -50.02
N GLU G 206 -22.57 7.13 -51.05
CA GLU G 206 -23.13 5.87 -51.46
C GLU G 206 -21.97 5.00 -51.91
N ALA G 207 -21.33 5.43 -53.00
CA ALA G 207 -20.20 4.71 -53.59
C ALA G 207 -19.24 4.31 -52.50
N LEU G 208 -19.13 5.22 -51.56
CA LEU G 208 -18.25 5.07 -50.45
C LEU G 208 -18.90 4.38 -49.28
N LYS G 209 -20.22 4.25 -49.29
CA LYS G 209 -20.95 3.65 -48.17
C LYS G 209 -20.31 4.20 -46.89
N ALA G 210 -20.67 5.43 -46.51
CA ALA G 210 -20.12 6.04 -45.31
C ALA G 210 -21.12 5.93 -44.15
N GLU G 211 -20.62 6.04 -42.93
CA GLU G 211 -21.49 5.93 -41.78
C GLU G 211 -22.50 7.07 -41.68
N LYS G 212 -22.15 8.23 -42.24
CA LYS G 212 -23.05 9.38 -42.20
C LYS G 212 -22.79 10.41 -43.32
N LEU G 213 -23.87 10.81 -43.99
CA LEU G 213 -23.82 11.83 -45.04
C LEU G 213 -24.38 13.04 -44.33
N MET G 214 -23.55 14.05 -44.14
CA MET G 214 -23.97 15.26 -43.45
C MET G 214 -24.16 16.41 -44.42
N LEU G 215 -25.38 16.91 -44.53
CA LEU G 215 -25.64 18.04 -45.41
C LEU G 215 -25.70 19.33 -44.60
N LEU G 216 -24.85 20.29 -44.96
CA LEU G 216 -24.83 21.58 -44.27
C LEU G 216 -25.64 22.60 -45.05
N THR G 217 -26.69 23.09 -44.40
CA THR G 217 -27.61 24.05 -44.99
C THR G 217 -27.82 25.26 -44.07
N ASN G 218 -28.68 26.20 -44.51
CA ASN G 218 -28.96 27.41 -43.75
C ASN G 218 -30.31 27.42 -43.00
N ILE G 219 -30.68 26.28 -42.43
CA ILE G 219 -31.96 26.17 -41.71
C ILE G 219 -31.80 25.18 -40.58
N ALA G 220 -32.68 25.24 -39.58
CA ALA G 220 -32.61 24.32 -38.45
C ALA G 220 -32.56 22.86 -38.90
N GLY G 221 -33.34 22.54 -39.93
CA GLY G 221 -33.40 21.20 -40.48
C GLY G 221 -34.58 21.16 -41.44
N LEU G 222 -35.24 20.01 -41.57
CA LEU G 222 -36.40 19.94 -42.45
C LEU G 222 -37.58 20.30 -41.54
N MET G 223 -38.56 21.00 -42.10
CA MET G 223 -39.68 21.43 -41.29
C MET G 223 -41.06 21.23 -41.85
N ASP G 224 -41.98 20.92 -40.94
CA ASP G 224 -43.37 20.75 -41.30
C ASP G 224 -43.88 22.18 -41.46
N LYS G 225 -45.14 22.36 -41.82
CA LYS G 225 -45.68 23.70 -42.02
C LYS G 225 -45.85 24.54 -40.75
N GLN G 226 -46.08 23.89 -39.60
CA GLN G 226 -46.27 24.60 -38.32
C GLN G 226 -44.91 25.12 -37.90
N GLY G 227 -44.06 25.01 -38.91
CA GLY G 227 -42.70 25.46 -38.86
C GLY G 227 -41.92 25.06 -37.64
N GLN G 228 -41.84 23.72 -37.45
CA GLN G 228 -41.10 22.97 -36.41
C GLN G 228 -40.18 21.96 -37.17
N VAL G 229 -39.02 21.62 -36.62
CA VAL G 229 -38.08 20.70 -37.30
C VAL G 229 -38.48 19.22 -37.21
N LEU G 230 -38.30 18.48 -38.31
CA LEU G 230 -38.61 17.05 -38.34
C LEU G 230 -37.34 16.21 -38.30
N THR G 231 -37.49 14.95 -37.90
CA THR G 231 -36.35 14.04 -37.80
C THR G 231 -36.85 12.60 -37.83
N GLY G 232 -35.94 11.65 -38.04
CA GLY G 232 -36.34 10.27 -38.09
C GLY G 232 -37.46 10.09 -39.10
N LEU G 233 -37.33 10.76 -40.23
CA LEU G 233 -38.31 10.68 -41.28
C LEU G 233 -38.10 9.42 -42.09
N SER G 234 -39.18 8.94 -42.68
CA SER G 234 -39.16 7.74 -43.49
C SER G 234 -39.31 8.18 -44.94
N THR G 235 -39.32 7.22 -45.86
CA THR G 235 -39.51 7.55 -47.26
C THR G 235 -40.97 7.97 -47.39
N GLU G 236 -41.84 7.12 -46.87
CA GLU G 236 -43.28 7.34 -46.88
C GLU G 236 -43.62 8.76 -46.50
N GLN G 237 -43.19 9.13 -45.29
CA GLN G 237 -43.45 10.45 -44.76
C GLN G 237 -42.91 11.58 -45.65
N VAL G 238 -41.75 11.35 -46.26
CA VAL G 238 -41.16 12.36 -47.15
C VAL G 238 -42.03 12.60 -48.37
N ASN G 239 -42.49 11.51 -48.98
CA ASN G 239 -43.33 11.60 -50.17
C ASN G 239 -44.64 12.31 -49.86
N GLU G 240 -45.19 12.05 -48.67
CA GLU G 240 -46.43 12.67 -48.26
C GLU G 240 -46.17 14.14 -48.02
N LEU G 241 -45.03 14.42 -47.40
CA LEU G 241 -44.63 15.78 -47.10
C LEU G 241 -44.26 16.55 -48.38
N ILE G 242 -43.88 15.83 -49.43
CA ILE G 242 -43.56 16.48 -50.69
C ILE G 242 -44.89 16.68 -51.40
N ALA G 243 -45.76 15.68 -51.25
CA ALA G 243 -47.08 15.66 -51.88
C ALA G 243 -48.04 16.74 -51.40
N ASP G 244 -48.08 16.97 -50.08
CA ASP G 244 -48.99 17.96 -49.54
C ASP G 244 -48.43 19.39 -49.68
N GLY G 245 -47.17 19.50 -50.10
CA GLY G 245 -46.61 20.83 -50.33
C GLY G 245 -45.60 21.33 -49.33
N THR G 246 -45.49 20.60 -48.24
CA THR G 246 -44.56 20.96 -47.20
C THR G 246 -43.13 21.21 -47.69
N ILE G 247 -42.51 20.19 -48.28
CA ILE G 247 -41.14 20.31 -48.77
C ILE G 247 -41.13 20.83 -50.20
N TYR G 248 -40.29 21.85 -50.45
CA TYR G 248 -40.15 22.49 -51.76
C TYR G 248 -38.78 23.14 -51.92
N GLY G 249 -38.57 23.75 -53.09
CA GLY G 249 -37.31 24.40 -53.35
C GLY G 249 -36.14 23.44 -53.33
N GLY G 250 -34.98 23.95 -52.94
CA GLY G 250 -33.78 23.14 -52.89
C GLY G 250 -33.83 22.02 -51.86
N MET G 251 -34.84 22.08 -51.00
CA MET G 251 -35.03 21.08 -49.95
C MET G 251 -35.51 19.73 -50.51
N LEU G 252 -36.21 19.77 -51.64
CA LEU G 252 -36.67 18.53 -52.27
C LEU G 252 -35.41 17.79 -52.69
N PRO G 253 -34.65 18.38 -53.62
CA PRO G 253 -33.41 17.76 -54.11
C PRO G 253 -32.59 17.30 -52.91
N LYS G 254 -32.42 18.22 -51.98
CA LYS G 254 -31.64 17.97 -50.79
C LYS G 254 -32.07 16.70 -50.07
N ILE G 255 -33.36 16.59 -49.76
CA ILE G 255 -33.86 15.40 -49.05
C ILE G 255 -33.79 14.18 -49.94
N ARG G 256 -34.16 14.35 -51.20
CA ARG G 256 -34.10 13.25 -52.14
C ARG G 256 -32.71 12.63 -51.96
N CYS G 257 -31.71 13.47 -51.81
CA CYS G 257 -30.34 13.02 -51.62
C CYS G 257 -30.14 12.06 -50.44
N ALA G 258 -30.52 12.49 -49.24
CA ALA G 258 -30.34 11.65 -48.04
C ALA G 258 -31.22 10.42 -48.19
N LEU G 259 -32.34 10.64 -48.87
CA LEU G 259 -33.28 9.59 -49.16
C LEU G 259 -32.44 8.47 -49.80
N GLU G 260 -31.93 8.76 -50.97
CA GLU G 260 -31.14 7.83 -51.73
C GLU G 260 -29.87 7.27 -51.09
N ALA G 261 -29.22 7.99 -50.18
CA ALA G 261 -27.97 7.51 -49.57
C ALA G 261 -28.10 6.49 -48.45
N VAL G 262 -29.10 6.69 -47.58
CA VAL G 262 -29.33 5.77 -46.46
C VAL G 262 -29.90 4.49 -47.05
N GLN G 263 -30.79 4.71 -48.01
CA GLN G 263 -31.45 3.67 -48.77
C GLN G 263 -30.35 3.04 -49.63
N GLY G 264 -29.23 3.74 -49.72
CA GLY G 264 -28.11 3.27 -50.51
C GLY G 264 -26.94 2.62 -49.78
N GLY G 265 -27.02 2.47 -48.46
CA GLY G 265 -25.91 1.85 -47.76
C GLY G 265 -25.25 2.71 -46.69
N VAL G 266 -25.70 3.95 -46.56
CA VAL G 266 -25.14 4.84 -45.56
C VAL G 266 -26.05 4.77 -44.32
N THR G 267 -25.43 4.38 -43.20
CA THR G 267 -26.10 4.24 -41.92
C THR G 267 -27.13 5.32 -41.65
N SER G 268 -26.73 6.58 -41.85
CA SER G 268 -27.59 7.74 -41.61
C SER G 268 -27.29 8.96 -42.49
N ALA G 269 -28.14 9.98 -42.37
CA ALA G 269 -27.98 11.20 -43.13
C ALA G 269 -28.50 12.34 -42.26
N HIS G 270 -27.60 13.16 -41.73
CA HIS G 270 -27.99 14.26 -40.86
C HIS G 270 -27.97 15.59 -41.61
N ILE G 271 -29.12 16.16 -41.94
CA ILE G 271 -29.12 17.47 -42.59
C ILE G 271 -29.10 18.45 -41.41
N ILE G 272 -28.24 19.46 -41.49
CA ILE G 272 -28.02 20.38 -40.37
C ILE G 272 -27.86 21.88 -40.64
N ASP G 273 -28.10 22.66 -39.59
CA ASP G 273 -27.97 24.13 -39.60
C ASP G 273 -26.46 24.36 -39.53
N GLY G 274 -25.88 24.69 -40.68
CA GLY G 274 -24.45 24.91 -40.76
C GLY G 274 -24.02 26.26 -40.22
N ARG G 275 -24.89 27.26 -40.39
CA ARG G 275 -24.58 28.60 -39.92
C ARG G 275 -24.16 28.56 -38.45
N VAL G 276 -24.57 27.52 -37.73
CA VAL G 276 -24.21 27.36 -36.33
C VAL G 276 -22.70 27.10 -36.18
N PRO G 277 -22.04 27.91 -35.35
CA PRO G 277 -20.60 27.75 -35.12
C PRO G 277 -20.33 26.34 -34.61
N ASN G 278 -19.25 25.74 -35.09
CA ASN G 278 -18.87 24.40 -34.66
C ASN G 278 -20.03 23.42 -34.68
N ALA G 279 -20.84 23.50 -35.72
CA ALA G 279 -21.97 22.60 -35.84
C ALA G 279 -21.45 21.19 -36.08
N VAL G 280 -20.44 21.08 -36.97
CA VAL G 280 -19.79 19.81 -37.37
C VAL G 280 -19.24 19.07 -36.17
N LEU G 281 -18.40 19.76 -35.39
CA LEU G 281 -17.81 19.19 -34.19
C LEU G 281 -18.92 18.84 -33.21
N LEU G 282 -19.96 19.67 -33.13
CA LEU G 282 -21.05 19.34 -32.21
C LEU G 282 -21.86 18.16 -32.73
N GLU G 283 -21.89 17.96 -34.05
CA GLU G 283 -22.67 16.85 -34.59
C GLU G 283 -22.10 15.46 -34.25
N ILE G 284 -20.81 15.45 -33.97
CA ILE G 284 -20.05 14.26 -33.68
C ILE G 284 -19.66 14.05 -32.21
N PHE G 285 -19.41 15.12 -31.47
CA PHE G 285 -19.04 14.92 -30.07
C PHE G 285 -20.27 14.82 -29.17
N THR G 286 -21.42 14.54 -29.80
CA THR G 286 -22.69 14.45 -29.09
C THR G 286 -23.81 13.81 -29.84
N ASP G 287 -24.78 13.37 -29.04
CA ASP G 287 -26.03 12.80 -29.50
C ASP G 287 -26.91 14.04 -29.38
N SER G 288 -26.61 15.00 -30.25
CA SER G 288 -27.31 16.26 -30.31
C SER G 288 -28.40 16.06 -31.36
N GLY G 289 -29.67 16.15 -30.93
CA GLY G 289 -30.79 16.01 -31.86
C GLY G 289 -31.15 17.39 -32.33
N VAL G 290 -30.26 18.01 -33.12
CA VAL G 290 -30.45 19.37 -33.62
C VAL G 290 -30.48 19.36 -35.16
N GLY G 291 -31.63 19.01 -35.74
CA GLY G 291 -31.73 18.97 -37.19
C GLY G 291 -32.52 17.77 -37.68
N THR G 292 -32.54 17.57 -39.00
CA THR G 292 -33.24 16.45 -39.61
C THR G 292 -32.31 15.29 -39.84
N LEU G 293 -32.53 14.24 -39.06
CA LEU G 293 -31.73 13.04 -39.12
C LEU G 293 -32.61 11.96 -39.77
N ILE G 294 -32.14 11.43 -40.89
CA ILE G 294 -32.86 10.40 -41.61
C ILE G 294 -31.94 9.20 -41.43
N SER G 295 -32.45 8.10 -40.88
CA SER G 295 -31.62 6.92 -40.66
C SER G 295 -32.42 5.77 -41.22
N ASN G 296 -32.04 4.55 -40.84
CA ASN G 296 -32.85 3.45 -41.27
C ASN G 296 -32.90 2.46 -40.16
N ARG G 297 -33.67 3.01 -39.22
CA ARG G 297 -34.14 2.46 -37.98
C ARG G 297 -33.21 2.13 -36.84
N LYS G 298 -32.47 1.15 -36.99
N THR H 1 2.84 1.58 -89.48
CA THR H 1 1.73 0.90 -90.20
C THR H 1 1.81 -0.59 -89.90
N LEU H 2 1.25 -1.04 -88.78
CA LEU H 2 1.37 -2.46 -88.50
C LEU H 2 0.59 -3.38 -89.46
N SER H 3 1.33 -3.89 -90.43
CA SER H 3 0.83 -4.79 -91.46
C SER H 3 1.62 -6.09 -91.34
N ARG H 4 0.96 -7.21 -91.59
CA ARG H 4 1.54 -8.56 -91.50
C ARG H 4 3.04 -8.76 -91.77
N ASP H 5 3.48 -8.37 -92.96
CA ASP H 5 4.88 -8.52 -93.38
C ASP H 5 5.94 -7.64 -92.70
N ASP H 6 5.77 -6.32 -92.76
CA ASP H 6 6.75 -5.41 -92.15
C ASP H 6 6.70 -5.38 -90.62
N ALA H 7 5.93 -6.28 -90.03
CA ALA H 7 5.81 -6.38 -88.59
C ALA H 7 6.92 -7.25 -88.00
N ALA H 8 7.49 -8.13 -88.83
CA ALA H 8 8.59 -9.01 -88.39
C ALA H 8 9.68 -8.09 -87.84
N GLN H 9 9.95 -7.04 -88.60
CA GLN H 9 10.95 -6.04 -88.26
C GLN H 9 10.51 -5.25 -87.02
N VAL H 10 9.22 -4.94 -86.93
CA VAL H 10 8.69 -4.19 -85.79
C VAL H 10 8.83 -5.01 -84.52
N ALA H 11 8.74 -6.32 -84.62
CA ALA H 11 8.87 -7.18 -83.44
C ALA H 11 10.34 -7.26 -83.00
N LYS H 12 11.25 -6.94 -83.91
CA LYS H 12 12.70 -6.97 -83.65
C LYS H 12 13.20 -5.69 -82.98
N VAL H 13 12.59 -4.55 -83.31
CA VAL H 13 13.03 -3.30 -82.70
C VAL H 13 12.27 -3.01 -81.40
N LEU H 14 11.12 -3.66 -81.21
CA LEU H 14 10.36 -3.50 -79.98
C LEU H 14 11.07 -4.45 -79.03
N SER H 15 11.63 -5.51 -79.63
CA SER H 15 12.38 -6.52 -78.88
C SER H 15 13.67 -5.86 -78.43
N GLU H 16 14.18 -4.96 -79.27
CA GLU H 16 15.42 -4.27 -78.96
C GLU H 16 15.25 -2.96 -78.19
N ALA H 17 14.02 -2.55 -77.90
CA ALA H 17 13.82 -1.33 -77.13
C ALA H 17 13.82 -1.75 -75.66
N LEU H 18 13.58 -3.04 -75.49
CA LEU H 18 13.42 -3.74 -74.22
C LEU H 18 14.45 -3.90 -73.09
N PRO H 19 15.77 -3.73 -73.33
CA PRO H 19 16.54 -3.93 -72.08
C PRO H 19 16.82 -2.56 -71.43
N TYR H 20 16.72 -1.52 -72.26
CA TYR H 20 16.93 -0.13 -71.85
C TYR H 20 15.67 0.42 -71.20
N ILE H 21 14.51 0.00 -71.71
CA ILE H 21 13.23 0.43 -71.15
C ILE H 21 13.19 -0.14 -69.73
N ARG H 22 13.63 -1.38 -69.62
CA ARG H 22 13.68 -2.13 -68.36
C ARG H 22 14.43 -1.45 -67.22
N ARG H 23 15.31 -0.52 -67.54
CA ARG H 23 16.07 0.13 -66.49
C ARG H 23 15.27 1.20 -65.74
N PHE H 24 14.01 1.39 -66.13
CA PHE H 24 13.15 2.38 -65.47
C PHE H 24 11.84 1.75 -65.00
N VAL H 25 11.84 0.43 -64.84
CA VAL H 25 10.66 -0.34 -64.42
C VAL H 25 9.99 0.03 -63.09
N GLY H 26 10.75 0.65 -62.19
CA GLY H 26 10.17 1.08 -60.93
C GLY H 26 10.60 2.52 -60.75
N LYS H 27 10.98 3.13 -61.88
CA LYS H 27 11.50 4.49 -61.91
C LYS H 27 10.56 5.67 -62.09
N THR H 28 11.10 6.85 -61.82
CA THR H 28 10.31 8.08 -61.88
C THR H 28 10.89 9.17 -62.76
N LEU H 29 10.06 9.70 -63.64
CA LEU H 29 10.48 10.71 -64.58
C LEU H 29 9.63 11.97 -64.51
N VAL H 30 10.24 13.09 -64.13
CA VAL H 30 9.50 14.35 -64.04
C VAL H 30 9.60 15.09 -65.36
N ILE H 31 8.45 15.43 -65.92
CA ILE H 31 8.39 16.13 -67.19
C ILE H 31 7.79 17.52 -67.11
N LYS H 32 8.30 18.45 -67.90
CA LYS H 32 7.73 19.79 -67.92
C LYS H 32 7.28 20.06 -69.34
N TYR H 33 5.98 20.12 -69.52
CA TYR H 33 5.37 20.36 -70.81
C TYR H 33 5.14 21.86 -70.93
N GLY H 34 3.93 22.27 -70.57
CA GLY H 34 3.51 23.66 -70.63
C GLY H 34 3.98 24.41 -71.86
N GLY H 35 4.64 25.54 -71.61
CA GLY H 35 5.14 26.31 -72.73
C GLY H 35 4.13 27.22 -73.38
N ASN H 36 4.59 27.80 -74.48
CA ASN H 36 3.87 28.79 -75.25
C ASN H 36 3.58 28.42 -76.72
N ALA H 37 4.52 27.77 -77.37
CA ALA H 37 4.26 27.46 -78.76
C ALA H 37 3.57 26.12 -78.75
N MET H 38 4.20 25.23 -77.99
CA MET H 38 3.76 23.86 -77.81
C MET H 38 2.37 23.67 -77.24
N GLU H 39 1.75 24.72 -76.69
CA GLU H 39 0.40 24.52 -76.15
C GLU H 39 -0.61 24.52 -77.29
N SER H 40 -0.25 23.78 -78.34
CA SER H 40 -1.06 23.63 -79.54
C SER H 40 -1.92 22.38 -79.42
N GLU H 41 -3.22 22.58 -79.24
CA GLU H 41 -4.19 21.50 -79.10
C GLU H 41 -3.79 20.28 -79.91
N GLU H 42 -3.12 20.55 -81.02
CA GLU H 42 -2.65 19.50 -81.89
C GLU H 42 -1.80 18.54 -81.06
N LEU H 43 -0.59 18.95 -80.67
CA LEU H 43 0.31 18.09 -79.90
C LEU H 43 -0.03 17.81 -78.43
N LYS H 44 -1.00 18.54 -77.86
CA LYS H 44 -1.37 18.25 -76.48
C LYS H 44 -1.69 16.75 -76.46
N ALA H 45 -2.49 16.34 -77.44
CA ALA H 45 -2.92 14.96 -77.60
C ALA H 45 -1.75 13.98 -77.60
N GLY H 46 -0.79 14.20 -78.49
CA GLY H 46 0.35 13.30 -78.57
C GLY H 46 0.98 13.08 -77.22
N PHE H 47 1.39 14.19 -76.61
CA PHE H 47 2.01 14.20 -75.28
C PHE H 47 1.24 13.33 -74.30
N ALA H 48 -0.05 13.61 -74.16
CA ALA H 48 -0.92 12.85 -73.28
C ALA H 48 -0.68 11.34 -73.44
N ARG H 49 -0.86 10.82 -74.65
CA ARG H 49 -0.64 9.38 -74.91
C ARG H 49 0.78 9.00 -74.59
N ASP H 50 1.67 9.92 -74.90
CA ASP H 50 3.08 9.72 -74.68
C ASP H 50 3.32 9.36 -73.22
N VAL H 51 2.55 9.98 -72.35
CA VAL H 51 2.62 9.75 -70.90
C VAL H 51 2.00 8.41 -70.49
N VAL H 52 0.71 8.21 -70.82
CA VAL H 52 0.01 6.96 -70.47
C VAL H 52 0.82 5.78 -70.95
N LEU H 53 1.43 5.97 -72.11
CA LEU H 53 2.27 4.95 -72.73
C LEU H 53 3.34 4.61 -71.69
N MET H 54 4.05 5.64 -71.25
CA MET H 54 5.10 5.49 -70.26
C MET H 54 4.60 4.67 -69.06
N LYS H 55 3.52 5.14 -68.44
CA LYS H 55 2.95 4.46 -67.28
C LYS H 55 2.68 3.01 -67.69
N ALA H 56 2.13 2.84 -68.89
CA ALA H 56 1.82 1.51 -69.40
C ALA H 56 3.06 0.65 -69.58
N VAL H 57 4.21 1.30 -69.78
CA VAL H 57 5.46 0.57 -69.97
C VAL H 57 6.14 0.25 -68.62
N GLY H 58 5.52 0.72 -67.54
CA GLY H 58 6.03 0.49 -66.20
C GLY H 58 6.77 1.68 -65.61
N ILE H 59 6.82 2.77 -66.37
CA ILE H 59 7.55 3.93 -65.91
C ILE H 59 6.67 5.13 -65.51
N ASN H 60 6.68 5.38 -64.21
CA ASN H 60 5.95 6.42 -63.50
C ASN H 60 6.26 7.86 -63.86
N PRO H 61 5.37 8.50 -64.60
CA PRO H 61 5.68 9.88 -64.92
C PRO H 61 5.05 10.82 -63.91
N VAL H 62 5.58 12.03 -63.81
CA VAL H 62 5.09 13.08 -62.92
C VAL H 62 5.11 14.32 -63.80
N VAL H 63 3.95 14.92 -64.01
CA VAL H 63 3.86 16.10 -64.87
C VAL H 63 3.69 17.41 -64.15
N VAL H 64 4.37 18.41 -64.71
CA VAL H 64 4.35 19.81 -64.28
C VAL H 64 4.15 20.53 -65.67
N HIS H 65 3.42 21.65 -65.71
CA HIS H 65 3.13 22.40 -66.95
C HIS H 65 3.08 23.91 -66.72
N GLY H 66 3.12 24.73 -67.78
CA GLY H 66 3.07 26.17 -67.61
C GLY H 66 1.79 26.79 -68.17
N GLY H 67 1.89 27.32 -69.38
CA GLY H 67 0.75 27.91 -70.07
C GLY H 67 0.19 29.23 -69.55
N GLY H 68 0.47 30.33 -70.26
CA GLY H 68 -0.03 31.63 -69.84
C GLY H 68 -0.66 32.57 -70.86
N PRO H 69 -1.23 32.07 -71.97
CA PRO H 69 -1.86 32.94 -72.97
C PRO H 69 -3.34 33.14 -72.64
N GLN H 70 -3.91 32.14 -71.98
CA GLN H 70 -5.31 32.15 -71.57
C GLN H 70 -5.32 33.06 -70.35
N ILE H 71 -4.12 33.33 -69.85
CA ILE H 71 -3.94 34.21 -68.71
C ILE H 71 -4.01 35.64 -69.24
N GLY H 72 -3.33 35.87 -70.36
CA GLY H 72 -3.27 37.21 -70.91
C GLY H 72 -4.63 37.67 -71.32
N ASP H 73 -5.29 36.75 -71.99
CA ASP H 73 -6.61 37.00 -72.50
C ASP H 73 -7.63 37.31 -71.42
N LEU H 74 -7.57 36.53 -70.33
CA LEU H 74 -8.56 36.69 -69.28
C LEU H 74 -8.33 37.95 -68.52
N LEU H 75 -7.10 38.43 -68.64
CA LEU H 75 -6.70 39.66 -68.00
C LEU H 75 -7.32 40.82 -68.74
N LYS H 76 -7.25 40.78 -70.07
CA LYS H 76 -7.83 41.87 -70.84
C LYS H 76 -9.33 41.77 -70.69
N ARG H 77 -9.84 40.54 -70.82
CA ARG H 77 -11.27 40.25 -70.70
C ARG H 77 -11.89 40.91 -69.46
N LEU H 78 -11.12 40.95 -68.37
CA LEU H 78 -11.62 41.50 -67.12
C LEU H 78 -11.13 42.92 -66.85
N SER H 79 -10.43 43.49 -67.83
CA SER H 79 -9.92 44.85 -67.72
C SER H 79 -8.85 45.03 -66.68
N ILE H 80 -7.83 44.19 -66.77
CA ILE H 80 -6.74 44.30 -65.84
C ILE H 80 -5.47 44.42 -66.60
N GLU H 81 -4.86 45.57 -66.36
CA GLU H 81 -3.60 45.95 -66.92
C GLU H 81 -2.68 44.84 -66.48
N SER H 82 -1.64 44.68 -67.26
CA SER H 82 -0.67 43.67 -67.03
C SER H 82 0.66 44.24 -67.51
N HIS H 83 1.66 44.28 -66.64
CA HIS H 83 2.98 44.80 -67.02
C HIS H 83 4.00 43.65 -66.86
N PHE H 84 5.25 43.84 -67.30
CA PHE H 84 6.27 42.77 -67.27
C PHE H 84 7.70 43.29 -67.15
N ILE H 85 8.63 42.35 -67.25
CA ILE H 85 10.08 42.58 -67.28
C ILE H 85 11.13 41.48 -67.49
N ASP H 86 11.48 40.76 -66.43
CA ASP H 86 12.53 39.82 -66.67
C ASP H 86 12.15 38.41 -66.52
N GLY H 87 11.37 38.04 -67.56
CA GLY H 87 10.76 36.75 -67.75
C GLY H 87 9.46 36.65 -66.99
N MET H 88 9.27 37.52 -66.01
CA MET H 88 8.10 37.45 -65.20
C MET H 88 7.09 38.56 -65.24
N ARG H 89 5.85 38.12 -65.03
CA ARG H 89 4.72 39.00 -65.01
C ARG H 89 4.54 39.46 -63.64
N VAL H 90 4.30 40.74 -63.60
CA VAL H 90 4.06 41.36 -62.38
C VAL H 90 2.76 40.77 -61.92
N THR H 91 2.83 40.24 -60.72
CA THR H 91 1.69 39.60 -60.19
C THR H 91 1.19 40.32 -58.97
N ASP H 92 0.43 41.38 -59.21
CA ASP H 92 -0.18 42.11 -58.11
C ASP H 92 -1.26 41.18 -57.58
N ALA H 93 -1.96 41.60 -56.53
CA ALA H 93 -3.01 40.78 -55.94
C ALA H 93 -4.03 40.25 -56.96
N ALA H 94 -4.72 41.15 -57.62
CA ALA H 94 -5.75 40.84 -58.61
C ALA H 94 -5.28 39.92 -59.73
N THR H 95 -4.06 40.15 -60.18
CA THR H 95 -3.42 39.40 -61.26
C THR H 95 -3.20 37.99 -60.81
N MET H 96 -2.90 37.88 -59.52
CA MET H 96 -2.65 36.60 -58.91
C MET H 96 -3.91 35.75 -58.90
N ASP H 97 -5.01 36.29 -58.36
CA ASP H 97 -6.27 35.56 -58.32
C ASP H 97 -6.53 34.88 -59.67
N VAL H 98 -6.25 35.62 -60.74
CA VAL H 98 -6.47 35.14 -62.11
C VAL H 98 -5.44 34.11 -62.51
N VAL H 99 -4.22 34.30 -62.08
CA VAL H 99 -3.21 33.35 -62.46
C VAL H 99 -3.56 32.01 -61.84
N GLU H 100 -3.97 32.04 -60.57
CA GLU H 100 -4.33 30.84 -59.82
C GLU H 100 -5.62 30.21 -60.30
N MET H 101 -6.58 31.06 -60.62
CA MET H 101 -7.86 30.61 -61.11
C MET H 101 -7.70 29.90 -62.45
N VAL H 102 -6.86 30.44 -63.32
CA VAL H 102 -6.63 29.86 -64.65
C VAL H 102 -5.74 28.64 -64.66
N LEU H 103 -4.52 28.82 -64.19
CA LEU H 103 -3.54 27.75 -64.16
C LEU H 103 -4.00 26.51 -63.42
N GLY H 104 -4.78 26.71 -62.35
CA GLY H 104 -5.26 25.59 -61.57
C GLY H 104 -6.67 25.08 -61.84
N GLY H 105 -7.54 25.94 -62.36
CA GLY H 105 -8.90 25.52 -62.63
C GLY H 105 -9.20 25.28 -64.08
N GLN H 106 -8.21 25.44 -64.96
CA GLN H 106 -8.45 25.27 -66.38
C GLN H 106 -7.31 24.59 -67.13
N VAL H 107 -6.14 25.21 -67.15
CA VAL H 107 -5.02 24.60 -67.86
C VAL H 107 -4.72 23.23 -67.28
N ASN H 108 -4.67 23.20 -65.95
CA ASN H 108 -4.35 22.00 -65.20
C ASN H 108 -5.32 20.85 -65.41
N LYS H 109 -6.60 21.08 -65.13
CA LYS H 109 -7.59 20.05 -65.30
C LYS H 109 -7.64 19.48 -66.71
N ASP H 110 -7.29 20.28 -67.71
CA ASP H 110 -7.31 19.83 -69.12
C ASP H 110 -6.21 18.87 -69.52
N ILE H 111 -4.99 19.12 -69.08
CA ILE H 111 -3.93 18.19 -69.43
C ILE H 111 -4.39 16.87 -68.80
N VAL H 112 -5.02 17.02 -67.64
CA VAL H 112 -5.55 15.92 -66.85
C VAL H 112 -6.74 15.25 -67.53
N ASN H 113 -7.64 16.05 -68.10
CA ASN H 113 -8.84 15.53 -68.78
C ASN H 113 -8.47 14.73 -70.02
N LEU H 114 -7.32 15.04 -70.60
CA LEU H 114 -6.84 14.37 -71.80
C LEU H 114 -5.93 13.18 -71.51
N ILE H 115 -5.09 13.27 -70.50
CA ILE H 115 -4.22 12.14 -70.17
C ILE H 115 -5.16 10.99 -69.82
N ASN H 116 -6.35 11.38 -69.34
CA ASN H 116 -7.41 10.46 -68.94
C ASN H 116 -7.98 9.74 -70.15
N ARG H 117 -8.35 10.52 -71.17
CA ARG H 117 -8.90 9.97 -72.39
C ARG H 117 -7.96 9.05 -73.17
N HIS H 118 -6.68 9.05 -72.85
CA HIS H 118 -5.77 8.19 -73.57
C HIS H 118 -5.31 7.01 -72.75
N GLY H 119 -6.01 6.78 -71.63
CA GLY H 119 -5.69 5.66 -70.76
C GLY H 119 -5.06 5.99 -69.42
N GLY H 120 -4.99 7.26 -69.09
CA GLY H 120 -4.38 7.61 -67.83
C GLY H 120 -5.36 7.89 -66.72
N SER H 121 -4.78 8.06 -65.53
CA SER H 121 -5.45 8.40 -64.29
C SER H 121 -4.60 9.55 -63.78
N ALA H 122 -5.03 10.76 -64.11
CA ALA H 122 -4.27 11.93 -63.72
C ALA H 122 -4.95 12.69 -62.61
N ILE H 123 -4.15 13.39 -61.82
CA ILE H 123 -4.65 14.16 -60.71
C ILE H 123 -4.15 15.60 -60.87
N GLY H 124 -5.06 16.55 -61.03
CA GLY H 124 -4.67 17.94 -61.18
C GLY H 124 -4.43 18.72 -59.90
N LEU H 125 -3.16 18.83 -59.51
CA LEU H 125 -2.74 19.50 -58.28
C LEU H 125 -2.00 20.85 -58.41
N THR H 126 -2.29 21.79 -57.52
CA THR H 126 -1.56 23.06 -57.52
C THR H 126 -0.74 22.97 -56.25
N GLY H 127 -0.01 24.02 -55.91
CA GLY H 127 0.81 23.98 -54.71
C GLY H 127 0.00 24.00 -53.42
N LYS H 128 -1.25 24.43 -53.52
CA LYS H 128 -2.12 24.51 -52.37
C LYS H 128 -2.51 23.14 -51.84
N ASP H 129 -2.60 22.16 -52.74
CA ASP H 129 -2.99 20.81 -52.33
C ASP H 129 -2.01 20.19 -51.35
N ALA H 130 -2.43 20.04 -50.10
CA ALA H 130 -1.56 19.47 -49.07
C ALA H 130 -0.14 20.05 -49.12
N GLU H 131 -0.06 21.38 -49.23
CA GLU H 131 1.22 22.09 -49.26
C GLU H 131 2.22 21.41 -50.19
N LEU H 132 1.73 21.03 -51.37
CA LEU H 132 2.54 20.35 -52.36
C LEU H 132 3.77 21.13 -52.78
N ILE H 133 3.62 22.45 -52.87
CA ILE H 133 4.74 23.30 -53.26
C ILE H 133 4.81 24.51 -52.35
N ARG H 134 5.88 24.61 -51.58
CA ARG H 134 6.03 25.74 -50.70
C ARG H 134 7.01 26.75 -51.25
N ALA H 135 6.75 28.03 -50.98
CA ALA H 135 7.61 29.09 -51.48
C ALA H 135 7.61 30.34 -50.63
N LYS H 136 8.70 31.11 -50.76
CA LYS H 136 8.88 32.36 -50.05
C LYS H 136 8.86 33.42 -51.14
N LYS H 137 8.71 34.69 -50.79
CA LYS H 137 8.67 35.70 -51.84
C LYS H 137 9.98 35.72 -52.58
N LEU H 138 9.91 36.00 -53.88
CA LEU H 138 11.11 36.06 -54.70
C LEU H 138 11.57 37.50 -54.71
N THR H 139 12.87 37.66 -54.53
CA THR H 139 13.52 38.95 -54.50
C THR H 139 14.20 39.23 -55.84
N VAL H 140 13.68 40.22 -56.56
CA VAL H 140 14.21 40.60 -57.86
C VAL H 140 15.04 41.88 -57.83
N THR H 141 16.28 41.77 -58.28
CA THR H 141 17.20 42.90 -58.31
C THR H 141 17.27 43.54 -59.71
N ARG H 142 17.53 44.84 -59.73
CA ARG H 142 17.65 45.64 -60.96
C ARG H 142 18.92 46.51 -60.87
N GLN H 143 20.00 46.10 -61.53
CA GLN H 143 21.24 46.89 -61.51
C GLN H 143 21.34 47.70 -62.79
N THR H 144 21.05 48.99 -62.71
CA THR H 144 21.16 49.83 -63.90
C THR H 144 22.68 50.03 -64.09
N PRO H 145 23.19 49.69 -65.30
CA PRO H 145 24.59 49.78 -65.73
C PRO H 145 25.49 50.97 -65.32
N GLU H 146 25.06 51.78 -64.36
CA GLU H 146 25.85 52.91 -63.85
C GLU H 146 26.00 52.71 -62.34
N MET H 147 25.59 51.53 -61.91
CA MET H 147 25.68 50.99 -60.55
C MET H 147 26.37 51.53 -59.30
N THR H 148 25.62 51.62 -58.20
CA THR H 148 26.24 51.89 -56.90
C THR H 148 25.60 50.86 -55.94
N LYS H 149 24.32 50.57 -56.20
CA LYS H 149 23.57 49.63 -55.37
C LYS H 149 22.28 49.15 -56.06
N PRO H 150 22.23 47.86 -56.41
CA PRO H 150 21.06 47.25 -57.06
C PRO H 150 19.83 47.59 -56.24
N GLU H 151 18.75 47.98 -56.89
CA GLU H 151 17.53 48.31 -56.17
C GLU H 151 16.58 47.14 -56.30
N ILE H 152 16.01 46.70 -55.18
CA ILE H 152 15.08 45.61 -55.22
C ILE H 152 13.77 46.15 -55.76
N ILE H 153 13.15 45.40 -56.65
CA ILE H 153 11.90 45.84 -57.23
C ILE H 153 10.84 44.80 -56.93
N ASP H 154 9.75 45.26 -56.32
CA ASP H 154 8.66 44.37 -55.98
C ASP H 154 7.93 43.97 -57.24
N ILE H 155 7.86 42.66 -57.47
CA ILE H 155 7.18 42.14 -58.65
C ILE H 155 5.84 41.56 -58.21
N GLY H 156 5.48 41.83 -56.96
CA GLY H 156 4.21 41.38 -56.43
C GLY H 156 4.27 40.05 -55.72
N HIS H 157 3.54 39.09 -56.27
CA HIS H 157 3.49 37.75 -55.70
C HIS H 157 4.28 36.75 -56.52
N VAL H 158 5.56 36.99 -56.80
CA VAL H 158 6.27 35.94 -57.54
C VAL H 158 7.22 35.30 -56.54
N GLY H 159 7.04 34.01 -56.29
CA GLY H 159 7.86 33.33 -55.30
C GLY H 159 8.97 32.40 -55.78
N GLU H 160 9.51 31.64 -54.82
CA GLU H 160 10.59 30.69 -55.05
C GLU H 160 10.39 29.43 -54.20
N VAL H 161 10.36 28.27 -54.84
CA VAL H 161 10.16 27.03 -54.10
C VAL H 161 11.14 26.86 -52.94
N THR H 162 10.59 26.63 -51.75
CA THR H 162 11.38 26.40 -50.55
C THR H 162 11.18 24.95 -50.12
N GLY H 163 10.19 24.30 -50.72
CA GLY H 163 9.92 22.91 -50.35
C GLY H 163 8.90 22.18 -51.18
N VAL H 164 8.90 20.85 -51.08
CA VAL H 164 8.00 19.98 -51.83
C VAL H 164 7.40 18.84 -50.99
N ASN H 165 6.13 18.56 -51.20
CA ASN H 165 5.47 17.49 -50.46
C ASN H 165 5.58 16.20 -51.27
N VAL H 166 6.68 15.48 -51.08
CA VAL H 166 6.89 14.22 -51.78
C VAL H 166 6.01 13.14 -51.18
N GLY H 167 5.49 13.36 -49.97
CA GLY H 167 4.64 12.35 -49.38
C GLY H 167 3.41 12.14 -50.26
N LEU H 168 2.83 13.25 -50.69
CA LEU H 168 1.65 13.25 -51.54
C LEU H 168 1.93 12.58 -52.87
N LEU H 169 3.06 12.92 -53.49
CA LEU H 169 3.44 12.36 -54.77
C LEU H 169 3.78 10.89 -54.65
N ASN H 170 4.61 10.52 -53.70
CA ASN H 170 4.94 9.11 -53.55
C ASN H 170 3.68 8.26 -53.46
N MET H 171 2.71 8.74 -52.69
CA MET H 171 1.45 8.00 -52.53
C MET H 171 0.73 7.92 -53.87
N LEU H 172 0.59 9.07 -54.52
CA LEU H 172 -0.09 9.10 -55.80
C LEU H 172 0.58 8.13 -56.76
N VAL H 173 1.89 8.25 -56.90
CA VAL H 173 2.63 7.41 -57.83
C VAL H 173 2.45 5.90 -57.74
N LYS H 174 2.42 5.32 -56.55
CA LYS H 174 2.25 3.88 -56.42
C LYS H 174 0.79 3.48 -56.64
N GLY H 175 -0.09 4.47 -56.67
CA GLY H 175 -1.51 4.20 -56.87
C GLY H 175 -1.78 4.17 -58.36
N ASP H 176 -0.71 4.34 -59.13
CA ASP H 176 -0.78 4.33 -60.58
C ASP H 176 -1.46 5.57 -61.10
N PHE H 177 -1.23 6.66 -60.39
CA PHE H 177 -1.78 7.95 -60.76
C PHE H 177 -0.67 8.82 -61.30
N ILE H 178 -1.04 9.67 -62.23
CA ILE H 178 -0.09 10.55 -62.86
C ILE H 178 -0.32 11.99 -62.41
N PRO H 179 0.56 12.51 -61.53
CA PRO H 179 0.40 13.90 -61.05
C PRO H 179 0.56 14.94 -62.14
N VAL H 180 -0.29 15.95 -62.13
CA VAL H 180 -0.20 17.04 -63.10
C VAL H 180 -0.18 18.30 -62.25
N ILE H 181 1.03 18.80 -62.03
CA ILE H 181 1.30 19.94 -61.16
C ILE H 181 1.34 21.35 -61.73
N ALA H 182 0.39 22.20 -61.34
CA ALA H 182 0.40 23.58 -61.81
C ALA H 182 1.43 24.34 -60.95
N PRO H 183 2.15 25.32 -61.57
CA PRO H 183 3.19 26.21 -61.02
C PRO H 183 2.78 27.18 -59.92
N ILE H 184 2.03 26.72 -58.93
CA ILE H 184 1.63 27.63 -57.86
C ILE H 184 2.05 27.13 -56.48
N GLY H 185 2.64 28.03 -55.68
CA GLY H 185 3.10 27.65 -54.36
C GLY H 185 2.42 28.40 -53.24
N VAL H 186 2.62 27.95 -52.01
CA VAL H 186 2.04 28.58 -50.83
C VAL H 186 3.09 28.99 -49.81
N GLY H 187 2.76 30.03 -49.06
CA GLY H 187 3.65 30.52 -48.03
C GLY H 187 3.08 30.24 -46.64
N SER H 188 3.88 30.57 -45.64
CA SER H 188 3.54 30.38 -44.24
C SER H 188 2.14 30.85 -43.82
N ASN H 189 1.64 31.92 -44.41
CA ASN H 189 0.33 32.38 -43.99
C ASN H 189 -0.80 32.03 -44.95
N GLY H 190 -0.48 31.16 -45.92
CA GLY H 190 -1.46 30.72 -46.89
C GLY H 190 -1.60 31.59 -48.10
N GLU H 191 -0.53 32.30 -48.48
CA GLU H 191 -0.59 33.18 -49.64
C GLU H 191 -0.08 32.50 -50.91
N SER H 192 -0.77 32.77 -52.03
CA SER H 192 -0.41 32.18 -53.31
C SER H 192 0.80 32.87 -53.90
N TYR H 193 1.60 32.10 -54.62
CA TYR H 193 2.79 32.62 -55.26
C TYR H 193 2.80 32.09 -56.66
N ASN H 194 2.87 33.00 -57.62
CA ASN H 194 2.97 32.62 -59.02
C ASN H 194 4.43 32.27 -59.21
N ILE H 195 4.70 31.11 -59.77
CA ILE H 195 6.05 30.68 -59.95
C ILE H 195 6.29 30.32 -61.41
N ASN H 196 7.55 30.05 -61.71
CA ASN H 196 7.96 29.68 -63.04
C ASN H 196 8.02 28.16 -63.05
N ALA H 197 7.47 27.56 -64.10
CA ALA H 197 7.38 26.10 -64.26
C ALA H 197 8.64 25.23 -64.39
N ASP H 198 9.72 25.76 -64.94
CA ASP H 198 10.93 24.95 -65.08
C ASP H 198 11.52 24.70 -63.70
N LEU H 199 11.47 25.75 -62.88
CA LEU H 199 11.99 25.72 -61.51
C LEU H 199 11.18 24.79 -60.59
N VAL H 200 9.86 24.71 -60.79
CA VAL H 200 9.06 23.79 -59.97
C VAL H 200 9.44 22.39 -60.41
N ALA H 201 9.31 22.15 -61.71
CA ALA H 201 9.63 20.87 -62.32
C ALA H 201 10.96 20.35 -61.77
N GLY H 202 11.91 21.26 -61.59
CA GLY H 202 13.22 20.88 -61.09
C GLY H 202 13.29 20.50 -59.62
N LYS H 203 12.60 21.26 -58.78
CA LYS H 203 12.62 20.98 -57.34
C LYS H 203 11.85 19.71 -57.01
N VAL H 204 10.85 19.42 -57.84
CA VAL H 204 10.03 18.22 -57.70
C VAL H 204 10.96 17.04 -58.04
N ALA H 205 11.71 17.20 -59.12
CA ALA H 205 12.65 16.20 -59.59
C ALA H 205 13.68 15.91 -58.49
N GLU H 206 14.26 16.99 -57.98
CA GLU H 206 15.27 16.95 -56.92
C GLU H 206 14.74 16.29 -55.66
N ALA H 207 13.49 16.60 -55.31
CA ALA H 207 12.82 16.09 -54.12
C ALA H 207 12.58 14.60 -54.17
N LEU H 208 11.97 14.16 -55.27
CA LEU H 208 11.63 12.75 -55.48
C LEU H 208 12.85 11.91 -55.78
N LYS H 209 13.94 12.56 -56.13
CA LYS H 209 15.17 11.85 -56.44
C LYS H 209 14.94 11.05 -57.71
N ALA H 210 14.43 11.76 -58.70
CA ALA H 210 14.12 11.19 -59.99
C ALA H 210 15.32 10.57 -60.70
N GLU H 211 15.05 9.52 -61.46
CA GLU H 211 16.10 8.90 -62.23
C GLU H 211 16.26 9.82 -63.45
N LYS H 212 15.24 10.65 -63.74
CA LYS H 212 15.30 11.56 -64.89
C LYS H 212 14.36 12.77 -64.76
N LEU H 213 14.70 13.86 -65.45
CA LEU H 213 13.92 15.10 -65.46
C LEU H 213 14.11 15.79 -66.81
N MET H 214 13.03 15.97 -67.56
CA MET H 214 13.09 16.57 -68.91
C MET H 214 12.24 17.82 -69.11
N LEU H 215 12.85 18.89 -69.64
CA LEU H 215 12.14 20.16 -69.88
C LEU H 215 11.96 20.39 -71.39
N LEU H 216 10.74 20.68 -71.82
CA LEU H 216 10.42 20.87 -73.23
C LEU H 216 10.36 22.37 -73.64
N THR H 217 10.86 22.70 -74.85
CA THR H 217 10.89 24.09 -75.38
C THR H 217 10.17 24.33 -76.74
N ASN H 218 10.62 25.30 -77.55
CA ASN H 218 9.97 25.56 -78.86
C ASN H 218 10.95 26.09 -79.90
N ILE H 219 12.06 25.38 -79.91
CA ILE H 219 13.23 25.55 -80.76
C ILE H 219 13.97 24.37 -80.17
N ALA H 220 14.60 23.60 -81.04
CA ALA H 220 15.37 22.42 -80.68
C ALA H 220 16.12 22.31 -79.36
N GLY H 221 16.22 23.39 -78.58
CA GLY H 221 16.97 23.31 -77.35
C GLY H 221 18.18 24.22 -77.45
N LEU H 222 19.24 23.91 -76.71
CA LEU H 222 20.43 24.76 -76.70
C LEU H 222 21.24 24.77 -78.00
N MET H 223 21.13 25.89 -78.74
CA MET H 223 21.86 26.10 -80.00
C MET H 223 23.05 27.04 -79.77
N ASP H 224 24.21 26.69 -80.33
CA ASP H 224 25.50 27.44 -80.22
C ASP H 224 25.40 28.33 -81.43
N LYS H 225 26.49 28.89 -81.95
CA LYS H 225 26.29 29.78 -83.09
C LYS H 225 26.21 29.25 -84.54
N GLN H 226 25.34 28.32 -84.83
CA GLN H 226 25.21 27.79 -86.21
C GLN H 226 24.09 26.74 -86.42
N GLY H 227 24.37 25.71 -87.20
CA GLY H 227 23.40 24.66 -87.47
C GLY H 227 23.48 23.45 -86.56
N GLN H 228 24.17 23.62 -85.44
CA GLN H 228 24.34 22.56 -84.46
C GLN H 228 23.42 22.73 -83.27
N VAL H 229 23.16 21.59 -82.62
CA VAL H 229 22.34 21.48 -81.41
C VAL H 229 23.30 20.72 -80.45
N LEU H 230 23.73 21.40 -79.39
CA LEU H 230 24.69 20.87 -78.39
C LEU H 230 24.13 19.88 -77.32
N THR H 231 25.02 19.27 -76.51
CA THR H 231 24.71 18.25 -75.44
C THR H 231 25.82 18.04 -74.32
N GLY H 232 25.82 16.86 -73.67
CA GLY H 232 26.76 16.44 -72.60
C GLY H 232 27.63 17.40 -71.80
N LEU H 233 27.00 18.32 -71.07
CA LEU H 233 27.70 19.34 -70.30
C LEU H 233 27.68 19.22 -68.79
N SER H 234 28.54 19.99 -68.15
CA SER H 234 28.59 20.02 -66.70
C SER H 234 28.65 21.47 -66.27
N THR H 235 28.57 21.69 -64.95
CA THR H 235 28.60 22.99 -64.33
C THR H 235 29.50 23.99 -65.02
N GLU H 236 30.75 23.58 -65.24
CA GLU H 236 31.78 24.37 -65.88
C GLU H 236 31.62 24.68 -67.34
N GLN H 237 31.39 23.63 -68.13
CA GLN H 237 31.22 23.81 -69.56
C GLN H 237 30.07 24.76 -69.87
N VAL H 238 29.16 24.91 -68.93
CA VAL H 238 27.99 25.77 -69.10
C VAL H 238 28.30 27.24 -68.81
N ASN H 239 28.84 27.51 -67.62
CA ASN H 239 29.19 28.85 -67.20
C ASN H 239 30.07 29.55 -68.22
N GLU H 240 30.90 28.77 -68.91
CA GLU H 240 31.78 29.29 -69.93
C GLU H 240 30.98 29.69 -71.14
N LEU H 241 29.84 29.00 -71.33
CA LEU H 241 28.98 29.24 -72.46
C LEU H 241 27.99 30.38 -72.24
N ILE H 242 27.64 30.59 -70.98
CA ILE H 242 26.71 31.66 -70.66
C ILE H 242 27.49 32.98 -70.74
N ALA H 243 28.78 32.93 -70.36
CA ALA H 243 29.67 34.08 -70.39
C ALA H 243 30.00 34.43 -71.84
N ASP H 244 30.14 33.39 -72.67
CA ASP H 244 30.47 33.50 -74.09
C ASP H 244 29.33 34.17 -74.83
N GLY H 245 28.20 34.27 -74.11
CA GLY H 245 27.03 34.89 -74.68
C GLY H 245 26.28 33.90 -75.53
N THR H 246 26.73 32.65 -75.52
CA THR H 246 26.11 31.58 -76.29
C THR H 246 24.66 31.49 -75.83
N ILE H 247 24.48 31.11 -74.56
CA ILE H 247 23.17 31.01 -73.98
C ILE H 247 22.80 32.44 -73.66
N TYR H 248 21.68 32.96 -74.19
CA TYR H 248 21.34 34.31 -73.80
C TYR H 248 19.88 34.49 -73.39
N GLY H 249 19.74 34.87 -72.12
CA GLY H 249 18.46 35.14 -71.48
C GLY H 249 17.20 34.51 -72.00
N GLY H 250 16.92 33.30 -71.51
CA GLY H 250 15.74 32.56 -71.91
C GLY H 250 16.11 31.14 -71.54
N MET H 251 17.15 30.65 -72.18
CA MET H 251 17.67 29.31 -71.95
C MET H 251 18.35 29.24 -70.60
N LEU H 252 18.93 30.36 -70.21
CA LEU H 252 19.64 30.52 -68.93
C LEU H 252 18.76 30.06 -67.75
N PRO H 253 17.61 30.73 -67.55
CA PRO H 253 16.70 30.37 -66.46
C PRO H 253 16.63 28.85 -66.33
N LYS H 254 16.50 28.21 -67.49
CA LYS H 254 16.37 26.77 -67.64
C LYS H 254 17.65 25.92 -67.49
N ILE H 255 18.77 26.40 -68.05
CA ILE H 255 20.02 25.64 -67.99
C ILE H 255 20.49 25.60 -66.53
N ARG H 256 20.06 26.62 -65.79
CA ARG H 256 20.34 26.77 -64.37
C ARG H 256 19.54 25.75 -63.52
N CYS H 257 18.30 25.42 -63.91
CA CYS H 257 17.46 24.47 -63.17
C CYS H 257 17.94 23.08 -63.45
N ALA H 258 18.22 22.88 -64.74
CA ALA H 258 18.73 21.64 -65.28
C ALA H 258 19.97 21.36 -64.43
N LEU H 259 20.82 22.38 -64.27
CA LEU H 259 22.05 22.31 -63.49
C LEU H 259 21.81 22.04 -62.00
N GLU H 260 20.99 22.89 -61.38
CA GLU H 260 20.65 22.78 -59.96
C GLU H 260 20.14 21.39 -59.64
N ALA H 261 19.09 21.01 -60.36
CA ALA H 261 18.44 19.71 -60.20
C ALA H 261 19.48 18.61 -60.35
N VAL H 262 20.04 18.53 -61.55
CA VAL H 262 21.06 17.56 -61.88
C VAL H 262 22.00 17.41 -60.70
N GLN H 263 22.56 18.53 -60.27
CA GLN H 263 23.49 18.55 -59.16
C GLN H 263 22.84 18.21 -57.83
N GLY H 264 21.51 18.33 -57.75
CA GLY H 264 20.83 18.00 -56.51
C GLY H 264 21.05 16.54 -56.19
N GLY H 265 20.06 15.72 -56.55
CA GLY H 265 20.14 14.29 -56.30
C GLY H 265 19.47 13.51 -57.42
N VAL H 266 19.30 14.15 -58.57
CA VAL H 266 18.68 13.50 -59.71
C VAL H 266 19.78 12.72 -60.40
N THR H 267 19.46 11.94 -61.44
CA THR H 267 20.51 11.21 -62.12
C THR H 267 20.74 11.67 -63.57
N SER H 268 20.02 12.71 -64.02
CA SER H 268 20.16 13.27 -65.38
C SER H 268 19.03 14.22 -65.82
N ALA H 269 19.29 15.11 -66.78
CA ALA H 269 18.28 16.07 -67.27
C ALA H 269 18.35 16.41 -68.76
N HIS H 270 17.21 16.43 -69.47
CA HIS H 270 17.12 16.71 -70.91
C HIS H 270 16.29 17.96 -71.34
N ILE H 271 16.73 18.70 -72.35
CA ILE H 271 15.99 19.88 -72.87
C ILE H 271 15.59 19.63 -74.35
N ILE H 272 14.29 19.66 -74.69
CA ILE H 272 13.88 19.36 -76.10
C ILE H 272 12.77 20.21 -76.75
N ASP H 273 12.67 20.16 -78.10
CA ASP H 273 11.62 20.91 -78.83
C ASP H 273 10.30 20.16 -78.74
N GLY H 274 9.32 20.83 -78.16
CA GLY H 274 8.02 20.23 -77.94
C GLY H 274 6.92 20.43 -78.96
N ARG H 275 7.28 20.75 -80.19
CA ARG H 275 6.29 20.87 -81.23
C ARG H 275 6.59 19.58 -82.01
N VAL H 276 7.66 18.92 -81.55
CA VAL H 276 8.14 17.65 -82.09
C VAL H 276 7.16 16.55 -81.75
N PRO H 277 6.36 16.09 -82.73
CA PRO H 277 5.39 15.03 -82.51
C PRO H 277 5.99 13.87 -81.70
N ASN H 278 5.42 13.64 -80.51
CA ASN H 278 5.87 12.58 -79.61
C ASN H 278 7.33 12.81 -79.20
N ALA H 279 7.61 14.01 -78.70
CA ALA H 279 8.94 14.41 -78.29
C ALA H 279 9.54 13.63 -77.10
N VAL H 280 8.75 13.49 -76.03
CA VAL H 280 9.21 12.82 -74.82
C VAL H 280 9.64 11.36 -74.99
N LEU H 281 8.96 10.64 -75.87
CA LEU H 281 9.26 9.24 -76.08
C LEU H 281 10.63 9.06 -76.71
N LEU H 282 10.95 9.97 -77.62
CA LEU H 282 12.23 9.91 -78.30
C LEU H 282 13.32 9.64 -77.28
N GLU H 283 13.34 10.47 -76.25
CA GLU H 283 14.35 10.42 -75.20
C GLU H 283 14.44 9.21 -74.27
N ILE H 284 13.47 8.29 -74.29
CA ILE H 284 13.56 7.18 -73.35
C ILE H 284 13.61 5.74 -73.87
N PHE H 285 13.75 5.61 -75.18
CA PHE H 285 13.86 4.29 -75.78
C PHE H 285 15.25 3.97 -76.36
N THR H 286 16.18 4.90 -76.22
CA THR H 286 17.49 4.71 -76.83
C THR H 286 18.69 5.17 -76.04
N ASP H 287 19.16 6.32 -76.51
CA ASP H 287 20.31 7.05 -76.04
C ASP H 287 20.20 8.13 -77.10
N SER H 288 18.96 8.52 -77.38
CA SER H 288 18.65 9.52 -78.40
C SER H 288 19.21 10.89 -78.06
N GLY H 289 18.47 11.65 -77.26
CA GLY H 289 18.94 12.96 -76.87
C GLY H 289 18.83 14.04 -77.93
N VAL H 290 17.69 14.12 -78.61
CA VAL H 290 17.46 15.17 -79.60
C VAL H 290 17.47 16.40 -78.67
N GLY H 291 18.14 17.47 -79.06
CA GLY H 291 18.19 18.63 -78.18
C GLY H 291 19.15 18.39 -77.03
N THR H 292 19.39 19.43 -76.22
CA THR H 292 20.32 19.39 -75.10
C THR H 292 20.16 18.29 -74.03
N LEU H 293 20.75 17.13 -74.28
CA LEU H 293 20.72 16.01 -73.34
C LEU H 293 21.77 16.44 -72.32
N ILE H 294 21.58 16.17 -71.03
CA ILE H 294 22.58 16.60 -70.07
C ILE H 294 23.17 15.59 -69.10
N SER H 295 24.42 15.89 -68.74
CA SER H 295 25.24 15.07 -67.86
C SER H 295 24.89 14.93 -66.39
N ASN H 296 25.46 13.99 -65.79
N THR I 1 -24.49 17.61 -21.04
CA THR I 1 -24.60 18.31 -22.35
C THR I 1 -23.78 19.59 -22.38
N LEU I 2 -22.85 19.58 -23.32
CA LEU I 2 -21.91 20.66 -23.57
C LEU I 2 -22.28 21.27 -24.92
N SER I 3 -22.45 22.59 -24.94
CA SER I 3 -22.82 23.28 -26.17
C SER I 3 -22.14 24.63 -26.33
N ARG I 4 -22.68 25.46 -27.22
CA ARG I 4 -22.14 26.78 -27.53
C ARG I 4 -21.01 27.32 -26.65
N ASP I 5 -21.36 28.23 -25.74
CA ASP I 5 -20.40 28.85 -24.82
C ASP I 5 -19.29 27.87 -24.39
N ASP I 6 -19.68 26.61 -24.25
CA ASP I 6 -18.78 25.52 -23.84
C ASP I 6 -17.90 24.99 -24.98
N ALA I 7 -18.51 24.68 -26.12
CA ALA I 7 -17.83 24.11 -27.29
C ALA I 7 -16.88 24.98 -28.12
N ALA I 8 -17.09 26.29 -28.21
CA ALA I 8 -16.18 27.11 -29.03
C ALA I 8 -14.81 27.17 -28.37
N GLN I 9 -14.78 27.70 -27.16
CA GLN I 9 -13.54 27.79 -26.41
C GLN I 9 -12.91 26.40 -26.45
N VAL I 10 -13.77 25.38 -26.48
CA VAL I 10 -13.37 23.97 -26.51
C VAL I 10 -12.57 23.54 -27.73
N ALA I 11 -12.98 23.93 -28.93
CA ALA I 11 -12.24 23.54 -30.12
C ALA I 11 -10.96 24.38 -30.15
N LYS I 12 -11.05 25.58 -29.60
CA LYS I 12 -9.91 26.51 -29.55
C LYS I 12 -8.74 25.85 -28.83
N VAL I 13 -9.05 24.97 -27.89
CA VAL I 13 -8.03 24.27 -27.13
C VAL I 13 -7.70 22.93 -27.82
N LEU I 14 -8.72 22.08 -28.05
CA LEU I 14 -8.53 20.78 -28.69
C LEU I 14 -7.59 20.91 -29.88
N SER I 15 -7.81 21.97 -30.66
CA SER I 15 -7.03 22.24 -31.85
C SER I 15 -5.60 22.63 -31.51
N GLU I 16 -5.41 23.18 -30.32
CA GLU I 16 -4.08 23.60 -29.92
C GLU I 16 -3.29 22.47 -29.25
N ALA I 17 -4.00 21.40 -28.92
CA ALA I 17 -3.37 20.22 -28.30
C ALA I 17 -2.89 19.38 -29.47
N LEU I 18 -3.64 19.49 -30.56
CA LEU I 18 -3.36 18.74 -31.77
C LEU I 18 -1.89 18.69 -32.14
N PRO I 19 -1.18 19.84 -32.08
CA PRO I 19 0.23 19.66 -32.45
C PRO I 19 0.82 18.57 -31.58
N TYR I 20 0.65 18.75 -30.27
CA TYR I 20 1.17 17.83 -29.28
C TYR I 20 0.67 16.40 -29.50
N ILE I 21 -0.62 16.23 -29.72
CA ILE I 21 -1.15 14.90 -29.96
C ILE I 21 -0.38 14.25 -31.10
N ARG I 22 -0.31 14.95 -32.22
CA ARG I 22 0.37 14.48 -33.44
C ARG I 22 1.69 13.77 -33.26
N ARG I 23 2.52 14.23 -32.32
CA ARG I 23 3.82 13.61 -32.13
C ARG I 23 3.75 12.12 -31.72
N PHE I 24 2.63 11.70 -31.12
CA PHE I 24 2.50 10.30 -30.69
C PHE I 24 1.63 9.41 -31.55
N VAL I 25 0.98 9.98 -32.56
CA VAL I 25 0.15 9.17 -33.43
C VAL I 25 1.09 8.19 -34.13
N GLY I 26 0.71 6.92 -34.07
CA GLY I 26 1.50 5.86 -34.65
C GLY I 26 2.56 5.38 -33.68
N LYS I 27 2.87 6.16 -32.66
CA LYS I 27 3.88 5.65 -31.75
C LYS I 27 3.14 4.88 -30.67
N THR I 28 3.85 4.03 -29.96
CA THR I 28 3.18 3.27 -28.90
C THR I 28 3.72 3.78 -27.57
N LEU I 29 2.84 3.83 -26.55
CA LEU I 29 3.21 4.30 -25.20
C LEU I 29 2.92 3.19 -24.21
N VAL I 30 3.84 2.97 -23.28
CA VAL I 30 3.65 1.98 -22.23
C VAL I 30 3.32 2.74 -20.96
N ILE I 31 2.23 2.33 -20.31
CA ILE I 31 1.75 2.96 -19.09
C ILE I 31 1.71 1.96 -17.94
N LYS I 32 2.28 2.32 -16.80
CA LYS I 32 2.24 1.47 -15.60
C LYS I 32 1.19 2.03 -14.67
N TYR I 33 0.07 1.34 -14.57
CA TYR I 33 -1.02 1.74 -13.68
C TYR I 33 -0.86 1.01 -12.37
N GLY I 34 -1.80 1.19 -11.48
CA GLY I 34 -1.70 0.48 -10.22
C GLY I 34 -1.49 1.53 -9.19
N GLY I 35 -1.85 1.22 -7.97
CA GLY I 35 -1.64 2.25 -7.00
C GLY I 35 -2.11 1.91 -5.62
N ASN I 36 -1.46 2.59 -4.68
CA ASN I 36 -1.73 2.49 -3.26
C ASN I 36 -2.92 3.41 -2.99
N ALA I 37 -2.90 4.60 -3.61
CA ALA I 37 -3.95 5.61 -3.43
C ALA I 37 -4.67 6.07 -4.70
N MET I 38 -4.30 5.49 -5.85
CA MET I 38 -5.01 5.80 -7.10
C MET I 38 -6.06 4.67 -7.23
N GLU I 39 -6.28 4.03 -6.08
CA GLU I 39 -7.30 2.99 -5.94
C GLU I 39 -8.71 3.54 -5.50
N SER I 40 -9.43 4.18 -6.41
CA SER I 40 -10.82 4.67 -6.19
C SER I 40 -11.55 4.04 -7.38
N GLU I 41 -12.86 3.93 -7.29
CA GLU I 41 -13.65 3.32 -8.35
C GLU I 41 -13.49 4.16 -9.61
N GLU I 42 -13.62 5.44 -9.33
CA GLU I 42 -13.63 6.52 -10.26
C GLU I 42 -12.35 7.12 -10.84
N LEU I 43 -11.21 6.83 -10.23
CA LEU I 43 -9.94 7.36 -10.70
C LEU I 43 -9.38 6.19 -11.51
N LYS I 44 -10.14 5.10 -11.41
CA LYS I 44 -9.92 3.81 -12.06
C LYS I 44 -10.69 3.70 -13.38
N ALA I 45 -11.93 4.21 -13.40
CA ALA I 45 -12.75 4.21 -14.62
C ALA I 45 -12.13 5.29 -15.50
N GLY I 46 -11.74 6.39 -14.84
CA GLY I 46 -11.11 7.51 -15.51
C GLY I 46 -9.87 7.10 -16.27
N PHE I 47 -8.92 6.46 -15.59
CA PHE I 47 -7.69 6.01 -16.24
C PHE I 47 -8.03 5.20 -17.48
N ALA I 48 -8.93 4.24 -17.31
CA ALA I 48 -9.36 3.37 -18.40
C ALA I 48 -9.86 4.14 -19.62
N ARG I 49 -10.51 5.28 -19.40
CA ARG I 49 -11.00 6.09 -20.50
C ARG I 49 -9.83 6.76 -21.19
N ASP I 50 -8.89 7.27 -20.41
CA ASP I 50 -7.77 7.97 -20.99
C ASP I 50 -7.06 7.08 -22.00
N VAL I 51 -6.97 5.80 -21.66
CA VAL I 51 -6.30 4.83 -22.50
C VAL I 51 -7.04 4.62 -23.81
N VAL I 52 -8.35 4.45 -23.70
CA VAL I 52 -9.18 4.27 -24.87
C VAL I 52 -8.98 5.49 -25.74
N LEU I 53 -9.10 6.67 -25.14
CA LEU I 53 -8.93 7.91 -25.88
C LEU I 53 -7.60 7.99 -26.61
N MET I 54 -6.53 7.50 -25.99
CA MET I 54 -5.24 7.52 -26.66
C MET I 54 -5.36 6.61 -27.88
N LYS I 55 -6.16 5.55 -27.73
CA LYS I 55 -6.39 4.58 -28.80
C LYS I 55 -7.07 5.31 -29.97
N ALA I 56 -8.22 5.90 -29.66
CA ALA I 56 -9.03 6.66 -30.61
C ALA I 56 -8.21 7.71 -31.35
N VAL I 57 -7.50 8.53 -30.59
CA VAL I 57 -6.70 9.60 -31.16
C VAL I 57 -5.50 9.06 -31.94
N GLY I 58 -5.45 7.73 -32.08
CA GLY I 58 -4.38 7.10 -32.83
C GLY I 58 -3.10 6.69 -32.16
N ILE I 59 -3.12 6.61 -30.84
CA ILE I 59 -1.90 6.21 -30.13
C ILE I 59 -2.08 4.72 -29.80
N ASN I 60 -0.96 4.05 -29.61
CA ASN I 60 -0.92 2.65 -29.34
C ASN I 60 -0.52 2.47 -27.87
N PRO I 61 -1.51 2.30 -27.01
CA PRO I 61 -1.30 2.12 -25.57
C PRO I 61 -1.09 0.68 -25.08
N VAL I 62 -0.14 0.52 -24.16
CA VAL I 62 0.22 -0.76 -23.54
C VAL I 62 0.21 -0.54 -22.02
N VAL I 63 -0.57 -1.34 -21.32
CA VAL I 63 -0.73 -1.22 -19.88
C VAL I 63 -0.11 -2.31 -19.02
N VAL I 64 0.89 -1.94 -18.22
CA VAL I 64 1.54 -2.84 -17.28
C VAL I 64 0.97 -2.41 -15.94
N HIS I 65 0.65 -3.37 -15.11
CA HIS I 65 0.09 -2.99 -13.85
C HIS I 65 0.69 -3.76 -12.72
N GLY I 66 0.30 -3.37 -11.53
CA GLY I 66 0.76 -4.09 -10.40
C GLY I 66 -0.52 -4.26 -9.62
N GLY I 67 -0.35 -3.96 -8.34
CA GLY I 67 -1.38 -4.01 -7.33
C GLY I 67 -0.96 -4.57 -5.97
N GLY I 68 -0.06 -3.90 -5.24
CA GLY I 68 0.33 -4.40 -3.91
C GLY I 68 -0.86 -4.42 -2.96
N PRO I 69 -1.72 -3.40 -3.01
CA PRO I 69 -2.90 -3.32 -2.14
C PRO I 69 -3.85 -4.54 -2.20
N GLN I 70 -4.03 -5.16 -3.37
CA GLN I 70 -4.91 -6.35 -3.48
C GLN I 70 -4.13 -7.53 -2.92
N ILE I 71 -2.83 -7.50 -3.21
CA ILE I 71 -1.88 -8.49 -2.75
C ILE I 71 -1.99 -8.57 -1.23
N GLY I 72 -1.56 -7.50 -0.56
CA GLY I 72 -1.63 -7.43 0.89
C GLY I 72 -2.96 -7.78 1.54
N ASP I 73 -4.08 -7.43 0.91
CA ASP I 73 -5.40 -7.75 1.47
C ASP I 73 -5.62 -9.26 1.46
N LEU I 74 -5.33 -9.91 0.34
CA LEU I 74 -5.48 -11.36 0.24
C LEU I 74 -4.35 -12.03 1.03
N LEU I 75 -3.22 -11.34 1.12
CA LEU I 75 -2.04 -11.84 1.83
C LEU I 75 -2.19 -11.81 3.36
N LYS I 76 -2.43 -10.64 3.94
CA LYS I 76 -2.61 -10.57 5.38
C LYS I 76 -3.75 -11.53 5.79
N ARG I 77 -4.55 -11.98 4.83
CA ARG I 77 -5.65 -12.89 5.13
C ARG I 77 -5.29 -14.33 5.56
N LEU I 78 -4.63 -15.14 4.73
CA LEU I 78 -4.27 -16.49 5.20
C LEU I 78 -3.13 -16.28 6.20
N SER I 79 -2.34 -15.25 5.89
CA SER I 79 -1.20 -14.75 6.65
C SER I 79 0.17 -15.36 6.62
N ILE I 80 0.93 -14.63 5.78
CA ILE I 80 2.34 -14.71 5.34
C ILE I 80 3.07 -13.35 5.63
N GLU I 81 4.38 -13.32 5.45
CA GLU I 81 5.27 -12.18 5.76
C GLU I 81 5.70 -11.24 4.61
N SER I 82 5.52 -9.91 4.76
CA SER I 82 5.89 -8.93 3.71
C SER I 82 6.87 -7.82 4.02
N HIS I 83 8.13 -8.03 3.68
CA HIS I 83 9.11 -6.98 3.87
C HIS I 83 9.71 -6.80 2.49
N PHE I 84 9.95 -5.55 2.11
CA PHE I 84 10.54 -5.29 0.82
C PHE I 84 12.01 -5.08 1.08
N ILE I 85 12.83 -5.17 0.04
CA ILE I 85 14.25 -4.97 0.17
C ILE I 85 14.75 -4.18 -1.01
N ASP I 86 15.07 -2.91 -0.78
CA ASP I 86 15.57 -2.06 -1.85
C ASP I 86 14.58 -1.89 -3.03
N GLY I 87 13.28 -1.98 -2.77
CA GLY I 87 12.29 -1.79 -3.83
C GLY I 87 11.45 -2.98 -4.30
N MET I 88 12.07 -4.14 -4.42
CA MET I 88 11.40 -5.37 -4.85
C MET I 88 11.01 -6.10 -3.55
N ARG I 89 9.99 -6.95 -3.59
CA ARG I 89 9.59 -7.64 -2.36
C ARG I 89 10.03 -9.09 -2.31
N VAL I 90 9.97 -9.68 -1.11
CA VAL I 90 10.38 -11.06 -0.87
C VAL I 90 9.24 -12.07 -0.98
N THR I 91 9.45 -13.04 -1.87
CA THR I 91 8.47 -14.07 -2.18
C THR I 91 8.84 -15.52 -1.84
N ASP I 92 7.79 -16.32 -1.66
CA ASP I 92 7.93 -17.74 -1.36
C ASP I 92 6.87 -18.49 -2.15
N ALA I 93 7.03 -19.80 -2.26
CA ALA I 93 6.09 -20.63 -3.00
C ALA I 93 4.63 -20.17 -3.01
N ALA I 94 4.07 -19.92 -1.82
CA ALA I 94 2.66 -19.51 -1.74
C ALA I 94 2.31 -18.04 -1.55
N THR I 95 3.26 -17.15 -1.80
CA THR I 95 2.99 -15.70 -1.75
C THR I 95 3.04 -15.45 -3.25
N MET I 96 3.91 -16.22 -3.90
CA MET I 96 4.08 -16.19 -5.34
C MET I 96 2.87 -16.89 -5.91
N ASP I 97 2.57 -18.09 -5.40
CA ASP I 97 1.40 -18.82 -5.89
C ASP I 97 0.11 -18.07 -5.53
N VAL I 98 0.25 -17.10 -4.63
CA VAL I 98 -0.86 -16.24 -4.22
C VAL I 98 -0.78 -15.04 -5.18
N VAL I 99 0.41 -14.45 -5.28
CA VAL I 99 0.69 -13.31 -6.16
C VAL I 99 0.14 -13.58 -7.56
N GLU I 100 0.61 -14.68 -8.14
CA GLU I 100 0.24 -15.11 -9.48
C GLU I 100 -1.24 -15.11 -9.76
N MET I 101 -1.99 -15.68 -8.83
CA MET I 101 -3.45 -15.79 -8.96
C MET I 101 -4.18 -14.46 -8.86
N VAL I 102 -3.77 -13.65 -7.89
CA VAL I 102 -4.40 -12.36 -7.67
C VAL I 102 -4.10 -11.41 -8.84
N LEU I 103 -2.83 -11.33 -9.22
CA LEU I 103 -2.40 -10.47 -10.32
C LEU I 103 -2.93 -10.85 -11.69
N GLY I 104 -3.36 -12.09 -11.85
CA GLY I 104 -3.82 -12.53 -13.15
C GLY I 104 -5.27 -12.90 -13.33
N GLY I 105 -6.02 -13.07 -12.23
CA GLY I 105 -7.42 -13.45 -12.35
C GLY I 105 -8.40 -12.51 -11.66
N GLN I 106 -7.86 -11.39 -11.22
CA GLN I 106 -8.66 -10.38 -10.52
C GLN I 106 -8.26 -8.97 -10.96
N VAL I 107 -7.05 -8.58 -10.58
CA VAL I 107 -6.51 -7.26 -10.87
C VAL I 107 -6.44 -7.00 -12.37
N ASN I 108 -5.61 -7.80 -13.05
CA ASN I 108 -5.38 -7.68 -14.49
C ASN I 108 -6.65 -7.76 -15.30
N LYS I 109 -7.51 -8.70 -14.94
CA LYS I 109 -8.76 -8.89 -15.65
C LYS I 109 -9.71 -7.72 -15.39
N ASP I 110 -9.74 -7.25 -14.14
CA ASP I 110 -10.60 -6.14 -13.76
C ASP I 110 -10.28 -4.93 -14.62
N ILE I 111 -8.99 -4.62 -14.76
CA ILE I 111 -8.56 -3.51 -15.61
C ILE I 111 -9.12 -3.78 -17.02
N VAL I 112 -8.93 -5.01 -17.51
CA VAL I 112 -9.41 -5.37 -18.83
C VAL I 112 -10.90 -5.05 -19.02
N ASN I 113 -11.72 -5.44 -18.05
CA ASN I 113 -13.17 -5.19 -18.10
C ASN I 113 -13.49 -3.71 -18.36
N LEU I 114 -12.96 -2.84 -17.50
CA LEU I 114 -13.17 -1.40 -17.63
C LEU I 114 -12.75 -0.87 -18.99
N ILE I 115 -11.47 -1.06 -19.32
CA ILE I 115 -10.96 -0.62 -20.60
C ILE I 115 -11.94 -0.94 -21.73
N ASN I 116 -12.23 -2.23 -21.90
CA ASN I 116 -13.16 -2.70 -22.92
C ASN I 116 -14.50 -1.99 -22.77
N ARG I 117 -14.96 -1.85 -21.53
CA ARG I 117 -16.22 -1.19 -21.20
C ARG I 117 -16.36 0.19 -21.85
N HIS I 118 -15.37 1.06 -21.61
CA HIS I 118 -15.42 2.39 -22.22
C HIS I 118 -14.97 2.38 -23.67
N GLY I 119 -14.83 1.20 -24.27
CA GLY I 119 -14.52 1.15 -25.68
C GLY I 119 -13.28 0.58 -26.30
N GLY I 120 -12.56 -0.17 -25.51
CA GLY I 120 -11.34 -0.73 -26.02
C GLY I 120 -11.36 -2.23 -26.09
N SER I 121 -10.37 -2.74 -26.80
CA SER I 121 -10.18 -4.16 -26.98
C SER I 121 -8.94 -4.42 -26.13
N ALA I 122 -9.20 -4.93 -24.93
CA ALA I 122 -8.16 -5.19 -23.97
C ALA I 122 -8.00 -6.67 -23.80
N ILE I 123 -6.75 -7.10 -23.73
CA ILE I 123 -6.45 -8.50 -23.59
C ILE I 123 -5.53 -8.73 -22.41
N GLY I 124 -6.08 -9.28 -21.33
CA GLY I 124 -5.31 -9.55 -20.12
C GLY I 124 -4.32 -10.70 -20.16
N LEU I 125 -3.04 -10.35 -20.16
CA LEU I 125 -1.99 -11.35 -20.19
C LEU I 125 -1.13 -11.25 -18.92
N THR I 126 -0.37 -12.30 -18.67
CA THR I 126 0.56 -12.35 -17.55
C THR I 126 1.78 -12.84 -18.31
N GLY I 127 2.98 -12.65 -17.79
CA GLY I 127 4.15 -13.11 -18.52
C GLY I 127 4.09 -14.59 -18.86
N LYS I 128 3.10 -15.29 -18.34
CA LYS I 128 2.93 -16.73 -18.58
C LYS I 128 2.48 -17.00 -20.02
N ASP I 129 1.57 -16.15 -20.51
CA ASP I 129 1.02 -16.24 -21.86
C ASP I 129 2.08 -16.18 -22.93
N ALA I 130 2.18 -17.27 -23.70
CA ALA I 130 3.17 -17.43 -24.77
C ALA I 130 4.53 -16.97 -24.25
N GLU I 131 4.84 -17.32 -23.00
CA GLU I 131 6.09 -16.94 -22.35
C GLU I 131 6.43 -15.50 -22.73
N LEU I 132 5.43 -14.63 -22.53
CA LEU I 132 5.50 -13.21 -22.82
C LEU I 132 6.67 -12.52 -22.10
N ILE I 133 6.76 -12.73 -20.78
CA ILE I 133 7.83 -12.14 -19.98
C ILE I 133 8.78 -13.22 -19.42
N ARG I 134 9.87 -13.52 -20.15
CA ARG I 134 10.87 -14.51 -19.73
C ARG I 134 11.75 -13.90 -18.67
N ALA I 135 12.07 -14.65 -17.63
CA ALA I 135 12.89 -14.07 -16.60
C ALA I 135 13.70 -15.08 -15.86
N LYS I 136 14.75 -14.62 -15.22
CA LYS I 136 15.57 -15.54 -14.50
C LYS I 136 15.61 -15.08 -13.07
N LYS I 137 16.02 -15.96 -12.18
CA LYS I 137 16.14 -15.57 -10.79
C LYS I 137 17.12 -14.40 -10.80
N LEU I 138 16.81 -13.35 -10.05
CA LEU I 138 17.65 -12.14 -10.00
C LEU I 138 18.68 -12.04 -8.85
N THR I 139 19.95 -11.98 -9.25
CA THR I 139 21.09 -11.89 -8.34
C THR I 139 21.20 -10.50 -7.70
N VAL I 140 21.47 -10.43 -6.39
CA VAL I 140 21.61 -9.13 -5.71
C VAL I 140 22.63 -9.11 -4.55
N THR I 141 23.19 -7.94 -4.26
CA THR I 141 24.14 -7.80 -3.15
C THR I 141 23.63 -6.88 -2.03
N ARG I 142 23.16 -7.53 -0.96
CA ARG I 142 22.60 -6.89 0.23
C ARG I 142 23.44 -5.80 0.93
N GLU I 151 26.05 -11.78 3.35
CA GLU I 151 25.38 -12.69 2.41
C GLU I 151 24.51 -12.09 1.26
N ILE I 152 24.90 -12.37 0.01
CA ILE I 152 24.15 -11.92 -1.16
C ILE I 152 22.73 -12.33 -0.78
N ILE I 153 21.84 -11.35 -0.71
CA ILE I 153 20.49 -11.60 -0.32
C ILE I 153 19.57 -12.31 -1.26
N ASP I 154 19.11 -13.48 -0.84
CA ASP I 154 18.19 -14.28 -1.62
C ASP I 154 16.87 -13.50 -1.41
N ILE I 155 16.43 -12.83 -2.48
CA ILE I 155 15.23 -12.01 -2.44
C ILE I 155 14.04 -12.91 -2.72
N GLY I 156 14.40 -14.15 -3.08
CA GLY I 156 13.43 -15.17 -3.37
C GLY I 156 13.12 -15.41 -4.82
N HIS I 157 11.83 -15.69 -5.00
CA HIS I 157 11.18 -15.96 -6.28
C HIS I 157 10.89 -14.68 -7.04
N VAL I 158 11.84 -13.76 -6.94
CA VAL I 158 11.85 -12.45 -7.60
C VAL I 158 12.90 -12.57 -8.74
N GLY I 159 12.46 -12.35 -9.99
CA GLY I 159 13.34 -12.46 -11.15
C GLY I 159 13.53 -11.18 -11.96
N GLU I 160 14.37 -11.28 -12.99
CA GLU I 160 14.70 -10.16 -13.87
C GLU I 160 14.52 -10.56 -15.35
N VAL I 161 13.80 -9.70 -16.05
CA VAL I 161 13.48 -9.82 -17.46
C VAL I 161 14.72 -10.12 -18.32
N THR I 162 14.65 -11.26 -19.01
CA THR I 162 15.71 -11.74 -19.89
C THR I 162 15.21 -11.60 -21.32
N GLY I 163 13.90 -11.51 -21.42
CA GLY I 163 13.28 -11.37 -22.72
C GLY I 163 11.80 -11.06 -22.60
N VAL I 164 11.31 -10.50 -23.70
CA VAL I 164 9.94 -10.09 -23.90
C VAL I 164 9.56 -10.58 -25.30
N ASN I 165 8.34 -11.09 -25.43
CA ASN I 165 7.85 -11.55 -26.73
C ASN I 165 7.26 -10.26 -27.32
N VAL I 166 7.95 -9.67 -28.28
CA VAL I 166 7.48 -8.43 -28.84
C VAL I 166 6.54 -8.82 -29.95
N GLY I 167 6.81 -10.03 -30.44
CA GLY I 167 6.02 -10.60 -31.49
C GLY I 167 4.56 -10.60 -31.14
N LEU I 168 4.24 -11.07 -29.93
CA LEU I 168 2.86 -11.13 -29.45
C LEU I 168 2.23 -9.76 -29.24
N LEU I 169 2.98 -8.87 -28.61
CA LEU I 169 2.49 -7.54 -28.38
C LEU I 169 2.29 -6.86 -29.74
N ASN I 170 3.31 -6.95 -30.59
CA ASN I 170 3.27 -6.35 -31.92
C ASN I 170 2.03 -6.76 -32.69
N MET I 171 1.67 -8.04 -32.59
CA MET I 171 0.46 -8.50 -33.26
C MET I 171 -0.74 -7.82 -32.63
N LEU I 172 -0.93 -8.05 -31.34
CA LEU I 172 -2.05 -7.47 -30.59
C LEU I 172 -2.19 -5.98 -30.87
N VAL I 173 -1.04 -5.35 -31.10
CA VAL I 173 -1.01 -3.92 -31.39
C VAL I 173 -1.48 -3.74 -32.82
N LYS I 174 -0.91 -4.53 -33.71
CA LYS I 174 -1.27 -4.48 -35.11
C LYS I 174 -2.76 -4.81 -35.29
N GLY I 175 -3.36 -5.45 -34.27
CA GLY I 175 -4.76 -5.83 -34.33
C GLY I 175 -5.69 -4.84 -33.66
N ASP I 176 -5.07 -3.83 -33.07
CA ASP I 176 -5.78 -2.76 -32.39
C ASP I 176 -6.24 -3.21 -31.03
N PHE I 177 -5.49 -4.16 -30.49
CA PHE I 177 -5.75 -4.68 -29.17
C PHE I 177 -4.80 -3.97 -28.20
N ILE I 178 -5.36 -3.49 -27.10
CA ILE I 178 -4.62 -2.81 -26.03
C ILE I 178 -4.22 -3.89 -25.00
N PRO I 179 -2.93 -4.28 -24.96
CA PRO I 179 -2.41 -5.29 -24.04
C PRO I 179 -2.31 -4.79 -22.60
N VAL I 180 -2.78 -5.57 -21.64
CA VAL I 180 -2.72 -5.17 -20.25
C VAL I 180 -1.94 -6.24 -19.53
N ILE I 181 -0.67 -5.99 -19.27
CA ILE I 181 0.21 -6.97 -18.66
C ILE I 181 0.33 -7.02 -17.12
N ALA I 182 0.24 -8.24 -16.55
CA ALA I 182 0.40 -8.46 -15.10
C ALA I 182 1.87 -8.90 -14.95
N PRO I 183 2.64 -8.26 -14.04
CA PRO I 183 4.06 -8.55 -13.81
C PRO I 183 4.48 -9.90 -13.27
N ILE I 184 4.16 -10.96 -14.01
CA ILE I 184 4.57 -12.30 -13.59
C ILE I 184 5.46 -12.82 -14.70
N GLY I 185 6.65 -13.28 -14.34
CA GLY I 185 7.55 -13.81 -15.34
C GLY I 185 7.59 -15.33 -15.29
N VAL I 186 8.14 -15.94 -16.33
CA VAL I 186 8.25 -17.40 -16.38
C VAL I 186 9.61 -17.72 -16.99
N GLY I 187 10.33 -18.61 -16.34
CA GLY I 187 11.64 -18.93 -16.84
C GLY I 187 11.82 -20.31 -17.43
N SER I 188 13.08 -20.63 -17.65
CA SER I 188 13.55 -21.89 -18.21
C SER I 188 12.70 -23.14 -17.93
N ASN I 189 12.49 -23.48 -16.67
CA ASN I 189 11.70 -24.67 -16.35
C ASN I 189 10.21 -24.34 -16.28
N GLY I 190 9.87 -23.09 -16.59
CA GLY I 190 8.47 -22.69 -16.54
C GLY I 190 7.99 -22.34 -15.15
N GLU I 191 8.93 -22.10 -14.25
CA GLU I 191 8.58 -21.71 -12.89
C GLU I 191 8.40 -20.20 -12.88
N SER I 192 7.37 -19.75 -12.18
CA SER I 192 7.01 -18.34 -12.08
C SER I 192 7.87 -17.41 -11.22
N TYR I 193 8.02 -16.17 -11.69
CA TYR I 193 8.79 -15.14 -10.98
C TYR I 193 7.91 -13.95 -10.64
N ASN I 194 8.31 -13.22 -9.60
CA ASN I 194 7.58 -12.02 -9.18
C ASN I 194 8.50 -10.86 -9.54
N ILE I 195 7.95 -9.90 -10.27
CA ILE I 195 8.78 -8.80 -10.73
C ILE I 195 8.16 -7.43 -10.50
N ASN I 196 9.02 -6.44 -10.27
CA ASN I 196 8.52 -5.10 -10.06
C ASN I 196 7.80 -4.66 -11.33
N ALA I 197 6.55 -4.26 -11.20
CA ALA I 197 5.75 -3.81 -12.33
C ALA I 197 6.45 -2.65 -13.00
N ASP I 198 7.21 -1.87 -12.23
CA ASP I 198 7.91 -0.76 -12.84
C ASP I 198 8.98 -1.37 -13.74
N LEU I 199 9.66 -2.39 -13.24
CA LEU I 199 10.71 -3.07 -13.99
C LEU I 199 10.23 -3.70 -15.29
N VAL I 200 9.13 -4.44 -15.20
CA VAL I 200 8.51 -5.09 -16.35
C VAL I 200 8.16 -4.00 -17.36
N ALA I 201 7.33 -3.05 -16.95
CA ALA I 201 6.90 -1.95 -17.82
C ALA I 201 8.08 -1.24 -18.48
N GLY I 202 9.24 -1.29 -17.82
CA GLY I 202 10.41 -0.66 -18.37
C GLY I 202 10.93 -1.51 -19.49
N LYS I 203 11.09 -2.81 -19.22
CA LYS I 203 11.60 -3.76 -20.20
C LYS I 203 10.67 -3.96 -21.40
N VAL I 204 9.37 -3.83 -21.18
CA VAL I 204 8.40 -3.97 -22.25
C VAL I 204 8.55 -2.78 -23.19
N ALA I 205 8.75 -1.60 -22.64
CA ALA I 205 8.89 -0.42 -23.48
C ALA I 205 10.17 -0.55 -24.28
N GLU I 206 11.22 -1.03 -23.63
CA GLU I 206 12.50 -1.20 -24.30
C GLU I 206 12.41 -2.16 -25.50
N ALA I 207 11.65 -3.23 -25.34
CA ALA I 207 11.48 -4.23 -26.39
C ALA I 207 10.63 -3.68 -27.53
N LEU I 208 9.67 -2.82 -27.21
CA LEU I 208 8.82 -2.23 -28.24
C LEU I 208 9.40 -0.91 -28.70
N LYS I 209 10.60 -0.57 -28.25
CA LYS I 209 11.20 0.71 -28.63
C LYS I 209 10.07 1.74 -28.64
N ALA I 210 9.34 1.80 -27.53
CA ALA I 210 8.21 2.70 -27.39
C ALA I 210 8.63 4.16 -27.23
N GLU I 211 7.74 5.04 -27.69
CA GLU I 211 7.94 6.48 -27.69
C GLU I 211 8.10 7.08 -26.30
N LYS I 212 7.18 6.74 -25.41
CA LYS I 212 7.21 7.26 -24.05
C LYS I 212 6.76 6.18 -23.06
N LEU I 213 7.37 6.23 -21.88
CA LEU I 213 7.06 5.31 -20.78
C LEU I 213 6.44 6.20 -19.69
N MET I 214 5.19 5.98 -19.36
CA MET I 214 4.56 6.77 -18.33
C MET I 214 4.35 5.96 -17.08
N LEU I 215 5.14 6.26 -16.06
CA LEU I 215 5.06 5.57 -14.78
C LEU I 215 4.20 6.32 -13.79
N LEU I 216 3.01 5.78 -13.49
CA LEU I 216 2.12 6.40 -12.52
C LEU I 216 2.47 5.97 -11.10
N THR I 217 2.49 6.97 -10.22
CA THR I 217 2.84 6.78 -8.82
C THR I 217 1.88 7.56 -7.94
N ASN I 218 1.98 7.37 -6.63
CA ASN I 218 1.12 8.07 -5.69
C ASN I 218 1.77 9.25 -4.98
N ILE I 219 2.66 9.92 -5.70
CA ILE I 219 3.31 11.12 -5.22
C ILE I 219 3.62 11.98 -6.44
N ALA I 220 3.63 13.29 -6.25
CA ALA I 220 3.86 14.25 -7.33
C ALA I 220 4.98 13.88 -8.29
N GLY I 221 6.08 13.41 -7.75
CA GLY I 221 7.22 13.03 -8.57
C GLY I 221 8.40 12.80 -7.65
N LEU I 222 9.50 12.28 -8.20
CA LEU I 222 10.68 12.02 -7.38
C LEU I 222 11.22 13.38 -6.95
N MET I 223 11.40 13.55 -5.64
CA MET I 223 11.88 14.84 -5.16
C MET I 223 13.20 14.93 -4.47
N ASP I 224 13.55 16.19 -4.28
CA ASP I 224 14.75 16.71 -3.67
C ASP I 224 14.81 16.32 -2.20
N LYS I 225 15.99 16.36 -1.59
CA LYS I 225 15.98 16.03 -0.18
C LYS I 225 15.18 17.11 0.50
N GLN I 226 14.80 18.16 -0.23
CA GLN I 226 14.01 19.27 0.32
C GLN I 226 12.57 19.44 -0.17
N GLY I 227 12.09 18.51 -0.98
CA GLY I 227 10.72 18.61 -1.41
C GLY I 227 10.49 19.21 -2.77
N GLN I 228 11.54 19.27 -3.57
CA GLN I 228 11.45 19.84 -4.92
C GLN I 228 11.39 18.74 -5.94
N VAL I 229 10.42 18.80 -6.85
CA VAL I 229 10.34 17.78 -7.89
C VAL I 229 11.48 17.98 -8.88
N LEU I 230 12.32 16.96 -9.06
CA LEU I 230 13.45 17.07 -9.98
C LEU I 230 12.99 16.65 -11.39
N THR I 231 13.72 17.08 -12.43
CA THR I 231 13.33 16.79 -13.82
C THR I 231 14.47 16.98 -14.83
N GLY I 232 14.53 16.13 -15.83
CA GLY I 232 15.58 16.25 -16.83
C GLY I 232 16.92 15.82 -16.26
N LEU I 233 16.84 14.81 -15.38
CA LEU I 233 18.02 14.24 -14.72
C LEU I 233 18.90 13.41 -15.66
N SER I 234 20.20 13.35 -15.34
CA SER I 234 21.19 12.58 -16.12
C SER I 234 21.46 11.26 -15.41
N THR I 235 22.14 10.30 -16.01
CA THR I 235 22.41 9.11 -15.23
C THR I 235 23.39 9.53 -14.11
N GLU I 236 24.48 10.16 -14.52
CA GLU I 236 25.53 10.62 -13.62
C GLU I 236 24.96 11.31 -12.38
N GLN I 237 23.92 12.12 -12.61
CA GLN I 237 23.22 12.87 -11.58
C GLN I 237 22.47 11.97 -10.62
N VAL I 238 21.51 11.24 -11.17
CA VAL I 238 20.69 10.31 -10.41
C VAL I 238 21.57 9.44 -9.53
N ASN I 239 22.61 8.89 -10.14
CA ASN I 239 23.56 8.03 -9.43
C ASN I 239 23.96 8.71 -8.13
N GLU I 240 24.12 10.02 -8.20
CA GLU I 240 24.49 10.82 -7.04
C GLU I 240 23.40 10.84 -5.99
N LEU I 241 22.16 11.05 -6.43
CA LEU I 241 21.03 11.13 -5.53
C LEU I 241 20.74 9.78 -4.91
N ILE I 242 21.15 8.74 -5.61
CA ILE I 242 20.95 7.38 -5.15
C ILE I 242 22.02 7.09 -4.11
N ALA I 243 23.18 7.71 -4.32
CA ALA I 243 24.34 7.56 -3.44
C ALA I 243 24.12 8.32 -2.14
N ASP I 244 23.72 9.57 -2.26
CA ASP I 244 23.47 10.39 -1.07
C ASP I 244 22.16 9.95 -0.40
N GLY I 245 21.62 8.84 -0.91
CA GLY I 245 20.41 8.28 -0.37
C GLY I 245 19.20 9.18 -0.32
N THR I 246 19.04 10.00 -1.35
CA THR I 246 17.91 10.92 -1.45
C THR I 246 16.78 10.15 -2.10
N ILE I 247 17.15 9.06 -2.75
CA ILE I 247 16.21 8.18 -3.44
C ILE I 247 16.33 6.88 -2.69
N TYR I 248 15.20 6.38 -2.21
CA TYR I 248 15.19 5.17 -1.42
C TYR I 248 13.92 4.39 -1.70
N GLY I 249 13.82 3.22 -1.10
CA GLY I 249 12.63 2.43 -1.22
C GLY I 249 12.17 2.12 -2.60
N GLY I 250 10.86 2.12 -2.79
CA GLY I 250 10.28 1.80 -4.09
C GLY I 250 10.51 2.78 -5.23
N MET I 251 11.38 3.78 -5.03
CA MET I 251 11.63 4.75 -6.08
C MET I 251 12.95 4.47 -6.79
N LEU I 252 13.76 3.59 -6.21
CA LEU I 252 15.05 3.23 -6.81
C LEU I 252 14.82 2.59 -8.17
N PRO I 253 13.96 1.56 -8.23
CA PRO I 253 13.69 0.89 -9.50
C PRO I 253 13.02 1.85 -10.47
N LYS I 254 12.27 2.79 -9.89
CA LYS I 254 11.54 3.77 -10.68
C LYS I 254 12.42 4.55 -11.62
N ILE I 255 13.43 5.27 -11.13
CA ILE I 255 14.26 6.00 -12.06
C ILE I 255 15.09 4.96 -12.80
N ARG I 256 15.50 3.90 -12.11
CA ARG I 256 16.30 2.85 -12.72
C ARG I 256 15.61 2.40 -14.03
N CYS I 257 14.27 2.42 -14.08
CA CYS I 257 13.50 2.05 -15.28
C CYS I 257 13.69 3.12 -16.33
N ALA I 258 13.22 4.31 -16.01
CA ALA I 258 13.32 5.47 -16.88
C ALA I 258 14.71 5.48 -17.46
N LEU I 259 15.68 5.25 -16.58
CA LEU I 259 17.08 5.26 -16.96
C LEU I 259 17.45 4.13 -17.91
N GLU I 260 16.78 2.99 -17.79
CA GLU I 260 17.07 1.85 -18.68
C GLU I 260 16.27 2.07 -19.95
N ALA I 261 15.06 2.62 -19.77
CA ALA I 261 14.12 2.90 -20.83
C ALA I 261 14.63 3.94 -21.82
N VAL I 262 15.35 4.93 -21.32
CA VAL I 262 15.87 6.02 -22.14
C VAL I 262 17.29 5.83 -22.67
N GLN I 263 18.12 5.15 -21.87
CA GLN I 263 19.54 4.90 -22.13
C GLN I 263 19.79 4.33 -23.49
N GLY I 264 19.01 3.29 -23.76
CA GLY I 264 19.08 2.58 -25.01
C GLY I 264 17.72 1.97 -25.24
N GLY I 265 16.90 2.69 -25.99
CA GLY I 265 15.59 2.26 -26.34
C GLY I 265 14.47 3.25 -26.52
N VAL I 266 14.25 4.08 -25.51
CA VAL I 266 13.11 4.97 -25.53
C VAL I 266 13.30 6.45 -25.52
N THR I 267 12.49 7.14 -26.31
CA THR I 267 12.59 8.57 -26.41
C THR I 267 12.35 9.30 -25.07
N SER I 268 11.42 8.85 -24.23
CA SER I 268 11.21 9.50 -22.92
C SER I 268 10.37 8.75 -21.87
N ALA I 269 10.74 8.89 -20.58
CA ALA I 269 10.04 8.27 -19.44
C ALA I 269 9.53 9.35 -18.49
N HIS I 270 8.32 9.18 -17.99
CA HIS I 270 7.70 10.13 -17.10
C HIS I 270 7.30 9.52 -15.76
N ILE I 271 7.67 10.15 -14.64
CA ILE I 271 7.22 9.68 -13.34
C ILE I 271 6.16 10.74 -13.05
N ILE I 272 4.91 10.29 -13.01
CA ILE I 272 3.73 11.14 -12.89
C ILE I 272 2.79 10.87 -11.71
N ASP I 273 2.26 11.93 -11.10
CA ASP I 273 1.36 11.71 -9.98
C ASP I 273 0.04 11.16 -10.51
N GLY I 274 -0.15 9.84 -10.36
CA GLY I 274 -1.36 9.21 -10.83
C GLY I 274 -2.63 9.47 -10.02
N ARG I 275 -2.59 10.37 -9.05
CA ARG I 275 -3.80 10.66 -8.26
C ARG I 275 -4.59 11.73 -9.01
N VAL I 276 -3.90 12.41 -9.92
CA VAL I 276 -4.51 13.48 -10.70
C VAL I 276 -5.40 12.92 -11.79
N PRO I 277 -6.60 13.48 -11.95
CA PRO I 277 -7.50 12.99 -13.00
C PRO I 277 -6.89 13.25 -14.38
N ASN I 278 -7.18 12.36 -15.32
CA ASN I 278 -6.66 12.45 -16.68
C ASN I 278 -5.16 12.71 -16.73
N ALA I 279 -4.47 12.34 -15.66
CA ALA I 279 -3.03 12.48 -15.56
C ALA I 279 -2.29 12.05 -16.84
N VAL I 280 -2.71 10.95 -17.46
CA VAL I 280 -2.08 10.45 -18.70
C VAL I 280 -2.31 11.42 -19.87
N LEU I 281 -3.59 11.70 -20.11
CA LEU I 281 -4.01 12.58 -21.19
C LEU I 281 -3.30 13.91 -21.11
N LEU I 282 -3.04 14.33 -19.89
CA LEU I 282 -2.39 15.59 -19.63
C LEU I 282 -0.93 15.56 -20.02
N GLU I 283 -0.27 14.42 -19.81
CA GLU I 283 1.14 14.29 -20.14
C GLU I 283 1.44 14.35 -21.64
N ILE I 284 0.43 14.04 -22.44
CA ILE I 284 0.47 14.02 -23.90
C ILE I 284 0.17 15.40 -24.52
N PHE I 285 -1.03 15.91 -24.23
CA PHE I 285 -1.56 17.18 -24.73
C PHE I 285 -0.72 18.41 -24.44
N THR I 286 0.19 18.28 -23.49
CA THR I 286 1.04 19.39 -23.13
C THR I 286 2.45 18.90 -22.97
N ASP I 287 3.38 19.84 -22.93
CA ASP I 287 4.79 19.52 -22.76
C ASP I 287 5.22 20.18 -21.47
N SER I 288 4.30 20.13 -20.50
CA SER I 288 4.55 20.73 -19.21
C SER I 288 5.17 19.71 -18.38
N GLY I 289 5.79 20.18 -17.34
CA GLY I 289 6.46 19.14 -16.64
C GLY I 289 5.86 18.97 -15.31
N VAL I 290 4.91 18.04 -15.24
CA VAL I 290 4.33 17.65 -14.00
C VAL I 290 5.19 16.42 -13.75
N GLY I 291 5.98 16.42 -12.69
CA GLY I 291 6.75 15.23 -12.41
C GLY I 291 8.16 15.21 -12.92
N THR I 292 8.80 14.08 -12.69
CA THR I 292 10.17 13.90 -13.07
C THR I 292 10.23 13.33 -14.48
N LEU I 293 10.93 14.04 -15.36
CA LEU I 293 11.04 13.62 -16.74
C LEU I 293 12.46 13.27 -17.11
N ILE I 294 12.65 12.03 -17.53
CA ILE I 294 13.95 11.57 -17.94
C ILE I 294 13.82 11.29 -19.42
N SER I 295 14.69 11.93 -20.20
CA SER I 295 14.71 11.76 -21.65
C SER I 295 16.20 11.80 -21.99
N ASN I 296 16.58 12.48 -23.06
CA ASN I 296 18.00 12.59 -23.40
C ASN I 296 18.33 13.78 -24.33
N ARG I 297 17.38 14.44 -24.82
N THR J 1 17.39 -42.19 -23.14
CA THR J 1 18.04 -42.84 -24.30
C THR J 1 17.33 -42.26 -25.51
N LEU J 2 17.64 -42.81 -26.66
CA LEU J 2 17.01 -42.45 -27.90
C LEU J 2 17.99 -43.03 -28.84
N SER J 3 17.75 -44.30 -29.04
CA SER J 3 18.53 -45.02 -29.97
C SER J 3 17.86 -44.52 -31.21
N ARG J 4 18.51 -44.85 -32.30
CA ARG J 4 18.06 -44.51 -33.61
C ARG J 4 16.91 -45.46 -33.89
N ASP J 5 17.25 -46.74 -33.92
CA ASP J 5 16.32 -47.84 -34.19
C ASP J 5 14.86 -47.54 -34.04
N ASP J 6 14.48 -46.98 -32.89
CA ASP J 6 13.08 -46.71 -32.68
C ASP J 6 12.64 -45.27 -33.01
N ALA J 7 13.60 -44.43 -33.37
CA ALA J 7 13.33 -43.06 -33.83
C ALA J 7 13.10 -43.38 -35.31
N ALA J 8 13.53 -44.58 -35.67
CA ALA J 8 13.36 -45.15 -37.00
C ALA J 8 11.98 -45.82 -36.94
N GLN J 9 11.59 -46.28 -35.74
CA GLN J 9 10.27 -46.86 -35.51
C GLN J 9 9.30 -45.71 -35.75
N VAL J 10 9.51 -44.62 -35.00
CA VAL J 10 8.71 -43.40 -35.09
C VAL J 10 8.48 -42.99 -36.55
N ALA J 11 9.57 -42.72 -37.26
CA ALA J 11 9.53 -42.33 -38.67
C ALA J 11 8.45 -43.13 -39.38
N LYS J 12 8.65 -44.45 -39.39
CA LYS J 12 7.72 -45.40 -40.02
C LYS J 12 6.30 -45.24 -39.48
N VAL J 13 6.16 -45.18 -38.16
CA VAL J 13 4.85 -45.05 -37.51
C VAL J 13 4.11 -43.74 -37.80
N LEU J 14 4.82 -42.68 -38.15
CA LEU J 14 4.15 -41.42 -38.43
C LEU J 14 3.80 -41.31 -39.90
N SER J 15 4.72 -41.75 -40.75
CA SER J 15 4.49 -41.73 -42.17
C SER J 15 3.16 -42.44 -42.36
N GLU J 16 3.12 -43.71 -41.95
CA GLU J 16 1.91 -44.53 -42.06
C GLU J 16 0.72 -43.89 -41.33
N ALA J 17 0.96 -42.80 -40.61
CA ALA J 17 -0.11 -42.09 -39.89
C ALA J 17 -0.56 -40.85 -40.67
N LEU J 18 0.24 -40.48 -41.68
CA LEU J 18 0.01 -39.30 -42.53
C LEU J 18 -1.38 -39.04 -43.14
N PRO J 19 -2.21 -40.09 -43.32
CA PRO J 19 -3.57 -40.01 -43.87
C PRO J 19 -4.53 -39.14 -43.05
N TYR J 20 -4.73 -39.54 -41.79
CA TYR J 20 -5.62 -38.83 -40.87
C TYR J 20 -5.06 -37.43 -40.59
N ILE J 21 -3.73 -37.33 -40.66
CA ILE J 21 -3.04 -36.07 -40.44
C ILE J 21 -3.59 -34.99 -41.36
N ARG J 22 -3.58 -35.29 -42.65
CA ARG J 22 -4.03 -34.36 -43.68
C ARG J 22 -5.52 -34.09 -43.84
N ARG J 23 -6.40 -34.69 -43.04
CA ARG J 23 -7.80 -34.36 -43.29
C ARG J 23 -8.36 -33.22 -42.45
N PHE J 24 -7.61 -32.79 -41.44
CA PHE J 24 -8.03 -31.67 -40.60
C PHE J 24 -7.04 -30.51 -40.67
N VAL J 25 -5.93 -30.73 -41.36
CA VAL J 25 -4.87 -29.75 -41.52
C VAL J 25 -5.30 -28.28 -41.62
N GLY J 26 -6.56 -28.02 -41.98
CA GLY J 26 -6.98 -26.65 -42.09
C GLY J 26 -7.81 -26.11 -40.94
N LYS J 27 -8.82 -26.89 -40.53
CA LYS J 27 -9.73 -26.44 -39.51
C LYS J 27 -9.41 -26.40 -38.02
N THR J 28 -10.24 -25.62 -37.34
CA THR J 28 -10.17 -25.38 -35.92
C THR J 28 -10.83 -26.53 -35.18
N LEU J 29 -10.22 -26.95 -34.08
CA LEU J 29 -10.75 -28.03 -33.25
C LEU J 29 -10.89 -27.57 -31.80
N VAL J 30 -12.14 -27.27 -31.44
CA VAL J 30 -12.52 -26.81 -30.10
C VAL J 30 -12.57 -28.01 -29.14
N ILE J 31 -11.61 -28.06 -28.21
CA ILE J 31 -11.50 -29.16 -27.23
C ILE J 31 -11.74 -28.76 -25.78
N LYS J 32 -12.78 -29.35 -25.18
CA LYS J 32 -13.14 -29.14 -23.79
C LYS J 32 -12.56 -30.31 -22.98
N TYR J 33 -11.54 -29.98 -22.19
CA TYR J 33 -10.84 -30.94 -21.39
C TYR J 33 -11.30 -30.60 -19.99
N GLY J 34 -10.64 -31.22 -19.01
CA GLY J 34 -11.00 -30.82 -17.71
C GLY J 34 -11.94 -31.68 -17.01
N GLY J 35 -12.04 -31.33 -15.73
CA GLY J 35 -12.94 -32.13 -14.98
C GLY J 35 -12.14 -32.62 -13.84
N ASN J 36 -12.75 -33.66 -13.29
CA ASN J 36 -12.28 -34.35 -12.11
C ASN J 36 -11.08 -35.22 -12.19
N ALA J 37 -11.34 -36.50 -12.38
CA ALA J 37 -10.28 -37.51 -12.45
C ALA J 37 -9.13 -36.92 -13.25
N MET J 38 -9.48 -36.06 -14.21
CA MET J 38 -8.48 -35.41 -15.02
C MET J 38 -7.53 -34.61 -14.13
N GLU J 39 -7.73 -34.68 -12.81
CA GLU J 39 -6.87 -33.97 -11.85
C GLU J 39 -5.43 -34.42 -11.91
N SER J 40 -5.11 -35.37 -12.78
CA SER J 40 -3.73 -35.79 -12.75
C SER J 40 -2.74 -34.89 -13.44
N GLU J 41 -1.51 -34.94 -12.92
CA GLU J 41 -0.42 -34.16 -13.48
C GLU J 41 -0.23 -34.65 -14.88
N GLU J 42 -0.07 -35.97 -14.98
CA GLU J 42 0.16 -36.61 -16.26
C GLU J 42 -1.02 -36.53 -17.21
N LEU J 43 -2.24 -36.49 -16.68
CA LEU J 43 -3.39 -36.39 -17.56
C LEU J 43 -3.34 -35.04 -18.28
N LYS J 44 -3.15 -33.96 -17.52
CA LYS J 44 -3.06 -32.61 -18.11
C LYS J 44 -1.77 -32.49 -18.91
N ALA J 45 -0.67 -32.98 -18.35
CA ALA J 45 0.60 -32.91 -19.03
C ALA J 45 0.51 -33.58 -20.40
N GLY J 46 -0.02 -34.80 -20.44
CA GLY J 46 -0.15 -35.53 -21.69
C GLY J 46 -1.00 -34.78 -22.70
N PHE J 47 -2.16 -34.32 -22.25
CA PHE J 47 -3.09 -33.56 -23.06
C PHE J 47 -2.39 -32.35 -23.65
N ALA J 48 -1.50 -31.76 -22.84
CA ALA J 48 -0.72 -30.62 -23.25
C ALA J 48 0.14 -30.95 -24.46
N ARG J 49 0.90 -32.03 -24.36
CA ARG J 49 1.76 -32.44 -25.47
C ARG J 49 0.98 -32.93 -26.68
N ASP J 50 -0.23 -33.45 -26.46
CA ASP J 50 -1.06 -33.93 -27.57
C ASP J 50 -1.51 -32.70 -28.35
N VAL J 51 -1.92 -31.68 -27.61
CA VAL J 51 -2.38 -30.44 -28.20
C VAL J 51 -1.26 -29.72 -28.97
N VAL J 52 -0.02 -29.93 -28.55
CA VAL J 52 1.10 -29.33 -29.25
C VAL J 52 1.29 -30.19 -30.48
N LEU J 53 1.14 -31.49 -30.28
CA LEU J 53 1.28 -32.45 -31.36
C LEU J 53 0.32 -32.05 -32.47
N MET J 54 -0.97 -31.94 -32.14
CA MET J 54 -1.98 -31.53 -33.11
C MET J 54 -1.54 -30.32 -33.92
N LYS J 55 -0.69 -29.50 -33.32
CA LYS J 55 -0.22 -28.26 -33.93
C LYS J 55 0.90 -28.28 -34.98
N ALA J 56 1.96 -29.04 -34.75
CA ALA J 56 3.07 -29.03 -35.71
C ALA J 56 2.62 -29.75 -36.94
N VAL J 57 1.54 -30.45 -36.69
CA VAL J 57 0.87 -31.29 -37.62
C VAL J 57 0.07 -30.50 -38.60
N GLY J 58 -0.33 -29.28 -38.22
CA GLY J 58 -1.13 -28.49 -39.13
C GLY J 58 -2.55 -28.26 -38.65
N ILE J 59 -2.94 -28.90 -37.55
CA ILE J 59 -4.29 -28.74 -36.95
C ILE J 59 -4.30 -27.45 -36.11
N ASN J 60 -5.48 -26.88 -35.87
CA ASN J 60 -5.57 -25.67 -35.05
C ASN J 60 -6.46 -25.88 -33.83
N PRO J 61 -5.84 -26.24 -32.68
CA PRO J 61 -6.55 -26.49 -31.41
C PRO J 61 -6.99 -25.21 -30.68
N VAL J 62 -8.15 -25.28 -30.06
CA VAL J 62 -8.73 -24.17 -29.28
C VAL J 62 -9.26 -24.81 -27.99
N VAL J 63 -8.58 -24.58 -26.89
CA VAL J 63 -8.96 -25.20 -25.63
C VAL J 63 -9.91 -24.45 -24.72
N VAL J 64 -10.84 -25.19 -24.14
CA VAL J 64 -11.81 -24.65 -23.19
C VAL J 64 -11.76 -25.67 -22.06
N HIS J 65 -11.45 -25.22 -20.86
CA HIS J 65 -11.37 -26.14 -19.75
C HIS J 65 -12.26 -25.69 -18.60
N GLY J 66 -12.78 -26.63 -17.85
CA GLY J 66 -13.61 -26.28 -16.71
C GLY J 66 -12.81 -26.80 -15.53
N GLY J 67 -13.00 -28.09 -15.27
CA GLY J 67 -12.32 -28.79 -14.21
C GLY J 67 -11.25 -28.07 -13.42
N GLY J 68 -11.71 -27.38 -12.39
CA GLY J 68 -10.83 -26.67 -11.49
C GLY J 68 -11.01 -27.14 -10.06
N PRO J 69 -10.73 -28.42 -9.78
CA PRO J 69 -10.87 -28.91 -8.40
C PRO J 69 -9.75 -28.38 -7.47
N GLN J 70 -9.39 -27.11 -7.63
CA GLN J 70 -8.39 -26.45 -6.78
C GLN J 70 -8.96 -25.10 -6.32
N ILE J 71 -10.27 -25.11 -6.15
CA ILE J 71 -11.06 -23.96 -5.71
C ILE J 71 -11.42 -24.22 -4.24
N GLY J 72 -11.29 -25.49 -3.84
CA GLY J 72 -11.56 -25.87 -2.46
C GLY J 72 -10.40 -25.56 -1.56
N ASP J 73 -9.18 -25.60 -2.09
CA ASP J 73 -7.98 -25.31 -1.31
C ASP J 73 -7.98 -23.89 -0.75
N LEU J 74 -8.01 -22.92 -1.67
CA LEU J 74 -8.02 -21.52 -1.30
C LEU J 74 -9.22 -21.20 -0.36
N LEU J 75 -10.41 -21.69 -0.72
CA LEU J 75 -11.61 -21.49 0.11
C LEU J 75 -11.38 -21.95 1.55
N LYS J 76 -10.66 -23.06 1.69
CA LYS J 76 -10.33 -23.60 2.98
C LYS J 76 -9.43 -22.60 3.70
N ARG J 77 -8.30 -22.32 3.04
CA ARG J 77 -7.29 -21.39 3.55
C ARG J 77 -7.88 -20.12 4.11
N LEU J 78 -8.82 -19.53 3.39
CA LEU J 78 -9.43 -18.33 3.91
C LEU J 78 -10.69 -18.61 4.71
N SER J 79 -11.28 -19.81 4.57
CA SER J 79 -12.47 -20.18 5.35
C SER J 79 -13.87 -20.17 4.77
N ILE J 80 -14.06 -20.68 3.56
CA ILE J 80 -15.38 -20.69 2.94
C ILE J 80 -16.47 -21.54 3.59
N GLU J 81 -17.47 -20.82 4.09
CA GLU J 81 -18.66 -21.35 4.76
C GLU J 81 -19.57 -22.02 3.71
N SER J 82 -18.94 -22.90 2.94
CA SER J 82 -19.51 -23.71 1.86
C SER J 82 -20.96 -23.57 1.38
N HIS J 83 -21.14 -23.62 0.05
CA HIS J 83 -22.47 -23.57 -0.57
C HIS J 83 -22.55 -24.05 -2.06
N PHE J 84 -22.85 -25.34 -2.26
CA PHE J 84 -22.94 -25.99 -3.61
C PHE J 84 -24.29 -26.64 -4.09
N ILE J 85 -24.30 -27.17 -5.31
CA ILE J 85 -25.48 -27.86 -5.94
C ILE J 85 -25.13 -28.64 -7.24
N ASP J 86 -26.06 -29.46 -7.74
CA ASP J 86 -25.85 -30.25 -8.97
C ASP J 86 -26.39 -29.59 -10.26
N GLY J 87 -26.08 -30.17 -11.42
CA GLY J 87 -26.53 -29.60 -12.69
C GLY J 87 -25.85 -28.28 -13.05
N MET J 88 -25.90 -27.33 -12.12
CA MET J 88 -25.30 -25.99 -12.28
C MET J 88 -24.58 -25.61 -10.98
N ARG J 89 -23.34 -25.14 -11.08
CA ARG J 89 -22.57 -24.73 -9.91
C ARG J 89 -23.21 -23.52 -9.23
N VAL J 90 -23.17 -23.46 -7.89
CA VAL J 90 -23.76 -22.36 -7.11
C VAL J 90 -22.82 -21.16 -6.95
N THR J 91 -23.39 -19.96 -6.92
CA THR J 91 -22.59 -18.75 -6.79
C THR J 91 -23.29 -17.44 -6.41
N ASP J 92 -22.51 -16.57 -5.76
CA ASP J 92 -22.97 -15.24 -5.37
C ASP J 92 -21.82 -14.23 -5.47
N ALA J 93 -22.02 -13.03 -4.92
CA ALA J 93 -21.02 -12.01 -5.11
C ALA J 93 -19.58 -12.33 -4.84
N ALA J 94 -19.37 -12.84 -3.64
CA ALA J 94 -18.07 -13.22 -3.17
C ALA J 94 -17.57 -14.53 -3.77
N THR J 95 -18.45 -15.53 -3.87
CA THR J 95 -18.09 -16.82 -4.42
C THR J 95 -17.64 -16.65 -5.86
N MET J 96 -18.43 -15.87 -6.60
CA MET J 96 -18.17 -15.59 -8.01
C MET J 96 -16.80 -14.97 -8.24
N ASP J 97 -16.37 -14.10 -7.34
CA ASP J 97 -15.07 -13.46 -7.52
C ASP J 97 -13.91 -14.41 -7.23
N VAL J 98 -14.16 -15.47 -6.47
CA VAL J 98 -13.07 -16.39 -6.20
C VAL J 98 -13.05 -17.46 -7.29
N VAL J 99 -14.21 -17.77 -7.85
CA VAL J 99 -14.25 -18.75 -8.93
C VAL J 99 -13.46 -18.17 -10.10
N GLU J 100 -13.72 -16.90 -10.40
CA GLU J 100 -13.04 -16.19 -11.48
C GLU J 100 -11.56 -16.06 -11.14
N MET J 101 -11.27 -15.75 -9.88
CA MET J 101 -9.91 -15.61 -9.40
C MET J 101 -9.08 -16.81 -9.82
N VAL J 102 -9.58 -17.98 -9.40
CA VAL J 102 -8.96 -19.28 -9.63
C VAL J 102 -8.98 -19.84 -11.06
N LEU J 103 -10.17 -19.97 -11.64
CA LEU J 103 -10.31 -20.51 -12.99
C LEU J 103 -9.38 -19.83 -13.98
N GLY J 104 -9.48 -18.50 -14.09
CA GLY J 104 -8.66 -17.75 -15.02
C GLY J 104 -7.29 -17.28 -14.56
N GLY J 105 -7.10 -17.18 -13.25
CA GLY J 105 -5.82 -16.73 -12.75
C GLY J 105 -4.91 -17.87 -12.35
N GLN J 106 -5.49 -19.05 -12.15
CA GLN J 106 -4.72 -20.20 -11.73
C GLN J 106 -4.81 -21.40 -12.68
N VAL J 107 -6.03 -21.90 -12.89
CA VAL J 107 -6.22 -23.06 -13.76
C VAL J 107 -5.88 -22.79 -15.22
N ASN J 108 -6.49 -21.75 -15.78
CA ASN J 108 -6.29 -21.37 -17.17
C ASN J 108 -4.79 -21.26 -17.50
N LYS J 109 -4.09 -20.42 -16.76
CA LYS J 109 -2.66 -20.20 -16.97
C LYS J 109 -1.81 -21.44 -16.74
N ASP J 110 -2.35 -22.41 -16.00
CA ASP J 110 -1.63 -23.63 -15.71
C ASP J 110 -1.55 -24.50 -16.98
N ILE J 111 -2.71 -24.73 -17.60
CA ILE J 111 -2.75 -25.50 -18.84
C ILE J 111 -1.87 -24.76 -19.85
N VAL J 112 -2.02 -23.43 -19.92
CA VAL J 112 -1.24 -22.60 -20.83
C VAL J 112 0.25 -22.76 -20.61
N ASN J 113 0.65 -23.03 -19.37
CA ASN J 113 2.07 -23.17 -19.08
C ASN J 113 2.58 -24.51 -19.57
N LEU J 114 1.80 -25.56 -19.34
CA LEU J 114 2.17 -26.91 -19.78
C LEU J 114 2.31 -26.90 -21.29
N ILE J 115 1.28 -26.36 -21.95
CA ILE J 115 1.25 -26.25 -23.41
C ILE J 115 2.54 -25.59 -23.91
N ASN J 116 2.93 -24.49 -23.26
CA ASN J 116 4.13 -23.74 -23.62
C ASN J 116 5.40 -24.49 -23.25
N ARG J 117 5.26 -25.47 -22.36
CA ARG J 117 6.41 -26.24 -21.93
C ARG J 117 6.77 -27.34 -22.92
N HIS J 118 5.81 -27.69 -23.78
CA HIS J 118 6.02 -28.72 -24.81
C HIS J 118 6.17 -28.10 -26.21
N GLY J 119 6.57 -26.83 -26.29
CA GLY J 119 6.77 -26.19 -27.58
C GLY J 119 5.66 -25.30 -28.13
N GLY J 120 4.46 -25.43 -27.58
CA GLY J 120 3.35 -24.62 -28.06
C GLY J 120 3.30 -23.23 -27.47
N SER J 121 2.61 -22.34 -28.17
CA SER J 121 2.47 -20.96 -27.72
C SER J 121 1.01 -20.73 -27.40
N ALA J 122 0.70 -20.77 -26.11
CA ALA J 122 -0.67 -20.60 -25.65
C ALA J 122 -0.95 -19.23 -25.01
N ILE J 123 -2.21 -18.82 -25.16
CA ILE J 123 -2.75 -17.56 -24.65
C ILE J 123 -4.00 -17.86 -23.82
N GLY J 124 -3.89 -17.69 -22.51
CA GLY J 124 -4.99 -17.93 -21.61
C GLY J 124 -5.93 -16.76 -21.54
N LEU J 125 -7.21 -17.02 -21.75
CA LEU J 125 -8.19 -15.97 -21.72
C LEU J 125 -9.45 -16.44 -21.06
N THR J 126 -10.19 -15.46 -20.57
CA THR J 126 -11.47 -15.71 -19.97
C THR J 126 -12.40 -14.82 -20.81
N GLY J 127 -13.69 -14.90 -20.51
CA GLY J 127 -14.66 -14.11 -21.26
C GLY J 127 -14.45 -12.61 -21.19
N LYS J 128 -13.76 -12.17 -20.15
CA LYS J 128 -13.47 -10.76 -19.94
C LYS J 128 -12.57 -10.12 -21.01
N ASP J 129 -11.62 -10.90 -21.52
CA ASP J 129 -10.68 -10.43 -22.52
C ASP J 129 -11.31 -10.11 -23.87
N ALA J 130 -11.46 -8.81 -24.14
CA ALA J 130 -12.05 -8.31 -25.38
C ALA J 130 -13.46 -8.84 -25.52
N GLU J 131 -14.14 -9.02 -24.40
CA GLU J 131 -15.50 -9.53 -24.39
C GLU J 131 -15.50 -10.82 -25.21
N LEU J 132 -14.51 -11.67 -24.97
CA LEU J 132 -14.39 -12.94 -25.69
C LEU J 132 -15.63 -13.77 -25.53
N ILE J 133 -16.22 -13.69 -24.36
CA ILE J 133 -17.44 -14.43 -24.10
C ILE J 133 -18.50 -13.58 -23.41
N ARG J 134 -19.46 -13.12 -24.22
CA ARG J 134 -20.60 -12.32 -23.77
C ARG J 134 -21.65 -13.27 -23.17
N ALA J 135 -22.30 -12.85 -22.08
CA ALA J 135 -23.29 -13.68 -21.38
C ALA J 135 -24.46 -12.95 -20.70
N LYS J 136 -25.55 -13.67 -20.49
CA LYS J 136 -26.80 -13.23 -19.86
C LYS J 136 -27.12 -14.00 -18.54
N LYS J 137 -28.25 -13.70 -17.92
CA LYS J 137 -28.71 -14.32 -16.62
C LYS J 137 -29.88 -15.33 -16.74
N LEU J 138 -29.49 -16.56 -17.12
CA LEU J 138 -30.41 -17.68 -17.35
C LEU J 138 -31.32 -18.21 -16.24
N GLY J 156 -28.08 -17.74 -8.40
CA GLY J 156 -27.90 -16.42 -8.97
C GLY J 156 -26.95 -16.34 -10.15
N HIS J 157 -25.87 -15.56 -9.98
CA HIS J 157 -24.86 -15.35 -11.02
C HIS J 157 -24.41 -16.67 -11.67
N VAL J 158 -25.21 -17.13 -12.63
CA VAL J 158 -24.97 -18.35 -13.40
C VAL J 158 -25.86 -18.24 -14.64
N GLY J 159 -25.27 -18.28 -15.82
CA GLY J 159 -26.07 -18.16 -17.02
C GLY J 159 -25.54 -18.82 -18.27
N GLU J 160 -25.80 -18.21 -19.42
CA GLU J 160 -25.38 -18.76 -20.69
C GLU J 160 -24.88 -17.76 -21.73
N VAL J 161 -24.01 -18.27 -22.61
CA VAL J 161 -23.39 -17.53 -23.71
C VAL J 161 -24.38 -16.81 -24.62
N THR J 162 -24.08 -15.54 -24.95
CA THR J 162 -24.91 -14.71 -25.82
C THR J 162 -24.14 -14.28 -27.08
N GLY J 163 -22.82 -14.41 -27.04
CA GLY J 163 -21.96 -14.05 -28.16
C GLY J 163 -20.52 -14.42 -27.92
N VAL J 164 -19.71 -14.40 -29.00
CA VAL J 164 -18.28 -14.75 -28.93
C VAL J 164 -17.44 -13.89 -29.88
N ASN J 165 -16.31 -13.38 -29.37
CA ASN J 165 -15.36 -12.54 -30.10
C ASN J 165 -14.48 -13.52 -30.89
N VAL J 166 -14.78 -13.65 -32.17
CA VAL J 166 -14.07 -14.59 -33.02
C VAL J 166 -12.97 -13.86 -33.70
N GLY J 167 -13.07 -12.54 -33.63
CA GLY J 167 -12.09 -11.71 -34.27
C GLY J 167 -10.83 -12.07 -33.59
N LEU J 168 -10.94 -12.02 -32.27
CA LEU J 168 -9.86 -12.31 -31.35
C LEU J 168 -9.28 -13.69 -31.64
N LEU J 169 -10.13 -14.69 -31.54
CA LEU J 169 -9.78 -16.09 -31.77
C LEU J 169 -9.09 -16.34 -33.11
N ASN J 170 -9.60 -15.70 -34.17
CA ASN J 170 -9.07 -15.86 -35.51
C ASN J 170 -7.65 -15.32 -35.58
N MET J 171 -7.49 -14.13 -35.00
CA MET J 171 -6.22 -13.45 -34.95
C MET J 171 -5.22 -14.33 -34.26
N LEU J 172 -5.62 -14.83 -33.09
CA LEU J 172 -4.78 -15.70 -32.31
C LEU J 172 -4.38 -16.92 -33.12
N VAL J 173 -5.39 -17.66 -33.60
CA VAL J 173 -5.17 -18.86 -34.40
C VAL J 173 -4.22 -18.57 -35.55
N LYS J 174 -4.55 -17.54 -36.32
CA LYS J 174 -3.77 -17.12 -37.47
C LYS J 174 -2.32 -16.82 -37.09
N GLY J 175 -2.14 -16.34 -35.87
CA GLY J 175 -0.80 -16.00 -35.41
C GLY J 175 0.03 -17.17 -34.93
N ASP J 176 -0.60 -18.34 -34.80
CA ASP J 176 0.07 -19.57 -34.32
C ASP J 176 0.02 -19.67 -32.80
N PHE J 177 -1.06 -19.19 -32.19
CA PHE J 177 -1.22 -19.24 -30.75
C PHE J 177 -2.46 -20.04 -30.39
N ILE J 178 -2.32 -20.88 -29.37
CA ILE J 178 -3.38 -21.75 -28.90
C ILE J 178 -4.30 -21.19 -27.81
N PRO J 179 -5.44 -20.64 -28.21
CA PRO J 179 -6.37 -20.08 -27.20
C PRO J 179 -6.83 -21.05 -26.12
N VAL J 180 -6.54 -20.73 -24.87
CA VAL J 180 -6.98 -21.56 -23.75
C VAL J 180 -8.04 -20.69 -23.11
N ILE J 181 -9.29 -21.11 -23.21
CA ILE J 181 -10.39 -20.32 -22.70
C ILE J 181 -11.08 -20.88 -21.46
N ALA J 182 -11.09 -20.08 -20.40
CA ALA J 182 -11.73 -20.45 -19.13
C ALA J 182 -13.19 -20.03 -19.22
N PRO J 183 -14.11 -20.91 -18.78
CA PRO J 183 -15.55 -20.64 -18.81
C PRO J 183 -16.15 -19.60 -17.87
N ILE J 184 -16.03 -18.34 -18.25
CA ILE J 184 -16.61 -17.23 -17.50
C ILE J 184 -16.97 -16.19 -18.55
N GLY J 185 -18.26 -15.85 -18.61
CA GLY J 185 -18.73 -14.88 -19.57
C GLY J 185 -19.04 -13.60 -18.83
N VAL J 186 -19.15 -12.50 -19.57
CA VAL J 186 -19.43 -11.19 -18.97
C VAL J 186 -20.75 -10.60 -19.51
N GLY J 187 -21.49 -9.94 -18.64
CA GLY J 187 -22.76 -9.36 -19.05
C GLY J 187 -22.73 -7.91 -19.50
N SER J 188 -23.90 -7.39 -19.83
CA SER J 188 -24.04 -6.01 -20.28
C SER J 188 -23.46 -5.03 -19.28
N ASN J 189 -23.64 -5.30 -17.98
CA ASN J 189 -23.11 -4.43 -16.94
C ASN J 189 -21.65 -4.74 -16.61
N GLY J 190 -21.06 -5.65 -17.37
CA GLY J 190 -19.67 -6.03 -17.12
C GLY J 190 -19.57 -6.99 -15.94
N GLU J 191 -20.70 -7.55 -15.55
CA GLU J 191 -20.75 -8.47 -14.42
C GLU J 191 -20.34 -9.87 -14.88
N SER J 192 -19.63 -10.57 -14.00
CA SER J 192 -19.14 -11.93 -14.28
C SER J 192 -20.23 -12.99 -14.15
N TYR J 193 -20.07 -14.07 -14.91
CA TYR J 193 -21.02 -15.18 -14.87
C TYR J 193 -20.30 -16.51 -14.88
N ASN J 194 -20.83 -17.46 -14.12
CA ASN J 194 -20.28 -18.81 -14.07
C ASN J 194 -21.09 -19.61 -15.09
N ILE J 195 -20.40 -20.23 -16.05
CA ILE J 195 -21.08 -21.01 -17.07
C ILE J 195 -20.43 -22.36 -17.36
N ASN J 196 -21.29 -23.38 -17.46
CA ASN J 196 -20.90 -24.76 -17.74
C ASN J 196 -19.83 -24.83 -18.82
N ALA J 197 -18.68 -25.41 -18.47
CA ALA J 197 -17.52 -25.56 -19.36
C ALA J 197 -17.83 -26.15 -20.75
N ASP J 198 -18.82 -27.04 -20.79
CA ASP J 198 -19.22 -27.70 -22.02
C ASP J 198 -20.01 -26.73 -22.91
N LEU J 199 -21.00 -26.07 -22.31
CA LEU J 199 -21.82 -25.11 -23.04
C LEU J 199 -20.96 -24.13 -23.84
N VAL J 200 -19.99 -23.51 -23.15
CA VAL J 200 -19.12 -22.53 -23.80
C VAL J 200 -18.26 -23.20 -24.85
N ALA J 201 -17.75 -24.40 -24.55
CA ALA J 201 -16.92 -25.11 -25.50
C ALA J 201 -17.71 -25.18 -26.81
N GLY J 202 -19.02 -25.45 -26.66
CA GLY J 202 -19.90 -25.56 -27.81
C GLY J 202 -20.15 -24.28 -28.58
N LYS J 203 -20.48 -23.21 -27.88
CA LYS J 203 -20.73 -21.95 -28.55
C LYS J 203 -19.49 -21.50 -29.33
N VAL J 204 -18.30 -21.75 -28.78
CA VAL J 204 -17.06 -21.38 -29.46
C VAL J 204 -16.85 -22.24 -30.72
N ALA J 205 -17.31 -23.48 -30.67
CA ALA J 205 -17.18 -24.40 -31.79
C ALA J 205 -18.06 -23.93 -32.94
N GLU J 206 -19.24 -23.45 -32.60
CA GLU J 206 -20.19 -22.95 -33.61
C GLU J 206 -19.76 -21.61 -34.19
N ALA J 207 -19.39 -20.66 -33.33
CA ALA J 207 -18.97 -19.34 -33.80
C ALA J 207 -17.81 -19.41 -34.80
N LEU J 208 -16.95 -20.42 -34.65
CA LEU J 208 -15.82 -20.60 -35.54
C LEU J 208 -16.10 -21.68 -36.57
N LYS J 209 -17.36 -22.09 -36.68
CA LYS J 209 -17.71 -23.15 -37.61
C LYS J 209 -16.54 -24.13 -37.57
N ALA J 210 -16.25 -24.63 -36.37
CA ALA J 210 -15.15 -25.55 -36.16
C ALA J 210 -15.43 -26.95 -36.73
N GLU J 211 -14.37 -27.60 -37.20
CA GLU J 211 -14.46 -28.95 -37.77
C GLU J 211 -15.01 -29.97 -36.78
N LYS J 212 -14.46 -29.99 -35.57
CA LYS J 212 -14.89 -30.93 -34.53
C LYS J 212 -14.95 -30.31 -33.14
N LEU J 213 -15.97 -30.72 -32.39
CA LEU J 213 -16.14 -30.28 -31.02
C LEU J 213 -15.94 -31.52 -30.16
N MET J 214 -14.83 -31.58 -29.42
CA MET J 214 -14.51 -32.73 -28.55
C MET J 214 -14.69 -32.49 -27.07
N LEU J 215 -15.63 -33.20 -26.45
CA LEU J 215 -15.89 -33.05 -25.03
C LEU J 215 -15.29 -34.20 -24.30
N LEU J 216 -14.26 -33.92 -23.54
CA LEU J 216 -13.67 -34.98 -22.82
C LEU J 216 -14.46 -35.10 -21.54
N THR J 217 -14.82 -36.32 -21.21
CA THR J 217 -15.58 -36.60 -20.03
C THR J 217 -14.88 -37.74 -19.28
N ASN J 218 -15.58 -38.44 -18.40
CA ASN J 218 -15.00 -39.54 -17.64
C ASN J 218 -15.74 -40.86 -17.85
N ILE J 219 -16.44 -40.97 -18.99
CA ILE J 219 -17.22 -42.13 -19.34
C ILE J 219 -17.11 -42.39 -20.86
N ALA J 220 -17.00 -43.68 -21.23
CA ALA J 220 -16.85 -44.16 -22.60
C ALA J 220 -17.40 -43.31 -23.70
N GLY J 221 -18.61 -42.80 -23.41
CA GLY J 221 -19.36 -41.98 -24.31
C GLY J 221 -20.79 -42.27 -23.85
N LEU J 222 -21.83 -41.69 -24.48
CA LEU J 222 -23.16 -41.98 -24.01
C LEU J 222 -23.31 -43.49 -23.84
N MET J 223 -23.49 -43.93 -22.61
CA MET J 223 -23.63 -45.34 -22.36
C MET J 223 -25.06 -45.81 -22.24
N ASP J 224 -25.44 -46.76 -23.10
CA ASP J 224 -26.76 -47.32 -22.99
C ASP J 224 -26.62 -47.95 -21.59
N LYS J 225 -27.73 -48.08 -20.88
CA LYS J 225 -27.81 -48.61 -19.51
C LYS J 225 -26.99 -49.86 -19.06
N GLN J 226 -26.59 -50.73 -19.99
CA GLN J 226 -25.87 -51.97 -19.67
C GLN J 226 -24.34 -51.98 -19.71
N GLY J 227 -23.75 -51.02 -20.42
CA GLY J 227 -22.30 -50.96 -20.52
C GLY J 227 -21.75 -50.63 -21.89
N GLN J 228 -22.63 -50.36 -22.86
CA GLN J 228 -22.16 -50.04 -24.19
C GLN J 228 -22.09 -48.55 -24.49
N VAL J 229 -21.19 -48.23 -25.41
CA VAL J 229 -20.92 -46.88 -25.89
C VAL J 229 -21.65 -46.74 -27.22
N LEU J 230 -22.64 -45.86 -27.28
CA LEU J 230 -23.39 -45.66 -28.52
C LEU J 230 -22.77 -44.56 -29.38
N THR J 231 -22.99 -44.61 -30.70
CA THR J 231 -22.42 -43.63 -31.62
C THR J 231 -23.42 -43.12 -32.66
N GLY J 232 -22.95 -42.26 -33.55
CA GLY J 232 -23.75 -41.69 -34.62
C GLY J 232 -25.22 -41.44 -34.35
N LEU J 233 -25.55 -40.93 -33.16
CA LEU J 233 -26.93 -40.66 -32.83
C LEU J 233 -27.48 -39.47 -33.61
N SER J 234 -28.81 -39.37 -33.60
CA SER J 234 -29.52 -38.30 -34.26
C SER J 234 -30.39 -37.72 -33.16
N THR J 235 -31.10 -36.64 -33.48
CA THR J 235 -31.98 -36.00 -32.52
C THR J 235 -32.98 -36.97 -31.90
N GLU J 236 -33.72 -37.69 -32.73
CA GLU J 236 -34.74 -38.62 -32.25
C GLU J 236 -34.14 -39.67 -31.31
N GLN J 237 -32.97 -40.20 -31.66
CA GLN J 237 -32.28 -41.20 -30.85
C GLN J 237 -31.89 -40.62 -29.47
N VAL J 238 -31.62 -39.31 -29.45
CA VAL J 238 -31.23 -38.62 -28.21
C VAL J 238 -32.42 -38.14 -27.39
N ASN J 239 -33.51 -37.78 -28.07
CA ASN J 239 -34.71 -37.30 -27.39
C ASN J 239 -35.41 -38.44 -26.67
N GLU J 240 -35.33 -39.63 -27.26
CA GLU J 240 -35.94 -40.85 -26.74
C GLU J 240 -35.10 -41.46 -25.62
N LEU J 241 -33.80 -41.14 -25.63
CA LEU J 241 -32.90 -41.66 -24.62
C LEU J 241 -33.07 -40.81 -23.37
N ILE J 242 -32.96 -39.49 -23.53
CA ILE J 242 -33.14 -38.60 -22.40
C ILE J 242 -34.48 -39.02 -21.82
N ALA J 243 -35.46 -39.15 -22.71
CA ALA J 243 -36.82 -39.54 -22.36
C ALA J 243 -37.01 -40.68 -21.33
N ASP J 244 -36.42 -41.86 -21.59
CA ASP J 244 -36.55 -42.99 -20.68
C ASP J 244 -35.67 -43.04 -19.44
N GLY J 245 -34.81 -42.04 -19.30
CA GLY J 245 -33.91 -42.03 -18.17
C GLY J 245 -32.54 -42.53 -18.56
N THR J 246 -32.41 -42.86 -19.85
CA THR J 246 -31.17 -43.36 -20.41
C THR J 246 -30.06 -42.33 -20.16
N ILE J 247 -30.31 -41.06 -20.50
CA ILE J 247 -29.29 -40.07 -20.27
C ILE J 247 -29.76 -39.12 -19.16
N TYR J 248 -28.89 -38.93 -18.17
CA TYR J 248 -29.19 -38.11 -17.03
C TYR J 248 -27.93 -37.48 -16.45
N GLY J 249 -28.17 -36.70 -15.42
CA GLY J 249 -27.10 -36.03 -14.74
C GLY J 249 -26.54 -34.95 -15.60
N GLY J 250 -25.22 -34.92 -15.68
CA GLY J 250 -24.54 -33.92 -16.48
C GLY J 250 -24.35 -34.31 -17.92
N MET J 251 -24.76 -35.53 -18.26
CA MET J 251 -24.64 -36.03 -19.62
C MET J 251 -25.73 -35.41 -20.49
N LEU J 252 -26.75 -34.86 -19.85
CA LEU J 252 -27.84 -34.25 -20.57
C LEU J 252 -27.31 -33.01 -21.28
N PRO J 253 -26.96 -31.96 -20.52
CA PRO J 253 -26.44 -30.80 -21.26
C PRO J 253 -25.25 -31.08 -22.19
N LYS J 254 -24.52 -32.17 -21.96
CA LYS J 254 -23.36 -32.48 -22.81
C LYS J 254 -23.74 -32.90 -24.23
N ILE J 255 -24.82 -33.65 -24.39
CA ILE J 255 -25.28 -34.03 -25.72
C ILE J 255 -26.07 -32.83 -26.22
N ARG J 256 -26.73 -32.14 -25.29
CA ARG J 256 -27.50 -30.95 -25.62
C ARG J 256 -26.52 -30.01 -26.33
N CYS J 257 -25.25 -30.11 -25.96
CA CYS J 257 -24.19 -29.31 -26.55
C CYS J 257 -23.88 -29.87 -27.94
N ALA J 258 -23.39 -31.10 -27.99
CA ALA J 258 -23.06 -31.76 -29.25
C ALA J 258 -24.16 -31.52 -30.28
N LEU J 259 -25.42 -31.76 -29.90
CA LEU J 259 -26.56 -31.54 -30.79
C LEU J 259 -26.53 -30.11 -31.32
N GLU J 260 -26.75 -29.15 -30.43
CA GLU J 260 -26.75 -27.74 -30.80
C GLU J 260 -25.52 -27.42 -31.64
N ALA J 261 -24.36 -27.88 -31.17
CA ALA J 261 -23.08 -27.64 -31.85
C ALA J 261 -23.16 -28.00 -33.32
N VAL J 262 -23.50 -29.26 -33.58
CA VAL J 262 -23.59 -29.78 -34.93
C VAL J 262 -24.74 -29.12 -35.69
N GLN J 263 -25.78 -28.73 -34.97
CA GLN J 263 -26.93 -28.09 -35.58
C GLN J 263 -26.90 -26.58 -35.36
N GLY J 264 -25.70 -26.08 -35.17
CA GLY J 264 -25.48 -24.65 -35.00
C GLY J 264 -24.76 -24.30 -36.28
N GLY J 265 -23.79 -25.15 -36.62
CA GLY J 265 -23.00 -24.98 -37.83
C GLY J 265 -21.77 -25.87 -37.85
N VAL J 266 -21.64 -26.73 -36.84
CA VAL J 266 -20.48 -27.61 -36.70
C VAL J 266 -20.57 -29.00 -37.33
N THR J 267 -19.51 -29.39 -38.04
CA THR J 267 -19.43 -30.70 -38.68
C THR J 267 -19.70 -31.78 -37.61
N SER J 268 -18.68 -32.17 -36.86
CA SER J 268 -18.85 -33.22 -35.86
C SER J 268 -18.56 -32.87 -34.38
N ALA J 269 -19.08 -33.74 -33.49
CA ALA J 269 -18.95 -33.64 -32.02
C ALA J 269 -18.69 -35.02 -31.38
N HIS J 270 -17.55 -35.14 -30.68
CA HIS J 270 -17.13 -36.41 -30.02
C HIS J 270 -17.09 -36.36 -28.46
N ILE J 271 -17.92 -37.16 -27.75
CA ILE J 271 -17.87 -37.24 -26.26
C ILE J 271 -16.87 -38.38 -26.03
N ILE J 272 -15.77 -38.08 -25.34
CA ILE J 272 -14.68 -39.01 -25.17
C ILE J 272 -14.30 -39.24 -23.73
N ASP J 273 -13.52 -40.30 -23.49
CA ASP J 273 -13.03 -40.55 -22.16
C ASP J 273 -11.68 -39.83 -22.08
N GLY J 274 -11.59 -38.87 -21.18
CA GLY J 274 -10.37 -38.10 -21.03
C GLY J 274 -9.31 -38.78 -20.18
N ARG J 275 -9.73 -39.77 -19.42
CA ARG J 275 -8.85 -40.50 -18.51
C ARG J 275 -7.81 -41.31 -19.23
N VAL J 276 -8.04 -41.43 -20.52
CA VAL J 276 -7.19 -42.22 -21.36
C VAL J 276 -5.97 -41.50 -21.83
N PRO J 277 -4.80 -42.12 -21.62
CA PRO J 277 -3.59 -41.45 -22.09
C PRO J 277 -3.72 -41.35 -23.61
N ASN J 278 -3.41 -40.16 -24.10
CA ASN J 278 -3.45 -39.79 -25.50
C ASN J 278 -4.86 -39.85 -26.09
N ALA J 279 -5.87 -39.75 -25.24
CA ALA J 279 -7.26 -39.79 -25.71
C ALA J 279 -7.48 -38.92 -26.94
N VAL J 280 -6.88 -37.73 -26.94
CA VAL J 280 -7.00 -36.79 -28.06
C VAL J 280 -6.36 -37.33 -29.33
N LEU J 281 -5.07 -37.64 -29.21
CA LEU J 281 -4.26 -38.15 -30.31
C LEU J 281 -4.90 -39.34 -31.06
N LEU J 282 -5.64 -40.16 -30.30
CA LEU J 282 -6.32 -41.33 -30.85
C LEU J 282 -7.54 -41.03 -31.72
N GLU J 283 -8.33 -40.05 -31.32
CA GLU J 283 -9.52 -39.72 -32.07
C GLU J 283 -9.25 -38.94 -33.33
N ILE J 284 -7.97 -38.75 -33.65
CA ILE J 284 -7.66 -38.02 -34.86
C ILE J 284 -6.92 -38.91 -35.81
N PHE J 285 -6.60 -40.09 -35.33
CA PHE J 285 -5.91 -40.94 -36.22
C PHE J 285 -6.77 -42.12 -36.65
N THR J 286 -8.06 -42.05 -36.31
CA THR J 286 -9.07 -43.06 -36.64
C THR J 286 -10.45 -42.37 -36.71
N ASP J 287 -11.28 -42.75 -37.68
CA ASP J 287 -12.60 -42.15 -37.81
C ASP J 287 -13.69 -42.86 -37.02
N SER J 288 -13.69 -44.18 -37.05
CA SER J 288 -14.70 -44.97 -36.34
C SER J 288 -14.48 -44.76 -34.85
N GLY J 289 -14.90 -43.57 -34.40
CA GLY J 289 -14.78 -43.15 -33.02
C GLY J 289 -15.02 -44.15 -31.94
N VAL J 290 -14.10 -44.20 -30.97
CA VAL J 290 -14.21 -45.12 -29.84
C VAL J 290 -14.89 -44.37 -28.69
N GLY J 291 -16.14 -44.01 -28.94
CA GLY J 291 -16.97 -43.28 -28.00
C GLY J 291 -17.96 -42.50 -28.85
N THR J 292 -18.98 -41.90 -28.23
CA THR J 292 -19.99 -41.15 -28.98
C THR J 292 -19.35 -40.27 -30.06
N LEU J 293 -20.07 -40.13 -31.16
CA LEU J 293 -19.63 -39.35 -32.30
C LEU J 293 -20.88 -38.87 -33.03
N ILE J 294 -21.37 -37.69 -32.64
CA ILE J 294 -22.56 -37.12 -33.24
C ILE J 294 -22.16 -36.39 -34.53
N SER J 295 -22.97 -36.54 -35.57
CA SER J 295 -22.68 -35.92 -36.86
C SER J 295 -23.87 -35.90 -37.83
N ASN J 296 -24.77 -34.94 -37.71
CA ASN J 296 -25.87 -34.86 -38.66
C ASN J 296 -25.19 -34.62 -40.01
N ARG J 297 -23.95 -34.46 -40.01
N THR K 1 -6.79 -46.99 -43.34
CA THR K 1 -7.30 -47.32 -41.97
C THR K 1 -6.22 -47.97 -41.11
N LEU K 2 -6.09 -47.48 -39.87
CA LEU K 2 -5.14 -48.05 -38.91
C LEU K 2 -6.08 -48.48 -37.80
N SER K 3 -5.66 -49.41 -36.95
CA SER K 3 -6.65 -49.94 -36.04
C SER K 3 -6.80 -49.81 -34.54
N ARG K 4 -6.64 -50.97 -33.89
CA ARG K 4 -6.84 -51.09 -32.46
C ARG K 4 -5.72 -50.64 -31.53
N ASP K 5 -5.14 -51.57 -30.78
CA ASP K 5 -4.08 -51.25 -29.83
C ASP K 5 -2.82 -50.69 -30.52
N ASP K 6 -2.85 -50.62 -31.85
CA ASP K 6 -1.72 -50.06 -32.60
C ASP K 6 -1.84 -48.53 -32.59
N ALA K 7 -3.08 -48.03 -32.62
CA ALA K 7 -3.31 -46.59 -32.56
C ALA K 7 -2.74 -46.13 -31.21
N ALA K 8 -2.82 -47.04 -30.23
CA ALA K 8 -2.29 -46.81 -28.88
C ALA K 8 -0.78 -46.62 -28.91
N GLN K 9 -0.14 -47.14 -29.96
CA GLN K 9 1.30 -47.02 -30.14
C GLN K 9 1.67 -45.75 -30.94
N VAL K 10 0.90 -45.44 -31.98
CA VAL K 10 1.17 -44.23 -32.77
C VAL K 10 1.20 -43.08 -31.78
N ALA K 11 0.13 -43.01 -31.00
CA ALA K 11 0.00 -41.99 -29.98
C ALA K 11 1.27 -41.93 -29.13
N LYS K 12 1.60 -43.03 -28.47
CA LYS K 12 2.79 -43.12 -27.63
C LYS K 12 4.06 -42.80 -28.41
N VAL K 13 4.02 -43.00 -29.73
CA VAL K 13 5.17 -42.77 -30.58
C VAL K 13 5.30 -41.33 -31.12
N LEU K 14 4.24 -40.81 -31.73
CA LEU K 14 4.27 -39.45 -32.26
C LEU K 14 4.42 -38.43 -31.14
N SER K 15 4.21 -38.90 -29.92
CA SER K 15 4.30 -38.09 -28.72
C SER K 15 5.74 -37.98 -28.20
N GLU K 16 6.59 -38.92 -28.61
CA GLU K 16 7.99 -38.98 -28.17
C GLU K 16 8.96 -37.99 -28.81
N ALA K 17 9.10 -38.07 -30.13
CA ALA K 17 10.02 -37.22 -30.85
C ALA K 17 9.42 -35.86 -31.16
N LEU K 18 8.20 -35.58 -30.66
CA LEU K 18 7.59 -34.29 -30.91
C LEU K 18 8.64 -33.18 -30.77
N PRO K 19 9.47 -33.24 -29.71
CA PRO K 19 10.50 -32.21 -29.56
C PRO K 19 11.49 -32.18 -30.73
N TYR K 20 12.06 -33.34 -31.03
CA TYR K 20 13.02 -33.49 -32.13
C TYR K 20 12.37 -32.90 -33.38
N ILE K 21 11.13 -33.33 -33.63
CA ILE K 21 10.33 -32.87 -34.76
C ILE K 21 10.29 -31.35 -34.82
N ARG K 22 9.85 -30.76 -33.72
CA ARG K 22 9.71 -29.32 -33.56
C ARG K 22 11.01 -28.59 -33.84
N ARG K 23 12.12 -29.17 -33.42
CA ARG K 23 13.42 -28.55 -33.62
C ARG K 23 13.74 -28.02 -35.03
N PHE K 24 13.34 -28.76 -36.07
CA PHE K 24 13.60 -28.37 -37.45
C PHE K 24 12.68 -27.45 -38.30
N VAL K 25 11.47 -27.20 -37.79
CA VAL K 25 10.42 -26.39 -38.41
C VAL K 25 10.84 -24.96 -38.73
N GLY K 26 12.12 -24.85 -39.12
CA GLY K 26 12.71 -23.57 -39.41
C GLY K 26 12.37 -23.22 -40.82
N LYS K 27 13.19 -23.72 -41.74
CA LYS K 27 12.93 -23.44 -43.13
C LYS K 27 13.23 -24.51 -44.14
N THR K 28 14.30 -24.29 -44.88
CA THR K 28 14.63 -25.18 -45.93
C THR K 28 15.81 -26.09 -45.78
N LEU K 29 15.68 -27.28 -46.37
CA LEU K 29 16.69 -28.33 -46.42
C LEU K 29 16.87 -28.72 -47.90
N VAL K 30 18.06 -28.50 -48.43
CA VAL K 30 18.38 -28.84 -49.82
C VAL K 30 18.81 -30.31 -49.83
N ILE K 31 18.08 -31.15 -50.56
CA ILE K 31 18.40 -32.58 -50.61
C ILE K 31 18.74 -33.10 -51.99
N LYS K 32 19.99 -33.52 -52.18
CA LYS K 32 20.43 -34.07 -53.46
C LYS K 32 20.23 -35.57 -53.46
N TYR K 33 19.51 -36.06 -54.47
CA TYR K 33 19.22 -37.47 -54.59
C TYR K 33 20.47 -38.25 -54.98
N GLY K 34 20.88 -39.11 -54.07
CA GLY K 34 22.04 -39.97 -54.28
C GLY K 34 21.58 -41.29 -53.69
N GLY K 35 20.93 -42.09 -54.52
CA GLY K 35 20.41 -43.36 -54.03
C GLY K 35 19.36 -43.93 -54.93
N ASN K 36 19.45 -43.57 -56.22
CA ASN K 36 18.51 -44.06 -57.23
C ASN K 36 19.38 -45.00 -58.02
N ALA K 37 20.69 -44.91 -57.78
CA ALA K 37 21.71 -45.72 -58.44
C ALA K 37 21.20 -47.01 -59.04
N MET K 38 20.39 -47.74 -58.28
CA MET K 38 19.88 -49.03 -58.72
C MET K 38 18.38 -49.00 -58.95
N GLU K 39 17.72 -48.04 -58.30
CA GLU K 39 16.31 -47.84 -58.45
C GLU K 39 15.35 -48.81 -57.83
N SER K 40 15.57 -49.16 -56.57
CA SER K 40 14.61 -50.05 -55.92
C SER K 40 13.36 -49.18 -55.89
N GLU K 41 12.19 -49.77 -56.09
CA GLU K 41 10.94 -49.01 -56.11
C GLU K 41 10.46 -48.47 -54.78
N GLU K 42 11.20 -48.77 -53.72
CA GLU K 42 10.86 -48.28 -52.41
C GLU K 42 11.82 -47.15 -52.10
N LEU K 43 13.03 -47.27 -52.63
CA LEU K 43 14.03 -46.25 -52.38
C LEU K 43 13.55 -44.90 -52.88
N LYS K 44 13.01 -44.88 -54.08
CA LYS K 44 12.52 -43.62 -54.62
C LYS K 44 11.17 -43.27 -53.97
N ALA K 45 10.30 -44.26 -53.80
CA ALA K 45 9.00 -44.03 -53.17
C ALA K 45 9.21 -43.54 -51.74
N GLY K 46 10.02 -44.28 -50.98
CA GLY K 46 10.31 -43.90 -49.60
C GLY K 46 10.76 -42.45 -49.52
N PHE K 47 11.87 -42.16 -50.20
CA PHE K 47 12.46 -40.82 -50.27
C PHE K 47 11.40 -39.78 -50.65
N ALA K 48 10.37 -40.25 -51.35
CA ALA K 48 9.26 -39.39 -51.78
C ALA K 48 8.39 -39.10 -50.56
N ARG K 49 8.01 -40.13 -49.82
CA ARG K 49 7.19 -39.95 -48.64
C ARG K 49 7.97 -39.21 -47.55
N ASP K 50 9.29 -39.42 -47.49
CA ASP K 50 10.12 -38.73 -46.49
C ASP K 50 9.94 -37.23 -46.69
N VAL K 51 10.14 -36.78 -47.92
CA VAL K 51 10.02 -35.37 -48.29
C VAL K 51 8.61 -34.80 -48.08
N VAL K 52 7.61 -35.67 -48.00
CA VAL K 52 6.23 -35.24 -47.77
C VAL K 52 6.00 -35.03 -46.27
N LEU K 53 6.56 -35.91 -45.46
CA LEU K 53 6.43 -35.80 -44.01
C LEU K 53 7.15 -34.53 -43.56
N MET K 54 8.40 -34.36 -43.98
CA MET K 54 9.20 -33.18 -43.64
C MET K 54 8.38 -31.94 -43.89
N LYS K 55 7.60 -32.00 -44.95
CA LYS K 55 6.71 -30.93 -45.36
C LYS K 55 5.66 -30.73 -44.27
N ALA K 56 4.89 -31.77 -43.99
CA ALA K 56 3.84 -31.73 -42.98
C ALA K 56 4.34 -31.35 -41.59
N VAL K 57 5.61 -31.62 -41.32
CA VAL K 57 6.19 -31.28 -40.03
C VAL K 57 6.66 -29.83 -40.05
N GLY K 58 6.40 -29.17 -41.17
CA GLY K 58 6.76 -27.76 -41.31
C GLY K 58 8.14 -27.45 -41.85
N ILE K 59 8.78 -28.44 -42.48
CA ILE K 59 10.11 -28.24 -43.05
C ILE K 59 10.02 -28.06 -44.57
N ASN K 60 10.79 -27.12 -45.11
CA ASN K 60 10.77 -26.83 -46.54
C ASN K 60 11.80 -27.60 -47.35
N PRO K 61 11.46 -28.80 -47.84
CA PRO K 61 12.44 -29.53 -48.63
C PRO K 61 12.59 -28.93 -50.03
N VAL K 62 13.81 -29.02 -50.57
CA VAL K 62 14.12 -28.51 -51.90
C VAL K 62 15.04 -29.57 -52.49
N VAL K 63 14.49 -30.43 -53.35
CA VAL K 63 15.26 -31.53 -53.93
C VAL K 63 16.02 -31.29 -55.25
N VAL K 64 17.22 -31.85 -55.30
CA VAL K 64 18.11 -31.80 -56.47
C VAL K 64 18.48 -33.26 -56.75
N HIS K 65 18.38 -33.68 -58.01
CA HIS K 65 18.63 -35.08 -58.38
C HIS K 65 19.62 -35.29 -59.54
N GLY K 66 20.04 -36.54 -59.72
CA GLY K 66 20.94 -36.89 -60.80
C GLY K 66 20.12 -37.77 -61.74
N GLY K 67 20.79 -38.49 -62.65
CA GLY K 67 20.04 -39.35 -63.56
C GLY K 67 20.91 -40.23 -64.45
N GLY K 68 21.74 -41.06 -63.81
CA GLY K 68 22.62 -41.94 -64.57
C GLY K 68 21.94 -43.00 -65.42
N PRO K 69 21.11 -43.86 -64.80
CA PRO K 69 20.35 -44.97 -65.39
C PRO K 69 19.39 -44.67 -66.54
N GLN K 70 18.37 -43.87 -66.25
CA GLN K 70 17.35 -43.50 -67.21
C GLN K 70 17.88 -42.84 -68.50
N ILE K 71 18.90 -41.99 -68.38
CA ILE K 71 19.51 -41.34 -69.55
C ILE K 71 20.24 -42.41 -70.36
N GLY K 72 20.98 -43.25 -69.64
CA GLY K 72 21.73 -44.32 -70.27
C GLY K 72 20.90 -45.26 -71.11
N ASP K 73 19.79 -45.75 -70.55
CA ASP K 73 18.92 -46.66 -71.29
C ASP K 73 18.42 -46.03 -72.58
N LEU K 74 18.03 -44.76 -72.52
CA LEU K 74 17.53 -44.11 -73.72
C LEU K 74 18.63 -43.92 -74.75
N LEU K 75 19.80 -43.46 -74.30
CA LEU K 75 20.93 -43.28 -75.22
C LEU K 75 21.25 -44.59 -75.90
N LYS K 76 21.08 -45.67 -75.15
CA LYS K 76 21.34 -47.02 -75.63
C LYS K 76 20.35 -47.46 -76.72
N ARG K 77 19.07 -47.18 -76.51
CA ARG K 77 18.03 -47.54 -77.47
C ARG K 77 18.23 -46.72 -78.75
N LEU K 78 18.68 -45.47 -78.57
CA LEU K 78 18.93 -44.53 -79.67
C LEU K 78 20.28 -44.75 -80.34
N SER K 79 20.99 -45.77 -79.85
CA SER K 79 22.31 -46.13 -80.37
C SER K 79 23.28 -44.99 -80.69
N ILE K 80 23.74 -44.32 -79.63
CA ILE K 80 24.71 -43.24 -79.72
C ILE K 80 25.78 -43.66 -78.71
N GLU K 81 26.94 -42.99 -78.68
CA GLU K 81 27.97 -43.36 -77.72
C GLU K 81 28.02 -42.47 -76.46
N SER K 82 27.94 -43.09 -75.26
CA SER K 82 27.97 -42.44 -73.92
C SER K 82 29.38 -42.30 -73.36
N HIS K 83 29.81 -41.05 -73.23
CA HIS K 83 31.16 -40.73 -72.76
C HIS K 83 31.25 -39.85 -71.54
N ARG K 89 30.12 -35.59 -66.91
CA ARG K 89 29.99 -36.29 -68.19
C ARG K 89 30.45 -35.42 -69.34
N VAL K 90 31.56 -35.80 -69.96
CA VAL K 90 32.05 -35.07 -71.13
C VAL K 90 30.84 -35.26 -72.06
N THR K 91 30.29 -34.17 -72.58
CA THR K 91 29.06 -34.21 -73.37
C THR K 91 29.08 -33.59 -74.76
N ASP K 92 28.95 -34.39 -75.82
CA ASP K 92 28.89 -33.79 -77.15
C ASP K 92 27.42 -33.44 -77.42
N ALA K 93 27.17 -32.74 -78.52
CA ALA K 93 25.83 -32.30 -78.91
C ALA K 93 24.69 -33.30 -78.81
N ALA K 94 24.83 -34.44 -79.50
CA ALA K 94 23.80 -35.47 -79.51
C ALA K 94 23.48 -35.98 -78.12
N THR K 95 24.52 -36.07 -77.30
CA THR K 95 24.40 -36.56 -75.93
C THR K 95 23.66 -35.56 -75.03
N MET K 96 23.94 -34.28 -75.19
CA MET K 96 23.29 -33.27 -74.36
C MET K 96 21.79 -33.19 -74.61
N ASP K 97 21.40 -33.23 -75.88
CA ASP K 97 20.00 -33.18 -76.25
C ASP K 97 19.25 -34.30 -75.54
N VAL K 98 19.92 -35.44 -75.42
CA VAL K 98 19.38 -36.62 -74.75
C VAL K 98 19.37 -36.43 -73.24
N VAL K 99 20.53 -36.11 -72.71
CA VAL K 99 20.69 -35.87 -71.28
C VAL K 99 19.59 -34.93 -70.84
N GLU K 100 19.46 -33.80 -71.53
CA GLU K 100 18.47 -32.80 -71.19
C GLU K 100 17.06 -33.38 -71.23
N MET K 101 16.78 -34.14 -72.27
CA MET K 101 15.48 -34.76 -72.45
C MET K 101 15.14 -35.69 -71.30
N VAL K 102 16.08 -36.58 -71.00
CA VAL K 102 15.93 -37.57 -69.94
C VAL K 102 15.79 -36.92 -68.56
N LEU K 103 16.87 -36.27 -68.13
CA LEU K 103 16.90 -35.60 -66.83
C LEU K 103 15.64 -34.82 -66.50
N GLY K 104 15.38 -33.80 -67.31
CA GLY K 104 14.22 -32.94 -67.10
C GLY K 104 12.87 -33.42 -67.62
N GLY K 105 12.89 -34.27 -68.63
CA GLY K 105 11.66 -34.76 -69.21
C GLY K 105 11.09 -36.05 -68.65
N GLN K 106 11.95 -36.90 -68.09
CA GLN K 106 11.48 -38.17 -67.55
C GLN K 106 11.81 -38.37 -66.08
N VAL K 107 13.08 -38.19 -65.75
CA VAL K 107 13.56 -38.36 -64.38
C VAL K 107 12.93 -37.32 -63.45
N ASN K 108 13.17 -36.05 -63.76
CA ASN K 108 12.69 -34.93 -62.97
C ASN K 108 11.23 -35.05 -62.63
N LYS K 109 10.45 -35.17 -63.68
CA LYS K 109 9.01 -35.27 -63.59
C LYS K 109 8.47 -36.53 -62.91
N ASP K 110 9.29 -37.58 -62.76
CA ASP K 110 8.75 -38.76 -62.09
C ASP K 110 8.90 -38.63 -60.60
N ILE K 111 10.04 -38.10 -60.17
CA ILE K 111 10.28 -37.88 -58.76
C ILE K 111 9.10 -36.98 -58.34
N VAL K 112 8.84 -35.98 -59.17
CA VAL K 112 7.76 -35.01 -58.98
C VAL K 112 6.40 -35.72 -58.86
N ASN K 113 6.22 -36.81 -59.60
CA ASN K 113 4.95 -37.53 -59.54
C ASN K 113 4.77 -38.33 -58.26
N LEU K 114 5.86 -38.90 -57.74
CA LEU K 114 5.76 -39.69 -56.51
C LEU K 114 5.56 -38.82 -55.27
N ILE K 115 6.11 -37.61 -55.31
CA ILE K 115 5.94 -36.67 -54.20
C ILE K 115 4.43 -36.40 -54.09
N ASN K 116 3.83 -36.07 -55.22
CA ASN K 116 2.40 -35.77 -55.31
C ASN K 116 1.51 -36.97 -54.98
N ARG K 117 1.99 -38.16 -55.27
CA ARG K 117 1.19 -39.33 -54.97
C ARG K 117 1.06 -39.50 -53.46
N HIS K 118 2.06 -38.99 -52.74
CA HIS K 118 2.11 -39.08 -51.29
C HIS K 118 1.66 -37.87 -50.51
N GLY K 119 0.98 -36.96 -51.19
CA GLY K 119 0.46 -35.81 -50.51
C GLY K 119 1.19 -34.52 -50.70
N GLY K 120 2.39 -34.57 -51.27
CA GLY K 120 3.10 -33.33 -51.48
C GLY K 120 2.56 -32.64 -52.72
N SER K 121 3.13 -31.48 -53.01
CA SER K 121 2.78 -30.68 -54.18
C SER K 121 4.14 -30.24 -54.77
N ALA K 122 4.53 -30.93 -55.84
CA ALA K 122 5.80 -30.69 -56.50
C ALA K 122 5.70 -29.95 -57.79
N ILE K 123 6.82 -29.32 -58.14
CA ILE K 123 7.01 -28.57 -59.36
C ILE K 123 8.38 -28.97 -59.88
N GLY K 124 8.39 -29.66 -61.01
CA GLY K 124 9.65 -30.08 -61.61
C GLY K 124 10.25 -28.93 -62.42
N LEU K 125 11.49 -28.57 -62.09
CA LEU K 125 12.17 -27.50 -62.78
C LEU K 125 13.61 -27.85 -63.06
N THR K 126 14.17 -27.18 -64.06
CA THR K 126 15.57 -27.34 -64.43
C THR K 126 16.16 -25.94 -64.60
N GLY K 127 17.44 -25.89 -64.90
CA GLY K 127 18.14 -24.62 -65.06
C GLY K 127 17.56 -23.62 -66.04
N LYS K 128 17.08 -24.08 -67.19
CA LYS K 128 16.51 -23.20 -68.22
C LYS K 128 15.28 -22.43 -67.80
N ASP K 129 14.53 -23.03 -66.88
CA ASP K 129 13.30 -22.46 -66.35
C ASP K 129 13.52 -21.14 -65.64
N ALA K 130 13.03 -20.07 -66.24
CA ALA K 130 13.16 -18.74 -65.69
C ALA K 130 14.63 -18.52 -65.35
N GLU K 131 15.49 -19.32 -65.99
CA GLU K 131 16.93 -19.24 -65.80
C GLU K 131 17.33 -19.65 -64.39
N LEU K 132 16.52 -20.55 -63.84
CA LEU K 132 16.71 -21.06 -62.50
C LEU K 132 18.16 -21.29 -62.12
N ILE K 133 18.94 -21.79 -63.07
CA ILE K 133 20.34 -22.07 -62.81
C ILE K 133 21.21 -21.52 -63.93
N ARG K 134 21.86 -20.38 -63.69
CA ARG K 134 22.68 -19.76 -64.70
C ARG K 134 24.00 -20.44 -64.56
N ALA K 135 24.75 -20.50 -65.69
CA ALA K 135 26.07 -21.12 -65.62
C ALA K 135 26.83 -20.80 -66.87
N LYS K 136 28.12 -21.13 -66.83
CA LYS K 136 29.11 -20.95 -68.01
C LYS K 136 29.92 -22.39 -68.20
N LYS K 137 30.78 -22.42 -69.15
CA LYS K 137 31.68 -23.77 -69.53
C LYS K 137 32.86 -23.98 -68.44
N LEU K 138 33.67 -25.02 -68.50
CA LEU K 138 34.72 -25.18 -67.43
C LEU K 138 35.77 -26.27 -67.70
N THR K 139 37.04 -25.89 -67.69
CA THR K 139 38.13 -26.82 -67.97
C THR K 139 39.22 -26.81 -66.91
N VAL K 158 30.10 -29.76 -69.64
CA VAL K 158 30.02 -29.64 -68.18
C VAL K 158 30.29 -28.18 -67.82
N GLY K 159 29.28 -27.56 -67.20
CA GLY K 159 29.40 -26.16 -66.81
C GLY K 159 29.43 -25.95 -65.32
N GLU K 160 29.52 -24.69 -64.91
CA GLU K 160 29.57 -24.34 -63.50
C GLU K 160 28.61 -23.22 -63.17
N VAL K 161 27.79 -23.48 -62.16
CA VAL K 161 26.76 -22.55 -61.67
C VAL K 161 27.28 -21.15 -61.37
N THR K 162 26.74 -20.15 -62.06
CA THR K 162 27.16 -18.77 -61.81
C THR K 162 26.09 -17.96 -61.05
N GLY K 163 24.83 -18.40 -61.12
CA GLY K 163 23.74 -17.72 -60.43
C GLY K 163 22.54 -18.62 -60.25
N VAL K 164 21.70 -18.30 -59.26
CA VAL K 164 20.52 -19.06 -58.92
C VAL K 164 19.34 -18.11 -58.65
N ASN K 165 18.22 -18.36 -59.33
CA ASN K 165 17.01 -17.56 -59.15
C ASN K 165 16.33 -18.01 -57.86
N VAL K 166 16.69 -17.37 -56.76
CA VAL K 166 16.14 -17.69 -55.46
C VAL K 166 14.73 -17.09 -55.37
N GLY K 167 14.47 -16.12 -56.26
CA GLY K 167 13.18 -15.47 -56.31
C GLY K 167 12.12 -16.51 -56.56
N LEU K 168 12.35 -17.30 -57.61
CA LEU K 168 11.47 -18.36 -58.02
C LEU K 168 11.28 -19.35 -56.88
N LEU K 169 12.41 -19.93 -56.45
CA LEU K 169 12.43 -20.89 -55.36
C LEU K 169 11.67 -20.39 -54.13
N ASN K 170 11.86 -19.11 -53.80
CA ASN K 170 11.18 -18.50 -52.65
C ASN K 170 9.69 -18.56 -52.89
N MET K 171 9.31 -18.10 -54.08
CA MET K 171 7.95 -18.03 -54.54
C MET K 171 7.26 -19.36 -54.37
N LEU K 172 7.89 -20.41 -54.90
CA LEU K 172 7.35 -21.75 -54.83
C LEU K 172 7.12 -22.25 -53.43
N VAL K 173 8.16 -22.14 -52.61
CA VAL K 173 8.14 -22.58 -51.22
C VAL K 173 7.04 -21.86 -50.47
N LYS K 174 7.13 -20.53 -50.46
CA LYS K 174 6.16 -19.67 -49.80
C LYS K 174 4.80 -20.16 -50.30
N GLY K 175 4.82 -20.67 -51.54
CA GLY K 175 3.67 -21.21 -52.19
C GLY K 175 3.47 -22.64 -51.76
N ASP K 176 4.28 -23.07 -50.78
CA ASP K 176 4.21 -24.41 -50.23
C ASP K 176 4.43 -25.47 -51.30
N PHE K 177 5.31 -25.17 -52.25
CA PHE K 177 5.63 -26.06 -53.35
C PHE K 177 7.04 -26.60 -53.19
N ILE K 178 7.19 -27.91 -53.37
CA ILE K 178 8.47 -28.62 -53.27
C ILE K 178 9.26 -28.57 -54.57
N PRO K 179 10.05 -27.52 -54.77
CA PRO K 179 10.77 -27.54 -56.06
C PRO K 179 11.65 -28.82 -56.17
N VAL K 180 11.83 -29.29 -57.40
CA VAL K 180 12.63 -30.47 -57.70
C VAL K 180 13.42 -30.03 -58.91
N ILE K 181 14.74 -29.91 -58.75
CA ILE K 181 15.59 -29.43 -59.83
C ILE K 181 16.49 -30.46 -60.50
N ALA K 182 16.59 -30.36 -61.82
CA ALA K 182 17.43 -31.26 -62.61
C ALA K 182 18.79 -30.61 -62.89
N PRO K 183 19.88 -31.39 -62.80
CA PRO K 183 21.27 -30.98 -63.03
C PRO K 183 21.57 -30.46 -64.43
N ILE K 184 20.92 -29.38 -64.86
CA ILE K 184 21.18 -28.86 -66.19
C ILE K 184 21.23 -27.34 -66.24
N GLY K 185 22.40 -26.82 -66.59
CA GLY K 185 22.60 -25.39 -66.66
C GLY K 185 22.31 -24.72 -67.98
N VAL K 186 22.42 -23.39 -67.96
CA VAL K 186 22.16 -22.50 -69.10
C VAL K 186 23.26 -21.45 -69.31
N GLY K 187 23.66 -21.29 -70.57
CA GLY K 187 24.67 -20.32 -70.96
C GLY K 187 23.99 -19.04 -71.38
N SER K 188 24.77 -18.01 -71.69
CA SER K 188 24.23 -16.71 -72.09
C SER K 188 23.76 -16.72 -73.55
N ASN K 189 24.07 -17.79 -74.26
CA ASN K 189 23.73 -17.93 -75.66
C ASN K 189 22.58 -18.92 -75.88
N GLY K 190 22.03 -19.42 -74.79
CA GLY K 190 20.95 -20.37 -74.93
C GLY K 190 21.55 -21.72 -75.26
N GLU K 191 22.57 -22.09 -74.48
CA GLU K 191 23.26 -23.35 -74.65
C GLU K 191 23.17 -24.08 -73.34
N SER K 192 22.70 -25.33 -73.41
CA SER K 192 22.57 -26.17 -72.25
C SER K 192 23.96 -26.58 -71.83
N TYR K 193 24.04 -27.14 -70.63
CA TYR K 193 25.26 -27.68 -70.07
C TYR K 193 24.80 -28.74 -69.12
N ASN K 194 25.70 -29.64 -68.80
CA ASN K 194 25.40 -30.74 -67.91
C ASN K 194 26.31 -30.49 -66.72
N ILE K 195 25.75 -30.46 -65.52
CA ILE K 195 26.56 -30.20 -64.33
C ILE K 195 26.32 -31.19 -63.18
N ASN K 196 27.40 -31.54 -62.47
CA ASN K 196 27.30 -32.47 -61.34
C ASN K 196 26.16 -32.06 -60.40
N ALA K 197 25.34 -33.04 -60.00
CA ALA K 197 24.18 -32.83 -59.12
C ALA K 197 24.58 -32.43 -57.71
N ASP K 198 25.76 -32.87 -57.29
CA ASP K 198 26.26 -32.55 -55.95
C ASP K 198 26.51 -31.04 -55.99
N LEU K 199 27.28 -30.63 -56.98
CA LEU K 199 27.65 -29.23 -57.21
C LEU K 199 26.41 -28.34 -57.22
N VAL K 200 25.44 -28.73 -58.06
CA VAL K 200 24.19 -28.00 -58.19
C VAL K 200 23.57 -27.85 -56.80
N ALA K 201 23.13 -28.96 -56.24
CA ALA K 201 22.51 -28.97 -54.91
C ALA K 201 23.22 -28.03 -53.94
N GLY K 202 24.54 -27.97 -54.03
CA GLY K 202 25.32 -27.10 -53.16
C GLY K 202 25.11 -25.62 -53.44
N LYS K 203 25.30 -25.23 -54.69
CA LYS K 203 25.12 -23.83 -55.12
C LYS K 203 23.75 -23.33 -54.68
N VAL K 204 22.72 -24.16 -54.88
CA VAL K 204 21.36 -23.80 -54.51
C VAL K 204 21.21 -23.64 -52.99
N ALA K 205 21.87 -24.50 -52.21
CA ALA K 205 21.80 -24.37 -50.76
C ALA K 205 22.52 -23.06 -50.43
N GLU K 206 23.53 -22.75 -51.23
CA GLU K 206 24.33 -21.54 -51.08
C GLU K 206 23.48 -20.29 -51.30
N ALA K 207 22.83 -20.20 -52.45
CA ALA K 207 21.99 -19.05 -52.74
C ALA K 207 20.89 -18.92 -51.69
N LEU K 208 20.30 -20.05 -51.31
CA LEU K 208 19.23 -20.09 -50.32
C LEU K 208 19.64 -19.89 -48.86
N LYS K 209 20.94 -19.90 -48.58
CA LYS K 209 21.42 -19.77 -47.19
C LYS K 209 20.66 -20.80 -46.38
N ALA K 210 20.56 -21.99 -46.95
CA ALA K 210 19.82 -23.09 -46.33
C ALA K 210 20.37 -23.48 -44.97
N GLU K 211 19.50 -24.10 -44.17
CA GLU K 211 19.83 -24.60 -42.85
C GLU K 211 20.79 -25.77 -42.99
N LYS K 212 20.50 -26.66 -43.94
CA LYS K 212 21.34 -27.83 -44.19
C LYS K 212 21.36 -28.30 -45.66
N LEU K 213 22.49 -28.90 -46.05
CA LEU K 213 22.66 -29.43 -47.40
C LEU K 213 22.91 -30.93 -47.20
N MET K 214 22.00 -31.75 -47.70
CA MET K 214 22.15 -33.18 -47.52
C MET K 214 22.52 -33.80 -48.84
N LEU K 215 23.70 -34.37 -48.90
CA LEU K 215 24.16 -35.02 -50.10
C LEU K 215 24.04 -36.50 -49.83
N LEU K 216 22.97 -37.11 -50.32
CA LEU K 216 22.82 -38.53 -50.12
C LEU K 216 23.77 -39.17 -51.13
N THR K 217 24.31 -40.31 -50.74
CA THR K 217 25.23 -41.04 -51.59
C THR K 217 25.06 -42.54 -51.34
N ASN K 218 26.04 -43.28 -51.82
CA ASN K 218 26.05 -44.76 -51.78
C ASN K 218 26.85 -45.47 -50.72
N ILE K 219 27.61 -44.67 -49.94
CA ILE K 219 28.39 -45.33 -48.95
C ILE K 219 28.14 -44.65 -47.67
N ALA K 220 28.45 -45.38 -46.57
CA ALA K 220 28.30 -44.84 -45.24
C ALA K 220 28.64 -43.36 -45.15
N GLY K 221 29.80 -42.96 -45.64
CA GLY K 221 30.10 -41.57 -45.53
C GLY K 221 31.41 -41.18 -46.12
N LEU K 222 32.17 -40.41 -45.34
CA LEU K 222 33.48 -39.92 -45.69
C LEU K 222 34.46 -40.64 -44.76
N MET K 223 35.71 -40.75 -45.19
CA MET K 223 36.76 -41.41 -44.43
C MET K 223 37.96 -41.48 -45.34
N ASP K 224 39.15 -41.56 -44.77
CA ASP K 224 40.35 -41.63 -45.59
C ASP K 224 40.38 -43.02 -46.24
N LYS K 225 41.25 -43.89 -45.76
CA LYS K 225 41.31 -45.24 -46.33
C LYS K 225 40.99 -46.29 -45.28
N GLN K 226 39.93 -46.04 -44.51
CA GLN K 226 39.49 -46.97 -43.47
C GLN K 226 38.00 -46.81 -43.19
N GLY K 227 37.23 -46.28 -44.15
CA GLY K 227 35.79 -46.09 -43.96
C GLY K 227 35.42 -46.02 -42.49
N GLN K 228 35.45 -44.82 -41.92
CA GLN K 228 35.18 -44.64 -40.50
C GLN K 228 34.11 -43.60 -40.18
N VAL K 229 32.89 -44.06 -39.87
CA VAL K 229 31.80 -43.14 -39.53
C VAL K 229 32.34 -42.13 -38.54
N LEU K 230 32.48 -40.89 -38.97
CA LEU K 230 32.97 -39.82 -38.12
C LEU K 230 32.14 -38.58 -38.40
N THR K 231 31.61 -37.96 -37.37
CA THR K 231 30.83 -36.75 -37.52
C THR K 231 31.83 -35.68 -37.13
N GLY K 232 31.57 -34.41 -37.36
CA GLY K 232 32.51 -33.49 -36.73
C GLY K 232 33.67 -32.75 -37.31
N LEU K 233 33.89 -32.93 -38.59
CA LEU K 233 34.95 -32.33 -39.38
C LEU K 233 35.12 -30.79 -39.51
N SER K 234 36.31 -30.42 -40.04
CA SER K 234 36.80 -29.05 -40.37
C SER K 234 37.65 -29.03 -41.68
N THR K 235 37.60 -27.90 -42.41
CA THR K 235 38.33 -27.64 -43.67
C THR K 235 39.78 -28.10 -43.68
N GLU K 236 40.51 -27.76 -42.61
CA GLU K 236 41.92 -28.11 -42.49
C GLU K 236 42.21 -29.61 -42.60
N GLN K 237 41.37 -30.41 -41.95
CA GLN K 237 41.53 -31.86 -41.96
C GLN K 237 41.32 -32.46 -43.35
N VAL K 238 40.26 -31.99 -44.01
CA VAL K 238 39.90 -32.45 -45.35
C VAL K 238 41.04 -32.27 -46.35
N ASN K 239 41.58 -31.06 -46.41
CA ASN K 239 42.67 -30.73 -47.33
C ASN K 239 43.88 -31.64 -47.11
N GLU K 240 44.26 -31.82 -45.85
CA GLU K 240 45.39 -32.67 -45.49
C GLU K 240 45.16 -34.07 -46.03
N LEU K 241 43.89 -34.51 -45.96
CA LEU K 241 43.46 -35.82 -46.42
C LEU K 241 43.37 -35.95 -47.93
N ILE K 242 43.03 -34.86 -48.61
CA ILE K 242 42.94 -34.89 -50.07
C ILE K 242 44.38 -34.97 -50.59
N ALA K 243 45.26 -34.15 -50.02
CA ALA K 243 46.68 -34.12 -50.40
C ALA K 243 47.33 -35.50 -50.13
N ASP K 244 46.84 -36.17 -49.09
CA ASP K 244 47.35 -37.49 -48.67
C ASP K 244 46.98 -38.61 -49.63
N GLY K 245 46.00 -38.35 -50.49
CA GLY K 245 45.53 -39.33 -51.45
C GLY K 245 44.33 -40.07 -50.87
N THR K 246 43.90 -39.61 -49.70
CA THR K 246 42.77 -40.18 -48.96
C THR K 246 41.45 -39.95 -49.68
N ILE K 247 41.02 -38.70 -49.75
CA ILE K 247 39.77 -38.37 -50.42
C ILE K 247 39.96 -38.50 -51.92
N TYR K 248 39.28 -39.51 -52.49
CA TYR K 248 39.33 -39.80 -53.92
C TYR K 248 38.01 -40.21 -54.59
N GLY K 249 38.11 -40.33 -55.91
CA GLY K 249 37.02 -40.69 -56.77
C GLY K 249 35.98 -39.59 -56.86
N GLY K 250 34.74 -39.98 -56.61
CA GLY K 250 33.61 -39.06 -56.62
C GLY K 250 33.35 -38.55 -55.22
N MET K 251 34.19 -38.97 -54.27
CA MET K 251 34.09 -38.56 -52.86
C MET K 251 34.66 -37.16 -52.71
N LEU K 252 35.58 -36.80 -53.60
CA LEU K 252 36.23 -35.50 -53.58
C LEU K 252 35.32 -34.31 -53.89
N PRO K 253 34.74 -34.25 -55.10
CA PRO K 253 33.86 -33.10 -55.38
C PRO K 253 32.73 -32.95 -54.36
N LYS K 254 32.29 -34.08 -53.79
CA LYS K 254 31.22 -34.10 -52.81
C LYS K 254 31.54 -33.38 -51.49
N ILE K 255 32.78 -33.50 -51.03
CA ILE K 255 33.18 -32.85 -49.79
C ILE K 255 33.59 -31.40 -50.11
N ARG K 256 34.13 -31.19 -51.31
CA ARG K 256 34.52 -29.84 -51.73
C ARG K 256 33.26 -29.01 -51.74
N CYS K 257 32.14 -29.67 -52.02
CA CYS K 257 30.82 -29.04 -52.06
C CYS K 257 30.43 -28.67 -50.63
N ALA K 258 30.29 -29.69 -49.79
CA ALA K 258 29.94 -29.53 -48.38
C ALA K 258 30.70 -28.34 -47.81
N LEU K 259 32.03 -28.35 -48.00
CA LEU K 259 32.90 -27.28 -47.53
C LEU K 259 32.49 -25.93 -48.14
N GLU K 260 32.47 -25.85 -49.47
CA GLU K 260 32.09 -24.62 -50.16
C GLU K 260 30.75 -24.10 -49.62
N ALA K 261 29.78 -25.00 -49.52
CA ALA K 261 28.44 -24.66 -49.03
C ALA K 261 28.44 -24.08 -47.60
N VAL K 262 28.96 -24.84 -46.64
CA VAL K 262 29.01 -24.40 -45.25
C VAL K 262 29.85 -23.14 -45.07
N GLN K 263 30.79 -22.92 -45.99
CA GLN K 263 31.63 -21.73 -45.96
C GLN K 263 30.77 -20.58 -46.45
N GLY K 264 30.03 -20.83 -47.52
CA GLY K 264 29.17 -19.81 -48.09
C GLY K 264 27.76 -19.82 -47.53
N GLY K 265 27.61 -19.38 -46.29
CA GLY K 265 26.29 -19.33 -45.66
C GLY K 265 25.74 -20.53 -44.93
N VAL K 266 25.59 -21.65 -45.64
CA VAL K 266 25.02 -22.86 -45.06
C VAL K 266 25.59 -23.20 -43.68
N THR K 267 24.72 -23.68 -42.80
CA THR K 267 25.13 -24.03 -41.45
C THR K 267 25.68 -25.46 -41.36
N SER K 268 24.99 -26.41 -41.98
CA SER K 268 25.42 -27.81 -41.93
C SER K 268 25.27 -28.63 -43.22
N ALA K 269 26.20 -29.55 -43.46
CA ALA K 269 26.19 -30.42 -44.63
C ALA K 269 26.43 -31.89 -44.26
N HIS K 270 25.45 -32.76 -44.55
CA HIS K 270 25.55 -34.20 -44.23
C HIS K 270 25.63 -35.12 -45.45
N ILE K 271 26.71 -35.87 -45.57
CA ILE K 271 26.82 -36.83 -46.66
C ILE K 271 26.43 -38.19 -46.06
N ILE K 272 25.22 -38.66 -46.36
CA ILE K 272 24.69 -39.92 -45.82
C ILE K 272 24.48 -41.02 -46.88
N ASP K 273 24.04 -42.18 -46.43
CA ASP K 273 23.78 -43.30 -47.31
C ASP K 273 22.32 -43.21 -47.75
N GLY K 274 22.09 -42.62 -48.91
CA GLY K 274 20.74 -42.49 -49.43
C GLY K 274 20.11 -43.85 -49.64
N ARG K 275 20.87 -44.90 -49.35
CA ARG K 275 20.38 -46.26 -49.53
C ARG K 275 19.56 -46.74 -48.32
N VAL K 276 19.82 -46.16 -47.15
CA VAL K 276 19.12 -46.56 -45.94
C VAL K 276 17.70 -46.01 -45.84
N PRO K 277 16.72 -46.91 -45.59
CA PRO K 277 15.31 -46.52 -45.47
C PRO K 277 15.13 -45.37 -44.50
N ASN K 278 14.41 -44.33 -44.95
CA ASN K 278 14.13 -43.14 -44.16
C ASN K 278 15.40 -42.31 -43.93
N ALA K 279 16.41 -42.54 -44.78
CA ALA K 279 17.70 -41.85 -44.69
C ALA K 279 17.61 -40.36 -44.35
N VAL K 280 16.65 -39.69 -44.97
CA VAL K 280 16.44 -38.25 -44.79
C VAL K 280 15.99 -37.89 -43.37
N LEU K 281 14.95 -38.57 -42.91
CA LEU K 281 14.38 -38.39 -41.58
C LEU K 281 15.45 -38.51 -40.50
N LEU K 282 16.19 -39.60 -40.56
CA LEU K 282 17.25 -39.93 -39.61
C LEU K 282 18.17 -38.78 -39.25
N GLU K 283 18.46 -37.92 -40.21
CA GLU K 283 19.34 -36.79 -39.97
C GLU K 283 18.59 -35.60 -39.40
N ILE K 284 17.27 -35.72 -39.32
CA ILE K 284 16.42 -34.64 -38.83
C ILE K 284 15.77 -34.86 -37.46
N PHE K 285 15.31 -36.07 -37.20
CA PHE K 285 14.68 -36.36 -35.92
C PHE K 285 15.77 -36.48 -34.86
N THR K 286 16.76 -37.32 -35.12
CA THR K 286 17.86 -37.49 -34.17
C THR K 286 18.89 -36.37 -34.42
N ASP K 287 19.45 -35.85 -33.34
CA ASP K 287 20.42 -34.75 -33.39
C ASP K 287 21.65 -34.93 -34.27
N SER K 288 22.54 -35.82 -33.86
CA SER K 288 23.79 -36.11 -34.54
C SER K 288 23.69 -36.34 -36.04
N GLY K 289 24.17 -37.50 -36.45
CA GLY K 289 24.16 -37.88 -37.85
C GLY K 289 24.91 -39.18 -37.97
N VAL K 290 24.29 -40.16 -38.62
CA VAL K 290 24.91 -41.45 -38.84
C VAL K 290 25.96 -41.20 -39.91
N GLY K 291 25.76 -40.13 -40.65
CA GLY K 291 26.70 -39.79 -41.69
C GLY K 291 27.66 -38.71 -41.24
N THR K 292 28.44 -38.24 -42.20
CA THR K 292 29.40 -37.18 -41.98
C THR K 292 28.57 -35.92 -41.74
N LEU K 293 28.98 -35.13 -40.75
CA LEU K 293 28.29 -33.89 -40.42
C LEU K 293 29.31 -32.79 -40.46
N ILE K 294 29.30 -32.01 -41.53
CA ILE K 294 30.27 -30.94 -41.63
C ILE K 294 29.64 -29.62 -41.20
N SER K 295 30.30 -28.93 -40.28
CA SER K 295 29.84 -27.63 -39.86
C SER K 295 31.00 -26.72 -40.25
N ASN K 296 31.69 -26.20 -39.25
CA ASN K 296 32.80 -25.25 -39.40
C ASN K 296 32.09 -23.97 -38.93
N ARG K 297 30.95 -24.11 -38.42
N THR L 1 22.62 0.22 -79.25
CA THR L 1 22.51 1.15 -80.41
C THR L 1 21.12 1.11 -80.97
N LEU L 2 20.58 2.27 -81.28
CA LEU L 2 19.26 2.31 -81.87
C LEU L 2 19.10 3.71 -82.39
N SER L 3 18.88 3.78 -83.70
CA SER L 3 18.76 5.01 -84.43
C SER L 3 17.78 6.10 -83.99
N ARG L 4 17.99 7.26 -84.60
CA ARG L 4 17.17 8.45 -84.38
C ARG L 4 16.01 8.26 -85.35
N ASP L 5 16.19 7.28 -86.24
CA ASP L 5 15.20 6.94 -87.25
C ASP L 5 14.23 5.95 -86.64
N ASP L 6 14.71 5.18 -85.66
CA ASP L 6 13.89 4.15 -85.04
C ASP L 6 13.47 4.33 -83.60
N ALA L 7 13.44 5.59 -83.20
CA ALA L 7 12.95 5.97 -81.89
C ALA L 7 11.63 6.46 -82.46
N ALA L 8 11.72 7.59 -83.16
CA ALA L 8 10.56 8.20 -83.81
C ALA L 8 9.52 7.15 -84.21
N GLN L 9 9.99 6.10 -84.88
CA GLN L 9 9.14 4.99 -85.34
C GLN L 9 8.36 4.27 -84.24
N VAL L 10 9.08 3.67 -83.29
CA VAL L 10 8.46 2.97 -82.18
C VAL L 10 7.35 3.82 -81.54
N ALA L 11 7.65 5.10 -81.30
CA ALA L 11 6.71 6.04 -80.68
C ALA L 11 5.39 6.22 -81.39
N LYS L 12 5.43 6.30 -82.72
CA LYS L 12 4.23 6.47 -83.54
C LYS L 12 3.43 5.17 -83.62
N VAL L 13 4.15 4.05 -83.55
CA VAL L 13 3.51 2.74 -83.57
C VAL L 13 2.60 2.74 -82.35
N LEU L 14 3.24 2.70 -81.19
CA LEU L 14 2.57 2.67 -79.90
C LEU L 14 1.55 3.78 -79.64
N SER L 15 1.85 5.02 -80.01
CA SER L 15 0.89 6.11 -79.79
C SER L 15 -0.52 5.84 -80.35
N GLU L 16 -0.63 5.19 -81.51
CA GLU L 16 -1.93 4.86 -82.09
C GLU L 16 -2.20 3.38 -81.86
N ALA L 17 -1.17 2.67 -81.43
CA ALA L 17 -1.28 1.25 -81.15
C ALA L 17 -1.62 1.02 -79.69
N LEU L 18 -1.88 2.11 -78.98
CA LEU L 18 -2.21 2.04 -77.56
C LEU L 18 -3.64 1.59 -77.33
N PRO L 19 -4.62 2.35 -77.83
CA PRO L 19 -6.02 1.96 -77.64
C PRO L 19 -6.28 0.46 -77.83
N TYR L 20 -5.37 -0.21 -78.51
CA TYR L 20 -5.51 -1.64 -78.77
C TYR L 20 -4.90 -2.45 -77.64
N ILE L 21 -3.86 -1.89 -77.03
CA ILE L 21 -3.14 -2.51 -75.93
C ILE L 21 -3.88 -2.27 -74.62
N ARG L 22 -4.64 -1.18 -74.59
CA ARG L 22 -5.39 -0.77 -73.42
C ARG L 22 -6.59 -1.64 -73.06
N ARG L 23 -6.90 -2.62 -73.88
CA ARG L 23 -8.04 -3.48 -73.58
C ARG L 23 -7.55 -4.90 -73.32
N PHE L 24 -6.30 -5.00 -72.88
CA PHE L 24 -5.71 -6.29 -72.56
C PHE L 24 -4.81 -6.17 -71.34
N VAL L 25 -4.67 -4.95 -70.83
CA VAL L 25 -3.87 -4.73 -69.64
C VAL L 25 -4.58 -5.51 -68.55
N GLY L 26 -3.83 -6.26 -67.77
CA GLY L 26 -4.44 -7.03 -66.71
C GLY L 26 -4.97 -8.37 -67.20
N LYS L 27 -5.62 -8.37 -68.38
CA LYS L 27 -6.16 -9.60 -68.96
C LYS L 27 -5.08 -10.66 -69.23
N THR L 28 -5.50 -11.91 -69.28
CA THR L 28 -4.59 -13.03 -69.52
C THR L 28 -4.95 -13.71 -70.83
N LEU L 29 -3.93 -14.04 -71.64
CA LEU L 29 -4.14 -14.68 -72.94
C LEU L 29 -3.50 -16.05 -73.05
N VAL L 30 -4.30 -17.08 -73.23
CA VAL L 30 -3.77 -18.43 -73.40
C VAL L 30 -3.44 -18.60 -74.87
N ILE L 31 -2.15 -18.73 -75.18
CA ILE L 31 -1.68 -18.87 -76.55
C ILE L 31 -1.17 -20.28 -76.85
N LYS L 32 -1.72 -20.89 -77.89
CA LYS L 32 -1.29 -22.21 -78.34
C LYS L 32 -0.32 -21.95 -79.49
N TYR L 33 0.95 -22.19 -79.23
CA TYR L 33 2.01 -21.99 -80.21
C TYR L 33 2.07 -23.18 -81.14
N GLY L 34 1.79 -22.92 -82.40
CA GLY L 34 1.81 -23.99 -83.36
C GLY L 34 1.97 -23.40 -84.74
N GLY L 35 1.86 -24.24 -85.75
CA GLY L 35 2.04 -23.73 -87.11
C GLY L 35 3.53 -23.45 -87.24
N ASN L 36 4.24 -23.83 -86.18
CA ASN L 36 5.69 -23.75 -85.97
C ASN L 36 6.24 -24.45 -87.17
N ALA L 37 5.46 -25.48 -87.53
CA ALA L 37 5.58 -26.44 -88.60
C ALA L 37 6.91 -26.74 -89.23
N MET L 38 7.28 -25.90 -90.19
CA MET L 38 8.52 -26.08 -90.93
C MET L 38 9.69 -25.91 -90.06
N GLU L 39 9.36 -25.68 -88.78
CA GLU L 39 10.35 -25.48 -87.75
C GLU L 39 11.26 -24.40 -88.28
N SER L 40 10.68 -23.28 -88.71
CA SER L 40 11.50 -22.21 -89.21
C SER L 40 12.24 -21.66 -88.00
N GLU L 41 12.77 -20.43 -88.10
CA GLU L 41 13.44 -19.84 -86.99
C GLU L 41 12.99 -18.38 -86.81
N GLU L 42 12.58 -17.73 -87.90
CA GLU L 42 12.11 -16.34 -87.88
C GLU L 42 10.77 -16.17 -87.21
N LEU L 43 9.88 -17.11 -87.52
CA LEU L 43 8.53 -17.16 -86.98
C LEU L 43 8.61 -17.56 -85.52
N LYS L 44 9.69 -18.24 -85.15
CA LYS L 44 9.93 -18.66 -83.78
C LYS L 44 10.20 -17.39 -82.99
N ALA L 45 11.20 -16.66 -83.45
CA ALA L 45 11.62 -15.41 -82.85
C ALA L 45 10.41 -14.49 -82.75
N GLY L 46 9.79 -14.21 -83.89
CA GLY L 46 8.62 -13.34 -83.93
C GLY L 46 7.63 -13.62 -82.83
N PHE L 47 7.35 -14.90 -82.60
CA PHE L 47 6.42 -15.32 -81.56
C PHE L 47 7.03 -14.97 -80.21
N ALA L 48 8.14 -15.63 -79.89
CA ALA L 48 8.85 -15.43 -78.62
C ALA L 48 8.87 -13.96 -78.27
N ARG L 49 9.13 -13.14 -79.28
CA ARG L 49 9.22 -11.72 -79.11
C ARG L 49 7.88 -11.02 -78.95
N ASP L 50 6.82 -11.57 -79.52
CA ASP L 50 5.52 -10.95 -79.36
C ASP L 50 5.04 -11.16 -77.93
N VAL L 51 5.26 -12.36 -77.42
CA VAL L 51 4.91 -12.72 -76.06
C VAL L 51 5.56 -11.73 -75.08
N VAL L 52 6.88 -11.63 -75.15
CA VAL L 52 7.63 -10.72 -74.28
C VAL L 52 7.00 -9.33 -74.29
N LEU L 53 6.61 -8.90 -75.48
CA LEU L 53 5.99 -7.58 -75.69
C LEU L 53 4.67 -7.46 -74.94
N MET L 54 3.90 -8.56 -74.90
CA MET L 54 2.63 -8.57 -74.22
C MET L 54 2.92 -8.48 -72.73
N LYS L 55 4.10 -8.97 -72.34
CA LYS L 55 4.53 -8.97 -70.95
C LYS L 55 4.95 -7.57 -70.52
N ALA L 56 5.73 -6.91 -71.37
CA ALA L 56 6.21 -5.57 -71.10
C ALA L 56 5.04 -4.59 -71.04
N VAL L 57 4.20 -4.68 -72.08
CA VAL L 57 3.02 -3.83 -72.27
C VAL L 57 1.90 -4.06 -71.25
N GLY L 58 2.02 -5.10 -70.43
CA GLY L 58 0.98 -5.33 -69.44
C GLY L 58 -0.02 -6.45 -69.67
N ILE L 59 0.14 -7.20 -70.78
CA ILE L 59 -0.73 -8.34 -71.07
C ILE L 59 -0.04 -9.53 -70.42
N ASN L 60 -0.83 -10.50 -70.03
CA ASN L 60 -0.30 -11.67 -69.39
C ASN L 60 -0.45 -12.86 -70.29
N PRO L 61 0.62 -13.21 -71.00
CA PRO L 61 0.57 -14.37 -71.89
C PRO L 61 0.93 -15.65 -71.19
N VAL L 62 0.06 -16.66 -71.34
CA VAL L 62 0.25 -18.01 -70.80
C VAL L 62 0.39 -18.85 -72.08
N VAL L 63 1.43 -19.67 -72.16
CA VAL L 63 1.70 -20.45 -73.36
C VAL L 63 1.46 -21.96 -73.28
N VAL L 64 0.88 -22.52 -74.35
CA VAL L 64 0.59 -23.94 -74.51
C VAL L 64 1.02 -24.37 -75.91
N HIS L 65 1.80 -25.44 -75.94
CA HIS L 65 2.37 -25.94 -77.15
C HIS L 65 1.96 -27.33 -77.52
N GLY L 66 2.39 -27.65 -78.73
CA GLY L 66 2.15 -28.95 -79.31
C GLY L 66 3.49 -29.63 -79.60
N GLY L 67 3.38 -30.93 -79.82
CA GLY L 67 4.56 -31.72 -80.12
C GLY L 67 4.64 -31.83 -81.63
N GLY L 68 3.93 -32.83 -82.16
CA GLY L 68 3.86 -33.08 -83.59
C GLY L 68 5.09 -33.63 -84.29
N PRO L 69 5.80 -32.75 -84.99
CA PRO L 69 7.00 -33.18 -85.71
C PRO L 69 8.02 -34.00 -84.91
N GLN L 70 8.75 -33.31 -84.01
CA GLN L 70 9.77 -33.91 -83.16
C GLN L 70 9.40 -35.24 -82.57
N ILE L 71 8.18 -35.31 -82.07
CA ILE L 71 7.72 -36.54 -81.47
C ILE L 71 7.79 -37.68 -82.49
N GLY L 72 7.46 -37.38 -83.75
CA GLY L 72 7.50 -38.38 -84.79
C GLY L 72 8.89 -38.71 -85.26
N ASP L 73 9.77 -37.70 -85.26
CA ASP L 73 11.17 -37.83 -85.66
C ASP L 73 11.89 -38.82 -84.76
N LEU L 74 11.68 -38.67 -83.45
CA LEU L 74 12.30 -39.53 -82.46
C LEU L 74 11.66 -40.90 -82.63
N LEU L 75 10.32 -40.92 -82.68
CA LEU L 75 9.52 -42.11 -82.88
C LEU L 75 10.09 -42.94 -84.02
N LYS L 76 10.33 -42.28 -85.15
CA LYS L 76 10.86 -42.94 -86.33
C LYS L 76 12.22 -43.56 -86.04
N ARG L 77 13.13 -42.70 -85.62
CA ARG L 77 14.48 -43.12 -85.27
C ARG L 77 14.51 -44.37 -84.38
N LEU L 78 13.51 -44.49 -83.49
CA LEU L 78 13.40 -45.64 -82.57
C LEU L 78 12.62 -46.82 -83.12
N SER L 79 11.95 -46.57 -84.23
CA SER L 79 11.13 -47.58 -84.88
C SER L 79 9.84 -47.80 -84.11
N ILE L 80 9.17 -46.68 -83.84
CA ILE L 80 7.90 -46.60 -83.13
C ILE L 80 6.90 -46.14 -84.22
N GLU L 81 5.82 -46.89 -84.37
CA GLU L 81 4.74 -46.68 -85.34
C GLU L 81 4.21 -45.29 -85.73
N SER L 82 3.48 -44.66 -84.81
CA SER L 82 2.83 -43.37 -85.07
C SER L 82 1.71 -43.45 -86.14
N HIS L 83 0.45 -43.29 -85.71
CA HIS L 83 -0.76 -43.29 -86.56
C HIS L 83 -1.91 -42.53 -85.81
N PHE L 84 -2.62 -41.69 -86.55
CA PHE L 84 -3.71 -40.80 -86.08
C PHE L 84 -5.12 -41.29 -86.34
N ILE L 85 -6.04 -40.75 -85.55
CA ILE L 85 -7.44 -41.03 -85.73
C ILE L 85 -8.23 -39.85 -85.21
N ASP L 86 -9.07 -39.29 -86.07
CA ASP L 86 -9.94 -38.21 -85.66
C ASP L 86 -9.26 -37.08 -84.90
N GLY L 87 -8.01 -36.77 -85.22
CA GLY L 87 -7.36 -35.67 -84.53
C GLY L 87 -6.44 -36.06 -83.40
N MET L 88 -6.69 -37.20 -82.76
CA MET L 88 -5.84 -37.62 -81.67
C MET L 88 -4.87 -38.66 -82.14
N ARG L 89 -3.87 -38.87 -81.31
CA ARG L 89 -2.82 -39.82 -81.55
C ARG L 89 -3.08 -41.11 -80.83
N VAL L 90 -3.03 -42.20 -81.60
CA VAL L 90 -3.19 -43.52 -81.04
C VAL L 90 -1.99 -43.57 -80.11
N THR L 91 -2.23 -43.91 -78.86
CA THR L 91 -1.15 -43.96 -77.92
C THR L 91 -1.10 -45.28 -77.26
N ASP L 92 -0.10 -46.07 -77.61
CA ASP L 92 -0.03 -47.31 -76.93
C ASP L 92 1.04 -47.10 -75.87
N ALA L 93 1.08 -48.00 -74.91
CA ALA L 93 2.01 -47.99 -73.79
C ALA L 93 3.38 -47.39 -74.11
N ALA L 94 4.12 -48.06 -74.99
CA ALA L 94 5.45 -47.63 -75.38
C ALA L 94 5.49 -46.24 -75.99
N THR L 95 4.42 -45.90 -76.68
CA THR L 95 4.30 -44.63 -77.37
C THR L 95 4.21 -43.43 -76.46
N MET L 96 3.46 -43.55 -75.37
CA MET L 96 3.32 -42.45 -74.41
C MET L 96 4.71 -41.94 -74.06
N ASP L 97 5.53 -42.84 -73.55
CA ASP L 97 6.89 -42.54 -73.15
C ASP L 97 7.53 -41.41 -73.97
N VAL L 98 7.78 -41.66 -75.25
CA VAL L 98 8.41 -40.65 -76.09
C VAL L 98 7.77 -39.28 -75.93
N VAL L 99 6.45 -39.26 -76.14
CA VAL L 99 5.65 -38.04 -76.02
C VAL L 99 6.07 -37.28 -74.77
N GLU L 100 5.73 -37.86 -73.62
CA GLU L 100 6.02 -37.30 -72.33
C GLU L 100 7.45 -36.78 -72.19
N MET L 101 8.38 -37.47 -72.84
CA MET L 101 9.78 -37.07 -72.78
C MET L 101 10.10 -35.86 -73.68
N VAL L 102 9.74 -35.93 -74.96
CA VAL L 102 10.01 -34.84 -75.88
C VAL L 102 9.25 -33.58 -75.54
N LEU L 103 7.95 -33.72 -75.30
CA LEU L 103 7.11 -32.58 -74.96
C LEU L 103 7.56 -31.84 -73.70
N GLY L 104 8.12 -32.58 -72.75
CA GLY L 104 8.60 -31.96 -71.53
C GLY L 104 10.08 -31.59 -71.57
N GLY L 105 10.91 -32.59 -71.85
CA GLY L 105 12.36 -32.38 -71.90
C GLY L 105 12.96 -31.55 -73.03
N GLN L 106 12.37 -31.60 -74.23
CA GLN L 106 12.91 -30.81 -75.33
C GLN L 106 12.15 -29.54 -75.68
N VAL L 107 11.03 -29.68 -76.38
CA VAL L 107 10.25 -28.52 -76.80
C VAL L 107 9.71 -27.58 -75.72
N ASN L 108 9.26 -28.14 -74.61
CA ASN L 108 8.75 -27.30 -73.53
C ASN L 108 9.90 -26.38 -73.10
N LYS L 109 10.99 -27.00 -72.67
CA LYS L 109 12.18 -26.27 -72.25
C LYS L 109 12.75 -25.48 -73.42
N ASP L 110 12.44 -25.92 -74.64
CA ASP L 110 12.94 -25.24 -75.83
C ASP L 110 12.32 -23.87 -75.92
N ILE L 111 11.00 -23.84 -75.91
CA ILE L 111 10.25 -22.60 -75.98
C ILE L 111 10.73 -21.72 -74.82
N VAL L 112 10.76 -22.31 -73.63
CA VAL L 112 11.20 -21.59 -72.45
C VAL L 112 12.49 -20.84 -72.79
N ASN L 113 13.57 -21.57 -73.08
CA ASN L 113 14.83 -20.93 -73.42
C ASN L 113 14.65 -19.85 -74.49
N LEU L 114 13.75 -20.08 -75.43
CA LEU L 114 13.50 -19.10 -76.48
C LEU L 114 13.01 -17.80 -75.86
N ILE L 115 11.89 -17.89 -75.11
CA ILE L 115 11.29 -16.73 -74.44
C ILE L 115 12.31 -16.00 -73.56
N ASN L 116 13.00 -16.75 -72.71
CA ASN L 116 14.01 -16.14 -71.86
C ASN L 116 14.99 -15.38 -72.75
N ARG L 117 15.50 -16.07 -73.77
CA ARG L 117 16.47 -15.51 -74.70
C ARG L 117 16.08 -14.16 -75.31
N HIS L 118 14.79 -13.95 -75.59
CA HIS L 118 14.35 -12.67 -76.15
C HIS L 118 13.89 -11.63 -75.14
N GLY L 119 14.10 -11.94 -73.86
CA GLY L 119 13.77 -10.98 -72.84
C GLY L 119 12.73 -11.29 -71.84
N GLY L 120 12.34 -12.56 -71.78
CA GLY L 120 11.31 -12.94 -70.85
C GLY L 120 11.68 -14.00 -69.84
N SER L 121 10.80 -14.21 -68.87
CA SER L 121 11.05 -15.22 -67.84
C SER L 121 9.96 -16.28 -67.93
N ALA L 122 10.35 -17.50 -68.34
CA ALA L 122 9.38 -18.58 -68.47
C ALA L 122 9.72 -19.81 -67.64
N ILE L 123 8.68 -20.58 -67.32
CA ILE L 123 8.79 -21.82 -66.53
C ILE L 123 8.17 -23.00 -67.31
N GLY L 124 8.92 -24.09 -67.46
CA GLY L 124 8.43 -25.24 -68.20
C GLY L 124 7.64 -26.26 -67.38
N LEU L 125 6.34 -26.33 -67.62
CA LEU L 125 5.50 -27.25 -66.86
C LEU L 125 4.72 -28.29 -67.69
N THR L 126 4.66 -29.50 -67.16
CA THR L 126 3.90 -30.59 -67.79
C THR L 126 2.73 -30.75 -66.81
N GLY L 127 1.65 -31.38 -67.23
CA GLY L 127 0.54 -31.52 -66.33
C GLY L 127 0.77 -32.29 -65.03
N LYS L 128 1.94 -32.87 -64.81
CA LYS L 128 2.19 -33.64 -63.58
C LYS L 128 2.55 -32.74 -62.40
N ASP L 129 3.24 -31.64 -62.71
CA ASP L 129 3.68 -30.68 -61.71
C ASP L 129 2.51 -30.13 -60.90
N ALA L 130 2.52 -30.42 -59.60
CA ALA L 130 1.46 -29.98 -58.70
C ALA L 130 0.12 -30.37 -59.33
N GLU L 131 0.17 -31.43 -60.12
CA GLU L 131 -1.00 -31.95 -60.83
C GLU L 131 -1.75 -30.82 -61.53
N LEU L 132 -0.98 -30.04 -62.28
CA LEU L 132 -1.47 -28.89 -63.04
C LEU L 132 -2.62 -29.30 -63.93
N ILE L 133 -2.48 -30.46 -64.54
CA ILE L 133 -3.49 -31.00 -65.43
C ILE L 133 -3.86 -32.40 -64.98
N ARG L 134 -5.07 -32.56 -64.45
CA ARG L 134 -5.55 -33.85 -63.98
C ARG L 134 -6.42 -34.43 -65.09
N ALA L 135 -6.50 -35.76 -65.19
CA ALA L 135 -7.31 -36.30 -66.27
C ALA L 135 -7.75 -37.77 -66.23
N LYS L 136 -8.86 -38.02 -66.93
CA LYS L 136 -9.50 -39.33 -67.05
C LYS L 136 -9.38 -39.85 -68.49
N LYS L 137 -9.45 -41.17 -68.68
CA LYS L 137 -9.36 -41.78 -70.01
C LYS L 137 -10.58 -41.54 -70.90
N LEU L 138 -10.42 -40.65 -71.88
CA LEU L 138 -11.46 -40.29 -72.84
C LEU L 138 -12.15 -41.55 -73.43
N THR L 139 -13.45 -41.47 -73.72
CA THR L 139 -14.18 -42.58 -74.32
C THR L 139 -14.49 -42.09 -75.74
N VAL L 140 -13.42 -41.93 -76.51
CA VAL L 140 -13.42 -41.45 -77.90
C VAL L 140 -14.73 -41.27 -78.68
N THR L 141 -14.86 -40.10 -79.30
CA THR L 141 -16.05 -39.75 -80.10
C THR L 141 -16.26 -40.64 -81.33
N ARG L 142 -17.52 -40.94 -81.61
CA ARG L 142 -17.93 -41.80 -82.71
C ARG L 142 -18.14 -41.01 -84.02
N GLN L 143 -19.07 -41.41 -84.89
CA GLN L 143 -19.23 -40.67 -86.15
C GLN L 143 -20.36 -40.94 -87.16
N LYS L 149 -26.23 -45.68 -84.50
CA LYS L 149 -25.89 -45.72 -83.08
C LYS L 149 -24.42 -45.40 -82.89
N PRO L 150 -23.90 -45.58 -81.66
CA PRO L 150 -22.49 -45.32 -81.34
C PRO L 150 -21.82 -46.54 -80.69
N GLU L 151 -20.56 -46.76 -81.04
CA GLU L 151 -19.76 -47.87 -80.52
C GLU L 151 -18.29 -47.48 -80.64
N ILE L 152 -17.74 -47.03 -79.52
CA ILE L 152 -16.37 -46.53 -79.43
C ILE L 152 -15.22 -47.53 -79.49
N ILE L 153 -14.20 -47.18 -80.28
CA ILE L 153 -13.00 -48.00 -80.36
C ILE L 153 -12.00 -47.10 -79.62
N ASP L 154 -11.44 -47.59 -78.51
CA ASP L 154 -10.50 -46.77 -77.75
C ASP L 154 -9.38 -46.28 -78.67
N ILE L 155 -8.72 -45.19 -78.27
CA ILE L 155 -7.64 -44.60 -79.06
C ILE L 155 -6.28 -44.66 -78.33
N GLY L 156 -6.32 -45.26 -77.13
CA GLY L 156 -5.11 -45.40 -76.33
C GLY L 156 -5.19 -44.55 -75.07
N HIS L 157 -4.04 -44.24 -74.49
CA HIS L 157 -3.97 -43.40 -73.31
C HIS L 157 -4.13 -41.97 -73.81
N VAL L 158 -5.37 -41.52 -73.78
CA VAL L 158 -5.76 -40.21 -74.24
C VAL L 158 -6.79 -39.72 -73.25
N GLY L 159 -6.47 -38.62 -72.60
CA GLY L 159 -7.37 -38.11 -71.62
C GLY L 159 -8.02 -36.81 -71.97
N GLU L 160 -9.03 -36.54 -71.17
CA GLU L 160 -9.80 -35.35 -71.25
C GLU L 160 -9.57 -34.65 -69.92
N VAL L 161 -9.28 -33.37 -70.05
CA VAL L 161 -9.03 -32.52 -68.91
C VAL L 161 -10.21 -32.64 -67.95
N THR L 162 -9.85 -32.84 -66.68
CA THR L 162 -10.80 -33.01 -65.58
C THR L 162 -10.62 -31.88 -64.57
N GLY L 163 -9.45 -31.27 -64.58
CA GLY L 163 -9.17 -30.20 -63.65
C GLY L 163 -7.83 -29.57 -63.91
N VAL L 164 -7.75 -28.28 -63.59
CA VAL L 164 -6.56 -27.46 -63.78
C VAL L 164 -6.22 -26.73 -62.48
N ASN L 165 -4.92 -26.68 -62.15
CA ASN L 165 -4.47 -25.99 -60.95
C ASN L 165 -4.24 -24.55 -61.39
N VAL L 166 -5.16 -23.66 -61.03
CA VAL L 166 -5.04 -22.27 -61.42
C VAL L 166 -4.27 -21.60 -60.33
N GLY L 167 -4.28 -22.27 -59.19
CA GLY L 167 -3.55 -21.78 -58.06
C GLY L 167 -2.13 -21.63 -58.55
N LEU L 168 -1.58 -22.73 -59.03
CA LEU L 168 -0.22 -22.81 -59.55
C LEU L 168 0.00 -21.77 -60.65
N LEU L 169 -0.90 -21.75 -61.62
CA LEU L 169 -0.80 -20.82 -62.73
C LEU L 169 -0.79 -19.37 -62.28
N ASN L 170 -1.84 -18.99 -61.54
CA ASN L 170 -2.00 -17.63 -61.06
C ASN L 170 -0.81 -17.11 -60.28
N MET L 171 -0.33 -17.92 -59.37
CA MET L 171 0.81 -17.54 -58.57
C MET L 171 1.95 -17.21 -59.52
N LEU L 172 2.19 -18.13 -60.46
CA LEU L 172 3.25 -17.95 -61.45
C LEU L 172 3.06 -16.63 -62.20
N VAL L 173 1.83 -16.38 -62.68
CA VAL L 173 1.51 -15.16 -63.41
C VAL L 173 1.71 -13.92 -62.54
N LYS L 174 1.26 -14.02 -61.30
CA LYS L 174 1.40 -12.91 -60.35
C LYS L 174 2.88 -12.56 -60.22
N GLY L 175 3.73 -13.59 -60.17
CA GLY L 175 5.16 -13.38 -60.04
C GLY L 175 5.85 -12.83 -61.27
N ASP L 176 5.08 -12.39 -62.27
CA ASP L 176 5.63 -11.83 -63.51
C ASP L 176 6.36 -12.87 -64.37
N PHE L 177 5.76 -14.05 -64.47
CA PHE L 177 6.31 -15.14 -65.26
C PHE L 177 5.38 -15.53 -66.42
N ILE L 178 5.94 -16.25 -67.39
CA ILE L 178 5.22 -16.73 -68.56
C ILE L 178 5.32 -18.25 -68.57
N PRO L 179 4.30 -18.96 -68.06
CA PRO L 179 4.36 -20.42 -68.04
C PRO L 179 4.18 -21.02 -69.44
N VAL L 180 4.80 -22.17 -69.63
CA VAL L 180 4.77 -22.91 -70.88
C VAL L 180 4.27 -24.31 -70.56
N ILE L 181 3.05 -24.63 -71.01
CA ILE L 181 2.50 -25.93 -70.69
C ILE L 181 2.51 -27.00 -71.77
N ALA L 182 3.20 -28.10 -71.48
CA ALA L 182 3.22 -29.23 -72.38
C ALA L 182 1.87 -29.88 -72.10
N PRO L 183 1.29 -30.58 -73.08
CA PRO L 183 -0.02 -31.20 -72.87
C PRO L 183 -0.08 -32.58 -72.24
N ILE L 184 0.80 -32.86 -71.28
CA ILE L 184 0.77 -34.16 -70.62
C ILE L 184 -0.13 -34.05 -69.39
N GLY L 185 -0.81 -35.14 -69.01
CA GLY L 185 -1.69 -35.10 -67.85
C GLY L 185 -1.61 -36.32 -66.95
N VAL L 186 -2.07 -36.19 -65.70
CA VAL L 186 -2.02 -37.31 -64.74
C VAL L 186 -3.35 -37.78 -64.16
N GLY L 187 -3.72 -39.02 -64.44
CA GLY L 187 -4.97 -39.57 -63.93
C GLY L 187 -4.89 -39.73 -62.42
N SER L 188 -6.01 -40.08 -61.80
CA SER L 188 -6.07 -40.27 -60.36
C SER L 188 -4.87 -41.06 -59.85
N ASN L 189 -4.69 -42.25 -60.44
CA ASN L 189 -3.60 -43.14 -60.07
C ASN L 189 -2.20 -42.93 -60.69
N GLY L 190 -1.74 -41.67 -60.69
CA GLY L 190 -0.44 -41.29 -61.20
C GLY L 190 -0.02 -41.40 -62.64
N GLU L 191 -0.78 -42.23 -63.35
CA GLU L 191 -0.49 -42.41 -64.74
C GLU L 191 -0.45 -41.19 -65.55
N SER L 192 -0.18 -41.42 -66.82
CA SER L 192 -0.11 -40.32 -67.79
C SER L 192 -1.04 -40.44 -68.97
N TYR L 193 -1.32 -39.27 -69.53
CA TYR L 193 -2.17 -39.16 -70.69
C TYR L 193 -1.70 -38.19 -71.79
N ASN L 194 -1.81 -38.61 -73.06
CA ASN L 194 -1.45 -37.73 -74.17
C ASN L 194 -2.76 -37.00 -74.42
N ILE L 195 -2.67 -35.68 -74.52
CA ILE L 195 -3.85 -34.83 -74.72
C ILE L 195 -3.57 -33.82 -75.83
N ASN L 196 -4.53 -33.60 -76.72
CA ASN L 196 -4.33 -32.64 -77.80
C ASN L 196 -4.10 -31.29 -77.17
N ALA L 197 -2.98 -30.67 -77.49
CA ALA L 197 -2.64 -29.37 -76.95
C ALA L 197 -3.74 -28.33 -77.05
N ASP L 198 -4.60 -28.43 -78.07
CA ASP L 198 -5.68 -27.45 -78.22
C ASP L 198 -6.77 -27.60 -77.17
N LEU L 199 -7.06 -28.84 -76.80
CA LEU L 199 -8.08 -29.11 -75.79
C LEU L 199 -7.58 -28.72 -74.40
N VAL L 200 -6.27 -28.75 -74.21
CA VAL L 200 -5.65 -28.37 -72.95
C VAL L 200 -5.59 -26.86 -72.89
N ALA L 201 -5.15 -26.26 -73.99
CA ALA L 201 -5.05 -24.81 -74.06
C ALA L 201 -6.43 -24.21 -73.86
N GLY L 202 -7.47 -25.00 -74.18
CA GLY L 202 -8.83 -24.53 -74.02
C GLY L 202 -9.32 -24.64 -72.59
N LYS L 203 -8.96 -25.74 -71.94
CA LYS L 203 -9.34 -25.99 -70.56
C LYS L 203 -8.57 -25.06 -69.63
N VAL L 204 -7.32 -24.80 -69.96
CA VAL L 204 -6.50 -23.90 -69.15
C VAL L 204 -7.14 -22.52 -69.24
N ALA L 205 -7.71 -22.23 -70.40
CA ALA L 205 -8.36 -20.94 -70.62
C ALA L 205 -9.69 -20.90 -69.87
N GLU L 206 -10.43 -22.01 -69.91
CA GLU L 206 -11.71 -22.06 -69.19
C GLU L 206 -11.42 -21.88 -67.69
N ALA L 207 -10.41 -22.58 -67.19
CA ALA L 207 -10.03 -22.52 -65.78
C ALA L 207 -9.45 -21.19 -65.33
N LEU L 208 -8.96 -20.39 -66.27
CA LEU L 208 -8.38 -19.08 -65.93
C LEU L 208 -9.27 -17.91 -66.30
N LYS L 209 -10.43 -18.19 -66.90
CA LYS L 209 -11.36 -17.14 -67.35
C LYS L 209 -10.60 -16.06 -68.15
N ALA L 210 -9.83 -16.52 -69.15
CA ALA L 210 -9.00 -15.68 -70.02
C ALA L 210 -9.78 -14.88 -71.07
N GLU L 211 -9.36 -13.63 -71.29
CA GLU L 211 -10.02 -12.73 -72.25
C GLU L 211 -9.92 -13.20 -73.70
N LYS L 212 -8.84 -13.89 -74.03
CA LYS L 212 -8.69 -14.38 -75.40
C LYS L 212 -7.89 -15.69 -75.44
N LEU L 213 -8.48 -16.68 -76.09
CA LEU L 213 -7.82 -17.97 -76.28
C LEU L 213 -7.35 -17.90 -77.72
N MET L 214 -6.04 -17.95 -77.92
CA MET L 214 -5.47 -17.85 -79.25
C MET L 214 -4.92 -19.15 -79.76
N LEU L 215 -5.43 -19.57 -80.91
CA LEU L 215 -5.00 -20.82 -81.50
C LEU L 215 -4.26 -20.68 -82.82
N LEU L 216 -2.95 -20.94 -82.74
CA LEU L 216 -2.06 -20.87 -83.88
C LEU L 216 -2.01 -22.20 -84.60
N THR L 217 -2.24 -22.14 -85.90
CA THR L 217 -2.23 -23.35 -86.72
C THR L 217 -1.60 -23.03 -88.06
N ASN L 218 -1.36 -24.06 -88.86
CA ASN L 218 -0.73 -23.92 -90.18
C ASN L 218 -1.64 -23.52 -91.34
N ILE L 219 -2.96 -23.66 -91.20
CA ILE L 219 -3.85 -23.27 -92.28
C ILE L 219 -4.34 -21.85 -91.94
N ALA L 220 -4.94 -21.15 -92.90
CA ALA L 220 -5.36 -19.77 -92.66
C ALA L 220 -6.54 -19.52 -91.72
N GLY L 221 -7.29 -20.57 -91.41
CA GLY L 221 -8.45 -20.42 -90.56
C GLY L 221 -9.38 -21.52 -90.96
N LEU L 222 -10.55 -21.61 -90.33
CA LEU L 222 -11.47 -22.67 -90.71
C LEU L 222 -12.08 -22.34 -92.06
N MET L 223 -11.91 -23.25 -93.02
CA MET L 223 -12.42 -23.06 -94.39
C MET L 223 -13.49 -24.06 -94.80
N ASP L 224 -14.50 -23.58 -95.54
CA ASP L 224 -15.56 -24.42 -96.08
C ASP L 224 -14.85 -25.30 -97.12
N LYS L 225 -15.56 -26.25 -97.72
CA LYS L 225 -14.93 -27.13 -98.71
C LYS L 225 -14.35 -26.37 -99.91
N GLN L 226 -14.79 -25.12 -100.08
CA GLN L 226 -14.36 -24.29 -101.19
C GLN L 226 -13.15 -23.37 -100.95
N GLY L 227 -12.58 -23.41 -99.75
CA GLY L 227 -11.42 -22.58 -99.45
C GLY L 227 -11.60 -21.31 -98.65
N GLN L 228 -12.84 -20.85 -98.51
CA GLN L 228 -13.11 -19.64 -97.74
C GLN L 228 -13.08 -19.94 -96.24
N VAL L 229 -12.53 -19.03 -95.42
CA VAL L 229 -12.53 -19.25 -93.96
C VAL L 229 -13.89 -18.75 -93.44
N LEU L 230 -14.40 -19.41 -92.40
CA LEU L 230 -15.65 -19.04 -91.77
C LEU L 230 -15.30 -18.36 -90.42
N THR L 231 -15.99 -17.27 -90.05
CA THR L 231 -15.70 -16.57 -88.81
C THR L 231 -16.91 -16.53 -87.89
N GLY L 232 -16.67 -16.49 -86.57
CA GLY L 232 -17.77 -16.45 -85.64
C GLY L 232 -18.81 -17.46 -86.05
N LEU L 233 -18.50 -18.74 -85.85
CA LEU L 233 -19.42 -19.79 -86.19
C LEU L 233 -20.21 -20.17 -84.95
N SER L 234 -21.46 -20.58 -85.16
CA SER L 234 -22.32 -20.99 -84.05
C SER L 234 -22.08 -22.46 -83.82
N THR L 235 -22.64 -22.97 -82.73
CA THR L 235 -22.48 -24.37 -82.38
C THR L 235 -23.15 -25.25 -83.44
N GLU L 236 -24.36 -24.85 -83.82
CA GLU L 236 -25.13 -25.58 -84.81
C GLU L 236 -24.40 -25.60 -86.16
N GLN L 237 -23.99 -24.42 -86.61
CA GLN L 237 -23.27 -24.29 -87.87
C GLN L 237 -22.00 -25.13 -87.91
N VAL L 238 -21.55 -25.57 -86.75
CA VAL L 238 -20.31 -26.34 -86.71
C VAL L 238 -20.47 -27.86 -86.88
N ASN L 239 -21.57 -28.42 -86.40
CA ASN L 239 -21.80 -29.86 -86.53
C ASN L 239 -22.08 -30.16 -87.99
N GLU L 240 -22.72 -29.22 -88.67
CA GLU L 240 -23.05 -29.36 -90.09
C GLU L 240 -21.77 -29.58 -90.87
N LEU L 241 -20.77 -28.78 -90.52
CA LEU L 241 -19.46 -28.85 -91.14
C LEU L 241 -18.74 -30.14 -90.71
N ILE L 242 -19.19 -30.71 -89.59
CA ILE L 242 -18.63 -31.95 -89.06
C ILE L 242 -19.11 -33.14 -89.89
N ALA L 243 -20.39 -33.08 -90.28
CA ALA L 243 -21.03 -34.12 -91.10
C ALA L 243 -20.54 -33.96 -92.55
N ASP L 244 -20.66 -32.72 -93.03
CA ASP L 244 -20.22 -32.29 -94.37
C ASP L 244 -18.96 -33.02 -94.81
N GLY L 245 -18.04 -33.14 -93.86
CA GLY L 245 -16.75 -33.73 -94.11
C GLY L 245 -15.86 -32.53 -94.41
N THR L 246 -16.41 -31.34 -94.14
CA THR L 246 -15.72 -30.05 -94.36
C THR L 246 -14.64 -29.79 -93.32
N ILE L 247 -14.94 -30.16 -92.08
CA ILE L 247 -14.01 -30.00 -90.96
C ILE L 247 -13.56 -31.39 -90.52
N TYR L 248 -12.29 -31.70 -90.77
CA TYR L 248 -11.78 -33.02 -90.41
C TYR L 248 -10.46 -32.98 -89.66
N GLY L 249 -10.07 -34.15 -89.14
CA GLY L 249 -8.82 -34.32 -88.43
C GLY L 249 -8.43 -33.39 -87.29
N GLY L 250 -7.15 -33.03 -87.28
CA GLY L 250 -6.62 -32.15 -86.25
C GLY L 250 -7.35 -30.84 -86.04
N MET L 251 -8.41 -30.59 -86.81
CA MET L 251 -9.19 -29.38 -86.68
C MET L 251 -10.52 -29.63 -85.96
N LEU L 252 -10.89 -30.90 -85.77
CA LEU L 252 -12.14 -31.21 -85.06
C LEU L 252 -11.91 -30.79 -83.61
N PRO L 253 -10.73 -31.13 -83.06
CA PRO L 253 -10.41 -30.77 -81.68
C PRO L 253 -10.34 -29.26 -81.59
N LYS L 254 -9.61 -28.67 -82.53
CA LYS L 254 -9.41 -27.23 -82.53
C LYS L 254 -10.72 -26.47 -82.35
N ILE L 255 -11.68 -26.65 -83.24
CA ILE L 255 -12.91 -25.90 -83.07
C ILE L 255 -13.75 -26.33 -81.88
N ARG L 256 -13.61 -27.58 -81.44
CA ARG L 256 -14.36 -28.05 -80.28
C ARG L 256 -13.79 -27.36 -79.05
N CYS L 257 -12.47 -27.43 -78.90
CA CYS L 257 -11.81 -26.80 -77.77
C CYS L 257 -12.25 -25.32 -77.65
N ALA L 258 -12.41 -24.65 -78.78
CA ALA L 258 -12.77 -23.23 -78.80
C ALA L 258 -14.24 -22.85 -78.64
N LEU L 259 -15.16 -23.81 -78.77
CA LEU L 259 -16.58 -23.50 -78.56
C LEU L 259 -16.75 -23.72 -77.07
N GLU L 260 -16.18 -24.83 -76.61
CA GLU L 260 -16.22 -25.20 -75.21
C GLU L 260 -15.60 -24.07 -74.42
N ALA L 261 -14.54 -23.49 -74.98
CA ALA L 261 -13.83 -22.39 -74.34
C ALA L 261 -14.74 -21.20 -74.12
N VAL L 262 -15.62 -20.92 -75.08
CA VAL L 262 -16.54 -19.79 -75.02
C VAL L 262 -17.80 -20.04 -74.19
N GLN L 263 -18.25 -21.29 -74.13
CA GLN L 263 -19.42 -21.64 -73.32
C GLN L 263 -18.84 -21.79 -71.90
N GLY L 264 -17.54 -22.00 -71.83
CA GLY L 264 -16.87 -22.16 -70.55
C GLY L 264 -16.45 -20.84 -69.92
N GLY L 265 -16.80 -19.72 -70.55
CA GLY L 265 -16.45 -18.42 -70.00
C GLY L 265 -15.23 -17.65 -70.51
N VAL L 266 -14.70 -18.01 -71.67
CA VAL L 266 -13.56 -17.28 -72.26
C VAL L 266 -14.29 -16.25 -73.15
N THR L 267 -13.86 -14.99 -73.13
CA THR L 267 -14.58 -14.01 -73.96
C THR L 267 -14.56 -14.14 -75.49
N SER L 268 -13.45 -14.70 -75.99
CA SER L 268 -13.39 -14.90 -77.44
C SER L 268 -12.27 -15.84 -77.82
N ALA L 269 -12.59 -16.77 -78.71
CA ALA L 269 -11.63 -17.75 -79.20
C ALA L 269 -11.21 -17.28 -80.58
N HIS L 270 -9.96 -17.54 -80.94
CA HIS L 270 -9.51 -17.08 -82.24
C HIS L 270 -8.51 -18.03 -82.95
N ILE L 271 -8.96 -18.70 -84.04
CA ILE L 271 -8.12 -19.62 -84.87
C ILE L 271 -7.31 -18.73 -85.80
N ILE L 272 -6.00 -18.83 -85.72
CA ILE L 272 -5.16 -17.94 -86.50
C ILE L 272 -4.09 -18.60 -87.35
N ASP L 273 -3.85 -18.01 -88.53
CA ASP L 273 -2.82 -18.49 -89.43
C ASP L 273 -1.53 -18.25 -88.66
N GLY L 274 -0.98 -19.32 -88.12
CA GLY L 274 0.24 -19.19 -87.35
C GLY L 274 1.50 -18.97 -88.16
N ARG L 275 1.38 -18.73 -89.47
CA ARG L 275 2.58 -18.51 -90.27
C ARG L 275 2.84 -17.05 -90.46
N VAL L 276 1.78 -16.27 -90.58
CA VAL L 276 1.95 -14.83 -90.73
C VAL L 276 2.96 -14.53 -89.61
N PRO L 277 4.13 -13.99 -89.96
CA PRO L 277 5.25 -13.65 -89.04
C PRO L 277 5.04 -13.45 -87.54
N ASN L 278 4.34 -12.38 -87.19
CA ASN L 278 4.08 -12.04 -85.79
C ASN L 278 2.55 -12.03 -85.70
N ALA L 279 1.97 -13.21 -85.83
CA ALA L 279 0.52 -13.39 -85.81
C ALA L 279 -0.07 -12.97 -84.48
N VAL L 280 0.74 -13.11 -83.43
CA VAL L 280 0.36 -12.76 -82.07
C VAL L 280 0.07 -11.27 -82.04
N LEU L 281 1.12 -10.51 -82.31
CA LEU L 281 1.06 -9.05 -82.36
C LEU L 281 -0.10 -8.51 -83.15
N LEU L 282 -0.35 -9.10 -84.32
CA LEU L 282 -1.42 -8.65 -85.19
C LEU L 282 -2.81 -8.74 -84.58
N GLU L 283 -3.02 -9.70 -83.69
CA GLU L 283 -4.34 -9.82 -83.08
C GLU L 283 -4.45 -8.98 -81.81
N ILE L 284 -3.32 -8.44 -81.36
CA ILE L 284 -3.25 -7.60 -80.17
C ILE L 284 -3.08 -6.13 -80.56
N PHE L 285 -1.86 -5.77 -80.96
CA PHE L 285 -1.48 -4.40 -81.38
C PHE L 285 -2.33 -3.84 -82.51
N THR L 286 -3.08 -4.71 -83.16
CA THR L 286 -3.94 -4.32 -84.27
C THR L 286 -5.20 -5.16 -84.28
N ASP L 287 -6.25 -4.60 -84.84
CA ASP L 287 -7.47 -5.34 -84.98
C ASP L 287 -7.68 -5.46 -86.48
N SER L 288 -7.17 -6.56 -87.03
CA SER L 288 -7.29 -6.91 -88.43
C SER L 288 -8.11 -8.20 -88.33
N GLY L 289 -9.25 -8.23 -89.02
CA GLY L 289 -10.14 -9.38 -88.95
C GLY L 289 -9.89 -10.60 -89.80
N VAL L 290 -8.66 -11.11 -89.81
CA VAL L 290 -8.38 -12.32 -90.59
C VAL L 290 -8.46 -13.55 -89.70
N GLY L 291 -8.96 -14.65 -90.27
CA GLY L 291 -9.07 -15.88 -89.53
C GLY L 291 -10.44 -16.08 -88.91
N THR L 292 -10.68 -17.28 -88.40
CA THR L 292 -11.94 -17.64 -87.76
C THR L 292 -11.94 -17.14 -86.31
N LEU L 293 -12.88 -16.25 -85.98
CA LEU L 293 -12.99 -15.73 -84.62
C LEU L 293 -14.27 -16.20 -83.94
N ILE L 294 -14.15 -17.19 -83.08
CA ILE L 294 -15.30 -17.71 -82.37
C ILE L 294 -15.65 -16.84 -81.18
N SER L 295 -16.92 -16.47 -81.10
CA SER L 295 -17.36 -15.61 -80.03
C SER L 295 -18.80 -15.78 -79.66
N ASN L 296 -19.07 -15.50 -78.40
CA ASN L 296 -20.41 -15.55 -77.89
C ASN L 296 -20.82 -14.08 -77.89
N ARG L 297 -21.51 -13.67 -78.95
CA ARG L 297 -22.08 -12.34 -79.13
C ARG L 297 -23.39 -12.63 -78.40
N LYS L 298 -23.84 -11.72 -77.52
CA LYS L 298 -25.02 -11.99 -76.67
C LYS L 298 -26.26 -11.03 -76.70
N ARG L 299 -27.25 -11.28 -75.97
#